data_4QY2
#
_entry.id   4QY2
#
_cell.length_a   74.996
_cell.length_b   118.506
_cell.length_c   124.510
_cell.angle_alpha   98.69
_cell.angle_beta   93.04
_cell.angle_gamma   96.51
#
_symmetry.space_group_name_H-M   'P 1'
#
loop_
_entity.id
_entity.type
_entity.pdbx_description
1 polymer hemagglutinin
2 polymer hemagglutinin
3 non-polymer 2-acetamido-2-deoxy-beta-D-glucopyranose
4 non-polymer 'N-acetyl-alpha-neuraminic acid'
5 water water
#
loop_
_entity_poly.entity_id
_entity_poly.type
_entity_poly.pdbx_seq_one_letter_code
_entity_poly.pdbx_strand_id
1 'polypeptide(L)'
;DKICLGHHAVANGTIVKTLTNEQEEVTNATETVESTGINRLCMKGRKHKDLGNCHPIGMLIGTPACDLHLTGMWDTLIER
ENAIAYCYPGATVNVEALRQKIMESGGINKISTGFTYGSSINSAGTTRACMRNGGNSFYAELKWLVSKSKGQNFPQTTNT
YRNTDTAEHLIMWGIHHPSSTQEKNDLYGTQSISISVGSSTYRNNFVPVVGARPQVNGQSGRIDFHWTLVQPGDNITFSH
NGGLIAPSRVSKLIGRGLGIQSDAPIDNNCESKCFWRGGSINTRLPFQNLSPRTVGQCPKYVNRRSLMLATGMRNVPE
;
A,C,E,G,I,K
2 'polypeptide(L)'
;GLFGAIAGFLENGWEGMVDGWYGFRHQNAQGTGQAADYKSTQAAIDQITGKLNRLVEKTNTEFESIESEFSEIEHQIGNV
INWTKDSITDIWTYQAELLVAMENQHTIDMADSEMLNLYERVRKQLRQNAEEDGKGCFEIYHACDDSCMESIRNNTYDHS
QYREEALLNRLNIN
;
B,D,F,H,J,L
#
# COMPACT_ATOMS: atom_id res chain seq x y z
N ASP A 1 46.90 -58.33 -38.71
CA ASP A 1 45.46 -58.43 -38.72
C ASP A 1 44.82 -57.26 -37.97
N LYS A 2 43.89 -56.57 -38.62
CA LYS A 2 43.23 -55.45 -37.95
C LYS A 2 41.82 -55.12 -38.43
N ILE A 3 41.08 -54.44 -37.58
CA ILE A 3 39.71 -54.02 -37.88
C ILE A 3 39.54 -52.53 -37.59
N CYS A 4 38.95 -51.82 -38.54
CA CYS A 4 38.81 -50.37 -38.42
C CYS A 4 37.36 -49.94 -38.35
N LEU A 5 37.10 -48.93 -37.51
CA LEU A 5 35.77 -48.37 -37.37
C LEU A 5 35.68 -47.12 -38.22
N GLY A 6 34.50 -46.85 -38.78
CA GLY A 6 34.34 -45.69 -39.62
C GLY A 6 32.90 -45.28 -39.88
N HIS A 7 32.74 -44.20 -40.64
CA HIS A 7 31.44 -43.63 -40.94
C HIS A 7 31.35 -43.25 -42.41
N HIS A 8 30.13 -43.11 -42.93
CA HIS A 8 29.95 -42.79 -44.35
C HIS A 8 30.20 -41.32 -44.70
N ALA A 9 30.46 -41.09 -45.97
CA ALA A 9 30.60 -39.74 -46.51
C ALA A 9 29.94 -39.70 -47.88
N VAL A 10 29.60 -38.51 -48.35
CA VAL A 10 29.05 -38.35 -49.70
C VAL A 10 29.93 -37.43 -50.54
N ALA A 11 29.83 -37.55 -51.86
CA ALA A 11 30.54 -36.64 -52.75
C ALA A 11 29.93 -35.24 -52.62
N ASN A 12 28.62 -35.17 -52.75
CA ASN A 12 27.92 -33.89 -52.70
C ASN A 12 27.27 -33.58 -51.34
N GLY A 13 27.95 -32.81 -50.50
CA GLY A 13 27.43 -32.42 -49.21
C GLY A 13 26.55 -31.17 -49.28
N THR A 14 25.84 -30.87 -48.18
CA THR A 14 25.04 -29.65 -48.07
C THR A 14 25.53 -28.79 -46.91
N ILE A 15 25.49 -27.48 -47.09
CA ILE A 15 25.94 -26.55 -46.06
C ILE A 15 24.79 -26.12 -45.14
N VAL A 16 25.01 -26.21 -43.83
CA VAL A 16 24.04 -25.75 -42.82
C VAL A 16 24.73 -24.80 -41.84
N LYS A 17 23.93 -24.13 -41.01
CA LYS A 17 24.45 -23.32 -39.93
C LYS A 17 24.39 -24.12 -38.64
N THR A 18 25.37 -23.89 -37.77
CA THR A 18 25.33 -24.38 -36.39
C THR A 18 25.53 -23.20 -35.45
N LEU A 19 25.52 -23.46 -34.15
CA LEU A 19 25.77 -22.41 -33.16
C LEU A 19 27.17 -21.83 -33.27
N THR A 20 28.12 -22.61 -33.81
CA THR A 20 29.51 -22.19 -33.84
C THR A 20 30.10 -22.04 -35.23
N ASN A 21 29.33 -22.40 -36.25
CA ASN A 21 29.85 -22.39 -37.61
C ASN A 21 28.76 -22.07 -38.64
N GLU A 22 28.94 -20.99 -39.38
CA GLU A 22 27.95 -20.54 -40.36
C GLU A 22 27.96 -21.43 -41.61
N GLN A 23 29.07 -22.14 -41.83
CA GLN A 23 29.23 -22.97 -43.02
C GLN A 23 29.70 -24.39 -42.70
N GLU A 24 28.81 -25.19 -42.12
CA GLU A 24 29.14 -26.57 -41.78
C GLU A 24 28.60 -27.54 -42.84
N GLU A 25 29.45 -28.44 -43.32
CA GLU A 25 29.01 -29.41 -44.33
C GLU A 25 28.60 -30.75 -43.71
N VAL A 26 27.36 -31.16 -44.01
CA VAL A 26 26.79 -32.39 -43.50
C VAL A 26 26.28 -33.21 -44.67
N THR A 27 26.02 -34.49 -44.44
CA THR A 27 25.70 -35.43 -45.53
C THR A 27 24.36 -35.14 -46.21
N ASN A 28 23.40 -34.64 -45.44
CA ASN A 28 22.09 -34.27 -45.99
C ASN A 28 21.44 -33.23 -45.08
N ALA A 29 20.48 -32.49 -45.61
CA ALA A 29 19.71 -31.52 -44.82
C ALA A 29 18.32 -31.36 -45.44
N THR A 30 17.45 -30.62 -44.79
CA THR A 30 16.12 -30.39 -45.35
C THR A 30 15.60 -29.00 -44.99
N GLU A 31 14.84 -28.41 -45.89
CA GLU A 31 14.34 -27.05 -45.72
C GLU A 31 13.30 -26.94 -44.60
N THR A 32 13.34 -25.84 -43.86
CA THR A 32 12.31 -25.57 -42.87
C THR A 32 11.39 -24.41 -43.27
N VAL A 33 11.81 -23.61 -44.25
CA VAL A 33 11.02 -22.45 -44.69
C VAL A 33 10.31 -22.72 -46.02
N GLU A 34 8.97 -22.70 -46.01
CA GLU A 34 8.24 -22.93 -47.27
C GLU A 34 8.30 -21.73 -48.20
N SER A 35 8.71 -21.99 -49.43
CA SER A 35 8.94 -20.97 -50.45
C SER A 35 7.88 -21.05 -51.55
N THR A 36 7.22 -22.20 -51.65
CA THR A 36 6.30 -22.48 -52.73
C THR A 36 4.85 -22.35 -52.31
N GLY A 37 4.15 -21.36 -52.87
CA GLY A 37 2.72 -21.25 -52.70
C GLY A 37 1.94 -21.78 -53.89
N ILE A 38 0.63 -21.59 -53.85
CA ILE A 38 -0.28 -22.00 -54.92
C ILE A 38 -1.06 -20.77 -55.41
N ASN A 39 -1.02 -20.52 -56.72
CA ASN A 39 -1.64 -19.32 -57.31
C ASN A 39 -3.14 -19.39 -57.45
N ARG A 40 -3.76 -20.28 -56.68
CA ARG A 40 -5.19 -20.51 -56.78
C ARG A 40 -5.79 -20.50 -55.37
N LEU A 41 -7.09 -20.23 -55.28
CA LEU A 41 -7.80 -20.40 -54.02
C LEU A 41 -8.33 -21.82 -53.93
N CYS A 42 -7.65 -22.67 -53.17
CA CYS A 42 -8.05 -24.07 -53.04
C CYS A 42 -9.30 -24.22 -52.18
N MET A 43 -10.45 -24.41 -52.82
CA MET A 43 -11.73 -24.38 -52.08
C MET A 43 -12.41 -25.74 -51.90
N LYS A 44 -11.70 -26.83 -52.19
CA LYS A 44 -12.28 -28.16 -52.04
C LYS A 44 -12.69 -28.42 -50.59
N GLY A 45 -13.92 -28.88 -50.39
CA GLY A 45 -14.37 -29.26 -49.07
C GLY A 45 -14.92 -28.11 -48.24
N ARG A 46 -14.95 -26.91 -48.82
CA ARG A 46 -15.57 -25.77 -48.13
C ARG A 46 -16.74 -25.17 -48.91
N LYS A 47 -17.85 -24.92 -48.19
CA LYS A 47 -18.99 -24.21 -48.72
C LYS A 47 -18.64 -22.75 -48.92
N HIS A 48 -18.14 -22.39 -50.09
CA HIS A 48 -17.70 -21.03 -50.29
C HIS A 48 -18.61 -20.21 -51.16
N LYS A 49 -18.48 -18.90 -51.00
CA LYS A 49 -19.22 -17.93 -51.77
C LYS A 49 -18.19 -16.98 -52.38
N ASP A 50 -18.13 -16.93 -53.71
CA ASP A 50 -17.26 -15.96 -54.39
C ASP A 50 -18.11 -14.75 -54.75
N LEU A 51 -17.83 -13.64 -54.09
CA LEU A 51 -18.65 -12.44 -54.21
C LEU A 51 -18.48 -11.78 -55.57
N GLY A 52 -17.43 -12.16 -56.27
CA GLY A 52 -17.11 -11.53 -57.55
C GLY A 52 -16.97 -10.03 -57.39
N ASN A 53 -17.71 -9.27 -58.20
CA ASN A 53 -17.66 -7.83 -58.04
C ASN A 53 -18.72 -7.24 -57.09
N CYS A 54 -19.30 -8.09 -56.24
CA CYS A 54 -20.10 -7.63 -55.10
C CYS A 54 -19.27 -7.35 -53.84
N HIS A 55 -19.21 -6.10 -53.41
CA HIS A 55 -18.55 -5.77 -52.15
C HIS A 55 -19.45 -6.12 -50.98
N PRO A 56 -18.88 -6.70 -49.91
CA PRO A 56 -19.61 -7.18 -48.73
C PRO A 56 -20.66 -6.19 -48.19
N ILE A 57 -20.32 -4.91 -48.04
CA ILE A 57 -21.32 -3.91 -47.61
C ILE A 57 -22.55 -3.92 -48.55
N GLY A 58 -22.30 -4.15 -49.84
CA GLY A 58 -23.37 -4.25 -50.81
C GLY A 58 -24.36 -5.38 -50.56
N MET A 59 -23.89 -6.44 -49.90
CA MET A 59 -24.76 -7.56 -49.55
C MET A 59 -25.85 -7.10 -48.59
N LEU A 60 -25.51 -6.16 -47.73
CA LEU A 60 -26.43 -5.70 -46.70
C LEU A 60 -27.43 -4.67 -47.25
N ILE A 61 -26.97 -3.75 -48.09
CA ILE A 61 -27.89 -2.73 -48.62
C ILE A 61 -28.59 -3.10 -49.93
N GLY A 62 -28.07 -4.12 -50.63
CA GLY A 62 -28.70 -4.63 -51.83
C GLY A 62 -28.33 -3.91 -53.12
N THR A 63 -27.04 -3.65 -53.29
CA THR A 63 -26.51 -3.10 -54.53
C THR A 63 -26.81 -4.10 -55.63
N PRO A 64 -27.23 -3.61 -56.82
CA PRO A 64 -27.60 -4.50 -57.93
C PRO A 64 -26.55 -5.58 -58.21
N ALA A 65 -25.27 -5.22 -58.20
CA ALA A 65 -24.20 -6.21 -58.33
C ALA A 65 -24.22 -7.30 -57.25
N CYS A 66 -25.01 -7.09 -56.20
CA CYS A 66 -25.04 -8.04 -55.09
C CYS A 66 -26.34 -8.87 -55.06
N ASP A 67 -27.12 -8.79 -56.13
CA ASP A 67 -28.43 -9.45 -56.13
C ASP A 67 -28.38 -10.97 -55.87
N LEU A 68 -27.32 -11.63 -56.34
CA LEU A 68 -27.15 -13.06 -56.08
C LEU A 68 -26.57 -13.32 -54.69
N HIS A 69 -26.30 -12.24 -53.95
CA HIS A 69 -25.64 -12.35 -52.66
C HIS A 69 -26.34 -11.61 -51.51
N LEU A 70 -27.67 -11.54 -51.56
CA LEU A 70 -28.44 -10.84 -50.52
C LEU A 70 -28.61 -11.73 -49.30
N THR A 71 -28.60 -13.04 -49.53
CA THR A 71 -28.71 -14.04 -48.48
C THR A 71 -27.84 -15.25 -48.83
N GLY A 72 -27.67 -16.16 -47.88
CA GLY A 72 -26.92 -17.38 -48.16
C GLY A 72 -26.25 -17.95 -46.93
N MET A 73 -25.58 -19.08 -47.10
CA MET A 73 -24.78 -19.70 -46.05
C MET A 73 -23.43 -20.09 -46.65
N TRP A 74 -22.38 -19.96 -45.85
CA TRP A 74 -21.02 -20.26 -46.31
C TRP A 74 -20.10 -20.49 -45.12
N ASP A 75 -18.99 -21.20 -45.33
CA ASP A 75 -18.00 -21.29 -44.27
C ASP A 75 -16.78 -20.47 -44.66
N THR A 76 -16.68 -20.11 -45.94
CA THR A 76 -15.67 -19.14 -46.36
C THR A 76 -16.18 -18.14 -47.42
N LEU A 77 -15.81 -16.88 -47.21
CA LEU A 77 -16.35 -15.76 -47.96
C LEU A 77 -15.21 -15.07 -48.70
N ILE A 78 -15.34 -14.94 -50.01
CA ILE A 78 -14.26 -14.40 -50.83
C ILE A 78 -14.55 -13.04 -51.43
N GLU A 79 -13.72 -12.06 -51.07
CA GLU A 79 -13.85 -10.70 -51.58
C GLU A 79 -12.78 -10.41 -52.65
N ARG A 80 -13.19 -9.75 -53.73
CA ARG A 80 -12.30 -9.44 -54.83
C ARG A 80 -11.98 -7.95 -54.86
N GLU A 81 -10.93 -7.58 -55.56
CA GLU A 81 -10.55 -6.18 -55.71
C GLU A 81 -11.58 -5.38 -56.50
N ASN A 82 -11.70 -4.10 -56.16
CA ASN A 82 -12.60 -3.18 -56.86
C ASN A 82 -14.05 -3.65 -56.88
N ALA A 83 -14.43 -4.46 -55.88
CA ALA A 83 -15.82 -4.86 -55.74
C ALA A 83 -16.67 -3.62 -55.45
N ILE A 84 -17.94 -3.65 -55.88
CA ILE A 84 -18.82 -2.50 -55.79
C ILE A 84 -19.76 -2.59 -54.59
N ALA A 85 -19.75 -1.54 -53.77
CA ALA A 85 -20.73 -1.39 -52.71
C ALA A 85 -21.80 -0.36 -53.06
N TYR A 86 -21.39 0.72 -53.70
CA TYR A 86 -22.31 1.85 -53.91
C TYR A 86 -22.62 2.11 -55.39
N CYS A 87 -23.87 1.88 -55.80
CA CYS A 87 -24.29 2.33 -57.12
C CYS A 87 -24.47 3.84 -57.08
N TYR A 88 -25.39 4.32 -56.25
CA TYR A 88 -25.47 5.75 -55.97
C TYR A 88 -24.33 6.08 -55.01
N PRO A 89 -23.55 7.12 -55.34
CA PRO A 89 -22.31 7.37 -54.59
C PRO A 89 -22.56 7.74 -53.14
N GLY A 90 -21.56 7.50 -52.30
CA GLY A 90 -21.66 7.76 -50.89
C GLY A 90 -20.63 6.97 -50.11
N ALA A 91 -20.88 6.80 -48.81
CA ALA A 91 -19.92 6.13 -47.94
C ALA A 91 -20.62 5.60 -46.71
N THR A 92 -20.00 4.61 -46.07
CA THR A 92 -20.55 4.00 -44.86
C THR A 92 -19.71 4.41 -43.65
N VAL A 93 -20.38 4.93 -42.62
CA VAL A 93 -19.68 5.27 -41.38
C VAL A 93 -19.31 4.01 -40.63
N ASN A 94 -18.10 3.96 -40.06
CA ASN A 94 -17.58 2.76 -39.41
C ASN A 94 -17.44 1.61 -40.39
N VAL A 95 -16.96 1.90 -41.60
CA VAL A 95 -17.02 0.92 -42.69
C VAL A 95 -16.20 -0.34 -42.42
N GLU A 96 -14.96 -0.18 -41.92
CA GLU A 96 -14.10 -1.36 -41.80
C GLU A 96 -14.60 -2.36 -40.75
N ALA A 97 -15.18 -1.84 -39.67
CA ALA A 97 -15.74 -2.71 -38.65
C ALA A 97 -16.87 -3.56 -39.21
N LEU A 98 -17.74 -2.92 -40.01
CA LEU A 98 -18.84 -3.59 -40.69
C LEU A 98 -18.35 -4.64 -41.70
N ARG A 99 -17.37 -4.27 -42.52
CA ARG A 99 -16.80 -5.22 -43.49
C ARG A 99 -16.25 -6.43 -42.76
N GLN A 100 -15.53 -6.20 -41.65
CA GLN A 100 -14.93 -7.30 -40.89
C GLN A 100 -16.00 -8.20 -40.27
N LYS A 101 -17.06 -7.59 -39.74
CA LYS A 101 -18.16 -8.35 -39.16
C LYS A 101 -18.71 -9.32 -40.20
N ILE A 102 -19.03 -8.78 -41.38
CA ILE A 102 -19.54 -9.57 -42.50
C ILE A 102 -18.55 -10.65 -42.94
N MET A 103 -17.27 -10.30 -42.96
CA MET A 103 -16.23 -11.22 -43.43
C MET A 103 -15.86 -12.31 -42.41
N GLU A 104 -16.49 -12.31 -41.24
CA GLU A 104 -16.27 -13.43 -40.31
C GLU A 104 -17.58 -14.18 -39.99
N SER A 105 -18.61 -13.88 -40.77
CA SER A 105 -19.91 -14.54 -40.64
C SER A 105 -19.97 -15.84 -41.47
N GLY A 106 -20.93 -16.69 -41.15
CA GLY A 106 -21.16 -17.89 -41.92
C GLY A 106 -22.45 -17.87 -42.72
N GLY A 107 -23.00 -16.67 -42.90
CA GLY A 107 -24.23 -16.50 -43.67
C GLY A 107 -25.00 -15.24 -43.30
N ILE A 108 -26.01 -14.92 -44.11
CA ILE A 108 -26.83 -13.73 -43.90
C ILE A 108 -28.30 -14.03 -44.15
N ASN A 109 -29.14 -13.81 -43.14
CA ASN A 109 -30.58 -13.82 -43.33
C ASN A 109 -31.07 -12.40 -43.47
N LYS A 110 -32.12 -12.20 -44.26
CA LYS A 110 -32.75 -10.89 -44.34
C LYS A 110 -34.18 -10.99 -43.79
N ILE A 111 -34.56 -10.04 -42.95
CA ILE A 111 -35.90 -10.02 -42.38
C ILE A 111 -36.53 -8.65 -42.63
N SER A 112 -37.78 -8.64 -43.09
CA SER A 112 -38.44 -7.41 -43.49
C SER A 112 -38.69 -6.48 -42.30
N THR A 113 -38.86 -5.20 -42.59
CA THR A 113 -39.08 -4.22 -41.53
C THR A 113 -40.57 -3.91 -41.37
N GLY A 114 -41.33 -4.09 -42.45
CA GLY A 114 -42.75 -3.83 -42.39
C GLY A 114 -43.10 -2.35 -42.46
N PHE A 115 -42.12 -1.52 -42.78
CA PHE A 115 -42.34 -0.07 -42.86
C PHE A 115 -43.34 0.29 -43.96
N THR A 116 -44.40 0.99 -43.58
CA THR A 116 -45.36 1.52 -44.55
C THR A 116 -45.40 3.04 -44.47
N TYR A 117 -45.76 3.68 -45.59
CA TYR A 117 -45.73 5.13 -45.67
C TYR A 117 -46.99 5.68 -46.31
N GLY A 118 -47.46 6.82 -45.82
CA GLY A 118 -48.65 7.46 -46.35
C GLY A 118 -48.57 7.83 -47.82
N SER A 119 -49.72 8.22 -48.38
CA SER A 119 -49.84 8.46 -49.81
C SER A 119 -49.11 9.72 -50.28
N SER A 120 -48.82 10.61 -49.34
CA SER A 120 -48.06 11.81 -49.66
C SER A 120 -46.57 11.49 -49.90
N ILE A 121 -46.18 10.27 -49.50
CA ILE A 121 -44.81 9.79 -49.71
C ILE A 121 -44.65 8.80 -50.87
N ASN A 122 -43.81 9.14 -51.85
CA ASN A 122 -43.34 8.18 -52.84
C ASN A 122 -42.15 7.43 -52.28
N SER A 123 -42.37 6.18 -51.88
CA SER A 123 -41.32 5.34 -51.32
C SER A 123 -40.57 4.55 -52.40
N ALA A 124 -40.88 4.83 -53.67
CA ALA A 124 -40.22 4.13 -54.77
C ALA A 124 -39.26 5.04 -55.52
N GLY A 125 -38.57 5.91 -54.78
CA GLY A 125 -37.51 6.73 -55.36
C GLY A 125 -36.51 5.86 -56.09
N THR A 126 -36.09 6.31 -57.26
CA THR A 126 -35.33 5.47 -58.18
C THR A 126 -34.22 6.30 -58.83
N THR A 127 -33.16 5.65 -59.30
CA THR A 127 -32.03 6.40 -59.88
C THR A 127 -31.34 5.66 -61.04
N ARG A 128 -30.79 6.42 -61.98
CA ARG A 128 -30.11 5.83 -63.14
C ARG A 128 -28.70 5.34 -62.79
N ALA A 129 -28.26 5.60 -61.57
CA ALA A 129 -26.96 5.13 -61.13
C ALA A 129 -27.08 3.74 -60.54
N CYS A 130 -28.32 3.30 -60.29
CA CYS A 130 -28.57 1.94 -59.85
C CYS A 130 -29.49 1.25 -60.84
N MET A 131 -28.94 0.85 -61.98
CA MET A 131 -29.70 0.12 -62.98
C MET A 131 -30.03 -1.28 -62.48
N ARG A 132 -31.21 -1.79 -62.84
CA ARG A 132 -31.53 -3.19 -62.56
C ARG A 132 -32.58 -3.63 -63.56
N ASN A 133 -32.30 -4.74 -64.25
CA ASN A 133 -33.19 -5.26 -65.29
C ASN A 133 -33.57 -4.22 -66.36
N GLY A 134 -32.61 -3.39 -66.74
CA GLY A 134 -32.83 -2.40 -67.78
C GLY A 134 -33.55 -1.14 -67.33
N GLY A 135 -33.82 -1.02 -66.04
CA GLY A 135 -34.54 0.14 -65.53
C GLY A 135 -33.91 0.80 -64.32
N ASN A 136 -34.18 2.09 -64.16
CA ASN A 136 -33.78 2.80 -62.95
C ASN A 136 -34.29 2.07 -61.72
N SER A 137 -33.43 1.94 -60.72
CA SER A 137 -33.75 1.15 -59.55
C SER A 137 -33.10 1.83 -58.35
N PHE A 138 -32.94 1.08 -57.27
CA PHE A 138 -32.31 1.60 -56.07
C PHE A 138 -31.87 0.40 -55.24
N TYR A 139 -31.14 0.66 -54.16
CA TYR A 139 -30.70 -0.40 -53.26
C TYR A 139 -31.85 -1.31 -52.84
N ALA A 140 -31.68 -2.62 -53.08
CA ALA A 140 -32.73 -3.62 -52.82
C ALA A 140 -33.31 -3.61 -51.41
N GLU A 141 -32.48 -3.30 -50.42
CA GLU A 141 -32.87 -3.44 -49.03
C GLU A 141 -33.25 -2.11 -48.39
N LEU A 142 -33.20 -1.06 -49.20
CA LEU A 142 -33.48 0.28 -48.72
C LEU A 142 -34.55 0.94 -49.57
N LYS A 143 -35.10 2.04 -49.08
CA LYS A 143 -36.06 2.81 -49.87
C LYS A 143 -35.77 4.31 -49.87
N TRP A 144 -35.69 4.89 -51.06
CA TRP A 144 -35.49 6.32 -51.19
C TRP A 144 -36.82 7.02 -51.04
N LEU A 145 -37.08 7.53 -49.84
CA LEU A 145 -38.32 8.25 -49.57
C LEU A 145 -38.28 9.66 -50.13
N VAL A 146 -39.32 10.03 -50.87
CA VAL A 146 -39.39 11.31 -51.57
C VAL A 146 -40.83 11.84 -51.52
N SER A 147 -41.01 13.15 -51.53
CA SER A 147 -42.35 13.74 -51.59
C SER A 147 -43.03 13.37 -52.91
N LYS A 148 -44.24 12.82 -52.82
CA LYS A 148 -45.03 12.46 -54.01
C LYS A 148 -45.23 13.66 -54.93
N SER A 149 -45.65 14.78 -54.34
CA SER A 149 -45.78 16.02 -55.08
C SER A 149 -44.47 16.80 -55.00
N LYS A 150 -43.85 17.00 -56.15
CA LYS A 150 -42.57 17.71 -56.28
C LYS A 150 -42.63 19.11 -55.66
N GLY A 151 -41.63 19.43 -54.85
CA GLY A 151 -41.53 20.75 -54.25
C GLY A 151 -42.28 20.89 -52.95
N GLN A 152 -43.18 19.95 -52.67
CA GLN A 152 -43.97 20.00 -51.45
C GLN A 152 -43.22 19.40 -50.26
N ASN A 153 -43.55 19.86 -49.07
CA ASN A 153 -42.87 19.40 -47.87
C ASN A 153 -43.12 17.92 -47.55
N PHE A 154 -42.04 17.17 -47.35
CA PHE A 154 -42.12 15.79 -46.90
C PHE A 154 -42.80 15.78 -45.54
N PRO A 155 -43.81 14.91 -45.36
CA PRO A 155 -44.55 14.92 -44.10
C PRO A 155 -43.71 14.43 -42.92
N GLN A 156 -44.08 14.83 -41.71
CA GLN A 156 -43.45 14.31 -40.50
C GLN A 156 -43.89 12.87 -40.32
N THR A 157 -42.93 11.95 -40.27
CA THR A 157 -43.28 10.53 -40.16
C THR A 157 -42.41 9.72 -39.17
N THR A 158 -42.99 8.62 -38.69
CA THR A 158 -42.34 7.78 -37.70
C THR A 158 -42.46 6.31 -38.11
N ASN A 159 -41.34 5.59 -38.03
CA ASN A 159 -41.33 4.17 -38.32
C ASN A 159 -40.50 3.46 -37.27
N THR A 160 -41.04 2.37 -36.73
CA THR A 160 -40.36 1.63 -35.68
C THR A 160 -40.18 0.16 -36.06
N TYR A 161 -38.93 -0.31 -36.08
CA TYR A 161 -38.62 -1.72 -36.31
C TYR A 161 -38.58 -2.48 -35.01
N ARG A 162 -39.34 -3.58 -34.94
CA ARG A 162 -39.36 -4.42 -33.75
C ARG A 162 -38.56 -5.70 -33.97
N ASN A 163 -37.49 -5.90 -33.21
CA ASN A 163 -36.80 -7.17 -33.27
C ASN A 163 -37.47 -8.18 -32.36
N THR A 164 -38.24 -9.08 -32.98
CA THR A 164 -39.01 -10.09 -32.25
C THR A 164 -38.36 -11.46 -32.39
N ASP A 165 -37.03 -11.47 -32.47
CA ASP A 165 -36.24 -12.68 -32.69
C ASP A 165 -35.36 -12.94 -31.46
N THR A 166 -34.51 -13.96 -31.50
CA THR A 166 -33.69 -14.32 -30.35
C THR A 166 -32.21 -13.98 -30.50
N ALA A 167 -31.85 -13.36 -31.61
CA ALA A 167 -30.49 -12.89 -31.83
C ALA A 167 -30.48 -11.44 -32.31
N GLU A 168 -29.34 -10.77 -32.18
CA GLU A 168 -29.21 -9.38 -32.60
C GLU A 168 -29.39 -9.18 -34.11
N HIS A 169 -29.96 -8.04 -34.48
CA HIS A 169 -30.16 -7.71 -35.88
C HIS A 169 -29.35 -6.48 -36.31
N LEU A 170 -28.69 -6.59 -37.46
CA LEU A 170 -27.95 -5.49 -38.05
C LEU A 170 -28.91 -4.70 -38.94
N ILE A 171 -29.17 -3.45 -38.58
CA ILE A 171 -30.01 -2.58 -39.39
C ILE A 171 -29.19 -1.46 -40.01
N MET A 172 -29.42 -1.17 -41.29
CA MET A 172 -28.71 -0.09 -41.96
C MET A 172 -29.69 0.90 -42.56
N TRP A 173 -29.24 2.14 -42.67
CA TRP A 173 -30.05 3.17 -43.28
C TRP A 173 -29.13 4.21 -43.88
N GLY A 174 -29.67 5.06 -44.74
CA GLY A 174 -28.88 6.11 -45.36
C GLY A 174 -29.44 7.49 -45.11
N ILE A 175 -28.58 8.49 -45.23
CA ILE A 175 -29.02 9.86 -45.22
C ILE A 175 -28.61 10.47 -46.54
N HIS A 176 -29.57 11.06 -47.26
CA HIS A 176 -29.27 11.68 -48.54
C HIS A 176 -28.78 13.12 -48.37
N HIS A 177 -27.64 13.40 -48.98
CA HIS A 177 -27.10 14.75 -49.00
C HIS A 177 -27.12 15.32 -50.41
N PRO A 178 -28.18 16.10 -50.72
CA PRO A 178 -28.37 16.72 -52.02
C PRO A 178 -27.22 17.67 -52.38
N SER A 179 -26.96 17.83 -53.68
CA SER A 179 -25.90 18.73 -54.11
C SER A 179 -26.42 20.14 -54.44
N SER A 180 -27.72 20.35 -54.28
CA SER A 180 -28.30 21.68 -54.53
C SER A 180 -29.59 21.93 -53.74
N THR A 181 -29.89 23.21 -53.53
CA THR A 181 -31.13 23.64 -52.87
C THR A 181 -32.35 23.22 -53.68
N GLN A 182 -32.33 23.49 -54.98
CA GLN A 182 -33.38 23.06 -55.90
C GLN A 182 -33.67 21.56 -55.72
N GLU A 183 -32.61 20.76 -55.86
CA GLU A 183 -32.66 19.31 -55.61
C GLU A 183 -33.31 19.00 -54.25
N LYS A 184 -32.80 19.62 -53.19
CA LYS A 184 -33.35 19.41 -51.85
C LYS A 184 -34.85 19.77 -51.77
N ASN A 185 -35.20 20.97 -52.21
CA ASN A 185 -36.60 21.41 -52.23
C ASN A 185 -37.53 20.51 -53.06
N ASP A 186 -37.08 20.14 -54.26
CA ASP A 186 -37.85 19.24 -55.13
C ASP A 186 -38.23 17.93 -54.44
N LEU A 187 -37.26 17.30 -53.78
CA LEU A 187 -37.47 15.99 -53.15
C LEU A 187 -38.19 16.08 -51.80
N TYR A 188 -37.86 17.08 -50.99
CA TYR A 188 -38.30 17.10 -49.59
C TYR A 188 -39.04 18.37 -49.16
N GLY A 189 -38.99 19.40 -50.00
CA GLY A 189 -39.62 20.67 -49.65
C GLY A 189 -38.65 21.70 -49.07
N THR A 190 -39.20 22.84 -48.66
CA THR A 190 -38.39 23.96 -48.17
C THR A 190 -38.15 23.92 -46.66
N GLN A 191 -38.81 22.98 -45.98
CA GLN A 191 -38.73 22.86 -44.53
C GLN A 191 -37.34 22.45 -44.01
N SER A 192 -37.14 22.64 -42.72
CA SER A 192 -35.93 22.19 -42.04
C SER A 192 -35.93 20.67 -41.97
N ILE A 193 -34.87 20.04 -42.48
CA ILE A 193 -34.84 18.58 -42.54
C ILE A 193 -34.04 17.95 -41.41
N SER A 194 -34.65 16.97 -40.73
CA SER A 194 -33.99 16.28 -39.61
C SER A 194 -34.40 14.81 -39.55
N ILE A 195 -33.47 13.94 -39.14
CA ILE A 195 -33.74 12.53 -38.99
C ILE A 195 -33.26 12.04 -37.64
N SER A 196 -34.17 11.50 -36.84
CA SER A 196 -33.84 11.03 -35.50
C SER A 196 -33.99 9.52 -35.40
N VAL A 197 -32.97 8.85 -34.85
CA VAL A 197 -32.96 7.41 -34.74
C VAL A 197 -32.71 6.99 -33.31
N GLY A 198 -33.60 6.19 -32.74
CA GLY A 198 -33.47 5.79 -31.35
C GLY A 198 -34.00 4.42 -30.98
N SER A 199 -33.15 3.68 -30.28
CA SER A 199 -33.51 2.40 -29.67
C SER A 199 -33.16 2.48 -28.17
N SER A 200 -33.08 1.34 -27.50
CA SER A 200 -32.73 1.33 -26.07
C SER A 200 -31.24 1.57 -25.80
N THR A 201 -30.40 1.33 -26.81
CA THR A 201 -28.96 1.48 -26.64
C THR A 201 -28.32 2.42 -27.67
N TYR A 202 -29.13 2.94 -28.58
CA TYR A 202 -28.63 3.82 -29.63
C TYR A 202 -29.50 5.04 -29.76
N ARG A 203 -28.87 6.21 -29.86
CA ARG A 203 -29.57 7.39 -30.35
C ARG A 203 -28.61 8.27 -31.12
N ASN A 204 -29.15 8.95 -32.13
CA ASN A 204 -28.35 9.77 -33.03
C ASN A 204 -29.29 10.59 -33.89
N ASN A 205 -28.83 11.75 -34.33
CA ASN A 205 -29.62 12.61 -35.18
C ASN A 205 -28.81 12.91 -36.44
N PHE A 206 -29.50 13.14 -37.55
CA PHE A 206 -28.82 13.41 -38.80
C PHE A 206 -29.48 14.57 -39.52
N VAL A 207 -28.66 15.42 -40.13
CA VAL A 207 -29.14 16.58 -40.88
C VAL A 207 -28.56 16.61 -42.30
N PRO A 208 -29.40 16.30 -43.29
CA PRO A 208 -29.05 16.40 -44.72
C PRO A 208 -28.45 17.75 -45.03
N VAL A 209 -27.28 17.75 -45.66
CA VAL A 209 -26.62 19.00 -45.98
C VAL A 209 -26.36 19.13 -47.48
N VAL A 210 -26.93 20.19 -48.04
CA VAL A 210 -26.75 20.60 -49.42
C VAL A 210 -25.32 21.08 -49.65
N GLY A 211 -24.69 20.64 -50.73
CA GLY A 211 -23.35 21.11 -51.05
C GLY A 211 -22.86 20.67 -52.43
N ALA A 212 -22.22 21.58 -53.14
CA ALA A 212 -21.67 21.26 -54.45
C ALA A 212 -20.47 20.30 -54.35
N ARG A 213 -20.46 19.28 -55.20
CA ARG A 213 -19.36 18.31 -55.24
C ARG A 213 -19.25 17.66 -56.62
N PRO A 214 -18.08 17.07 -56.94
CA PRO A 214 -17.97 16.42 -58.25
C PRO A 214 -18.90 15.22 -58.39
N GLN A 215 -19.25 14.89 -59.64
CA GLN A 215 -20.13 13.76 -59.92
C GLN A 215 -19.38 12.45 -59.84
N VAL A 216 -20.01 11.46 -59.20
CA VAL A 216 -19.53 10.08 -59.18
C VAL A 216 -20.68 9.24 -59.75
N ASN A 217 -20.40 8.49 -60.81
CA ASN A 217 -21.44 7.78 -61.56
C ASN A 217 -22.56 8.73 -62.01
N GLY A 218 -22.18 9.94 -62.40
CA GLY A 218 -23.15 10.91 -62.89
C GLY A 218 -23.86 11.70 -61.81
N GLN A 219 -23.64 11.33 -60.54
CA GLN A 219 -24.35 11.98 -59.44
C GLN A 219 -23.44 12.82 -58.55
N SER A 220 -23.84 14.07 -58.29
CA SER A 220 -23.13 14.89 -57.33
C SER A 220 -23.81 14.83 -55.96
N GLY A 221 -24.92 14.11 -55.89
CA GLY A 221 -25.52 13.82 -54.59
C GLY A 221 -24.77 12.70 -53.88
N ARG A 222 -24.95 12.61 -52.57
CA ARG A 222 -24.35 11.54 -51.80
C ARG A 222 -25.38 10.91 -50.89
N ILE A 223 -25.23 9.61 -50.65
CA ILE A 223 -25.98 8.94 -49.60
C ILE A 223 -24.98 8.34 -48.62
N ASP A 224 -25.06 8.74 -47.36
CA ASP A 224 -24.19 8.19 -46.33
C ASP A 224 -24.93 7.10 -45.57
N PHE A 225 -24.28 5.97 -45.37
CA PHE A 225 -24.93 4.85 -44.72
C PHE A 225 -24.52 4.74 -43.26
N HIS A 226 -25.49 4.39 -42.41
CA HIS A 226 -25.24 4.20 -40.99
C HIS A 226 -25.81 2.85 -40.55
N TRP A 227 -25.30 2.33 -39.43
CA TRP A 227 -25.75 1.02 -38.96
C TRP A 227 -25.57 0.84 -37.45
N THR A 228 -26.44 0.01 -36.87
CA THR A 228 -26.16 -0.59 -35.56
C THR A 228 -26.80 -1.96 -35.44
N LEU A 229 -26.64 -2.55 -34.27
CA LEU A 229 -27.26 -3.82 -33.94
C LEU A 229 -28.49 -3.53 -33.08
N VAL A 230 -29.62 -4.14 -33.44
CA VAL A 230 -30.81 -4.08 -32.61
C VAL A 230 -30.86 -5.36 -31.78
N GLN A 231 -30.69 -5.22 -30.47
CA GLN A 231 -30.70 -6.40 -29.60
C GLN A 231 -32.09 -7.08 -29.62
N PRO A 232 -32.14 -8.37 -29.31
CA PRO A 232 -33.42 -9.08 -29.33
C PRO A 232 -34.44 -8.48 -28.37
N GLY A 233 -35.66 -8.30 -28.84
CA GLY A 233 -36.70 -7.72 -28.01
C GLY A 233 -36.63 -6.21 -27.89
N ASP A 234 -35.71 -5.59 -28.62
CA ASP A 234 -35.63 -4.13 -28.59
C ASP A 234 -36.27 -3.52 -29.83
N ASN A 235 -36.74 -2.29 -29.70
CA ASN A 235 -37.34 -1.57 -30.81
C ASN A 235 -36.47 -0.36 -31.18
N ILE A 236 -36.42 -0.03 -32.46
CA ILE A 236 -35.65 1.11 -32.92
C ILE A 236 -36.55 2.00 -33.76
N THR A 237 -36.54 3.29 -33.45
CA THR A 237 -37.53 4.21 -34.00
C THR A 237 -36.89 5.28 -34.87
N PHE A 238 -37.46 5.44 -36.06
CA PHE A 238 -37.01 6.45 -37.01
C PHE A 238 -38.04 7.56 -37.06
N SER A 239 -37.60 8.78 -36.75
CA SER A 239 -38.46 9.96 -36.82
C SER A 239 -37.83 10.88 -37.84
N HIS A 240 -38.54 11.16 -38.93
CA HIS A 240 -37.92 11.83 -40.07
C HIS A 240 -38.91 12.69 -40.84
N ASN A 241 -38.37 13.64 -41.61
CA ASN A 241 -39.17 14.48 -42.49
C ASN A 241 -38.45 14.75 -43.83
N GLY A 242 -37.77 13.73 -44.34
CA GLY A 242 -37.09 13.80 -45.63
C GLY A 242 -35.60 13.53 -45.51
N GLY A 243 -35.01 12.87 -46.50
CA GLY A 243 -33.58 12.65 -46.46
C GLY A 243 -33.16 11.32 -45.87
N LEU A 244 -34.07 10.71 -45.10
CA LEU A 244 -33.86 9.36 -44.60
C LEU A 244 -33.98 8.41 -45.79
N ILE A 245 -32.97 7.56 -45.97
CA ILE A 245 -33.10 6.43 -46.88
C ILE A 245 -33.49 5.26 -45.99
N ALA A 246 -34.76 4.89 -46.04
CA ALA A 246 -35.32 3.93 -45.10
C ALA A 246 -35.02 2.47 -45.42
N PRO A 247 -34.76 1.67 -44.39
CA PRO A 247 -34.55 0.24 -44.55
C PRO A 247 -35.87 -0.49 -44.79
N SER A 248 -35.92 -1.32 -45.82
CA SER A 248 -37.08 -2.17 -46.05
C SER A 248 -36.82 -3.56 -45.49
N ARG A 249 -35.53 -3.92 -45.40
CA ARG A 249 -35.12 -5.16 -44.75
C ARG A 249 -33.90 -4.94 -43.86
N VAL A 250 -33.80 -5.71 -42.79
CA VAL A 250 -32.61 -5.70 -41.95
C VAL A 250 -31.86 -7.02 -42.16
N SER A 251 -30.68 -7.14 -41.55
CA SER A 251 -29.82 -8.30 -41.77
C SER A 251 -29.59 -9.07 -40.48
N LYS A 252 -29.24 -10.34 -40.62
CA LYS A 252 -28.74 -11.09 -39.48
C LYS A 252 -27.51 -11.91 -39.90
N LEU A 253 -26.41 -11.69 -39.20
CA LEU A 253 -25.19 -12.41 -39.48
C LEU A 253 -25.24 -13.75 -38.74
N ILE A 254 -25.09 -14.83 -39.50
CA ILE A 254 -25.28 -16.18 -38.96
C ILE A 254 -23.95 -16.91 -38.84
N GLY A 255 -23.62 -17.37 -37.65
CA GLY A 255 -22.45 -18.21 -37.46
C GLY A 255 -21.13 -17.55 -37.81
N ARG A 256 -20.13 -18.39 -38.08
CA ARG A 256 -18.80 -17.90 -38.43
C ARG A 256 -18.26 -18.54 -39.70
N GLY A 257 -17.45 -17.75 -40.42
CA GLY A 257 -16.74 -18.23 -41.58
C GLY A 257 -15.40 -17.54 -41.70
N LEU A 258 -14.64 -17.94 -42.72
CA LEU A 258 -13.31 -17.40 -42.95
C LEU A 258 -13.40 -16.36 -44.06
N GLY A 259 -12.92 -15.15 -43.78
CA GLY A 259 -12.87 -14.11 -44.81
C GLY A 259 -11.56 -14.05 -45.55
N ILE A 260 -11.64 -14.14 -46.88
CA ILE A 260 -10.48 -14.07 -47.76
C ILE A 260 -10.60 -12.91 -48.77
N GLN A 261 -9.57 -12.06 -48.82
CA GLN A 261 -9.39 -11.10 -49.90
C GLN A 261 -8.29 -11.58 -50.82
N SER A 262 -8.61 -11.77 -52.10
CA SER A 262 -7.69 -12.34 -53.07
C SER A 262 -8.24 -12.18 -54.49
N ASP A 263 -7.38 -12.02 -55.48
CA ASP A 263 -7.85 -12.03 -56.86
C ASP A 263 -7.38 -13.30 -57.56
N ALA A 264 -6.95 -14.28 -56.76
CA ALA A 264 -6.59 -15.59 -57.25
C ALA A 264 -7.83 -16.39 -57.64
N PRO A 265 -7.75 -17.14 -58.76
CA PRO A 265 -8.88 -17.92 -59.25
C PRO A 265 -9.19 -19.08 -58.32
N ILE A 266 -10.41 -19.59 -58.38
CA ILE A 266 -10.83 -20.69 -57.52
C ILE A 266 -10.47 -22.05 -58.13
N ASP A 267 -10.00 -22.96 -57.29
CA ASP A 267 -9.80 -24.34 -57.69
C ASP A 267 -10.55 -25.23 -56.70
N ASN A 268 -11.64 -25.83 -57.16
CA ASN A 268 -12.43 -26.73 -56.33
C ASN A 268 -11.80 -28.11 -56.14
N ASN A 269 -10.65 -28.33 -56.79
CA ASN A 269 -10.01 -29.65 -56.75
C ASN A 269 -8.84 -29.76 -55.77
N CYS A 270 -8.33 -28.63 -55.27
CA CYS A 270 -7.31 -28.67 -54.21
C CYS A 270 -7.88 -28.11 -52.90
N GLU A 271 -7.34 -28.59 -51.78
CA GLU A 271 -7.82 -28.26 -50.46
C GLU A 271 -6.73 -27.48 -49.74
N SER A 272 -7.13 -26.58 -48.84
CA SER A 272 -6.15 -25.79 -48.10
C SER A 272 -6.75 -25.16 -46.85
N LYS A 273 -5.90 -24.66 -45.96
CA LYS A 273 -6.34 -24.06 -44.72
C LYS A 273 -5.69 -22.71 -44.55
N CYS A 274 -4.78 -22.39 -45.46
CA CYS A 274 -3.99 -21.18 -45.36
C CYS A 274 -4.09 -20.38 -46.64
N PHE A 275 -4.50 -19.12 -46.50
CA PHE A 275 -4.76 -18.29 -47.66
C PHE A 275 -4.10 -16.92 -47.55
N TRP A 276 -3.98 -16.25 -48.68
CA TRP A 276 -3.35 -14.93 -48.72
C TRP A 276 -3.76 -14.29 -50.04
N ARG A 277 -3.46 -13.01 -50.22
CA ARG A 277 -3.88 -12.31 -51.43
C ARG A 277 -3.52 -13.10 -52.70
N GLY A 278 -2.37 -13.77 -52.67
CA GLY A 278 -1.90 -14.47 -53.84
C GLY A 278 -2.41 -15.90 -53.99
N GLY A 279 -3.20 -16.37 -53.03
CA GLY A 279 -3.75 -17.71 -53.11
C GLY A 279 -3.64 -18.58 -51.86
N SER A 280 -3.04 -19.76 -52.00
CA SER A 280 -3.02 -20.75 -50.92
C SER A 280 -1.61 -21.25 -50.56
N ILE A 281 -1.48 -21.77 -49.35
CA ILE A 281 -0.23 -22.37 -48.88
C ILE A 281 -0.52 -23.72 -48.24
N ASN A 282 0.11 -24.75 -48.77
CA ASN A 282 0.00 -26.09 -48.21
C ASN A 282 1.37 -26.66 -47.90
N THR A 283 1.72 -26.69 -46.61
CA THR A 283 3.00 -27.22 -46.16
C THR A 283 2.88 -27.90 -44.81
N ARG A 284 3.87 -28.72 -44.51
CA ARG A 284 4.03 -29.29 -43.19
C ARG A 284 5.06 -28.46 -42.47
N LEU A 285 5.79 -27.63 -43.22
CA LEU A 285 6.85 -26.81 -42.63
C LEU A 285 6.30 -25.73 -41.69
N PRO A 286 7.02 -25.45 -40.59
CA PRO A 286 6.55 -24.49 -39.59
C PRO A 286 6.72 -23.04 -40.04
N PHE A 287 7.53 -22.82 -41.07
CA PHE A 287 7.78 -21.45 -41.55
C PHE A 287 7.53 -21.28 -43.05
N GLN A 288 7.24 -20.03 -43.45
CA GLN A 288 7.03 -19.69 -44.85
C GLN A 288 7.52 -18.27 -45.09
N ASN A 289 7.99 -18.01 -46.31
CA ASN A 289 8.40 -16.66 -46.69
C ASN A 289 7.57 -16.01 -47.81
N LEU A 290 6.37 -16.53 -48.05
CA LEU A 290 5.49 -16.01 -49.11
C LEU A 290 4.82 -14.68 -48.76
N SER A 291 4.21 -14.63 -47.58
CA SER A 291 3.48 -13.42 -47.18
C SER A 291 3.35 -13.26 -45.68
N PRO A 292 3.59 -12.03 -45.19
CA PRO A 292 3.34 -11.63 -43.81
C PRO A 292 1.85 -11.44 -43.58
N ARG A 293 1.05 -11.53 -44.64
CA ARG A 293 -0.41 -11.35 -44.56
C ARG A 293 -1.16 -12.60 -44.98
N THR A 294 -1.48 -13.46 -44.02
CA THR A 294 -2.16 -14.71 -44.32
C THR A 294 -3.37 -14.82 -43.42
N VAL A 295 -4.31 -15.68 -43.78
CA VAL A 295 -5.45 -15.97 -42.94
C VAL A 295 -5.64 -17.48 -42.89
N GLY A 296 -6.27 -17.97 -41.83
CA GLY A 296 -6.47 -19.40 -41.66
C GLY A 296 -5.44 -20.01 -40.72
N GLN A 297 -5.17 -21.29 -40.92
CA GLN A 297 -4.18 -22.01 -40.12
C GLN A 297 -2.87 -22.07 -40.90
N CYS A 298 -1.94 -21.19 -40.55
CA CYS A 298 -0.77 -20.91 -41.39
C CYS A 298 0.58 -21.08 -40.71
N PRO A 299 1.62 -21.43 -41.50
CA PRO A 299 3.00 -21.43 -40.99
C PRO A 299 3.40 -20.01 -40.69
N LYS A 300 4.32 -19.80 -39.76
CA LYS A 300 4.73 -18.44 -39.39
C LYS A 300 5.62 -17.81 -40.46
N TYR A 301 5.35 -16.56 -40.79
CA TYR A 301 6.16 -15.83 -41.75
C TYR A 301 7.53 -15.46 -41.18
N VAL A 302 8.59 -15.81 -41.92
CA VAL A 302 9.93 -15.39 -41.55
C VAL A 302 10.65 -14.76 -42.73
N ASN A 303 11.55 -13.83 -42.43
CA ASN A 303 12.32 -13.13 -43.45
C ASN A 303 13.57 -13.87 -43.93
N ARG A 304 13.41 -15.07 -44.49
CA ARG A 304 14.53 -15.89 -44.94
C ARG A 304 14.16 -16.72 -46.16
N ARG A 305 15.08 -16.86 -47.11
CA ARG A 305 14.83 -17.71 -48.27
C ARG A 305 14.87 -19.17 -47.85
N SER A 306 15.77 -19.48 -46.92
CA SER A 306 16.09 -20.86 -46.62
C SER A 306 16.74 -21.01 -45.25
N LEU A 307 16.27 -21.98 -44.48
CA LEU A 307 16.94 -22.40 -43.25
C LEU A 307 17.01 -23.91 -43.28
N MET A 308 18.22 -24.43 -43.47
CA MET A 308 18.41 -25.87 -43.63
C MET A 308 18.62 -26.55 -42.30
N LEU A 309 17.89 -27.64 -42.07
CA LEU A 309 18.00 -28.43 -40.86
C LEU A 309 18.74 -29.73 -41.18
N ALA A 310 19.91 -29.93 -40.58
CA ALA A 310 20.72 -31.13 -40.84
C ALA A 310 19.98 -32.42 -40.56
N THR A 311 20.17 -33.40 -41.45
CA THR A 311 19.63 -34.76 -41.25
C THR A 311 20.73 -35.81 -41.41
N GLY A 312 21.96 -35.40 -41.15
CA GLY A 312 23.09 -36.30 -41.24
C GLY A 312 24.28 -35.72 -40.50
N MET A 313 25.31 -36.55 -40.32
CA MET A 313 26.52 -36.16 -39.62
C MET A 313 27.32 -35.19 -40.46
N ARG A 314 28.42 -34.67 -39.89
CA ARG A 314 29.42 -33.94 -40.66
C ARG A 314 29.86 -34.77 -41.87
N ASN A 315 29.98 -34.12 -43.03
CA ASN A 315 30.53 -34.80 -44.19
C ASN A 315 32.05 -34.60 -44.28
N VAL A 316 32.81 -35.68 -44.13
CA VAL A 316 34.27 -35.60 -44.10
C VAL A 316 34.88 -36.41 -45.25
N PRO A 317 35.01 -35.80 -46.44
CA PRO A 317 35.44 -36.50 -47.66
C PRO A 317 36.95 -36.73 -47.78
N GLU A 318 37.34 -37.76 -48.53
CA GLU A 318 38.70 -37.93 -49.06
C GLU A 318 38.77 -39.13 -50.00
N GLY B 1 35.34 -32.24 -32.89
CA GLY B 1 33.94 -32.40 -32.53
C GLY B 1 33.84 -32.86 -31.09
N LEU B 2 32.64 -32.75 -30.51
CA LEU B 2 32.45 -33.00 -29.09
C LEU B 2 33.02 -34.35 -28.65
N PHE B 3 32.74 -35.39 -29.42
CA PHE B 3 33.08 -36.74 -29.02
C PHE B 3 34.35 -37.29 -29.66
N GLY B 4 35.03 -36.48 -30.47
CA GLY B 4 36.39 -36.80 -30.89
C GLY B 4 36.60 -37.76 -32.06
N ALA B 5 35.54 -38.47 -32.47
CA ALA B 5 35.66 -39.43 -33.56
C ALA B 5 35.51 -38.81 -34.97
N ILE B 6 34.27 -38.55 -35.38
CA ILE B 6 33.98 -37.95 -36.69
C ILE B 6 34.60 -36.56 -36.85
N ALA B 7 35.35 -36.36 -37.93
CA ALA B 7 36.21 -35.18 -38.09
C ALA B 7 37.16 -35.02 -36.91
N GLY B 8 37.45 -36.15 -36.25
CA GLY B 8 38.38 -36.16 -35.13
C GLY B 8 39.50 -37.16 -35.40
N PHE B 9 39.58 -38.21 -34.59
CA PHE B 9 40.67 -39.18 -34.76
C PHE B 9 40.39 -40.13 -35.91
N LEU B 10 39.15 -40.11 -36.41
CA LEU B 10 38.85 -40.78 -37.67
C LEU B 10 39.18 -39.81 -38.82
N GLU B 11 40.11 -40.24 -39.67
CA GLU B 11 40.66 -39.40 -40.74
C GLU B 11 39.61 -38.78 -41.64
N ASN B 12 38.70 -39.62 -42.14
CA ASN B 12 37.65 -39.16 -43.03
C ASN B 12 36.55 -40.20 -43.10
N GLY B 13 35.51 -39.89 -43.85
CA GLY B 13 34.41 -40.82 -44.01
C GLY B 13 34.67 -41.76 -45.17
N TRP B 14 33.84 -42.79 -45.28
CA TRP B 14 33.94 -43.78 -46.33
C TRP B 14 32.82 -43.59 -47.36
N GLU B 15 33.15 -43.04 -48.52
CA GLU B 15 32.14 -42.83 -49.57
C GLU B 15 31.57 -44.14 -50.09
N GLY B 16 32.40 -45.18 -50.09
CA GLY B 16 31.98 -46.48 -50.57
C GLY B 16 31.12 -47.29 -49.61
N MET B 17 30.70 -46.69 -48.51
CA MET B 17 29.74 -47.37 -47.63
C MET B 17 28.35 -46.73 -47.71
N VAL B 18 27.53 -47.24 -48.62
CA VAL B 18 26.18 -46.77 -48.80
C VAL B 18 25.23 -47.70 -48.04
N ASP B 19 25.83 -48.61 -47.29
CA ASP B 19 25.09 -49.64 -46.57
C ASP B 19 24.51 -49.13 -45.25
N GLY B 20 25.01 -47.99 -44.80
CA GLY B 20 24.68 -47.47 -43.49
C GLY B 20 25.61 -46.35 -43.07
N TRP B 21 25.42 -45.85 -41.86
CA TRP B 21 26.12 -44.64 -41.39
C TRP B 21 27.45 -44.93 -40.77
N TYR B 22 27.52 -46.05 -40.08
CA TYR B 22 28.71 -46.48 -39.37
C TYR B 22 29.01 -47.92 -39.79
N GLY B 23 30.28 -48.31 -39.70
CA GLY B 23 30.64 -49.66 -40.11
C GLY B 23 32.08 -50.06 -39.90
N PHE B 24 32.43 -51.22 -40.45
CA PHE B 24 33.72 -51.84 -40.20
C PHE B 24 34.49 -52.06 -41.51
N ARG B 25 35.81 -51.86 -41.46
CA ARG B 25 36.71 -52.35 -42.51
C ARG B 25 37.80 -53.21 -41.86
N HIS B 26 37.93 -54.45 -42.31
CA HIS B 26 38.89 -55.37 -41.71
C HIS B 26 39.96 -55.80 -42.71
N GLN B 27 41.07 -56.27 -42.16
CA GLN B 27 42.13 -56.86 -42.96
C GLN B 27 42.67 -58.10 -42.26
N ASN B 28 42.76 -59.19 -43.01
CA ASN B 28 43.35 -60.42 -42.51
C ASN B 28 44.11 -61.17 -43.61
N ALA B 29 44.43 -62.44 -43.35
CA ALA B 29 45.16 -63.26 -44.33
C ALA B 29 44.35 -63.46 -45.62
N GLN B 30 43.03 -63.55 -45.46
CA GLN B 30 42.13 -63.75 -46.59
C GLN B 30 41.84 -62.46 -47.37
N GLY B 31 42.41 -61.35 -46.92
CA GLY B 31 42.19 -60.07 -47.59
C GLY B 31 41.25 -59.14 -46.86
N THR B 32 40.63 -58.22 -47.60
CA THR B 32 39.83 -57.16 -47.00
C THR B 32 38.32 -57.40 -47.02
N GLY B 33 37.61 -56.54 -46.30
CA GLY B 33 36.16 -56.62 -46.18
C GLY B 33 35.57 -55.32 -45.67
N GLN B 34 34.26 -55.17 -45.85
CA GLN B 34 33.55 -53.99 -45.36
C GLN B 34 32.11 -54.36 -45.04
N ALA B 35 31.60 -53.82 -43.95
CA ALA B 35 30.23 -54.07 -43.53
C ALA B 35 29.72 -52.96 -42.60
N ALA B 36 28.49 -52.53 -42.81
CA ALA B 36 27.89 -51.48 -42.00
C ALA B 36 27.21 -52.04 -40.75
N ASP B 37 27.36 -51.33 -39.63
CA ASP B 37 26.66 -51.68 -38.40
C ASP B 37 25.22 -51.13 -38.40
N TYR B 38 24.25 -52.03 -38.31
CA TYR B 38 22.84 -51.66 -38.40
C TYR B 38 22.35 -50.92 -37.15
N LYS B 39 22.67 -51.47 -35.99
CA LYS B 39 22.21 -50.95 -34.69
C LYS B 39 22.57 -49.48 -34.48
N SER B 40 23.82 -49.12 -34.72
CA SER B 40 24.26 -47.75 -34.51
C SER B 40 23.68 -46.81 -35.56
N THR B 41 23.49 -47.34 -36.77
CA THR B 41 22.93 -46.56 -37.87
C THR B 41 21.47 -46.20 -37.61
N GLN B 42 20.70 -47.16 -37.13
CA GLN B 42 19.30 -46.91 -36.81
C GLN B 42 19.14 -46.00 -35.60
N ALA B 43 20.02 -46.17 -34.61
CA ALA B 43 20.00 -45.31 -33.43
C ALA B 43 20.11 -43.84 -33.80
N ALA B 44 20.99 -43.52 -34.74
CA ALA B 44 21.18 -42.13 -35.18
C ALA B 44 19.98 -41.67 -36.01
N ILE B 45 19.65 -42.47 -37.03
CA ILE B 45 18.52 -42.17 -37.91
C ILE B 45 17.21 -41.94 -37.14
N ASP B 46 16.96 -42.77 -36.13
CA ASP B 46 15.76 -42.65 -35.32
C ASP B 46 15.69 -41.29 -34.61
N GLN B 47 16.84 -40.80 -34.19
CA GLN B 47 16.91 -39.53 -33.50
C GLN B 47 16.64 -38.37 -34.47
N ILE B 48 17.16 -38.49 -35.69
CA ILE B 48 16.90 -37.48 -36.70
C ILE B 48 15.44 -37.47 -37.11
N THR B 49 14.86 -38.65 -37.26
CA THR B 49 13.43 -38.79 -37.52
C THR B 49 12.61 -38.11 -36.41
N GLY B 50 13.07 -38.26 -35.17
CA GLY B 50 12.43 -37.60 -34.04
C GLY B 50 12.33 -36.09 -34.17
N LYS B 51 13.43 -35.46 -34.61
CA LYS B 51 13.46 -34.01 -34.81
C LYS B 51 12.52 -33.60 -35.94
N LEU B 52 12.57 -34.35 -37.04
CA LEU B 52 11.72 -34.09 -38.19
C LEU B 52 10.24 -34.14 -37.80
N ASN B 53 9.90 -35.11 -36.96
CA ASN B 53 8.53 -35.20 -36.45
C ASN B 53 8.11 -33.96 -35.66
N ARG B 54 9.01 -33.43 -34.83
CA ARG B 54 8.73 -32.21 -34.08
C ARG B 54 8.63 -30.96 -34.97
N LEU B 55 9.39 -30.93 -36.06
CA LEU B 55 9.37 -29.77 -36.96
C LEU B 55 8.02 -29.59 -37.64
N VAL B 56 7.30 -30.70 -37.75
CA VAL B 56 6.18 -30.86 -38.66
C VAL B 56 4.80 -30.83 -37.96
N GLU B 57 4.80 -31.02 -36.63
CA GLU B 57 3.58 -30.88 -35.84
C GLU B 57 3.00 -29.47 -35.94
N LYS B 58 1.69 -29.36 -36.08
CA LYS B 58 1.05 -28.06 -36.34
C LYS B 58 0.13 -27.59 -35.24
N THR B 59 0.14 -26.28 -34.99
CA THR B 59 -0.82 -25.65 -34.08
C THR B 59 -2.13 -25.43 -34.83
N ASN B 60 -3.23 -25.46 -34.10
CA ASN B 60 -4.55 -25.29 -34.71
C ASN B 60 -5.02 -23.82 -34.64
N THR B 61 -4.10 -22.87 -34.72
CA THR B 61 -4.48 -21.48 -34.52
C THR B 61 -4.97 -20.78 -35.79
N GLU B 62 -6.28 -20.63 -35.87
CA GLU B 62 -6.95 -19.88 -36.92
C GLU B 62 -6.72 -18.38 -36.72
N PHE B 63 -6.22 -17.71 -37.75
CA PHE B 63 -6.15 -16.25 -37.75
C PHE B 63 -7.06 -15.65 -38.83
N GLU B 64 -7.62 -14.48 -38.52
CA GLU B 64 -8.39 -13.70 -39.48
C GLU B 64 -7.55 -12.51 -39.92
N SER B 65 -8.00 -11.82 -40.94
CA SER B 65 -7.31 -10.63 -41.43
C SER B 65 -7.57 -9.45 -40.52
N ILE B 66 -6.54 -8.64 -40.27
CA ILE B 66 -6.73 -7.35 -39.60
C ILE B 66 -6.25 -6.21 -40.49
N GLU B 67 -5.87 -6.56 -41.73
CA GLU B 67 -5.41 -5.59 -42.71
C GLU B 67 -6.14 -5.79 -44.04
N SER B 68 -7.06 -4.88 -44.35
CA SER B 68 -7.74 -4.91 -45.64
C SER B 68 -6.76 -4.73 -46.80
N GLU B 69 -6.78 -5.68 -47.73
CA GLU B 69 -5.95 -5.62 -48.91
C GLU B 69 -6.46 -4.60 -49.94
N PHE B 70 -7.74 -4.29 -49.89
CA PHE B 70 -8.40 -3.60 -51.00
C PHE B 70 -9.00 -2.24 -50.63
N SER B 71 -9.03 -1.91 -49.35
CA SER B 71 -9.48 -0.60 -48.90
C SER B 71 -8.46 -0.03 -47.92
N GLU B 72 -8.59 1.26 -47.59
CA GLU B 72 -7.60 1.91 -46.75
C GLU B 72 -7.79 1.62 -45.27
N ILE B 73 -6.67 1.42 -44.57
CA ILE B 73 -6.66 1.25 -43.13
C ILE B 73 -6.45 2.63 -42.56
N GLU B 74 -7.19 3.00 -41.52
CA GLU B 74 -6.93 4.26 -40.82
C GLU B 74 -5.45 4.34 -40.43
N HIS B 75 -4.84 5.51 -40.59
CA HIS B 75 -3.39 5.63 -40.50
C HIS B 75 -2.76 5.18 -39.17
N GLN B 76 -3.30 5.66 -38.06
CA GLN B 76 -2.74 5.34 -36.75
C GLN B 76 -2.84 3.85 -36.38
N ILE B 77 -4.03 3.27 -36.50
CA ILE B 77 -4.20 1.84 -36.22
C ILE B 77 -3.34 1.04 -37.21
N GLY B 78 -3.21 1.55 -38.44
CA GLY B 78 -2.38 0.91 -39.45
C GLY B 78 -0.91 0.82 -39.05
N ASN B 79 -0.41 1.91 -38.48
CA ASN B 79 0.98 1.94 -38.00
C ASN B 79 1.20 1.00 -36.79
N VAL B 80 0.22 0.95 -35.88
CA VAL B 80 0.27 0.00 -34.76
C VAL B 80 0.28 -1.44 -35.27
N ILE B 81 -0.54 -1.71 -36.29
CA ILE B 81 -0.61 -3.05 -36.83
C ILE B 81 0.71 -3.44 -37.50
N ASN B 82 1.32 -2.51 -38.23
CA ASN B 82 2.60 -2.76 -38.89
C ASN B 82 3.69 -3.05 -37.88
N TRP B 83 3.66 -2.30 -36.78
CA TRP B 83 4.66 -2.44 -35.73
C TRP B 83 4.54 -3.81 -35.06
N THR B 84 3.31 -4.25 -34.83
CA THR B 84 3.08 -5.49 -34.13
C THR B 84 3.54 -6.65 -35.01
N LYS B 85 2.99 -6.70 -36.23
CA LYS B 85 3.36 -7.73 -37.19
C LYS B 85 4.86 -7.83 -37.40
N ASP B 86 5.53 -6.69 -37.61
CA ASP B 86 6.97 -6.72 -37.82
C ASP B 86 7.71 -7.23 -36.58
N SER B 87 7.27 -6.80 -35.39
CA SER B 87 7.86 -7.27 -34.15
C SER B 87 7.73 -8.79 -34.02
N ILE B 88 6.57 -9.30 -34.38
CA ILE B 88 6.30 -10.73 -34.35
C ILE B 88 7.14 -11.48 -35.37
N THR B 89 7.26 -10.93 -36.57
CA THR B 89 8.10 -11.55 -37.60
C THR B 89 9.55 -11.62 -37.12
N ASP B 90 10.04 -10.53 -36.53
CA ASP B 90 11.38 -10.52 -35.98
C ASP B 90 11.59 -11.64 -34.95
N ILE B 91 10.60 -11.86 -34.08
CA ILE B 91 10.66 -12.96 -33.13
C ILE B 91 10.75 -14.32 -33.82
N TRP B 92 9.88 -14.55 -34.81
CA TRP B 92 9.85 -15.85 -35.45
C TRP B 92 11.09 -16.13 -36.28
N THR B 93 11.61 -15.14 -37.00
CA THR B 93 12.81 -15.42 -37.77
C THR B 93 13.96 -15.65 -36.79
N TYR B 94 13.98 -14.92 -35.68
CA TYR B 94 14.96 -15.19 -34.63
C TYR B 94 14.81 -16.62 -34.09
N GLN B 95 13.58 -17.03 -33.84
CA GLN B 95 13.29 -18.36 -33.33
C GLN B 95 13.65 -19.43 -34.36
N ALA B 96 13.32 -19.15 -35.61
CA ALA B 96 13.59 -20.08 -36.70
C ALA B 96 15.10 -20.26 -36.89
N GLU B 97 15.82 -19.14 -36.83
CA GLU B 97 17.27 -19.14 -36.97
C GLU B 97 17.94 -19.97 -35.86
N LEU B 98 17.47 -19.77 -34.64
CA LEU B 98 18.06 -20.39 -33.46
C LEU B 98 17.74 -21.88 -33.40
N LEU B 99 16.52 -22.24 -33.81
CA LEU B 99 16.11 -23.64 -33.82
C LEU B 99 17.06 -24.43 -34.72
N VAL B 100 17.30 -23.90 -35.91
CA VAL B 100 18.12 -24.62 -36.87
C VAL B 100 19.59 -24.71 -36.42
N ALA B 101 20.13 -23.61 -35.92
CA ALA B 101 21.52 -23.59 -35.47
C ALA B 101 21.73 -24.53 -34.27
N MET B 102 20.80 -24.51 -33.33
CA MET B 102 20.87 -25.37 -32.16
C MET B 102 20.66 -26.84 -32.50
N GLU B 103 19.61 -27.12 -33.28
CA GLU B 103 19.35 -28.50 -33.68
C GLU B 103 20.52 -29.09 -34.46
N ASN B 104 21.07 -28.35 -35.41
CA ASN B 104 22.17 -28.86 -36.22
C ASN B 104 23.42 -29.15 -35.39
N GLN B 105 23.69 -28.31 -34.39
CA GLN B 105 24.83 -28.53 -33.52
C GLN B 105 24.64 -29.86 -32.82
N HIS B 106 23.46 -30.04 -32.24
CA HIS B 106 23.14 -31.28 -31.57
C HIS B 106 23.15 -32.51 -32.48
N THR B 107 22.63 -32.35 -33.69
CA THR B 107 22.57 -33.46 -34.64
C THR B 107 23.96 -33.99 -34.99
N ILE B 108 24.87 -33.06 -35.23
CA ILE B 108 26.23 -33.37 -35.58
C ILE B 108 26.93 -34.11 -34.44
N ASP B 109 26.75 -33.58 -33.23
CA ASP B 109 27.37 -34.16 -32.05
C ASP B 109 26.81 -35.53 -31.64
N MET B 110 25.50 -35.75 -31.78
CA MET B 110 24.95 -37.06 -31.45
C MET B 110 25.46 -38.09 -32.46
N ALA B 111 25.67 -37.66 -33.69
CA ALA B 111 26.20 -38.55 -34.72
C ALA B 111 27.65 -38.90 -34.38
N ASP B 112 28.38 -37.93 -33.86
CA ASP B 112 29.74 -38.14 -33.39
C ASP B 112 29.72 -39.17 -32.26
N SER B 113 28.75 -39.01 -31.35
CA SER B 113 28.68 -39.88 -30.18
C SER B 113 28.32 -41.33 -30.52
N GLU B 114 27.44 -41.53 -31.50
CA GLU B 114 27.04 -42.89 -31.85
C GLU B 114 28.22 -43.63 -32.46
N MET B 115 29.05 -42.90 -33.19
CA MET B 115 30.28 -43.48 -33.72
C MET B 115 31.20 -43.91 -32.57
N LEU B 116 31.38 -43.02 -31.60
CA LEU B 116 32.22 -43.31 -30.44
C LEU B 116 31.68 -44.53 -29.68
N ASN B 117 30.37 -44.54 -29.43
CA ASN B 117 29.75 -45.67 -28.75
C ASN B 117 30.04 -47.01 -29.42
N LEU B 118 29.99 -47.03 -30.76
CA LEU B 118 30.30 -48.24 -31.51
C LEU B 118 31.76 -48.64 -31.31
N TYR B 119 32.66 -47.67 -31.50
CA TYR B 119 34.08 -47.85 -31.26
C TYR B 119 34.34 -48.44 -29.88
N GLU B 120 33.78 -47.79 -28.86
CA GLU B 120 33.98 -48.18 -27.47
C GLU B 120 33.48 -49.59 -27.16
N ARG B 121 32.35 -49.96 -27.74
CA ARG B 121 31.79 -51.30 -27.61
C ARG B 121 32.78 -52.34 -28.17
N VAL B 122 33.33 -52.04 -29.34
CA VAL B 122 34.33 -52.92 -29.96
C VAL B 122 35.57 -53.00 -29.08
N ARG B 123 35.95 -51.88 -28.49
CA ARG B 123 37.17 -51.80 -27.69
C ARG B 123 37.14 -52.76 -26.51
N LYS B 124 35.97 -52.85 -25.87
CA LYS B 124 35.81 -53.68 -24.70
C LYS B 124 35.57 -55.16 -25.06
N GLN B 125 35.04 -55.38 -26.26
CA GLN B 125 34.86 -56.72 -26.79
C GLN B 125 36.21 -57.44 -26.89
N LEU B 126 37.16 -56.79 -27.53
CA LEU B 126 38.48 -57.35 -27.76
C LEU B 126 39.33 -57.45 -26.49
N ARG B 127 38.86 -56.77 -25.44
CA ARG B 127 39.67 -56.34 -24.30
C ARG B 127 41.20 -56.42 -24.42
N GLN B 128 41.81 -57.53 -24.01
CA GLN B 128 43.27 -57.56 -23.96
C GLN B 128 43.91 -58.16 -25.20
N ASN B 129 43.08 -58.50 -26.18
CA ASN B 129 43.52 -59.17 -27.40
C ASN B 129 43.98 -58.23 -28.52
N ALA B 130 43.63 -56.95 -28.41
CA ALA B 130 43.95 -55.96 -29.43
C ALA B 130 44.52 -54.69 -28.81
N GLU B 131 45.07 -53.82 -29.65
CA GLU B 131 45.50 -52.51 -29.18
C GLU B 131 44.99 -51.44 -30.15
N GLU B 132 44.90 -50.20 -29.66
CA GLU B 132 44.39 -49.09 -30.46
C GLU B 132 45.42 -48.44 -31.36
N ASP B 133 45.00 -48.20 -32.61
CA ASP B 133 45.75 -47.51 -33.64
C ASP B 133 45.92 -46.03 -33.32
N GLY B 134 44.85 -45.41 -32.80
CA GLY B 134 44.78 -43.97 -32.66
C GLY B 134 44.08 -43.35 -33.86
N LYS B 135 43.70 -44.20 -34.80
CA LYS B 135 43.08 -43.78 -36.05
C LYS B 135 41.75 -44.49 -36.20
N GLY B 136 41.26 -45.07 -35.11
CA GLY B 136 40.01 -45.82 -35.17
C GLY B 136 40.18 -47.28 -35.55
N CYS B 137 41.41 -47.75 -35.59
CA CYS B 137 41.65 -49.18 -35.87
C CYS B 137 42.10 -49.94 -34.64
N PHE B 138 41.85 -51.25 -34.64
CA PHE B 138 42.34 -52.14 -33.61
C PHE B 138 43.29 -53.14 -34.23
N GLU B 139 44.58 -53.07 -33.88
CA GLU B 139 45.51 -54.12 -34.28
C GLU B 139 45.26 -55.36 -33.43
N ILE B 140 44.89 -56.46 -34.09
CA ILE B 140 44.53 -57.70 -33.40
C ILE B 140 45.74 -58.64 -33.34
N TYR B 141 46.10 -59.10 -32.14
CA TYR B 141 47.34 -59.84 -31.94
C TYR B 141 47.14 -61.35 -32.01
N HIS B 142 46.14 -61.75 -32.79
CA HIS B 142 45.93 -63.16 -33.11
C HIS B 142 45.28 -63.25 -34.49
N ALA B 143 45.32 -64.43 -35.09
CA ALA B 143 44.72 -64.59 -36.42
C ALA B 143 43.21 -64.44 -36.34
N CYS B 144 42.68 -63.47 -37.07
CA CYS B 144 41.25 -63.26 -37.11
C CYS B 144 40.74 -63.51 -38.52
N ASP B 145 40.17 -64.68 -38.76
CA ASP B 145 39.62 -64.99 -40.08
C ASP B 145 38.33 -64.19 -40.33
N ASP B 146 37.67 -64.48 -41.44
CA ASP B 146 36.42 -63.80 -41.77
C ASP B 146 35.31 -64.11 -40.76
N SER B 147 35.32 -65.32 -40.19
CA SER B 147 34.33 -65.70 -39.17
C SER B 147 34.58 -65.00 -37.84
N CYS B 148 35.86 -64.75 -37.55
CA CYS B 148 36.28 -64.04 -36.35
C CYS B 148 35.90 -62.57 -36.46
N MET B 149 36.13 -61.98 -37.63
CA MET B 149 35.73 -60.60 -37.92
C MET B 149 34.22 -60.44 -37.78
N GLU B 150 33.47 -61.42 -38.27
CA GLU B 150 32.03 -61.40 -38.16
C GLU B 150 31.57 -61.47 -36.71
N SER B 151 32.28 -62.26 -35.89
CA SER B 151 31.93 -62.39 -34.48
C SER B 151 32.06 -61.05 -33.75
N ILE B 152 33.03 -60.23 -34.19
CA ILE B 152 33.25 -58.91 -33.64
C ILE B 152 32.12 -57.94 -34.04
N ARG B 153 31.82 -57.88 -35.33
CA ARG B 153 30.75 -57.01 -35.84
C ARG B 153 29.38 -57.38 -35.28
N ASN B 154 29.20 -58.65 -34.94
CA ASN B 154 27.91 -59.16 -34.47
C ASN B 154 27.86 -59.29 -32.95
N ASN B 155 28.90 -58.82 -32.27
CA ASN B 155 28.92 -58.75 -30.80
C ASN B 155 28.95 -60.12 -30.11
N THR B 156 29.64 -61.09 -30.71
CA THR B 156 29.72 -62.44 -30.15
C THR B 156 31.15 -62.94 -29.96
N TYR B 157 32.12 -62.04 -30.10
CA TYR B 157 33.53 -62.38 -29.95
C TYR B 157 33.89 -62.70 -28.51
N ASP B 158 34.22 -63.97 -28.24
CA ASP B 158 34.71 -64.37 -26.92
C ASP B 158 36.21 -64.12 -26.83
N HIS B 159 36.59 -63.12 -26.03
CA HIS B 159 37.98 -62.72 -25.93
C HIS B 159 38.81 -63.83 -25.27
N SER B 160 38.20 -64.62 -24.39
CA SER B 160 38.93 -65.62 -23.62
C SER B 160 39.49 -66.71 -24.53
N GLN B 161 38.81 -66.92 -25.67
CA GLN B 161 39.20 -67.94 -26.63
C GLN B 161 40.56 -67.69 -27.29
N TYR B 162 40.93 -66.42 -27.42
CA TYR B 162 42.19 -66.07 -28.10
C TYR B 162 43.20 -65.39 -27.18
N ARG B 163 42.80 -65.14 -25.94
CA ARG B 163 43.60 -64.34 -25.00
C ARG B 163 45.05 -64.84 -24.87
N GLU B 164 45.21 -66.14 -24.59
CA GLU B 164 46.52 -66.77 -24.47
C GLU B 164 47.45 -66.43 -25.64
N GLU B 165 46.98 -66.64 -26.87
CA GLU B 165 47.78 -66.33 -28.06
C GLU B 165 48.09 -64.83 -28.13
N ALA B 166 47.06 -64.01 -27.98
CA ALA B 166 47.21 -62.56 -28.11
C ALA B 166 48.21 -61.98 -27.10
N LEU B 167 48.16 -62.48 -25.87
CA LEU B 167 49.08 -61.97 -24.84
C LEU B 167 50.53 -62.21 -25.22
N LEU B 168 50.82 -63.41 -25.72
CA LEU B 168 52.18 -63.76 -26.12
C LEU B 168 52.65 -62.86 -27.25
N ASN B 169 51.75 -62.59 -28.19
CA ASN B 169 52.09 -61.74 -29.33
C ASN B 169 52.28 -60.27 -28.95
N ARG B 170 51.62 -59.82 -27.88
CA ARG B 170 51.72 -58.44 -27.43
C ARG B 170 52.98 -58.22 -26.59
N LEU B 171 53.42 -59.30 -25.93
CA LEU B 171 54.61 -59.24 -25.09
C LEU B 171 55.85 -59.65 -25.88
N ASN B 172 55.60 -60.15 -27.10
CA ASN B 172 56.65 -60.55 -28.03
C ASN B 172 57.68 -61.48 -27.40
N ILE B 173 57.23 -62.68 -27.05
CA ILE B 173 58.08 -63.75 -26.50
C ILE B 173 57.46 -65.12 -26.77
N ASN B 174 58.18 -65.96 -27.52
CA ASN B 174 57.74 -67.34 -27.77
C ASN B 174 58.90 -68.28 -28.12
N ASP C 1 59.66 -40.44 -14.79
CA ASP C 1 59.38 -39.73 -16.04
C ASP C 1 57.89 -39.65 -16.39
N LYS C 2 57.36 -38.43 -16.54
CA LYS C 2 55.95 -38.26 -16.90
C LYS C 2 55.60 -36.96 -17.61
N ILE C 3 54.47 -36.97 -18.30
CA ILE C 3 53.95 -35.79 -18.98
C ILE C 3 52.50 -35.57 -18.57
N CYS C 4 52.18 -34.32 -18.25
CA CYS C 4 50.87 -33.98 -17.69
C CYS C 4 50.06 -33.09 -18.61
N LEU C 5 48.77 -33.39 -18.71
CA LEU C 5 47.87 -32.57 -19.49
C LEU C 5 47.13 -31.60 -18.59
N GLY C 6 46.89 -30.39 -19.09
CA GLY C 6 46.19 -29.38 -18.31
C GLY C 6 45.61 -28.26 -19.16
N HIS C 7 44.87 -27.38 -18.49
CA HIS C 7 44.29 -26.21 -19.12
C HIS C 7 44.69 -24.97 -18.32
N HIS C 8 44.44 -23.79 -18.89
CA HIS C 8 44.80 -22.56 -18.20
C HIS C 8 43.74 -22.11 -17.20
N ALA C 9 44.09 -21.07 -16.45
CA ALA C 9 43.15 -20.39 -15.58
C ALA C 9 43.64 -18.95 -15.39
N VAL C 10 42.83 -18.12 -14.74
CA VAL C 10 43.21 -16.74 -14.45
C VAL C 10 42.96 -16.50 -12.97
N ALA C 11 43.52 -15.42 -12.44
CA ALA C 11 43.27 -15.07 -11.03
C ALA C 11 41.83 -14.63 -10.83
N ASN C 12 41.42 -13.63 -11.62
CA ASN C 12 40.06 -13.09 -11.51
C ASN C 12 39.17 -13.56 -12.66
N GLY C 13 38.23 -14.46 -12.36
CA GLY C 13 37.28 -14.95 -13.36
C GLY C 13 35.98 -14.18 -13.34
N THR C 14 35.17 -14.35 -14.39
CA THR C 14 33.88 -13.67 -14.47
C THR C 14 32.72 -14.64 -14.24
N ILE C 15 31.65 -14.16 -13.61
CA ILE C 15 30.47 -14.99 -13.35
C ILE C 15 29.50 -14.95 -14.52
N VAL C 16 28.94 -16.11 -14.88
CA VAL C 16 27.91 -16.22 -15.91
C VAL C 16 26.79 -17.18 -15.45
N LYS C 17 25.66 -17.14 -16.16
CA LYS C 17 24.56 -18.06 -15.89
C LYS C 17 24.60 -19.19 -16.90
N THR C 18 24.31 -20.40 -16.45
CA THR C 18 24.09 -21.50 -17.39
C THR C 18 22.73 -22.11 -17.11
N LEU C 19 22.40 -23.19 -17.81
CA LEU C 19 21.12 -23.88 -17.61
C LEU C 19 20.99 -24.44 -16.19
N THR C 20 22.12 -24.75 -15.56
CA THR C 20 22.14 -25.48 -14.29
C THR C 20 22.78 -24.66 -13.18
N ASN C 21 23.46 -23.59 -13.56
CA ASN C 21 24.19 -22.80 -12.59
C ASN C 21 24.02 -21.30 -12.81
N GLU C 22 23.48 -20.63 -11.80
CA GLU C 22 23.30 -19.19 -11.81
C GLU C 22 24.61 -18.46 -11.56
N GLN C 23 25.55 -19.13 -10.88
CA GLN C 23 26.83 -18.53 -10.55
C GLN C 23 28.00 -19.40 -11.00
N GLU C 24 28.21 -19.49 -12.32
CA GLU C 24 29.33 -20.27 -12.85
C GLU C 24 30.49 -19.34 -13.18
N GLU C 25 31.68 -19.67 -12.68
CA GLU C 25 32.86 -18.86 -12.96
C GLU C 25 33.66 -19.38 -14.17
N VAL C 26 33.79 -18.52 -15.18
CA VAL C 26 34.50 -18.84 -16.41
C VAL C 26 35.68 -17.88 -16.57
N THR C 27 36.55 -18.15 -17.54
CA THR C 27 37.80 -17.38 -17.68
C THR C 27 37.56 -15.99 -18.27
N ASN C 28 36.64 -15.91 -19.21
CA ASN C 28 36.29 -14.64 -19.81
C ASN C 28 34.81 -14.62 -20.15
N ALA C 29 34.26 -13.43 -20.34
CA ALA C 29 32.87 -13.28 -20.75
C ALA C 29 32.72 -11.95 -21.46
N THR C 30 31.66 -11.80 -22.25
CA THR C 30 31.38 -10.54 -22.94
C THR C 30 29.90 -10.16 -22.82
N GLU C 31 29.62 -8.86 -22.76
CA GLU C 31 28.26 -8.38 -22.62
C GLU C 31 27.42 -8.60 -23.88
N THR C 32 26.14 -8.92 -23.70
CA THR C 32 25.22 -9.03 -24.82
C THR C 32 24.20 -7.90 -24.83
N VAL C 33 24.09 -7.18 -23.71
CA VAL C 33 23.10 -6.10 -23.60
C VAL C 33 23.75 -4.70 -23.56
N GLU C 34 23.52 -3.90 -24.59
CA GLU C 34 24.07 -2.54 -24.62
C GLU C 34 23.40 -1.62 -23.59
N SER C 35 24.23 -0.94 -22.80
CA SER C 35 23.76 -0.06 -21.74
C SER C 35 24.16 1.37 -22.00
N THR C 36 25.03 1.58 -22.99
CA THR C 36 25.58 2.89 -23.29
C THR C 36 24.91 3.54 -24.48
N GLY C 37 24.22 4.65 -24.25
CA GLY C 37 23.65 5.42 -25.33
C GLY C 37 24.49 6.64 -25.62
N ILE C 38 24.31 7.21 -26.81
CA ILE C 38 24.92 8.48 -27.15
C ILE C 38 23.92 9.63 -26.92
N ASN C 39 24.36 10.65 -26.19
CA ASN C 39 23.55 11.82 -25.84
C ASN C 39 23.28 12.79 -26.99
N ARG C 40 23.52 12.34 -28.22
CA ARG C 40 23.38 13.21 -29.39
C ARG C 40 22.56 12.52 -30.47
N LEU C 41 22.03 13.30 -31.40
CA LEU C 41 21.40 12.75 -32.58
C LEU C 41 22.48 12.66 -33.65
N CYS C 42 22.98 11.45 -33.89
CA CYS C 42 24.04 11.24 -34.88
C CYS C 42 23.50 11.31 -36.30
N MET C 43 23.66 12.46 -36.96
CA MET C 43 23.09 12.67 -38.28
C MET C 43 24.06 12.60 -39.46
N LYS C 44 25.27 12.08 -39.24
CA LYS C 44 26.22 11.93 -40.35
C LYS C 44 25.66 11.00 -41.43
N GLY C 45 25.79 11.43 -42.68
CA GLY C 45 25.34 10.62 -43.81
C GLY C 45 23.88 10.85 -44.17
N ARG C 46 23.10 11.41 -43.25
CA ARG C 46 21.68 11.63 -43.53
C ARG C 46 21.34 13.09 -43.80
N LYS C 47 20.48 13.31 -44.80
CA LYS C 47 19.96 14.63 -45.07
C LYS C 47 18.79 14.89 -44.14
N HIS C 48 19.05 15.56 -43.02
CA HIS C 48 18.01 15.81 -42.05
C HIS C 48 17.42 17.20 -42.11
N LYS C 49 16.39 17.38 -41.29
CA LYS C 49 15.72 18.66 -41.10
C LYS C 49 15.39 18.73 -39.62
N ASP C 50 16.03 19.66 -38.90
CA ASP C 50 15.70 19.92 -37.50
C ASP C 50 14.60 20.98 -37.45
N LEU C 51 13.41 20.58 -37.02
CA LEU C 51 12.26 21.49 -36.98
C LEU C 51 12.32 22.54 -35.86
N GLY C 52 13.21 22.36 -34.89
CA GLY C 52 13.28 23.28 -33.77
C GLY C 52 11.96 23.43 -33.05
N ASN C 53 11.49 24.66 -32.91
CA ASN C 53 10.22 24.88 -32.23
C ASN C 53 9.03 24.95 -33.19
N CYS C 54 9.23 24.44 -34.40
CA CYS C 54 8.14 24.29 -35.37
C CYS C 54 7.54 22.88 -35.30
N HIS C 55 6.24 22.79 -35.04
CA HIS C 55 5.55 21.49 -35.00
C HIS C 55 5.20 21.06 -36.42
N PRO C 56 5.38 19.76 -36.74
CA PRO C 56 5.16 19.26 -38.09
C PRO C 56 3.86 19.73 -38.72
N ILE C 57 2.80 19.81 -37.93
CA ILE C 57 1.54 20.30 -38.46
C ILE C 57 1.57 21.78 -38.81
N GLY C 58 2.42 22.53 -38.11
CA GLY C 58 2.66 23.92 -38.46
C GLY C 58 3.31 24.07 -39.83
N MET C 59 3.97 23.01 -40.32
CA MET C 59 4.54 23.05 -41.66
C MET C 59 3.47 23.17 -42.74
N LEU C 60 2.32 22.53 -42.54
CA LEU C 60 1.28 22.50 -43.57
C LEU C 60 0.45 23.78 -43.61
N ILE C 61 0.19 24.39 -42.45
CA ILE C 61 -0.65 25.58 -42.37
C ILE C 61 0.14 26.89 -42.32
N GLY C 62 1.44 26.79 -42.04
CA GLY C 62 2.33 27.93 -42.17
C GLY C 62 2.38 28.86 -40.97
N THR C 63 2.45 28.27 -39.77
CA THR C 63 2.64 29.04 -38.55
C THR C 63 4.00 29.74 -38.65
N PRO C 64 4.09 30.98 -38.15
CA PRO C 64 5.33 31.76 -38.22
C PRO C 64 6.56 31.00 -37.74
N ALA C 65 6.41 30.15 -36.73
CA ALA C 65 7.55 29.40 -36.22
C ALA C 65 8.10 28.42 -37.27
N CYS C 66 7.27 28.10 -38.25
CA CYS C 66 7.60 27.11 -39.27
C CYS C 66 7.98 27.74 -40.62
N ASP C 67 8.28 29.03 -40.65
CA ASP C 67 8.56 29.74 -41.90
C ASP C 67 9.70 29.14 -42.71
N LEU C 68 10.68 28.57 -42.02
CA LEU C 68 11.84 27.99 -42.70
C LEU C 68 11.62 26.52 -43.05
N HIS C 69 10.43 26.01 -42.72
CA HIS C 69 10.12 24.60 -42.92
C HIS C 69 8.82 24.39 -43.68
N LEU C 70 8.54 25.27 -44.64
CA LEU C 70 7.31 25.21 -45.41
C LEU C 70 7.44 24.22 -46.58
N THR C 71 8.68 24.01 -47.03
CA THR C 71 8.97 23.06 -48.09
C THR C 71 10.33 22.46 -47.78
N GLY C 72 10.73 21.45 -48.55
CA GLY C 72 12.04 20.84 -48.37
C GLY C 72 12.10 19.36 -48.70
N MET C 73 13.31 18.80 -48.61
CA MET C 73 13.54 17.37 -48.79
C MET C 73 14.41 16.83 -47.66
N TRP C 74 14.05 15.68 -47.11
CA TRP C 74 14.82 15.07 -46.01
C TRP C 74 14.65 13.54 -46.02
N ASP C 75 15.56 12.81 -45.37
CA ASP C 75 15.35 11.38 -45.18
C ASP C 75 15.14 11.12 -43.71
N THR C 76 15.41 12.15 -42.90
CA THR C 76 15.02 12.10 -41.50
C THR C 76 14.52 13.46 -40.99
N LEU C 77 13.43 13.41 -40.24
CA LEU C 77 12.75 14.61 -39.72
C LEU C 77 12.81 14.62 -38.20
N ILE C 78 13.32 15.71 -37.63
CA ILE C 78 13.45 15.79 -36.19
C ILE C 78 12.46 16.78 -35.57
N GLU C 79 11.59 16.27 -34.69
CA GLU C 79 10.59 17.05 -33.97
C GLU C 79 11.05 17.28 -32.53
N ARG C 80 10.81 18.47 -31.98
CA ARG C 80 11.28 18.80 -30.62
C ARG C 80 10.12 18.99 -29.67
N GLU C 81 10.40 18.87 -28.38
CA GLU C 81 9.36 19.07 -27.37
C GLU C 81 8.83 20.50 -27.41
N ASN C 82 7.53 20.66 -27.14
CA ASN C 82 6.88 21.96 -27.07
C ASN C 82 6.86 22.73 -28.38
N ALA C 83 7.18 22.08 -29.49
CA ALA C 83 7.12 22.71 -30.80
C ALA C 83 5.73 23.31 -31.04
N ILE C 84 5.67 24.42 -31.77
CA ILE C 84 4.42 25.17 -31.94
C ILE C 84 3.69 24.78 -33.23
N ALA C 85 2.41 24.42 -33.10
CA ALA C 85 1.58 24.18 -34.29
C ALA C 85 0.63 25.34 -34.55
N TYR C 86 0.17 25.98 -33.48
CA TYR C 86 -0.84 27.01 -33.62
C TYR C 86 -0.36 28.37 -33.11
N CYS C 87 -0.69 29.42 -33.85
CA CYS C 87 -0.53 30.78 -33.35
C CYS C 87 -1.91 31.25 -32.90
N TYR C 88 -2.86 31.39 -33.82
CA TYR C 88 -4.26 31.52 -33.41
C TYR C 88 -4.64 30.17 -32.83
N PRO C 89 -5.22 30.16 -31.62
CA PRO C 89 -5.53 28.93 -30.90
C PRO C 89 -6.57 28.09 -31.62
N GLY C 90 -6.42 26.77 -31.51
CA GLY C 90 -7.33 25.84 -32.12
C GLY C 90 -6.83 24.43 -31.99
N ALA C 91 -7.40 23.54 -32.79
CA ALA C 91 -7.04 22.13 -32.73
C ALA C 91 -7.29 21.49 -34.09
N THR C 92 -6.71 20.32 -34.30
CA THR C 92 -6.82 19.62 -35.58
C THR C 92 -7.46 18.26 -35.39
N VAL C 93 -8.48 17.96 -36.20
CA VAL C 93 -9.14 16.65 -36.18
C VAL C 93 -8.17 15.57 -36.68
N ASN C 94 -8.12 14.43 -35.99
CA ASN C 94 -7.22 13.34 -36.36
C ASN C 94 -5.77 13.81 -36.40
N VAL C 95 -5.38 14.52 -35.35
CA VAL C 95 -4.08 15.17 -35.28
C VAL C 95 -2.90 14.16 -35.29
N GLU C 96 -2.99 13.08 -34.53
CA GLU C 96 -1.86 12.16 -34.45
C GLU C 96 -1.65 11.42 -35.79
N ALA C 97 -2.74 11.06 -36.44
CA ALA C 97 -2.66 10.48 -37.78
C ALA C 97 -1.92 11.41 -38.74
N LEU C 98 -2.20 12.72 -38.67
CA LEU C 98 -1.56 13.69 -39.56
C LEU C 98 -0.07 13.84 -39.23
N ARG C 99 0.23 14.00 -37.95
CA ARG C 99 1.61 14.13 -37.48
C ARG C 99 2.46 12.95 -37.95
N GLN C 100 1.94 11.74 -37.78
CA GLN C 100 2.67 10.54 -38.15
C GLN C 100 2.91 10.52 -39.65
N LYS C 101 1.93 11.01 -40.41
CA LYS C 101 2.00 10.95 -41.85
C LYS C 101 3.09 11.89 -42.35
N ILE C 102 3.19 13.05 -41.70
CA ILE C 102 4.23 14.02 -42.03
C ILE C 102 5.60 13.51 -41.59
N MET C 103 5.64 12.85 -40.43
CA MET C 103 6.88 12.37 -39.87
C MET C 103 7.47 11.14 -40.59
N GLU C 104 6.73 10.56 -41.53
CA GLU C 104 7.27 9.47 -42.32
C GLU C 104 7.43 9.85 -43.78
N SER C 105 7.28 11.14 -44.05
CA SER C 105 7.50 11.68 -45.39
C SER C 105 8.97 12.01 -45.59
N GLY C 106 9.38 12.16 -46.84
CA GLY C 106 10.76 12.54 -47.15
C GLY C 106 10.86 13.94 -47.73
N GLY C 107 9.79 14.72 -47.57
CA GLY C 107 9.77 16.09 -48.05
C GLY C 107 8.37 16.63 -48.27
N ILE C 108 8.26 17.93 -48.56
CA ILE C 108 6.98 18.59 -48.77
C ILE C 108 7.09 19.61 -49.89
N ASN C 109 6.15 19.58 -50.82
CA ASN C 109 5.99 20.67 -51.77
C ASN C 109 4.69 21.41 -51.50
N LYS C 110 4.65 22.70 -51.84
CA LYS C 110 3.43 23.49 -51.67
C LYS C 110 2.93 23.93 -53.05
N ILE C 111 1.66 23.70 -53.32
CA ILE C 111 1.09 24.10 -54.60
C ILE C 111 -0.11 25.02 -54.37
N SER C 112 -0.15 26.12 -55.11
CA SER C 112 -1.18 27.13 -54.91
C SER C 112 -2.57 26.59 -55.23
N THR C 113 -3.58 27.03 -54.48
CA THR C 113 -4.95 26.62 -54.74
C THR C 113 -5.55 27.49 -55.83
N GLY C 114 -5.07 28.73 -55.92
CA GLY C 114 -5.55 29.64 -56.94
C GLY C 114 -6.90 30.24 -56.60
N PHE C 115 -7.30 30.12 -55.34
CA PHE C 115 -8.57 30.67 -54.88
C PHE C 115 -8.61 32.20 -55.01
N THR C 116 -9.68 32.71 -55.61
CA THR C 116 -9.87 34.14 -55.80
C THR C 116 -11.18 34.55 -55.14
N TYR C 117 -11.30 35.81 -54.73
CA TYR C 117 -12.49 36.24 -53.98
C TYR C 117 -13.08 37.57 -54.44
N GLY C 118 -14.39 37.71 -54.35
CA GLY C 118 -15.08 38.95 -54.69
C GLY C 118 -14.74 40.09 -53.74
N SER C 119 -14.89 41.31 -54.24
CA SER C 119 -14.50 42.54 -53.53
C SER C 119 -15.22 42.72 -52.19
N SER C 120 -16.38 42.09 -52.05
CA SER C 120 -17.10 42.10 -50.78
C SER C 120 -16.35 41.32 -49.69
N ILE C 121 -15.38 40.50 -50.10
CA ILE C 121 -14.56 39.72 -49.17
C ILE C 121 -13.16 40.31 -48.93
N ASN C 122 -12.83 40.53 -47.66
CA ASN C 122 -11.45 40.75 -47.25
C ASN C 122 -10.77 39.41 -46.98
N SER C 123 -9.77 39.07 -47.78
CA SER C 123 -9.09 37.80 -47.61
C SER C 123 -7.78 37.99 -46.86
N ALA C 124 -7.49 39.23 -46.50
CA ALA C 124 -6.25 39.55 -45.80
C ALA C 124 -6.44 39.78 -44.31
N GLY C 125 -7.40 39.07 -43.72
CA GLY C 125 -7.62 39.13 -42.29
C GLY C 125 -6.41 38.65 -41.54
N THR C 126 -6.22 39.19 -40.34
CA THR C 126 -4.93 39.10 -39.68
C THR C 126 -5.11 39.15 -38.16
N THR C 127 -4.11 38.72 -37.40
CA THR C 127 -4.28 38.62 -35.94
C THR C 127 -3.00 38.80 -35.11
N ARG C 128 -3.15 39.45 -33.95
CA ARG C 128 -2.06 39.65 -32.99
C ARG C 128 -1.56 38.28 -32.44
N ALA C 129 -2.32 37.23 -32.69
CA ALA C 129 -1.93 35.89 -32.28
C ALA C 129 -0.80 35.30 -33.16
N CYS C 130 -0.73 35.76 -34.41
CA CYS C 130 0.33 35.35 -35.34
C CYS C 130 1.15 36.56 -35.74
N MET C 131 2.40 36.63 -35.28
CA MET C 131 3.26 37.78 -35.51
C MET C 131 4.33 37.50 -36.56
N ARG C 132 4.55 38.45 -37.47
CA ARG C 132 5.70 38.44 -38.37
C ARG C 132 6.29 39.84 -38.42
N ASN C 133 7.62 39.94 -38.33
CA ASN C 133 8.28 41.24 -38.28
C ASN C 133 7.68 42.16 -37.20
N GLY C 134 7.26 41.55 -36.09
CA GLY C 134 6.72 42.31 -34.98
C GLY C 134 5.31 42.85 -35.17
N GLY C 135 4.65 42.43 -36.25
CA GLY C 135 3.31 42.91 -36.53
C GLY C 135 2.30 41.80 -36.79
N ASN C 136 1.03 42.16 -36.79
CA ASN C 136 -0.05 41.20 -36.99
C ASN C 136 0.05 40.44 -38.32
N SER C 137 -0.09 39.12 -38.26
CA SER C 137 -0.03 38.30 -39.47
C SER C 137 -1.07 37.16 -39.44
N PHE C 138 -0.78 36.07 -40.16
CA PHE C 138 -1.66 34.90 -40.16
C PHE C 138 -0.92 33.69 -40.69
N TYR C 139 -1.58 32.53 -40.66
CA TYR C 139 -1.01 31.30 -41.18
C TYR C 139 -0.64 31.50 -42.66
N ALA C 140 0.62 31.25 -42.99
CA ALA C 140 1.12 31.54 -44.34
C ALA C 140 0.35 30.84 -45.46
N GLU C 141 -0.22 29.67 -45.17
CA GLU C 141 -0.85 28.82 -46.18
C GLU C 141 -2.36 28.92 -46.14
N LEU C 142 -2.87 29.82 -45.31
CA LEU C 142 -4.31 29.97 -45.20
C LEU C 142 -4.68 31.44 -45.32
N LYS C 143 -5.97 31.68 -45.53
CA LYS C 143 -6.50 33.04 -45.62
C LYS C 143 -7.75 33.14 -44.77
N TRP C 144 -7.76 34.09 -43.84
CA TRP C 144 -8.92 34.29 -43.00
C TRP C 144 -9.87 35.22 -43.75
N LEU C 145 -10.91 34.65 -44.35
CA LEU C 145 -11.88 35.40 -45.13
C LEU C 145 -12.88 36.06 -44.20
N VAL C 146 -13.16 37.34 -44.46
CA VAL C 146 -14.03 38.15 -43.62
C VAL C 146 -14.74 39.19 -44.51
N SER C 147 -16.00 39.49 -44.23
CA SER C 147 -16.71 40.53 -44.98
C SER C 147 -15.90 41.81 -45.00
N LYS C 148 -15.64 42.35 -46.19
CA LYS C 148 -14.99 43.66 -46.29
C LYS C 148 -15.93 44.64 -45.61
N SER C 149 -17.21 44.42 -45.88
CA SER C 149 -18.30 45.21 -45.33
C SER C 149 -18.69 44.73 -43.92
N LYS C 150 -18.12 45.36 -42.89
CA LYS C 150 -18.35 44.95 -41.49
C LYS C 150 -19.81 44.92 -41.05
N GLY C 151 -20.20 43.80 -40.42
CA GLY C 151 -21.57 43.60 -40.02
C GLY C 151 -22.44 43.09 -41.15
N GLN C 152 -21.95 43.25 -42.38
CA GLN C 152 -22.70 42.79 -43.55
C GLN C 152 -22.46 41.32 -43.85
N ASN C 153 -23.50 40.66 -44.35
CA ASN C 153 -23.43 39.24 -44.64
C ASN C 153 -22.37 38.88 -45.68
N PHE C 154 -21.47 37.97 -45.28
CA PHE C 154 -20.49 37.37 -46.16
C PHE C 154 -21.22 36.81 -47.36
N PRO C 155 -20.69 37.04 -48.57
CA PRO C 155 -21.35 36.52 -49.77
C PRO C 155 -21.34 35.00 -49.80
N GLN C 156 -22.35 34.38 -50.40
CA GLN C 156 -22.34 32.94 -50.57
C GLN C 156 -21.36 32.60 -51.67
N THR C 157 -20.20 32.04 -51.31
CA THR C 157 -19.17 31.77 -52.32
C THR C 157 -18.77 30.30 -52.45
N THR C 158 -18.24 29.97 -53.61
CA THR C 158 -17.83 28.62 -53.94
C THR C 158 -16.38 28.68 -54.45
N ASN C 159 -15.55 27.75 -53.97
CA ASN C 159 -14.18 27.66 -54.42
C ASN C 159 -13.84 26.19 -54.67
N THR C 160 -13.19 25.90 -55.78
CA THR C 160 -12.85 24.53 -56.11
C THR C 160 -11.38 24.37 -56.46
N TYR C 161 -10.67 23.54 -55.70
CA TYR C 161 -9.30 23.17 -56.04
C TYR C 161 -9.29 21.86 -56.82
N ARG C 162 -8.68 21.88 -57.99
CA ARG C 162 -8.57 20.70 -58.82
C ARG C 162 -7.13 20.21 -58.83
N ASN C 163 -6.94 18.92 -58.54
CA ASN C 163 -5.60 18.34 -58.51
C ASN C 163 -5.19 17.79 -59.88
N THR C 164 -4.29 18.52 -60.54
CA THR C 164 -3.87 18.20 -61.90
C THR C 164 -2.56 17.41 -61.93
N ASP C 165 -2.23 16.76 -60.82
CA ASP C 165 -0.93 16.10 -60.66
C ASP C 165 -1.11 14.58 -60.64
N THR C 166 -0.01 13.83 -60.62
CA THR C 166 -0.09 12.38 -60.68
C THR C 166 -0.06 11.78 -59.28
N ALA C 167 -0.05 12.64 -58.27
CA ALA C 167 0.04 12.19 -56.89
C ALA C 167 -0.99 12.89 -56.02
N GLU C 168 -1.41 12.24 -54.94
CA GLU C 168 -2.38 12.83 -54.02
C GLU C 168 -1.84 14.08 -53.30
N HIS C 169 -2.72 15.03 -53.03
CA HIS C 169 -2.34 16.22 -52.31
C HIS C 169 -3.02 16.28 -50.94
N LEU C 170 -2.30 16.77 -49.94
CA LEU C 170 -2.87 17.02 -48.61
C LEU C 170 -3.45 18.45 -48.60
N ILE C 171 -4.78 18.58 -48.47
CA ILE C 171 -5.39 19.90 -48.32
C ILE C 171 -5.89 20.09 -46.88
N MET C 172 -5.58 21.26 -46.31
CA MET C 172 -6.03 21.59 -44.97
C MET C 172 -6.82 22.88 -45.04
N TRP C 173 -7.75 23.03 -44.10
CA TRP C 173 -8.53 24.25 -44.01
C TRP C 173 -8.94 24.41 -42.57
N GLY C 174 -9.45 25.59 -42.21
CA GLY C 174 -9.88 25.85 -40.86
C GLY C 174 -11.33 26.29 -40.84
N ILE C 175 -11.96 26.17 -39.68
CA ILE C 175 -13.32 26.67 -39.48
C ILE C 175 -13.26 27.58 -38.26
N HIS C 176 -13.70 28.84 -38.41
CA HIS C 176 -13.61 29.76 -37.29
C HIS C 176 -14.78 29.59 -36.34
N HIS C 177 -14.45 29.55 -35.05
CA HIS C 177 -15.46 29.50 -34.00
C HIS C 177 -15.25 30.70 -33.09
N PRO C 178 -16.01 31.78 -33.34
CA PRO C 178 -15.91 33.05 -32.63
C PRO C 178 -16.27 32.91 -31.15
N SER C 179 -15.83 33.87 -30.33
CA SER C 179 -16.08 33.79 -28.88
C SER C 179 -17.24 34.69 -28.42
N SER C 180 -17.91 35.35 -29.38
CA SER C 180 -19.04 36.20 -29.04
C SER C 180 -20.01 36.34 -30.22
N THR C 181 -21.24 36.72 -29.92
CA THR C 181 -22.25 36.98 -30.95
C THR C 181 -21.87 38.22 -31.77
N GLN C 182 -21.28 39.20 -31.09
CA GLN C 182 -20.88 40.43 -31.76
C GLN C 182 -19.72 40.17 -32.70
N GLU C 183 -18.70 39.45 -32.21
CA GLU C 183 -17.56 39.06 -33.04
C GLU C 183 -18.07 38.38 -34.31
N LYS C 184 -18.96 37.39 -34.14
CA LYS C 184 -19.55 36.67 -35.27
C LYS C 184 -20.17 37.62 -36.30
N ASN C 185 -21.16 38.41 -35.85
CA ASN C 185 -21.90 39.32 -36.73
C ASN C 185 -21.01 40.33 -37.48
N ASP C 186 -20.04 40.91 -36.79
CA ASP C 186 -19.06 41.80 -37.41
C ASP C 186 -18.27 41.15 -38.56
N LEU C 187 -17.87 39.89 -38.38
CA LEU C 187 -17.01 39.20 -39.34
C LEU C 187 -17.76 38.62 -40.55
N TYR C 188 -18.96 38.08 -40.31
CA TYR C 188 -19.64 37.31 -41.34
C TYR C 188 -21.11 37.71 -41.57
N GLY C 189 -21.62 38.62 -40.74
CA GLY C 189 -23.00 39.05 -40.84
C GLY C 189 -23.92 38.31 -39.88
N THR C 190 -25.22 38.47 -40.07
CA THR C 190 -26.22 37.96 -39.12
C THR C 190 -26.84 36.65 -39.56
N GLN C 191 -26.57 36.25 -40.80
CA GLN C 191 -27.16 35.07 -41.41
C GLN C 191 -26.72 33.75 -40.76
N SER C 192 -27.48 32.69 -41.02
CA SER C 192 -27.06 31.35 -40.64
C SER C 192 -25.81 31.02 -41.44
N ILE C 193 -24.92 30.25 -40.85
CA ILE C 193 -23.60 30.05 -41.42
C ILE C 193 -23.25 28.57 -41.59
N SER C 194 -22.82 28.20 -42.80
CA SER C 194 -22.48 26.82 -43.12
C SER C 194 -21.26 26.74 -44.04
N ILE C 195 -20.42 25.73 -43.82
CA ILE C 195 -19.31 25.45 -44.73
C ILE C 195 -19.41 24.01 -45.18
N SER C 196 -19.55 23.83 -46.49
CA SER C 196 -19.70 22.52 -47.09
C SER C 196 -18.44 22.20 -47.88
N VAL C 197 -17.90 21.01 -47.70
CA VAL C 197 -16.68 20.61 -48.40
C VAL C 197 -16.90 19.26 -49.04
N GLY C 198 -16.75 19.18 -50.37
CA GLY C 198 -16.96 17.91 -51.05
C GLY C 198 -16.00 17.59 -52.19
N SER C 199 -15.53 16.34 -52.20
CA SER C 199 -14.78 15.79 -53.34
C SER C 199 -15.51 14.52 -53.77
N SER C 200 -14.83 13.67 -54.54
CA SER C 200 -15.40 12.37 -54.95
C SER C 200 -15.39 11.37 -53.82
N THR C 201 -14.50 11.59 -52.86
CA THR C 201 -14.30 10.66 -51.76
C THR C 201 -14.70 11.27 -50.42
N TYR C 202 -14.55 12.58 -50.30
CA TYR C 202 -14.81 13.26 -49.04
C TYR C 202 -16.01 14.20 -49.13
N ARG C 203 -16.86 14.18 -48.11
CA ARG C 203 -17.78 15.29 -47.89
C ARG C 203 -18.11 15.49 -46.42
N ASN C 204 -18.26 16.75 -46.04
CA ASN C 204 -18.48 17.14 -44.66
C ASN C 204 -19.09 18.53 -44.60
N ASN C 205 -19.77 18.83 -43.51
CA ASN C 205 -20.35 20.15 -43.31
C ASN C 205 -19.85 20.71 -41.98
N PHE C 206 -19.70 22.03 -41.90
CA PHE C 206 -19.17 22.68 -40.71
C PHE C 206 -19.98 23.91 -40.36
N VAL C 207 -20.31 24.08 -39.08
CA VAL C 207 -21.04 25.27 -38.63
C VAL C 207 -20.27 25.97 -37.52
N PRO C 208 -19.89 27.24 -37.75
CA PRO C 208 -19.25 28.06 -36.73
C PRO C 208 -20.15 28.22 -35.54
N VAL C 209 -19.58 28.06 -34.34
CA VAL C 209 -20.33 28.10 -33.10
C VAL C 209 -19.75 29.13 -32.15
N VAL C 210 -20.60 30.02 -31.66
CA VAL C 210 -20.20 31.03 -30.70
C VAL C 210 -20.10 30.43 -29.29
N GLY C 211 -19.03 30.73 -28.57
CA GLY C 211 -18.87 30.23 -27.22
C GLY C 211 -17.81 30.96 -26.41
N ALA C 212 -18.11 31.27 -25.15
CA ALA C 212 -17.13 31.92 -24.30
C ALA C 212 -16.06 30.90 -23.92
N ARG C 213 -14.79 31.32 -23.98
CA ARG C 213 -13.67 30.40 -23.76
C ARG C 213 -12.49 31.16 -23.15
N PRO C 214 -11.61 30.45 -22.42
CA PRO C 214 -10.39 31.14 -21.96
C PRO C 214 -9.51 31.64 -23.11
N GLN C 215 -8.76 32.71 -22.86
CA GLN C 215 -7.89 33.27 -23.86
C GLN C 215 -6.62 32.45 -24.01
N VAL C 216 -6.28 32.08 -25.25
CA VAL C 216 -5.00 31.43 -25.53
C VAL C 216 -4.30 32.31 -26.55
N ASN C 217 -3.06 32.67 -26.27
CA ASN C 217 -2.33 33.66 -27.07
C ASN C 217 -3.18 34.89 -27.35
N GLY C 218 -3.90 35.35 -26.33
CA GLY C 218 -4.70 36.55 -26.42
C GLY C 218 -6.10 36.37 -26.97
N GLN C 219 -6.42 35.14 -27.40
CA GLN C 219 -7.68 34.92 -28.13
C GLN C 219 -8.59 33.89 -27.46
N SER C 220 -9.88 34.19 -27.44
CA SER C 220 -10.86 33.24 -26.95
C SER C 220 -11.64 32.61 -28.09
N GLY C 221 -11.46 33.17 -29.29
CA GLY C 221 -11.93 32.51 -30.49
C GLY C 221 -11.09 31.26 -30.73
N ARG C 222 -11.58 30.39 -31.60
CA ARG C 222 -10.83 29.18 -31.95
C ARG C 222 -10.91 28.95 -33.45
N ILE C 223 -10.00 28.11 -33.95
CA ILE C 223 -10.09 27.61 -35.31
C ILE C 223 -9.94 26.10 -35.26
N ASP C 224 -10.94 25.37 -35.75
CA ASP C 224 -10.80 23.93 -35.93
C ASP C 224 -10.16 23.68 -37.29
N PHE C 225 -9.08 22.90 -37.33
CA PHE C 225 -8.46 22.53 -38.60
C PHE C 225 -8.90 21.15 -39.04
N HIS C 226 -9.12 21.02 -40.35
CA HIS C 226 -9.53 19.75 -40.95
C HIS C 226 -8.67 19.50 -42.17
N TRP C 227 -8.58 18.22 -42.58
CA TRP C 227 -7.76 17.84 -43.72
C TRP C 227 -8.28 16.59 -44.44
N THR C 228 -7.99 16.49 -45.74
CA THR C 228 -7.98 15.19 -46.45
C THR C 228 -6.93 15.11 -47.53
N LEU C 229 -6.89 13.95 -48.17
CA LEU C 229 -6.06 13.74 -49.35
C LEU C 229 -6.94 13.88 -50.58
N VAL C 230 -6.56 14.78 -51.49
CA VAL C 230 -7.22 14.91 -52.78
C VAL C 230 -6.47 14.04 -53.79
N GLN C 231 -7.15 13.04 -54.34
CA GLN C 231 -6.52 12.10 -55.28
C GLN C 231 -6.25 12.76 -56.65
N PRO C 232 -5.28 12.21 -57.41
CA PRO C 232 -4.97 12.77 -58.72
C PRO C 232 -6.17 12.75 -59.65
N GLY C 233 -6.45 13.87 -60.30
CA GLY C 233 -7.58 13.97 -61.20
C GLY C 233 -8.85 14.47 -60.54
N ASP C 234 -8.87 14.46 -59.21
CA ASP C 234 -10.07 14.82 -58.47
C ASP C 234 -10.13 16.31 -58.12
N ASN C 235 -11.35 16.81 -58.00
CA ASN C 235 -11.59 18.17 -57.55
C ASN C 235 -12.24 18.12 -56.18
N ILE C 236 -11.99 19.14 -55.37
CA ILE C 236 -12.65 19.29 -54.07
C ILE C 236 -13.26 20.68 -53.95
N THR C 237 -14.50 20.73 -53.47
CA THR C 237 -15.27 21.96 -53.52
C THR C 237 -15.69 22.49 -52.16
N PHE C 238 -15.37 23.76 -51.92
CA PHE C 238 -15.77 24.47 -50.71
C PHE C 238 -16.97 25.38 -51.03
N SER C 239 -18.10 25.12 -50.39
CA SER C 239 -19.24 26.03 -50.45
C SER C 239 -19.44 26.61 -49.06
N HIS C 240 -19.47 27.95 -48.97
CA HIS C 240 -19.44 28.61 -47.67
C HIS C 240 -19.96 30.04 -47.71
N ASN C 241 -20.37 30.55 -46.55
CA ASN C 241 -20.85 31.94 -46.42
C ASN C 241 -20.33 32.60 -45.13
N GLY C 242 -19.10 32.26 -44.75
CA GLY C 242 -18.45 32.88 -43.60
C GLY C 242 -17.98 31.88 -42.57
N GLY C 243 -16.71 31.94 -42.18
CA GLY C 243 -16.22 31.01 -41.17
C GLY C 243 -15.19 30.03 -41.71
N LEU C 244 -15.15 29.90 -43.03
CA LEU C 244 -14.10 29.12 -43.67
C LEU C 244 -12.80 29.88 -43.51
N ILE C 245 -11.76 29.20 -43.01
CA ILE C 245 -10.42 29.71 -43.13
C ILE C 245 -9.84 28.96 -44.32
N ALA C 246 -9.70 29.66 -45.45
CA ALA C 246 -9.45 29.01 -46.74
C ALA C 246 -7.98 28.74 -47.04
N PRO C 247 -7.70 27.61 -47.72
CA PRO C 247 -6.32 27.28 -48.10
C PRO C 247 -5.86 28.06 -49.33
N SER C 248 -4.69 28.68 -49.25
CA SER C 248 -4.14 29.36 -50.42
C SER C 248 -3.08 28.50 -51.08
N ARG C 249 -2.49 27.61 -50.30
CA ARG C 249 -1.61 26.59 -50.82
C ARG C 249 -2.03 25.23 -50.29
N VAL C 250 -1.52 24.19 -50.94
CA VAL C 250 -1.89 22.82 -50.64
C VAL C 250 -0.59 22.02 -50.55
N SER C 251 -0.58 20.96 -49.76
CA SER C 251 0.66 20.23 -49.51
C SER C 251 0.76 18.93 -50.32
N LYS C 252 2.00 18.53 -50.57
CA LYS C 252 2.28 17.27 -51.26
C LYS C 252 3.43 16.60 -50.55
N LEU C 253 3.13 15.48 -49.87
CA LEU C 253 4.16 14.76 -49.12
C LEU C 253 4.98 13.88 -50.07
N ILE C 254 6.31 14.00 -49.99
CA ILE C 254 7.19 13.32 -50.94
C ILE C 254 8.03 12.23 -50.29
N GLY C 255 8.17 11.09 -50.95
CA GLY C 255 9.05 10.03 -50.51
C GLY C 255 8.85 9.56 -49.08
N ARG C 256 9.84 8.85 -48.54
CA ARG C 256 9.75 8.38 -47.17
C ARG C 256 10.93 8.89 -46.34
N GLY C 257 10.69 9.11 -45.05
CA GLY C 257 11.75 9.55 -44.15
C GLY C 257 11.54 8.97 -42.77
N LEU C 258 12.58 9.06 -41.93
CA LEU C 258 12.51 8.61 -40.55
C LEU C 258 12.18 9.77 -39.63
N GLY C 259 11.09 9.67 -38.88
CA GLY C 259 10.75 10.69 -37.92
C GLY C 259 11.28 10.45 -36.52
N ILE C 260 12.02 11.41 -35.99
CA ILE C 260 12.59 11.27 -34.64
C ILE C 260 12.03 12.33 -33.68
N GLN C 261 11.57 11.90 -32.51
CA GLN C 261 11.20 12.82 -31.44
C GLN C 261 12.26 12.74 -30.34
N SER C 262 13.01 13.82 -30.17
CA SER C 262 14.13 13.83 -29.25
C SER C 262 14.58 15.26 -29.05
N ASP C 263 15.07 15.56 -27.84
CA ASP C 263 15.64 16.89 -27.59
C ASP C 263 17.16 16.86 -27.55
N ALA C 264 17.73 15.73 -27.96
CA ALA C 264 19.17 15.57 -27.99
C ALA C 264 19.82 16.46 -29.05
N PRO C 265 21.01 16.99 -28.75
CA PRO C 265 21.82 17.79 -29.68
C PRO C 265 22.15 17.03 -30.95
N ILE C 266 22.25 17.73 -32.08
CA ILE C 266 22.64 17.09 -33.33
C ILE C 266 24.16 17.00 -33.44
N ASP C 267 24.65 15.81 -33.81
CA ASP C 267 26.06 15.60 -34.09
C ASP C 267 26.18 15.16 -35.54
N ASN C 268 26.94 15.92 -36.33
CA ASN C 268 27.09 15.62 -37.75
C ASN C 268 28.32 14.77 -38.07
N ASN C 269 29.07 14.41 -37.02
CA ASN C 269 30.29 13.63 -37.21
C ASN C 269 30.11 12.16 -36.85
N CYS C 270 29.02 11.83 -36.16
CA CYS C 270 28.72 10.43 -35.86
C CYS C 270 27.56 9.88 -36.70
N GLU C 271 27.66 8.59 -37.03
CA GLU C 271 26.62 7.91 -37.81
C GLU C 271 25.78 7.03 -36.89
N SER C 272 24.56 6.72 -37.31
CA SER C 272 23.68 5.83 -36.55
C SER C 272 22.39 5.45 -37.31
N LYS C 273 21.73 4.41 -36.82
CA LYS C 273 20.49 3.92 -37.44
C LYS C 273 19.40 3.66 -36.41
N CYS C 274 19.70 3.98 -35.15
CA CYS C 274 18.80 3.72 -34.04
C CYS C 274 18.70 4.94 -33.12
N PHE C 275 17.48 5.39 -32.88
CA PHE C 275 17.27 6.63 -32.13
C PHE C 275 16.17 6.47 -31.11
N TRP C 276 16.29 7.26 -30.04
CA TRP C 276 15.22 7.39 -29.05
C TRP C 276 15.26 8.80 -28.48
N ARG C 277 14.32 9.14 -27.60
CA ARG C 277 14.24 10.48 -27.05
C ARG C 277 15.59 11.00 -26.52
N GLY C 278 16.41 10.10 -25.99
CA GLY C 278 17.69 10.47 -25.41
C GLY C 278 18.89 10.54 -26.35
N GLY C 279 18.70 10.15 -27.61
CA GLY C 279 19.77 10.25 -28.58
C GLY C 279 19.88 9.08 -29.54
N SER C 280 21.11 8.62 -29.77
CA SER C 280 21.37 7.52 -30.69
C SER C 280 21.90 6.27 -29.97
N ILE C 281 21.77 5.13 -30.63
CA ILE C 281 22.36 3.88 -30.16
C ILE C 281 23.20 3.26 -31.27
N ASN C 282 24.50 3.08 -30.99
CA ASN C 282 25.41 2.39 -31.92
C ASN C 282 25.96 1.14 -31.25
N THR C 283 25.48 -0.03 -31.67
CA THR C 283 25.99 -1.29 -31.14
C THR C 283 25.94 -2.40 -32.14
N ARG C 284 26.72 -3.44 -31.84
CA ARG C 284 26.66 -4.69 -32.56
C ARG C 284 25.86 -5.70 -31.74
N LEU C 285 25.67 -5.37 -30.46
CA LEU C 285 24.91 -6.22 -29.54
C LEU C 285 23.46 -6.33 -29.97
N PRO C 286 22.85 -7.52 -29.77
CA PRO C 286 21.47 -7.76 -30.21
C PRO C 286 20.42 -7.17 -29.27
N PHE C 287 20.81 -6.85 -28.04
CA PHE C 287 19.88 -6.30 -27.05
C PHE C 287 20.37 -4.97 -26.46
N GLN C 288 19.44 -4.21 -25.88
CA GLN C 288 19.77 -2.95 -25.22
C GLN C 288 18.74 -2.69 -24.12
N ASN C 289 19.15 -2.06 -23.03
CA ASN C 289 18.19 -1.71 -21.97
C ASN C 289 17.99 -0.20 -21.79
N LEU C 290 18.33 0.57 -22.83
CA LEU C 290 18.22 2.02 -22.79
C LEU C 290 16.77 2.50 -22.82
N SER C 291 15.97 1.94 -23.72
CA SER C 291 14.59 2.38 -23.90
C SER C 291 13.74 1.41 -24.71
N PRO C 292 12.51 1.17 -24.25
CA PRO C 292 11.50 0.38 -24.97
C PRO C 292 10.83 1.22 -26.08
N ARG C 293 11.29 2.45 -26.29
CA ARG C 293 10.76 3.33 -27.34
C ARG C 293 11.86 3.81 -28.28
N THR C 294 12.10 3.08 -29.36
CA THR C 294 13.21 3.40 -30.24
C THR C 294 12.67 3.48 -31.66
N VAL C 295 13.42 4.12 -32.57
CA VAL C 295 13.03 4.15 -33.98
C VAL C 295 14.23 3.82 -34.86
N GLY C 296 13.97 3.31 -36.06
CA GLY C 296 15.05 2.91 -36.95
C GLY C 296 15.43 1.44 -36.79
N GLN C 297 16.72 1.14 -36.97
CA GLN C 297 17.19 -0.24 -36.89
C GLN C 297 17.88 -0.46 -35.54
N CYS C 298 17.16 -1.08 -34.62
CA CYS C 298 17.58 -1.09 -33.21
C CYS C 298 17.71 -2.49 -32.65
N PRO C 299 18.61 -2.66 -31.67
CA PRO C 299 18.63 -3.89 -30.87
C PRO C 299 17.30 -4.02 -30.15
N LYS C 300 16.93 -5.23 -29.78
CA LYS C 300 15.67 -5.44 -29.07
C LYS C 300 15.80 -4.98 -27.61
N TYR C 301 14.80 -4.26 -27.10
CA TYR C 301 14.83 -3.82 -25.71
C TYR C 301 14.65 -5.00 -24.77
N VAL C 302 15.43 -5.01 -23.69
CA VAL C 302 15.32 -6.04 -22.66
C VAL C 302 15.36 -5.49 -21.23
N ASN C 303 14.66 -6.16 -20.32
CA ASN C 303 14.58 -5.80 -18.92
C ASN C 303 15.74 -6.28 -18.04
N ARG C 304 16.97 -6.17 -18.52
CA ARG C 304 18.14 -6.61 -17.75
C ARG C 304 19.29 -5.63 -17.92
N ARG C 305 20.07 -5.44 -16.86
CA ARG C 305 21.27 -4.61 -16.93
C ARG C 305 22.36 -5.32 -17.71
N SER C 306 22.47 -6.62 -17.49
CA SER C 306 23.57 -7.39 -18.04
C SER C 306 23.23 -8.86 -18.23
N LEU C 307 23.71 -9.41 -19.34
CA LEU C 307 23.59 -10.83 -19.62
C LEU C 307 24.91 -11.20 -20.27
N MET C 308 25.80 -11.79 -19.48
CA MET C 308 27.14 -12.08 -19.94
C MET C 308 27.20 -13.40 -20.70
N LEU C 309 27.80 -13.37 -21.88
CA LEU C 309 28.00 -14.58 -22.68
C LEU C 309 29.41 -15.07 -22.47
N ALA C 310 29.54 -16.30 -21.98
CA ALA C 310 30.86 -16.87 -21.77
C ALA C 310 31.66 -16.90 -23.06
N THR C 311 32.92 -16.49 -22.99
CA THR C 311 33.84 -16.64 -24.10
C THR C 311 35.05 -17.48 -23.67
N GLY C 312 34.89 -18.25 -22.60
CA GLY C 312 35.96 -19.12 -22.13
C GLY C 312 35.47 -20.29 -21.29
N MET C 313 36.39 -21.18 -20.92
CA MET C 313 36.08 -22.36 -20.13
C MET C 313 35.88 -22.01 -18.67
N ARG C 314 35.39 -22.97 -17.88
CA ARG C 314 35.32 -22.82 -16.42
C ARG C 314 36.66 -22.36 -15.85
N ASN C 315 36.63 -21.39 -14.95
CA ASN C 315 37.85 -21.04 -14.26
C ASN C 315 38.01 -21.89 -13.00
N VAL C 316 39.09 -22.68 -12.97
CA VAL C 316 39.37 -23.56 -11.84
C VAL C 316 40.74 -23.20 -11.28
N PRO C 317 40.78 -22.18 -10.40
CA PRO C 317 42.02 -21.58 -9.90
C PRO C 317 42.82 -22.46 -8.93
N GLU C 318 44.14 -22.41 -9.06
CA GLU C 318 45.11 -22.91 -8.07
C GLU C 318 46.52 -22.84 -8.65
N GLY D 1 32.18 -32.03 -14.88
CA GLY D 1 31.27 -31.55 -15.92
C GLY D 1 31.00 -32.64 -16.93
N LEU D 2 30.46 -32.25 -18.09
CA LEU D 2 29.99 -33.21 -19.09
C LEU D 2 31.08 -34.20 -19.49
N PHE D 3 32.28 -33.69 -19.73
CA PHE D 3 33.34 -34.54 -20.26
C PHE D 3 34.39 -34.96 -19.22
N GLY D 4 34.21 -34.51 -17.98
CA GLY D 4 34.93 -35.08 -16.85
C GLY D 4 36.34 -34.61 -16.61
N ALA D 5 36.86 -33.80 -17.54
CA ALA D 5 38.22 -33.31 -17.45
C ALA D 5 38.32 -32.00 -16.67
N ILE D 6 37.98 -30.90 -17.32
CA ILE D 6 38.00 -29.57 -16.68
C ILE D 6 37.01 -29.55 -15.53
N ALA D 7 37.50 -29.17 -14.34
CA ALA D 7 36.74 -29.29 -13.09
C ALA D 7 36.33 -30.74 -12.81
N GLY D 8 37.08 -31.68 -13.37
CA GLY D 8 36.80 -33.09 -13.19
C GLY D 8 38.04 -33.80 -12.70
N PHE D 9 38.52 -34.80 -13.45
CA PHE D 9 39.71 -35.52 -13.01
C PHE D 9 40.98 -34.67 -13.00
N LEU D 10 40.95 -33.55 -13.72
CA LEU D 10 42.03 -32.56 -13.64
C LEU D 10 41.77 -31.66 -12.42
N GLU D 11 42.67 -31.71 -11.44
CA GLU D 11 42.48 -31.02 -10.16
C GLU D 11 42.19 -29.53 -10.34
N ASN D 12 42.92 -28.89 -11.24
CA ASN D 12 42.79 -27.44 -11.44
C ASN D 12 43.51 -26.94 -12.69
N GLY D 13 43.33 -25.66 -12.99
CA GLY D 13 43.97 -25.04 -14.13
C GLY D 13 45.34 -24.48 -13.82
N TRP D 14 46.03 -24.02 -14.86
CA TRP D 14 47.38 -23.49 -14.74
C TRP D 14 47.42 -21.99 -15.05
N GLU D 15 47.51 -21.17 -14.01
CA GLU D 15 47.56 -19.72 -14.20
C GLU D 15 48.82 -19.30 -14.95
N GLY D 16 49.90 -20.07 -14.78
CA GLY D 16 51.15 -19.78 -15.43
C GLY D 16 51.19 -20.03 -16.93
N MET D 17 50.16 -20.71 -17.45
CA MET D 17 50.07 -20.90 -18.89
C MET D 17 49.23 -19.77 -19.50
N VAL D 18 49.90 -18.70 -19.93
CA VAL D 18 49.23 -17.58 -20.59
C VAL D 18 49.50 -17.74 -22.07
N ASP D 19 50.04 -18.90 -22.42
CA ASP D 19 50.53 -19.23 -23.75
C ASP D 19 49.41 -19.78 -24.64
N GLY D 20 48.31 -20.18 -24.01
CA GLY D 20 47.21 -20.85 -24.69
C GLY D 20 46.18 -21.41 -23.72
N TRP D 21 45.27 -22.24 -24.24
CA TRP D 21 44.16 -22.77 -23.43
C TRP D 21 44.46 -24.15 -22.84
N TYR D 22 45.07 -25.02 -23.64
CA TYR D 22 45.40 -26.37 -23.24
C TYR D 22 46.89 -26.60 -23.44
N GLY D 23 47.49 -27.51 -22.67
CA GLY D 23 48.90 -27.78 -22.86
C GLY D 23 49.57 -28.84 -22.01
N PHE D 24 50.89 -28.76 -21.95
CA PHE D 24 51.71 -29.83 -21.39
C PHE D 24 52.65 -29.37 -20.29
N ARG D 25 52.79 -30.20 -19.27
CA ARG D 25 53.86 -30.05 -18.29
C ARG D 25 54.52 -31.40 -18.13
N HIS D 26 55.84 -31.44 -18.29
CA HIS D 26 56.56 -32.70 -18.22
C HIS D 26 57.61 -32.70 -17.10
N GLN D 27 58.00 -33.91 -16.70
CA GLN D 27 59.09 -34.10 -15.74
C GLN D 27 60.02 -35.16 -16.31
N ASN D 28 61.30 -34.83 -16.46
CA ASN D 28 62.28 -35.82 -16.85
C ASN D 28 63.63 -35.63 -16.15
N ALA D 29 64.65 -36.32 -16.64
CA ALA D 29 66.01 -36.19 -16.11
C ALA D 29 66.45 -34.73 -16.14
N GLN D 30 66.33 -34.12 -17.31
CA GLN D 30 66.74 -32.74 -17.54
C GLN D 30 65.87 -31.70 -16.80
N GLY D 31 64.82 -32.16 -16.13
CA GLY D 31 63.99 -31.28 -15.32
C GLY D 31 62.52 -31.16 -15.72
N THR D 32 61.99 -29.94 -15.64
CA THR D 32 60.61 -29.68 -16.04
C THR D 32 60.53 -28.74 -17.25
N GLY D 33 59.37 -28.73 -17.90
CA GLY D 33 59.09 -27.83 -19.00
C GLY D 33 57.59 -27.60 -19.15
N GLN D 34 57.20 -26.51 -19.82
CA GLN D 34 55.79 -26.25 -20.08
C GLN D 34 55.57 -25.67 -21.48
N ALA D 35 54.65 -26.28 -22.22
CA ALA D 35 54.32 -25.82 -23.58
C ALA D 35 52.82 -25.93 -23.79
N ALA D 36 52.24 -24.92 -24.43
CA ALA D 36 50.81 -24.96 -24.74
C ALA D 36 50.61 -25.69 -26.07
N ASP D 37 49.48 -26.37 -26.21
CA ASP D 37 49.11 -26.99 -27.49
C ASP D 37 48.29 -26.02 -28.36
N TYR D 38 48.80 -25.75 -29.56
CA TYR D 38 48.17 -24.77 -30.46
C TYR D 38 46.88 -25.28 -31.08
N LYS D 39 46.93 -26.48 -31.66
CA LYS D 39 45.81 -27.06 -32.40
C LYS D 39 44.53 -27.22 -31.56
N SER D 40 44.67 -27.64 -30.31
CA SER D 40 43.52 -27.84 -29.44
C SER D 40 42.97 -26.50 -28.94
N THR D 41 43.87 -25.59 -28.58
CA THR D 41 43.51 -24.23 -28.17
C THR D 41 42.73 -23.48 -29.26
N GLN D 42 43.12 -23.67 -30.52
CA GLN D 42 42.48 -22.95 -31.62
C GLN D 42 41.14 -23.55 -32.02
N ALA D 43 40.98 -24.86 -31.82
CA ALA D 43 39.70 -25.50 -32.06
C ALA D 43 38.63 -24.87 -31.17
N ALA D 44 39.02 -24.58 -29.93
CA ALA D 44 38.12 -24.03 -28.95
C ALA D 44 37.83 -22.56 -29.24
N ILE D 45 38.89 -21.78 -29.43
CA ILE D 45 38.76 -20.37 -29.75
C ILE D 45 37.92 -20.11 -31.03
N ASP D 46 38.16 -20.90 -32.08
CA ASP D 46 37.39 -20.75 -33.30
C ASP D 46 35.89 -20.94 -33.03
N GLN D 47 35.55 -21.89 -32.16
CA GLN D 47 34.15 -22.12 -31.81
C GLN D 47 33.51 -20.98 -31.00
N ILE D 48 34.28 -20.34 -30.14
CA ILE D 48 33.82 -19.16 -29.42
C ILE D 48 33.57 -18.03 -30.43
N THR D 49 34.48 -17.93 -31.39
CA THR D 49 34.39 -16.93 -32.46
C THR D 49 33.09 -17.08 -33.27
N GLY D 50 32.76 -18.32 -33.65
CA GLY D 50 31.49 -18.58 -34.32
C GLY D 50 30.27 -18.10 -33.54
N LYS D 51 30.28 -18.34 -32.24
CA LYS D 51 29.19 -17.92 -31.35
C LYS D 51 29.06 -16.41 -31.33
N LEU D 52 30.20 -15.72 -31.32
CA LEU D 52 30.23 -14.26 -31.29
C LEU D 52 29.76 -13.68 -32.62
N ASN D 53 30.06 -14.38 -33.71
CA ASN D 53 29.61 -13.96 -35.03
C ASN D 53 28.09 -14.02 -35.17
N ARG D 54 27.47 -15.08 -34.64
CA ARG D 54 26.01 -15.17 -34.62
C ARG D 54 25.38 -14.12 -33.72
N LEU D 55 26.02 -13.83 -32.58
CA LEU D 55 25.48 -12.88 -31.62
C LEU D 55 25.33 -11.52 -32.25
N VAL D 56 26.24 -11.23 -33.18
CA VAL D 56 26.49 -9.89 -33.66
C VAL D 56 25.86 -9.63 -35.04
N GLU D 57 25.54 -10.70 -35.76
CA GLU D 57 24.80 -10.58 -37.03
C GLU D 57 23.47 -9.85 -36.81
N LYS D 58 23.23 -8.81 -37.61
CA LYS D 58 22.18 -7.84 -37.32
C LYS D 58 21.01 -7.91 -38.30
N THR D 59 19.83 -8.15 -37.76
CA THR D 59 18.64 -8.42 -38.57
C THR D 59 17.52 -7.43 -38.28
N ASN D 60 17.77 -6.18 -38.66
CA ASN D 60 16.74 -5.14 -38.65
C ASN D 60 16.43 -4.85 -40.12
N THR D 61 15.20 -4.53 -40.53
CA THR D 61 13.99 -4.16 -39.74
C THR D 61 14.03 -2.78 -39.09
N GLU D 62 13.63 -1.81 -39.90
CA GLU D 62 13.41 -0.46 -39.43
C GLU D 62 12.04 -0.44 -38.75
N PHE D 63 11.97 0.24 -37.63
CA PHE D 63 10.68 0.50 -36.99
C PHE D 63 10.42 2.00 -36.96
N GLU D 64 9.15 2.38 -37.12
CA GLU D 64 8.72 3.77 -36.95
C GLU D 64 8.11 3.92 -35.57
N SER D 65 7.88 5.16 -35.16
CA SER D 65 7.24 5.44 -33.88
C SER D 65 5.74 5.14 -33.95
N ILE D 66 5.22 4.52 -32.89
CA ILE D 66 3.77 4.42 -32.68
C ILE D 66 3.36 5.08 -31.37
N GLU D 67 4.30 5.76 -30.72
CA GLU D 67 4.00 6.50 -29.49
C GLU D 67 4.64 7.87 -29.55
N SER D 68 3.83 8.93 -29.59
CA SER D 68 4.37 10.27 -29.49
C SER D 68 4.96 10.50 -28.11
N GLU D 69 6.15 11.07 -28.07
CA GLU D 69 6.78 11.44 -26.82
C GLU D 69 6.25 12.77 -26.32
N PHE D 70 5.81 13.63 -27.24
CA PHE D 70 5.55 15.04 -26.93
C PHE D 70 4.06 15.45 -26.96
N SER D 71 3.18 14.49 -27.22
CA SER D 71 1.76 14.78 -27.22
C SER D 71 0.99 13.59 -26.67
N GLU D 72 -0.28 13.80 -26.36
CA GLU D 72 -1.06 12.75 -25.73
C GLU D 72 -1.55 11.72 -26.73
N ILE D 73 -1.54 10.47 -26.30
CA ILE D 73 -2.03 9.36 -27.09
C ILE D 73 -3.44 9.08 -26.56
N GLU D 74 -4.40 8.86 -27.45
CA GLU D 74 -5.75 8.46 -27.01
C GLU D 74 -5.60 7.22 -26.11
N HIS D 75 -6.34 7.19 -25.01
CA HIS D 75 -6.07 6.27 -23.91
C HIS D 75 -6.25 4.79 -24.24
N GLN D 76 -7.30 4.45 -24.98
CA GLN D 76 -7.55 3.04 -25.25
C GLN D 76 -6.48 2.44 -26.16
N ILE D 77 -6.19 3.11 -27.28
CA ILE D 77 -5.15 2.66 -28.18
C ILE D 77 -3.78 2.64 -27.47
N GLY D 78 -3.58 3.60 -26.56
CA GLY D 78 -2.35 3.66 -25.78
C GLY D 78 -2.17 2.45 -24.86
N ASN D 79 -3.26 1.99 -24.24
CA ASN D 79 -3.21 0.79 -23.43
C ASN D 79 -2.93 -0.46 -24.25
N VAL D 80 -3.53 -0.54 -25.44
CA VAL D 80 -3.27 -1.65 -26.35
C VAL D 80 -1.79 -1.70 -26.70
N ILE D 81 -1.27 -0.56 -27.15
CA ILE D 81 0.14 -0.40 -27.44
C ILE D 81 1.05 -0.80 -26.26
N ASN D 82 0.74 -0.30 -25.07
CA ASN D 82 1.48 -0.66 -23.86
C ASN D 82 1.48 -2.17 -23.61
N TRP D 83 0.31 -2.78 -23.74
CA TRP D 83 0.18 -4.21 -23.51
C TRP D 83 0.98 -4.97 -24.55
N THR D 84 0.98 -4.48 -25.78
CA THR D 84 1.70 -5.16 -26.84
C THR D 84 3.20 -5.04 -26.66
N LYS D 85 3.66 -3.82 -26.40
CA LYS D 85 5.09 -3.61 -26.23
C LYS D 85 5.66 -4.38 -25.05
N ASP D 86 4.93 -4.41 -23.94
CA ASP D 86 5.39 -5.15 -22.77
C ASP D 86 5.41 -6.66 -23.03
N SER D 87 4.45 -7.15 -23.80
CA SER D 87 4.38 -8.57 -24.14
C SER D 87 5.59 -8.96 -24.98
N ILE D 88 5.87 -8.17 -26.00
CA ILE D 88 7.04 -8.37 -26.84
C ILE D 88 8.33 -8.28 -26.00
N THR D 89 8.37 -7.33 -25.08
CA THR D 89 9.54 -7.17 -24.22
C THR D 89 9.77 -8.39 -23.31
N ASP D 90 8.70 -8.92 -22.73
CA ASP D 90 8.79 -10.14 -21.94
C ASP D 90 9.36 -11.29 -22.80
N ILE D 91 8.92 -11.35 -24.04
CA ILE D 91 9.41 -12.36 -24.98
C ILE D 91 10.91 -12.20 -25.21
N TRP D 92 11.34 -11.01 -25.61
CA TRP D 92 12.76 -10.81 -25.88
C TRP D 92 13.65 -11.01 -24.66
N THR D 93 13.19 -10.57 -23.49
CA THR D 93 14.01 -10.75 -22.28
C THR D 93 14.16 -12.24 -22.01
N TYR D 94 13.06 -12.98 -22.15
CA TYR D 94 13.10 -14.44 -21.97
C TYR D 94 14.10 -15.10 -22.93
N GLN D 95 14.04 -14.74 -24.22
CA GLN D 95 14.98 -15.29 -25.19
C GLN D 95 16.43 -14.88 -24.94
N ALA D 96 16.64 -13.64 -24.53
CA ALA D 96 18.00 -13.17 -24.25
C ALA D 96 18.58 -13.97 -23.08
N GLU D 97 17.73 -14.22 -22.08
CA GLU D 97 18.12 -14.99 -20.92
C GLU D 97 18.41 -16.45 -21.30
N LEU D 98 17.55 -17.02 -22.16
CA LEU D 98 17.70 -18.41 -22.59
C LEU D 98 18.94 -18.58 -23.49
N LEU D 99 19.12 -17.69 -24.44
CA LEU D 99 20.29 -17.71 -25.32
C LEU D 99 21.59 -17.81 -24.53
N VAL D 100 21.73 -16.90 -23.58
CA VAL D 100 22.95 -16.81 -22.79
C VAL D 100 23.15 -18.05 -21.90
N ALA D 101 22.10 -18.49 -21.23
CA ALA D 101 22.17 -19.68 -20.38
C ALA D 101 22.54 -20.91 -21.19
N MET D 102 21.85 -21.08 -22.32
CA MET D 102 22.08 -22.21 -23.22
C MET D 102 23.48 -22.19 -23.83
N GLU D 103 23.86 -21.07 -24.44
CA GLU D 103 25.17 -20.95 -25.09
C GLU D 103 26.31 -21.19 -24.09
N ASN D 104 26.16 -20.63 -22.89
CA ASN D 104 27.16 -20.78 -21.85
C ASN D 104 27.36 -22.23 -21.42
N GLN D 105 26.26 -22.97 -21.25
CA GLN D 105 26.34 -24.40 -20.94
C GLN D 105 27.14 -25.13 -22.02
N HIS D 106 26.84 -24.85 -23.28
CA HIS D 106 27.54 -25.49 -24.38
C HIS D 106 29.00 -25.04 -24.48
N THR D 107 29.25 -23.77 -24.18
CA THR D 107 30.61 -23.23 -24.29
C THR D 107 31.59 -23.93 -23.33
N ILE D 108 31.19 -24.08 -22.08
CA ILE D 108 32.06 -24.70 -21.08
C ILE D 108 32.23 -26.21 -21.32
N ASP D 109 31.20 -26.86 -21.85
CA ASP D 109 31.25 -28.30 -22.09
C ASP D 109 32.11 -28.62 -23.32
N MET D 110 31.96 -27.81 -24.38
CA MET D 110 32.83 -27.96 -25.53
C MET D 110 34.30 -27.71 -25.18
N ALA D 111 34.55 -26.82 -24.22
CA ALA D 111 35.93 -26.55 -23.80
C ALA D 111 36.48 -27.77 -23.07
N ASP D 112 35.64 -28.35 -22.20
CA ASP D 112 35.95 -29.58 -21.48
C ASP D 112 36.22 -30.71 -22.50
N SER D 113 35.38 -30.76 -23.52
CA SER D 113 35.50 -31.71 -24.62
C SER D 113 36.85 -31.63 -25.36
N GLU D 114 37.26 -30.41 -25.71
CA GLU D 114 38.53 -30.25 -26.41
C GLU D 114 39.70 -30.68 -25.51
N MET D 115 39.57 -30.46 -24.20
CA MET D 115 40.58 -30.91 -23.27
C MET D 115 40.68 -32.44 -23.25
N LEU D 116 39.53 -33.11 -23.20
CA LEU D 116 39.49 -34.56 -23.21
C LEU D 116 40.07 -35.11 -24.52
N ASN D 117 39.73 -34.47 -25.64
CA ASN D 117 40.21 -34.89 -26.95
C ASN D 117 41.73 -34.83 -27.10
N LEU D 118 42.34 -33.79 -26.51
CA LEU D 118 43.80 -33.72 -26.46
C LEU D 118 44.35 -34.90 -25.62
N TYR D 119 43.80 -35.07 -24.42
CA TYR D 119 44.17 -36.14 -23.52
C TYR D 119 44.09 -37.52 -24.18
N GLU D 120 42.96 -37.81 -24.84
CA GLU D 120 42.75 -39.09 -25.50
C GLU D 120 43.80 -39.33 -26.59
N ARG D 121 44.08 -38.27 -27.34
CA ARG D 121 45.08 -38.30 -28.41
C ARG D 121 46.46 -38.71 -27.87
N VAL D 122 46.87 -38.09 -26.77
CA VAL D 122 48.14 -38.41 -26.14
C VAL D 122 48.16 -39.86 -25.64
N ARG D 123 47.07 -40.27 -24.99
CA ARG D 123 46.92 -41.63 -24.51
C ARG D 123 47.15 -42.67 -25.62
N LYS D 124 46.46 -42.52 -26.74
CA LYS D 124 46.57 -43.45 -27.86
C LYS D 124 47.95 -43.41 -28.51
N GLN D 125 48.52 -42.21 -28.60
CA GLN D 125 49.88 -42.07 -29.11
C GLN D 125 50.91 -42.85 -28.28
N LEU D 126 50.82 -42.76 -26.95
CA LEU D 126 51.79 -43.40 -26.06
C LEU D 126 51.51 -44.90 -25.93
N ARG D 127 50.30 -45.28 -26.32
CA ARG D 127 49.70 -46.61 -26.08
C ARG D 127 50.24 -47.52 -24.96
N GLN D 128 51.18 -48.42 -25.26
CA GLN D 128 51.59 -49.38 -24.23
C GLN D 128 52.84 -48.97 -23.44
N ASN D 129 53.36 -47.78 -23.73
CA ASN D 129 54.60 -47.31 -23.11
C ASN D 129 54.38 -46.47 -21.85
N ALA D 130 53.12 -46.16 -21.53
CA ALA D 130 52.81 -45.32 -20.37
C ALA D 130 51.48 -45.71 -19.72
N GLU D 131 51.28 -45.29 -18.47
CA GLU D 131 50.02 -45.54 -17.76
C GLU D 131 49.41 -44.25 -17.20
N GLU D 132 48.09 -44.20 -17.10
CA GLU D 132 47.40 -43.02 -16.55
C GLU D 132 47.40 -43.00 -15.03
N ASP D 133 47.62 -41.82 -14.45
CA ASP D 133 47.61 -41.69 -12.99
C ASP D 133 46.22 -41.29 -12.46
N GLY D 134 45.33 -40.89 -13.36
CA GLY D 134 43.98 -40.53 -12.98
C GLY D 134 43.83 -39.05 -12.69
N LYS D 135 44.95 -38.34 -12.72
CA LYS D 135 44.93 -36.89 -12.50
C LYS D 135 45.27 -36.12 -13.78
N GLY D 136 45.29 -36.82 -14.91
CA GLY D 136 45.63 -36.20 -16.18
C GLY D 136 47.09 -36.32 -16.58
N CYS D 137 47.84 -37.15 -15.84
CA CYS D 137 49.26 -37.39 -16.14
C CYS D 137 49.48 -38.79 -16.73
N PHE D 138 50.52 -38.90 -17.55
CA PHE D 138 50.93 -40.22 -18.03
C PHE D 138 52.31 -40.55 -17.48
N GLU D 139 52.38 -41.59 -16.66
CA GLU D 139 53.66 -42.09 -16.17
C GLU D 139 54.29 -42.90 -17.30
N ILE D 140 55.46 -42.46 -17.75
CA ILE D 140 56.13 -43.05 -18.91
C ILE D 140 57.18 -44.06 -18.47
N TYR D 141 57.01 -45.31 -18.91
CA TYR D 141 57.84 -46.41 -18.42
C TYR D 141 59.13 -46.64 -19.22
N HIS D 142 59.60 -45.58 -19.86
CA HIS D 142 60.88 -45.58 -20.54
C HIS D 142 61.50 -44.20 -20.34
N ALA D 143 62.79 -44.07 -20.61
CA ALA D 143 63.46 -42.78 -20.50
C ALA D 143 62.92 -41.86 -21.58
N CYS D 144 62.46 -40.67 -21.18
CA CYS D 144 61.92 -39.72 -22.15
C CYS D 144 62.55 -38.33 -21.98
N ASP D 145 63.49 -38.00 -22.86
CA ASP D 145 64.21 -36.73 -22.79
C ASP D 145 63.45 -35.63 -23.51
N ASP D 146 64.03 -34.43 -23.54
CA ASP D 146 63.41 -33.28 -24.18
C ASP D 146 62.95 -33.55 -25.61
N SER D 147 63.80 -34.18 -26.42
CA SER D 147 63.41 -34.60 -27.76
C SER D 147 62.24 -35.57 -27.74
N CYS D 148 62.14 -36.37 -26.68
CA CYS D 148 61.05 -37.33 -26.55
C CYS D 148 59.74 -36.66 -26.11
N MET D 149 59.81 -35.80 -25.10
CA MET D 149 58.67 -35.00 -24.68
C MET D 149 58.14 -34.13 -25.84
N GLU D 150 59.07 -33.45 -26.52
CA GLU D 150 58.75 -32.59 -27.64
C GLU D 150 58.10 -33.37 -28.78
N SER D 151 58.37 -34.67 -28.85
CA SER D 151 57.75 -35.53 -29.87
C SER D 151 56.32 -35.91 -29.48
N ILE D 152 56.06 -35.95 -28.18
CA ILE D 152 54.73 -36.27 -27.66
C ILE D 152 53.79 -35.07 -27.88
N ARG D 153 54.30 -33.87 -27.63
CA ARG D 153 53.56 -32.63 -27.85
C ARG D 153 53.35 -32.37 -29.35
N ASN D 154 54.27 -32.86 -30.18
CA ASN D 154 54.26 -32.64 -31.62
C ASN D 154 53.41 -33.65 -32.36
N ASN D 155 52.94 -34.68 -31.66
CA ASN D 155 52.20 -35.79 -32.27
C ASN D 155 53.02 -36.61 -33.28
N THR D 156 54.27 -36.89 -32.93
CA THR D 156 55.15 -37.70 -33.77
C THR D 156 55.81 -38.86 -33.00
N TYR D 157 55.51 -38.97 -31.72
CA TYR D 157 56.08 -40.02 -30.86
C TYR D 157 55.86 -41.43 -31.42
N ASP D 158 56.96 -42.14 -31.65
CA ASP D 158 56.89 -43.49 -32.20
C ASP D 158 56.92 -44.54 -31.08
N HIS D 159 55.78 -45.16 -30.83
CA HIS D 159 55.65 -46.07 -29.71
C HIS D 159 56.49 -47.33 -29.87
N SER D 160 56.72 -47.74 -31.12
CA SER D 160 57.43 -48.99 -31.39
C SER D 160 58.90 -48.92 -30.99
N GLN D 161 59.45 -47.70 -30.99
CA GLN D 161 60.83 -47.45 -30.59
C GLN D 161 61.11 -47.79 -29.12
N TYR D 162 60.17 -47.46 -28.23
CA TYR D 162 60.40 -47.59 -26.79
C TYR D 162 59.64 -48.76 -26.14
N ARG D 163 58.84 -49.46 -26.93
CA ARG D 163 57.92 -50.46 -26.39
C ARG D 163 58.60 -51.57 -25.58
N GLU D 164 59.69 -52.13 -26.11
CA GLU D 164 60.36 -53.25 -25.44
C GLU D 164 60.79 -52.86 -24.03
N GLU D 165 61.60 -51.81 -23.94
CA GLU D 165 62.02 -51.28 -22.67
C GLU D 165 60.82 -50.95 -21.79
N ALA D 166 59.80 -50.33 -22.38
CA ALA D 166 58.62 -49.91 -21.63
C ALA D 166 57.83 -51.09 -21.06
N LEU D 167 57.58 -52.11 -21.87
CA LEU D 167 56.89 -53.30 -21.38
C LEU D 167 57.70 -53.92 -20.25
N LEU D 168 59.02 -53.88 -20.44
CA LEU D 168 59.94 -54.43 -19.44
C LEU D 168 59.74 -53.74 -18.09
N ASN D 169 59.71 -52.41 -18.10
CA ASN D 169 59.54 -51.67 -16.85
C ASN D 169 58.14 -51.82 -16.23
N ARG D 170 57.10 -51.87 -17.07
CA ARG D 170 55.71 -52.00 -16.60
C ARG D 170 55.43 -53.37 -16.00
N LEU D 171 55.83 -54.41 -16.71
CA LEU D 171 55.50 -55.76 -16.31
C LEU D 171 56.46 -56.32 -15.26
N ASN D 172 57.67 -55.78 -15.19
CA ASN D 172 58.63 -56.18 -14.17
C ASN D 172 58.91 -57.69 -14.24
N ILE D 173 58.88 -58.23 -15.46
CA ILE D 173 59.18 -59.64 -15.73
C ILE D 173 59.97 -59.80 -17.04
N ASN D 174 60.16 -61.05 -17.47
CA ASN D 174 60.81 -61.38 -18.73
C ASN D 174 62.32 -61.12 -18.73
N ASP E 1 36.75 -62.04 -8.34
CA ASP E 1 36.27 -60.83 -7.68
C ASP E 1 35.94 -59.71 -8.68
N LYS E 2 34.79 -59.07 -8.50
CA LYS E 2 34.44 -57.97 -9.41
C LYS E 2 33.58 -56.88 -8.78
N ILE E 3 33.81 -55.66 -9.24
CA ILE E 3 33.04 -54.51 -8.79
C ILE E 3 32.25 -53.94 -9.99
N CYS E 4 30.95 -53.74 -9.79
CA CYS E 4 30.04 -53.33 -10.85
C CYS E 4 29.48 -51.93 -10.65
N LEU E 5 29.50 -51.14 -11.72
CA LEU E 5 28.96 -49.78 -11.66
C LEU E 5 27.53 -49.76 -12.20
N GLY E 6 26.65 -48.99 -11.55
CA GLY E 6 25.28 -48.89 -12.02
C GLY E 6 24.54 -47.65 -11.57
N HIS E 7 23.30 -47.52 -12.01
CA HIS E 7 22.46 -46.38 -11.67
C HIS E 7 21.11 -46.89 -11.20
N HIS E 8 20.32 -46.03 -10.56
CA HIS E 8 19.03 -46.48 -10.05
C HIS E 8 17.93 -46.52 -11.10
N ALA E 9 16.80 -47.10 -10.72
CA ALA E 9 15.62 -47.17 -11.57
C ALA E 9 14.40 -47.21 -10.65
N VAL E 10 13.23 -46.90 -11.20
CA VAL E 10 12.00 -46.95 -10.40
C VAL E 10 11.00 -47.82 -11.13
N ALA E 11 9.95 -48.25 -10.43
CA ALA E 11 8.93 -49.10 -11.03
C ALA E 11 8.13 -48.34 -12.08
N ASN E 12 7.45 -47.28 -11.65
CA ASN E 12 6.61 -46.49 -12.53
C ASN E 12 7.28 -45.17 -12.94
N GLY E 13 7.87 -45.14 -14.13
CA GLY E 13 8.52 -43.94 -14.65
C GLY E 13 7.53 -42.94 -15.22
N THR E 14 8.01 -41.77 -15.65
CA THR E 14 7.16 -40.79 -16.32
C THR E 14 7.59 -40.56 -17.77
N ILE E 15 6.63 -40.32 -18.65
CA ILE E 15 6.92 -39.99 -20.03
C ILE E 15 7.19 -38.49 -20.21
N VAL E 16 8.27 -38.15 -20.91
CA VAL E 16 8.57 -36.76 -21.26
C VAL E 16 8.95 -36.66 -22.74
N LYS E 17 8.93 -35.43 -23.28
CA LYS E 17 9.39 -35.18 -24.64
C LYS E 17 10.81 -34.67 -24.63
N THR E 18 11.57 -35.01 -25.66
CA THR E 18 12.89 -34.45 -25.90
C THR E 18 12.92 -33.99 -27.34
N LEU E 19 14.04 -33.42 -27.78
CA LEU E 19 14.22 -33.04 -29.18
C LEU E 19 14.02 -34.22 -30.13
N THR E 20 14.47 -35.40 -29.71
CA THR E 20 14.56 -36.57 -30.59
C THR E 20 13.49 -37.63 -30.33
N ASN E 21 12.82 -37.54 -29.19
CA ASN E 21 11.93 -38.61 -28.76
C ASN E 21 10.69 -38.05 -28.06
N GLU E 22 9.52 -38.49 -28.50
CA GLU E 22 8.27 -37.95 -27.99
C GLU E 22 7.79 -38.66 -26.74
N GLN E 23 8.23 -39.89 -26.55
CA GLN E 23 7.76 -40.74 -25.45
C GLN E 23 8.92 -41.31 -24.64
N GLU E 24 9.85 -40.44 -24.27
CA GLU E 24 10.99 -40.85 -23.47
C GLU E 24 10.62 -41.06 -22.01
N GLU E 25 11.02 -42.20 -21.44
CA GLU E 25 10.68 -42.49 -20.06
C GLU E 25 11.84 -42.21 -19.11
N VAL E 26 11.56 -41.39 -18.10
CA VAL E 26 12.56 -40.97 -17.12
C VAL E 26 12.13 -41.37 -15.71
N THR E 27 13.00 -41.17 -14.73
CA THR E 27 12.73 -41.62 -13.36
C THR E 27 11.79 -40.68 -12.61
N ASN E 28 11.81 -39.40 -12.97
CA ASN E 28 10.90 -38.42 -12.39
C ASN E 28 10.76 -37.22 -13.33
N ALA E 29 9.69 -36.45 -13.13
CA ALA E 29 9.41 -35.27 -13.94
C ALA E 29 8.52 -34.30 -13.17
N THR E 30 8.52 -33.03 -13.54
CA THR E 30 7.66 -32.04 -12.88
C THR E 30 6.93 -31.14 -13.89
N GLU E 31 5.68 -30.81 -13.58
CA GLU E 31 4.84 -29.99 -14.46
C GLU E 31 5.35 -28.56 -14.60
N THR E 32 5.20 -27.99 -15.80
CA THR E 32 5.65 -26.61 -16.04
C THR E 32 4.48 -25.69 -16.35
N VAL E 33 3.31 -26.27 -16.60
CA VAL E 33 2.10 -25.51 -16.90
C VAL E 33 1.05 -25.65 -15.79
N GLU E 34 0.77 -24.55 -15.08
CA GLU E 34 -0.30 -24.52 -14.08
C GLU E 34 -1.71 -24.65 -14.66
N SER E 35 -2.44 -25.65 -14.20
CA SER E 35 -3.82 -25.87 -14.61
C SER E 35 -4.82 -25.53 -13.50
N THR E 36 -4.33 -25.32 -12.29
CA THR E 36 -5.22 -25.09 -11.16
C THR E 36 -5.24 -23.64 -10.72
N GLY E 37 -6.43 -23.06 -10.71
CA GLY E 37 -6.61 -21.72 -10.18
C GLY E 37 -7.58 -21.71 -9.02
N ILE E 38 -7.57 -20.61 -8.27
CA ILE E 38 -8.47 -20.45 -7.14
C ILE E 38 -9.69 -19.58 -7.53
N ASN E 39 -10.90 -20.10 -7.29
CA ASN E 39 -12.13 -19.40 -7.66
C ASN E 39 -12.48 -18.20 -6.77
N ARG E 40 -11.46 -17.55 -6.23
CA ARG E 40 -11.65 -16.42 -5.34
C ARG E 40 -10.66 -15.29 -5.60
N LEU E 41 -10.96 -14.11 -5.09
CA LEU E 41 -10.08 -12.96 -5.25
C LEU E 41 -9.23 -12.76 -4.01
N CYS E 42 -8.00 -13.27 -4.08
CA CYS E 42 -7.06 -13.21 -2.98
C CYS E 42 -6.56 -11.78 -2.76
N MET E 43 -7.11 -11.11 -1.74
CA MET E 43 -6.85 -9.69 -1.54
C MET E 43 -5.92 -9.36 -0.38
N LYS E 44 -5.36 -10.39 0.27
CA LYS E 44 -4.47 -10.17 1.40
C LYS E 44 -3.32 -9.24 1.03
N GLY E 45 -3.09 -8.23 1.86
CA GLY E 45 -1.96 -7.34 1.68
C GLY E 45 -2.27 -6.18 0.77
N ARG E 46 -3.45 -6.20 0.16
CA ARG E 46 -3.80 -5.12 -0.76
C ARG E 46 -5.08 -4.38 -0.34
N LYS E 47 -4.97 -3.05 -0.32
CA LYS E 47 -6.11 -2.20 -0.02
C LYS E 47 -7.05 -2.11 -1.22
N HIS E 48 -8.10 -2.92 -1.21
CA HIS E 48 -9.01 -3.01 -2.35
C HIS E 48 -10.41 -2.46 -2.11
N LYS E 49 -11.05 -2.00 -3.19
CA LYS E 49 -12.47 -1.62 -3.13
C LYS E 49 -13.33 -2.52 -4.02
N ASP E 50 -14.24 -3.28 -3.41
CA ASP E 50 -15.26 -4.03 -4.13
C ASP E 50 -16.38 -3.03 -4.49
N LEU E 51 -16.73 -2.93 -5.77
CA LEU E 51 -17.74 -1.94 -6.22
C LEU E 51 -19.16 -2.51 -6.22
N GLY E 52 -19.28 -3.82 -6.00
CA GLY E 52 -20.59 -4.46 -5.99
C GLY E 52 -21.39 -4.15 -7.24
N ASN E 53 -22.53 -3.51 -7.06
CA ASN E 53 -23.36 -3.18 -8.19
C ASN E 53 -23.13 -1.77 -8.70
N CYS E 54 -22.04 -1.14 -8.22
CA CYS E 54 -21.62 0.16 -8.72
C CYS E 54 -20.69 0.03 -9.93
N HIS E 55 -21.01 0.69 -11.03
CA HIS E 55 -20.12 0.67 -12.20
C HIS E 55 -19.15 1.84 -12.12
N PRO E 56 -17.87 1.59 -12.46
CA PRO E 56 -16.81 2.60 -12.37
C PRO E 56 -17.22 3.96 -12.92
N ILE E 57 -17.95 3.99 -14.02
CA ILE E 57 -18.41 5.26 -14.57
C ILE E 57 -19.31 6.00 -13.57
N GLY E 58 -20.18 5.25 -12.89
CA GLY E 58 -21.09 5.81 -11.90
C GLY E 58 -20.40 6.50 -10.72
N MET E 59 -19.16 6.10 -10.44
CA MET E 59 -18.34 6.75 -9.42
C MET E 59 -18.12 8.21 -9.73
N LEU E 60 -18.02 8.52 -11.03
CA LEU E 60 -17.70 9.87 -11.46
C LEU E 60 -18.95 10.76 -11.50
N ILE E 61 -20.08 10.19 -11.89
CA ILE E 61 -21.29 10.99 -12.02
C ILE E 61 -22.19 10.93 -10.77
N GLY E 62 -22.01 9.90 -9.96
CA GLY E 62 -22.72 9.82 -8.69
C GLY E 62 -24.09 9.16 -8.78
N THR E 63 -24.15 8.02 -9.45
CA THR E 63 -25.35 7.19 -9.50
C THR E 63 -25.56 6.65 -8.09
N PRO E 64 -26.82 6.59 -7.63
CA PRO E 64 -27.12 6.16 -6.25
C PRO E 64 -26.39 4.89 -5.83
N ALA E 65 -26.23 3.96 -6.77
CA ALA E 65 -25.57 2.69 -6.47
C ALA E 65 -24.11 2.90 -6.09
N CYS E 66 -23.58 4.05 -6.46
CA CYS E 66 -22.17 4.36 -6.21
C CYS E 66 -21.95 5.36 -5.05
N ASP E 67 -22.99 5.63 -4.26
CA ASP E 67 -22.88 6.63 -3.17
C ASP E 67 -21.74 6.35 -2.19
N LEU E 68 -21.42 5.08 -1.96
CA LEU E 68 -20.30 4.79 -1.06
C LEU E 68 -18.96 4.65 -1.82
N HIS E 69 -18.96 5.00 -3.11
CA HIS E 69 -17.77 4.90 -3.94
C HIS E 69 -17.48 6.16 -4.78
N LEU E 70 -17.81 7.33 -4.25
CA LEU E 70 -17.60 8.60 -4.94
C LEU E 70 -16.17 9.10 -4.76
N THR E 71 -15.51 8.58 -3.72
CA THR E 71 -14.15 8.98 -3.36
C THR E 71 -13.45 7.80 -2.72
N GLY E 72 -12.12 7.85 -2.65
CA GLY E 72 -11.38 6.83 -1.95
C GLY E 72 -9.96 6.65 -2.42
N MET E 73 -9.26 5.72 -1.77
CA MET E 73 -7.91 5.34 -2.14
C MET E 73 -7.90 3.84 -2.15
N TRP E 74 -7.23 3.25 -3.12
CA TRP E 74 -7.16 1.80 -3.24
C TRP E 74 -5.91 1.46 -4.07
N ASP E 75 -5.43 0.23 -3.97
CA ASP E 75 -4.39 -0.20 -4.91
C ASP E 75 -4.97 -1.27 -5.84
N THR E 76 -6.15 -1.79 -5.48
CA THR E 76 -6.88 -2.65 -6.41
C THR E 76 -8.40 -2.41 -6.41
N LEU E 77 -8.93 -2.26 -7.63
CA LEU E 77 -10.32 -1.88 -7.84
C LEU E 77 -11.06 -3.03 -8.50
N ILE E 78 -12.15 -3.48 -7.90
CA ILE E 78 -12.88 -4.63 -8.42
C ILE E 78 -14.25 -4.26 -8.97
N GLU E 79 -14.43 -4.47 -10.27
CA GLU E 79 -15.68 -4.22 -10.95
C GLU E 79 -16.42 -5.55 -11.14
N ARG E 80 -17.72 -5.56 -10.85
CA ARG E 80 -18.53 -6.77 -10.99
C ARG E 80 -19.41 -6.70 -12.23
N GLU E 81 -20.02 -7.82 -12.59
CA GLU E 81 -20.87 -7.89 -13.78
C GLU E 81 -22.23 -7.29 -13.50
N ASN E 82 -22.82 -6.70 -14.54
CA ASN E 82 -24.11 -6.03 -14.45
C ASN E 82 -24.12 -4.82 -13.53
N ALA E 83 -22.94 -4.31 -13.20
CA ALA E 83 -22.81 -3.10 -12.39
C ALA E 83 -23.57 -1.93 -13.03
N ILE E 84 -24.14 -1.06 -12.20
CA ILE E 84 -24.99 0.02 -12.70
C ILE E 84 -24.25 1.33 -12.90
N ALA E 85 -24.31 1.87 -14.13
CA ALA E 85 -23.73 3.16 -14.44
C ALA E 85 -24.79 4.25 -14.46
N TYR E 86 -25.93 3.94 -15.07
CA TYR E 86 -26.92 4.95 -15.37
C TYR E 86 -28.21 4.68 -14.61
N CYS E 87 -28.72 5.68 -13.90
CA CYS E 87 -30.05 5.56 -13.34
C CYS E 87 -31.03 6.11 -14.37
N TYR E 88 -30.81 7.36 -14.77
CA TYR E 88 -31.55 7.92 -15.91
C TYR E 88 -30.81 7.47 -17.17
N PRO E 89 -31.54 6.83 -18.10
CA PRO E 89 -30.93 6.21 -19.29
C PRO E 89 -30.10 7.20 -20.10
N GLY E 90 -29.04 6.66 -20.70
CA GLY E 90 -28.09 7.44 -21.46
C GLY E 90 -26.85 6.62 -21.76
N ALA E 91 -25.83 7.29 -22.29
CA ALA E 91 -24.60 6.63 -22.71
C ALA E 91 -23.46 7.65 -22.65
N THR E 92 -22.23 7.17 -22.51
CA THR E 92 -21.09 8.06 -22.41
C THR E 92 -20.23 7.95 -23.67
N VAL E 93 -19.79 9.08 -24.21
CA VAL E 93 -18.87 9.06 -25.32
C VAL E 93 -17.51 8.57 -24.82
N ASN E 94 -16.88 7.68 -25.57
CA ASN E 94 -15.59 7.11 -25.18
C ASN E 94 -15.65 6.45 -23.82
N VAL E 95 -16.71 5.67 -23.60
CA VAL E 95 -16.96 5.06 -22.30
C VAL E 95 -15.83 4.13 -21.92
N GLU E 96 -15.29 3.39 -22.88
CA GLU E 96 -14.29 2.38 -22.55
C GLU E 96 -12.95 2.99 -22.20
N ALA E 97 -12.59 4.09 -22.86
CA ALA E 97 -11.35 4.77 -22.50
C ALA E 97 -11.48 5.33 -21.08
N LEU E 98 -12.65 5.85 -20.74
CA LEU E 98 -12.93 6.37 -19.39
C LEU E 98 -12.88 5.25 -18.33
N ARG E 99 -13.53 4.13 -18.62
CA ARG E 99 -13.58 3.01 -17.68
C ARG E 99 -12.16 2.51 -17.39
N GLN E 100 -11.35 2.40 -18.43
CA GLN E 100 -9.96 1.99 -18.27
C GLN E 100 -9.15 2.96 -17.42
N LYS E 101 -9.32 4.26 -17.64
CA LYS E 101 -8.61 5.29 -16.84
C LYS E 101 -8.95 5.11 -15.35
N ILE E 102 -10.24 4.92 -15.06
CA ILE E 102 -10.70 4.74 -13.69
C ILE E 102 -10.15 3.45 -13.10
N MET E 103 -10.14 2.40 -13.91
CA MET E 103 -9.78 1.07 -13.44
C MET E 103 -8.27 0.86 -13.29
N GLU E 104 -7.48 1.90 -13.56
CA GLU E 104 -6.04 1.83 -13.30
C GLU E 104 -5.59 2.96 -12.38
N SER E 105 -6.56 3.67 -11.78
CA SER E 105 -6.22 4.70 -10.81
C SER E 105 -6.02 4.05 -9.45
N GLY E 106 -5.38 4.78 -8.54
CA GLY E 106 -5.27 4.30 -7.17
C GLY E 106 -6.16 5.06 -6.22
N GLY E 107 -7.16 5.76 -6.76
CA GLY E 107 -8.11 6.49 -5.94
C GLY E 107 -8.80 7.64 -6.67
N ILE E 108 -9.84 8.20 -6.05
CA ILE E 108 -10.57 9.35 -6.62
C ILE E 108 -10.84 10.44 -5.57
N ASN E 109 -10.41 11.67 -5.85
CA ASN E 109 -10.87 12.82 -5.08
C ASN E 109 -11.97 13.54 -5.85
N LYS E 110 -12.88 14.17 -5.12
CA LYS E 110 -13.95 14.95 -5.74
C LYS E 110 -13.80 16.40 -5.33
N ILE E 111 -13.95 17.31 -6.28
CA ILE E 111 -13.89 18.72 -5.93
C ILE E 111 -15.01 19.55 -6.58
N SER E 112 -15.65 20.35 -5.74
CA SER E 112 -16.80 21.12 -6.14
C SER E 112 -16.43 22.15 -7.20
N THR E 113 -17.35 22.37 -8.13
CA THR E 113 -17.18 23.35 -9.19
C THR E 113 -17.54 24.77 -8.74
N GLY E 114 -18.36 24.87 -7.70
CA GLY E 114 -18.81 26.16 -7.22
C GLY E 114 -19.79 26.85 -8.16
N PHE E 115 -20.34 26.11 -9.11
CA PHE E 115 -21.32 26.70 -10.03
C PHE E 115 -22.52 27.22 -9.24
N THR E 116 -22.93 28.45 -9.49
CA THR E 116 -24.20 28.96 -8.95
C THR E 116 -25.08 29.38 -10.12
N TYR E 117 -26.39 29.45 -9.90
CA TYR E 117 -27.33 29.77 -10.96
C TYR E 117 -28.35 30.80 -10.49
N GLY E 118 -28.77 31.66 -11.41
CA GLY E 118 -29.69 32.72 -11.06
C GLY E 118 -31.09 32.21 -10.77
N SER E 119 -31.96 33.12 -10.34
CA SER E 119 -33.30 32.80 -9.87
C SER E 119 -34.19 32.12 -10.90
N SER E 120 -34.00 32.43 -12.18
CA SER E 120 -34.80 31.81 -13.23
C SER E 120 -34.44 30.33 -13.49
N ILE E 121 -33.40 29.83 -12.82
CA ILE E 121 -32.98 28.44 -12.99
C ILE E 121 -33.31 27.54 -11.79
N ASN E 122 -34.01 26.44 -12.04
CA ASN E 122 -34.17 25.36 -11.07
C ASN E 122 -33.04 24.35 -11.26
N SER E 123 -32.08 24.34 -10.35
CA SER E 123 -30.94 23.46 -10.48
C SER E 123 -31.15 22.13 -9.74
N ALA E 124 -32.35 21.94 -9.20
CA ALA E 124 -32.66 20.74 -8.43
C ALA E 124 -33.62 19.84 -9.18
N GLY E 125 -33.47 19.79 -10.50
CA GLY E 125 -34.23 18.84 -11.31
C GLY E 125 -34.00 17.43 -10.81
N THR E 126 -35.09 16.66 -10.79
CA THR E 126 -35.13 15.39 -10.07
C THR E 126 -35.85 14.36 -10.96
N THR E 127 -35.59 13.07 -10.76
CA THR E 127 -36.28 12.05 -11.55
C THR E 127 -36.55 10.76 -10.76
N ARG E 128 -37.65 10.09 -11.07
CA ARG E 128 -37.96 8.84 -10.40
C ARG E 128 -37.05 7.69 -10.83
N ALA E 129 -36.29 7.92 -11.90
CA ALA E 129 -35.34 6.93 -12.36
C ALA E 129 -34.11 6.87 -11.44
N CYS E 130 -33.89 7.93 -10.67
CA CYS E 130 -32.76 7.98 -9.76
C CYS E 130 -33.22 8.09 -8.31
N MET E 131 -33.75 7.00 -7.76
CA MET E 131 -34.23 7.02 -6.37
C MET E 131 -33.06 7.06 -5.40
N ARG E 132 -33.24 7.80 -4.30
CA ARG E 132 -32.28 7.84 -3.20
C ARG E 132 -33.05 8.03 -1.91
N ASN E 133 -32.90 7.10 -0.97
CA ASN E 133 -33.62 7.15 0.31
C ASN E 133 -35.13 7.39 0.16
N GLY E 134 -35.73 6.76 -0.85
CA GLY E 134 -37.17 6.79 -1.01
C GLY E 134 -37.66 7.99 -1.77
N GLY E 135 -36.76 8.89 -2.11
CA GLY E 135 -37.13 10.09 -2.84
C GLY E 135 -36.52 10.16 -4.24
N ASN E 136 -37.25 10.80 -5.15
CA ASN E 136 -36.75 11.17 -6.46
C ASN E 136 -35.47 12.00 -6.30
N SER E 137 -34.43 11.65 -7.04
CA SER E 137 -33.13 12.26 -6.85
C SER E 137 -32.47 12.43 -8.20
N PHE E 138 -31.15 12.60 -8.23
CA PHE E 138 -30.44 12.73 -9.49
C PHE E 138 -28.99 12.37 -9.22
N TYR E 139 -28.17 12.32 -10.26
CA TYR E 139 -26.74 12.01 -10.14
C TYR E 139 -26.11 12.95 -9.13
N ALA E 140 -25.38 12.40 -8.17
CA ALA E 140 -24.88 13.19 -7.05
C ALA E 140 -23.92 14.31 -7.46
N GLU E 141 -23.16 14.08 -8.53
CA GLU E 141 -22.13 15.04 -8.95
C GLU E 141 -22.60 16.01 -10.02
N LEU E 142 -23.85 15.85 -10.44
CA LEU E 142 -24.39 16.64 -11.54
C LEU E 142 -25.69 17.31 -11.12
N LYS E 143 -26.06 18.37 -11.82
CA LYS E 143 -27.34 19.03 -11.58
C LYS E 143 -28.12 19.14 -12.87
N TRP E 144 -29.38 18.74 -12.83
CA TRP E 144 -30.26 18.89 -13.97
C TRP E 144 -30.85 20.29 -13.94
N LEU E 145 -30.33 21.17 -14.79
CA LEU E 145 -30.82 22.55 -14.85
C LEU E 145 -32.08 22.66 -15.68
N VAL E 146 -33.10 23.27 -15.09
CA VAL E 146 -34.40 23.35 -15.71
C VAL E 146 -34.96 24.74 -15.43
N SER E 147 -35.75 25.30 -16.35
CA SER E 147 -36.36 26.61 -16.10
C SER E 147 -37.17 26.57 -14.82
N LYS E 148 -36.99 27.57 -13.95
CA LYS E 148 -37.77 27.64 -12.71
C LYS E 148 -39.26 27.83 -13.02
N SER E 149 -39.53 28.57 -14.08
CA SER E 149 -40.91 28.73 -14.53
C SER E 149 -41.18 27.85 -15.75
N LYS E 150 -41.99 26.81 -15.54
CA LYS E 150 -42.33 25.82 -16.56
C LYS E 150 -42.74 26.45 -17.89
N GLY E 151 -42.11 26.02 -18.97
CA GLY E 151 -42.46 26.50 -20.30
C GLY E 151 -41.68 27.72 -20.77
N GLN E 152 -41.13 28.48 -19.82
CA GLN E 152 -40.36 29.69 -20.13
C GLN E 152 -38.99 29.39 -20.75
N ASN E 153 -38.46 30.34 -21.50
CA ASN E 153 -37.12 30.19 -22.06
C ASN E 153 -36.02 30.12 -20.99
N PHE E 154 -35.24 29.04 -21.00
CA PHE E 154 -34.08 28.91 -20.13
C PHE E 154 -33.11 30.02 -20.50
N PRO E 155 -32.66 30.81 -19.51
CA PRO E 155 -31.81 31.98 -19.78
C PRO E 155 -30.43 31.61 -20.28
N GLN E 156 -29.80 32.48 -21.07
CA GLN E 156 -28.43 32.29 -21.49
C GLN E 156 -27.53 32.40 -20.26
N THR E 157 -26.75 31.37 -19.97
CA THR E 157 -25.90 31.36 -18.77
C THR E 157 -24.49 30.81 -19.01
N THR E 158 -23.54 31.27 -18.20
CA THR E 158 -22.13 30.92 -18.34
C THR E 158 -21.58 30.46 -17.00
N ASN E 159 -20.90 29.32 -16.98
CA ASN E 159 -20.28 28.83 -15.76
C ASN E 159 -18.86 28.40 -16.08
N THR E 160 -17.92 28.82 -15.24
CA THR E 160 -16.52 28.50 -15.48
C THR E 160 -15.91 27.80 -14.29
N TYR E 161 -15.39 26.60 -14.52
CA TYR E 161 -14.64 25.88 -13.51
C TYR E 161 -13.16 26.19 -13.66
N ARG E 162 -12.52 26.57 -12.56
CA ARG E 162 -11.10 26.85 -12.58
C ARG E 162 -10.35 25.74 -11.87
N ASN E 163 -9.47 25.04 -12.58
CA ASN E 163 -8.56 24.12 -11.93
C ASN E 163 -7.41 24.92 -11.30
N THR E 164 -7.40 24.96 -9.97
CA THR E 164 -6.40 25.73 -9.23
C THR E 164 -5.48 24.77 -8.49
N ASP E 165 -5.62 23.49 -8.80
CA ASP E 165 -4.81 22.41 -8.24
C ASP E 165 -3.50 22.31 -9.02
N THR E 166 -2.67 21.32 -8.67
CA THR E 166 -1.38 21.10 -9.33
C THR E 166 -1.41 19.87 -10.21
N ALA E 167 -2.59 19.24 -10.32
CA ALA E 167 -2.77 18.04 -11.12
C ALA E 167 -4.02 18.19 -11.99
N GLU E 168 -4.09 17.42 -13.09
CA GLU E 168 -5.23 17.56 -14.01
C GLU E 168 -6.53 17.04 -13.41
N HIS E 169 -7.65 17.60 -13.85
CA HIS E 169 -8.94 17.17 -13.34
C HIS E 169 -9.85 16.60 -14.44
N LEU E 170 -10.52 15.50 -14.13
CA LEU E 170 -11.48 14.88 -15.04
C LEU E 170 -12.87 15.49 -14.83
N ILE E 171 -13.33 16.32 -15.76
CA ILE E 171 -14.68 16.86 -15.67
C ILE E 171 -15.68 16.12 -16.56
N MET E 172 -16.82 15.77 -15.99
CA MET E 172 -17.91 15.19 -16.78
C MET E 172 -19.15 16.08 -16.76
N TRP E 173 -19.88 16.09 -17.88
CA TRP E 173 -21.16 16.79 -17.96
C TRP E 173 -22.13 15.99 -18.82
N GLY E 174 -23.41 16.36 -18.80
CA GLY E 174 -24.40 15.65 -19.58
C GLY E 174 -25.19 16.56 -20.50
N ILE E 175 -25.74 15.97 -21.56
CA ILE E 175 -26.61 16.70 -22.47
C ILE E 175 -27.95 15.97 -22.50
N HIS E 176 -29.03 16.67 -22.14
CA HIS E 176 -30.35 16.06 -22.10
C HIS E 176 -31.02 16.08 -23.46
N HIS E 177 -31.45 14.91 -23.93
CA HIS E 177 -32.20 14.80 -25.16
C HIS E 177 -33.61 14.36 -24.82
N PRO E 178 -34.54 15.33 -24.78
CA PRO E 178 -35.94 15.05 -24.42
C PRO E 178 -36.58 14.07 -25.40
N SER E 179 -37.60 13.37 -24.95
CA SER E 179 -38.27 12.38 -25.77
C SER E 179 -39.39 13.01 -26.59
N SER E 180 -39.79 14.22 -26.23
CA SER E 180 -40.87 14.93 -26.93
C SER E 180 -40.71 16.45 -26.91
N THR E 181 -41.32 17.10 -27.89
CA THR E 181 -41.30 18.55 -28.03
C THR E 181 -41.96 19.24 -26.83
N GLN E 182 -43.07 18.68 -26.36
CA GLN E 182 -43.77 19.24 -25.20
C GLN E 182 -42.84 19.30 -24.00
N GLU E 183 -42.11 18.21 -23.78
CA GLU E 183 -41.21 18.12 -22.65
C GLU E 183 -40.05 19.12 -22.77
N LYS E 184 -39.46 19.19 -23.96
CA LYS E 184 -38.35 20.10 -24.21
C LYS E 184 -38.82 21.54 -23.93
N ASN E 185 -39.98 21.88 -24.48
CA ASN E 185 -40.56 23.20 -24.25
C ASN E 185 -40.85 23.49 -22.77
N ASP E 186 -41.42 22.51 -22.07
CA ASP E 186 -41.66 22.62 -20.63
C ASP E 186 -40.39 22.90 -19.83
N LEU E 187 -39.28 22.27 -20.22
CA LEU E 187 -38.04 22.33 -19.44
C LEU E 187 -37.16 23.53 -19.78
N TYR E 188 -37.10 23.90 -21.06
CA TYR E 188 -36.10 24.87 -21.51
C TYR E 188 -36.68 26.01 -22.37
N GLY E 189 -37.98 25.97 -22.65
CA GLY E 189 -38.61 26.98 -23.51
C GLY E 189 -38.64 26.64 -25.00
N THR E 190 -39.19 27.53 -25.82
CA THR E 190 -39.34 27.29 -27.25
C THR E 190 -38.10 27.66 -28.07
N GLN E 191 -37.16 28.38 -27.43
CA GLN E 191 -35.97 28.90 -28.10
C GLN E 191 -35.09 27.80 -28.67
N SER E 192 -34.21 28.19 -29.60
CA SER E 192 -33.20 27.26 -30.10
C SER E 192 -32.15 27.02 -29.03
N ILE E 193 -31.85 25.76 -28.78
CA ILE E 193 -31.00 25.38 -27.66
C ILE E 193 -29.59 24.98 -28.10
N SER E 194 -28.57 25.59 -27.49
CA SER E 194 -27.18 25.30 -27.83
C SER E 194 -26.32 25.22 -26.56
N ILE E 195 -25.35 24.30 -26.54
CA ILE E 195 -24.44 24.17 -25.39
C ILE E 195 -22.99 24.18 -25.86
N SER E 196 -22.24 25.20 -25.44
CA SER E 196 -20.83 25.32 -25.77
C SER E 196 -19.95 25.04 -24.55
N VAL E 197 -18.92 24.21 -24.76
CA VAL E 197 -17.95 23.91 -23.72
C VAL E 197 -16.56 24.22 -24.27
N GLY E 198 -15.81 25.04 -23.55
CA GLY E 198 -14.49 25.44 -24.03
C GLY E 198 -13.45 25.68 -22.96
N SER E 199 -12.37 24.92 -23.02
CA SER E 199 -11.20 25.16 -22.19
C SER E 199 -10.10 25.73 -23.08
N SER E 200 -8.85 25.65 -22.65
CA SER E 200 -7.77 26.13 -23.48
C SER E 200 -7.50 25.15 -24.61
N THR E 201 -7.73 23.87 -24.33
CA THR E 201 -7.37 22.80 -25.26
C THR E 201 -8.57 22.03 -25.82
N TYR E 202 -9.71 22.11 -25.13
CA TYR E 202 -10.91 21.41 -25.59
C TYR E 202 -11.94 22.43 -26.04
N ARG E 203 -12.66 22.12 -27.12
CA ARG E 203 -13.89 22.84 -27.44
C ARG E 203 -14.87 21.99 -28.25
N ASN E 204 -16.16 22.14 -27.95
CA ASN E 204 -17.18 21.30 -28.54
C ASN E 204 -18.54 21.98 -28.35
N ASN E 205 -19.49 21.69 -29.23
CA ASN E 205 -20.83 22.25 -29.12
C ASN E 205 -21.80 21.09 -29.09
N PHE E 206 -22.92 21.28 -28.40
CA PHE E 206 -23.91 20.22 -28.27
C PHE E 206 -25.31 20.80 -28.46
N VAL E 207 -26.18 20.04 -29.14
CA VAL E 207 -27.57 20.46 -29.36
C VAL E 207 -28.52 19.33 -28.98
N PRO E 208 -29.33 19.54 -27.93
CA PRO E 208 -30.36 18.60 -27.51
C PRO E 208 -31.28 18.28 -28.67
N VAL E 209 -31.53 17.01 -28.92
CA VAL E 209 -32.38 16.59 -30.04
C VAL E 209 -33.57 15.78 -29.55
N VAL E 210 -34.77 16.31 -29.76
CA VAL E 210 -36.01 15.58 -29.49
C VAL E 210 -36.10 14.34 -30.38
N GLY E 211 -36.59 13.23 -29.83
CA GLY E 211 -36.79 12.03 -30.63
C GLY E 211 -37.51 10.93 -29.88
N ALA E 212 -38.50 10.32 -30.54
CA ALA E 212 -39.21 9.19 -29.95
C ALA E 212 -38.28 7.99 -29.73
N ARG E 213 -38.38 7.33 -28.58
CA ARG E 213 -37.54 6.15 -28.30
C ARG E 213 -38.07 5.30 -27.15
N PRO E 214 -37.66 4.02 -27.08
CA PRO E 214 -38.19 3.16 -26.02
C PRO E 214 -37.86 3.62 -24.60
N GLN E 215 -38.67 3.18 -23.65
CA GLN E 215 -38.43 3.46 -22.24
C GLN E 215 -37.37 2.52 -21.68
N VAL E 216 -36.31 3.11 -21.14
CA VAL E 216 -35.35 2.41 -20.32
C VAL E 216 -35.51 2.99 -18.92
N ASN E 217 -35.59 2.13 -17.91
CA ASN E 217 -35.95 2.54 -16.55
C ASN E 217 -37.14 3.49 -16.49
N GLY E 218 -38.15 3.25 -17.34
CA GLY E 218 -39.35 4.06 -17.33
C GLY E 218 -39.21 5.44 -17.97
N GLN E 219 -38.10 5.66 -18.69
CA GLN E 219 -37.85 6.95 -19.34
C GLN E 219 -37.49 6.79 -20.82
N SER E 220 -38.13 7.58 -21.69
CA SER E 220 -37.76 7.60 -23.10
C SER E 220 -36.77 8.73 -23.41
N GLY E 221 -36.62 9.67 -22.47
CA GLY E 221 -35.59 10.68 -22.58
C GLY E 221 -34.22 10.06 -22.43
N ARG E 222 -33.17 10.79 -22.80
CA ARG E 222 -31.81 10.27 -22.66
C ARG E 222 -30.87 11.39 -22.23
N ILE E 223 -29.82 11.01 -21.50
CA ILE E 223 -28.73 11.93 -21.19
C ILE E 223 -27.42 11.41 -21.77
N ASP E 224 -26.78 12.21 -22.64
CA ASP E 224 -25.47 11.83 -23.14
C ASP E 224 -24.36 12.47 -22.30
N PHE E 225 -23.45 11.64 -21.79
CA PHE E 225 -22.34 12.14 -20.99
C PHE E 225 -21.05 12.35 -21.79
N HIS E 226 -20.40 13.47 -21.52
CA HIS E 226 -19.12 13.82 -22.12
C HIS E 226 -18.10 14.14 -21.03
N TRP E 227 -16.81 13.95 -21.36
CA TRP E 227 -15.76 14.25 -20.41
C TRP E 227 -14.50 14.83 -21.05
N THR E 228 -13.68 15.51 -20.24
CA THR E 228 -12.35 15.94 -20.66
C THR E 228 -11.46 16.11 -19.45
N LEU E 229 -10.17 16.27 -19.70
CA LEU E 229 -9.21 16.57 -18.66
C LEU E 229 -8.92 18.06 -18.67
N VAL E 230 -9.15 18.71 -17.53
CA VAL E 230 -8.80 20.12 -17.36
C VAL E 230 -7.43 20.22 -16.72
N GLN E 231 -6.47 20.82 -17.42
CA GLN E 231 -5.10 20.89 -16.91
C GLN E 231 -5.01 21.88 -15.74
N PRO E 232 -3.97 21.74 -14.90
CA PRO E 232 -3.80 22.69 -13.79
C PRO E 232 -3.60 24.12 -14.30
N GLY E 233 -4.23 25.08 -13.65
CA GLY E 233 -4.14 26.46 -14.06
C GLY E 233 -5.07 26.83 -15.21
N ASP E 234 -5.73 25.84 -15.79
CA ASP E 234 -6.63 26.11 -16.91
C ASP E 234 -8.08 26.21 -16.43
N ASN E 235 -8.88 26.95 -17.19
CA ASN E 235 -10.30 27.08 -16.93
C ASN E 235 -11.11 26.32 -17.99
N ILE E 236 -12.33 25.92 -17.66
CA ILE E 236 -13.25 25.38 -18.67
C ILE E 236 -14.60 26.06 -18.53
N THR E 237 -15.10 26.59 -19.64
CA THR E 237 -16.31 27.41 -19.61
C THR E 237 -17.51 26.74 -20.29
N PHE E 238 -18.64 26.76 -19.59
CA PHE E 238 -19.88 26.19 -20.11
C PHE E 238 -20.80 27.33 -20.48
N SER E 239 -21.22 27.38 -21.73
CA SER E 239 -22.12 28.44 -22.19
C SER E 239 -23.36 27.75 -22.77
N HIS E 240 -24.53 28.02 -22.19
CA HIS E 240 -25.72 27.23 -22.46
C HIS E 240 -27.03 28.01 -22.27
N ASN E 241 -28.11 27.48 -22.84
CA ASN E 241 -29.46 28.01 -22.60
C ASN E 241 -30.54 26.91 -22.55
N GLY E 242 -30.19 25.78 -21.91
CA GLY E 242 -31.13 24.69 -21.71
C GLY E 242 -30.55 23.37 -22.19
N GLY E 243 -30.70 22.30 -21.43
CA GLY E 243 -30.23 21.00 -21.88
C GLY E 243 -28.88 20.56 -21.32
N LEU E 244 -28.19 21.47 -20.64
CA LEU E 244 -26.95 21.13 -19.97
C LEU E 244 -27.23 20.40 -18.67
N ILE E 245 -26.65 19.21 -18.52
CA ILE E 245 -26.62 18.53 -17.23
C ILE E 245 -25.26 18.87 -16.63
N ALA E 246 -25.26 19.82 -15.69
CA ALA E 246 -24.03 20.49 -15.26
C ALA E 246 -23.27 19.78 -14.16
N PRO E 247 -21.93 19.86 -14.19
CA PRO E 247 -21.14 19.28 -13.11
C PRO E 247 -21.22 20.17 -11.88
N SER E 248 -21.45 19.57 -10.71
CA SER E 248 -21.34 20.34 -9.47
C SER E 248 -20.07 19.91 -8.73
N ARG E 249 -19.59 18.73 -9.07
CA ARG E 249 -18.28 18.28 -8.62
C ARG E 249 -17.49 17.74 -9.79
N VAL E 250 -16.18 17.73 -9.62
CA VAL E 250 -15.24 17.35 -10.65
C VAL E 250 -14.35 16.28 -10.03
N SER E 251 -13.78 15.38 -10.85
CA SER E 251 -12.96 14.29 -10.31
C SER E 251 -11.48 14.51 -10.49
N LYS E 252 -10.68 13.84 -9.66
CA LYS E 252 -9.24 13.78 -9.85
C LYS E 252 -8.82 12.36 -9.59
N LEU E 253 -8.28 11.72 -10.62
CA LEU E 253 -7.78 10.35 -10.47
C LEU E 253 -6.40 10.40 -9.80
N ILE E 254 -6.22 9.55 -8.80
CA ILE E 254 -5.00 9.63 -7.98
C ILE E 254 -4.20 8.34 -8.09
N GLY E 255 -2.89 8.48 -8.26
CA GLY E 255 -2.00 7.32 -8.29
C GLY E 255 -2.37 6.21 -9.23
N ARG E 256 -1.92 5.00 -8.91
CA ARG E 256 -2.09 3.86 -9.80
C ARG E 256 -2.69 2.69 -9.00
N GLY E 257 -3.46 1.84 -9.66
CA GLY E 257 -4.02 0.65 -9.03
C GLY E 257 -4.29 -0.42 -10.06
N LEU E 258 -4.53 -1.64 -9.59
CA LEU E 258 -4.84 -2.75 -10.49
C LEU E 258 -6.34 -2.95 -10.55
N GLY E 259 -6.93 -2.88 -11.75
CA GLY E 259 -8.35 -3.13 -11.90
C GLY E 259 -8.65 -4.57 -12.29
N ILE E 260 -9.69 -5.13 -11.68
CA ILE E 260 -10.08 -6.51 -11.95
C ILE E 260 -11.57 -6.60 -12.31
N GLN E 261 -11.91 -7.43 -13.30
CA GLN E 261 -13.30 -7.75 -13.61
C GLN E 261 -13.58 -9.21 -13.31
N SER E 262 -14.31 -9.46 -12.23
CA SER E 262 -14.60 -10.82 -11.79
C SER E 262 -15.75 -10.80 -10.80
N ASP E 263 -16.62 -11.79 -10.87
CA ASP E 263 -17.67 -11.97 -9.86
C ASP E 263 -17.27 -13.05 -8.86
N ALA E 264 -15.97 -13.22 -8.65
CA ALA E 264 -15.45 -14.19 -7.69
C ALA E 264 -15.34 -13.59 -6.29
N PRO E 265 -15.79 -14.34 -5.28
CA PRO E 265 -15.82 -13.88 -3.89
C PRO E 265 -14.46 -13.45 -3.38
N ILE E 266 -14.42 -12.36 -2.63
CA ILE E 266 -13.17 -11.89 -2.05
C ILE E 266 -12.74 -12.83 -0.92
N ASP E 267 -11.45 -13.14 -0.88
CA ASP E 267 -10.83 -13.86 0.22
C ASP E 267 -9.67 -13.02 0.74
N ASN E 268 -9.79 -12.53 1.98
CA ASN E 268 -8.73 -11.74 2.60
C ASN E 268 -7.63 -12.59 3.23
N ASN E 269 -7.79 -13.91 3.21
CA ASN E 269 -6.76 -14.79 3.75
C ASN E 269 -5.56 -15.00 2.82
N CYS E 270 -5.83 -15.21 1.53
CA CYS E 270 -4.77 -15.53 0.58
C CYS E 270 -4.23 -14.34 -0.23
N GLU E 271 -2.97 -14.44 -0.63
CA GLU E 271 -2.33 -13.39 -1.40
C GLU E 271 -2.21 -13.84 -2.85
N SER E 272 -2.23 -12.89 -3.77
CA SER E 272 -2.00 -13.18 -5.18
C SER E 272 -1.55 -11.95 -5.96
N LYS E 273 -0.96 -12.17 -7.12
CA LYS E 273 -0.53 -11.07 -7.97
C LYS E 273 -1.18 -11.19 -9.34
N CYS E 274 -1.88 -12.29 -9.56
CA CYS E 274 -2.45 -12.59 -10.86
C CYS E 274 -3.93 -12.92 -10.77
N PHE E 275 -4.75 -12.27 -11.58
CA PHE E 275 -6.19 -12.48 -11.53
C PHE E 275 -6.77 -12.63 -12.92
N TRP E 276 -7.94 -13.25 -12.99
CA TRP E 276 -8.70 -13.28 -14.23
C TRP E 276 -10.19 -13.30 -13.89
N ARG E 277 -11.04 -13.33 -14.91
CA ARG E 277 -12.49 -13.41 -14.71
C ARG E 277 -12.87 -14.44 -13.65
N GLY E 278 -12.16 -15.57 -13.62
CA GLY E 278 -12.53 -16.67 -12.75
C GLY E 278 -11.85 -16.72 -11.39
N GLY E 279 -11.03 -15.73 -11.07
CA GLY E 279 -10.44 -15.66 -9.75
C GLY E 279 -8.96 -15.31 -9.71
N SER E 280 -8.20 -16.10 -8.94
CA SER E 280 -6.77 -15.87 -8.73
C SER E 280 -5.93 -17.04 -9.22
N ILE E 281 -4.70 -16.72 -9.61
CA ILE E 281 -3.75 -17.72 -10.02
C ILE E 281 -2.49 -17.57 -9.19
N ASN E 282 -2.21 -18.56 -8.34
CA ASN E 282 -0.98 -18.57 -7.55
C ASN E 282 -0.10 -19.73 -7.96
N THR E 283 1.04 -19.43 -8.57
CA THR E 283 1.96 -20.47 -9.01
C THR E 283 3.37 -19.95 -9.10
N ARG E 284 4.32 -20.85 -8.99
CA ARG E 284 5.70 -20.54 -9.29
C ARG E 284 6.00 -20.89 -10.74
N LEU E 285 5.12 -21.70 -11.34
CA LEU E 285 5.30 -22.16 -12.72
C LEU E 285 5.21 -21.00 -13.71
N PRO E 286 6.05 -21.04 -14.77
CA PRO E 286 6.13 -19.96 -15.75
C PRO E 286 4.95 -19.91 -16.72
N PHE E 287 4.22 -21.01 -16.88
CA PHE E 287 3.11 -21.05 -17.83
C PHE E 287 1.81 -21.48 -17.17
N GLN E 288 0.68 -21.06 -17.74
CA GLN E 288 -0.64 -21.53 -17.30
C GLN E 288 -1.56 -21.74 -18.49
N ASN E 289 -2.56 -22.59 -18.30
CA ASN E 289 -3.57 -22.83 -19.33
C ASN E 289 -5.00 -22.52 -18.86
N LEU E 290 -5.13 -21.62 -17.89
CA LEU E 290 -6.43 -21.23 -17.35
C LEU E 290 -7.17 -20.21 -18.23
N SER E 291 -6.47 -19.13 -18.60
CA SER E 291 -7.08 -18.08 -19.41
C SER E 291 -6.04 -17.21 -20.09
N PRO E 292 -6.33 -16.81 -21.34
CA PRO E 292 -5.55 -15.83 -22.10
C PRO E 292 -5.82 -14.39 -21.66
N ARG E 293 -6.82 -14.18 -20.80
CA ARG E 293 -7.09 -12.84 -20.26
C ARG E 293 -6.80 -12.79 -18.78
N THR E 294 -5.66 -12.21 -18.42
CA THR E 294 -5.30 -12.09 -17.03
C THR E 294 -4.77 -10.68 -16.82
N VAL E 295 -4.78 -10.23 -15.58
CA VAL E 295 -4.16 -8.96 -15.22
C VAL E 295 -3.23 -9.22 -14.05
N GLY E 296 -2.22 -8.37 -13.88
CA GLY E 296 -1.28 -8.54 -12.79
C GLY E 296 0.06 -9.07 -13.27
N GLN E 297 0.75 -9.79 -12.41
CA GLN E 297 2.00 -10.46 -12.78
C GLN E 297 1.71 -11.94 -12.88
N CYS E 298 1.62 -12.43 -14.11
CA CYS E 298 1.05 -13.74 -14.38
C CYS E 298 2.00 -14.65 -15.12
N PRO E 299 1.81 -15.96 -14.98
CA PRO E 299 2.49 -16.90 -15.87
C PRO E 299 1.92 -16.72 -17.27
N LYS E 300 2.75 -16.91 -18.30
CA LYS E 300 2.28 -16.75 -19.67
C LYS E 300 1.27 -17.84 -20.01
N TYR E 301 0.24 -17.49 -20.77
CA TYR E 301 -0.77 -18.48 -21.18
C TYR E 301 -0.27 -19.31 -22.36
N VAL E 302 -0.39 -20.64 -22.25
CA VAL E 302 -0.02 -21.55 -23.33
C VAL E 302 -1.13 -22.55 -23.63
N ASN E 303 -1.25 -22.96 -24.89
CA ASN E 303 -2.31 -23.87 -25.32
C ASN E 303 -2.05 -25.35 -25.09
N ARG E 304 -1.55 -25.69 -23.90
CA ARG E 304 -1.18 -27.08 -23.61
C ARG E 304 -1.70 -27.49 -22.25
N ARG E 305 -2.18 -28.73 -22.15
CA ARG E 305 -2.61 -29.25 -20.87
C ARG E 305 -1.41 -29.49 -19.97
N SER E 306 -0.35 -30.07 -20.55
CA SER E 306 0.80 -30.48 -19.77
C SER E 306 2.11 -30.38 -20.56
N LEU E 307 3.16 -29.90 -19.88
CA LEU E 307 4.54 -30.00 -20.38
C LEU E 307 5.47 -30.46 -19.25
N MET E 308 5.78 -31.75 -19.24
CA MET E 308 6.60 -32.33 -18.18
C MET E 308 8.10 -32.07 -18.35
N LEU E 309 8.72 -31.49 -17.33
CA LEU E 309 10.16 -31.27 -17.35
C LEU E 309 10.85 -32.38 -16.52
N ALA E 310 11.73 -33.15 -17.16
CA ALA E 310 12.40 -34.26 -16.49
C ALA E 310 13.27 -33.77 -15.33
N THR E 311 13.20 -34.51 -14.23
CA THR E 311 14.00 -34.21 -13.04
C THR E 311 14.83 -35.43 -12.66
N GLY E 312 14.80 -36.42 -13.55
CA GLY E 312 15.61 -37.63 -13.40
C GLY E 312 16.15 -38.14 -14.72
N MET E 313 16.99 -39.17 -14.62
CA MET E 313 17.64 -39.80 -15.76
C MET E 313 16.66 -40.71 -16.50
N ARG E 314 17.08 -41.22 -17.65
CA ARG E 314 16.32 -42.23 -18.39
C ARG E 314 15.95 -43.39 -17.47
N ASN E 315 14.69 -43.83 -17.50
CA ASN E 315 14.31 -44.99 -16.70
C ASN E 315 14.57 -46.26 -17.48
N VAL E 316 15.42 -47.13 -16.92
CA VAL E 316 15.75 -48.40 -17.57
C VAL E 316 15.55 -49.55 -16.59
N PRO E 317 14.35 -50.16 -16.59
CA PRO E 317 14.08 -51.26 -15.66
C PRO E 317 14.34 -52.64 -16.29
N GLU E 318 14.61 -53.63 -15.43
CA GLU E 318 14.68 -55.06 -15.81
C GLU E 318 15.17 -55.88 -14.62
N GLY F 1 22.58 -43.58 -25.69
CA GLY F 1 22.58 -42.13 -25.63
C GLY F 1 23.97 -41.55 -25.75
N LEU F 2 24.06 -40.24 -25.55
CA LEU F 2 25.28 -39.48 -25.82
C LEU F 2 26.56 -40.07 -25.23
N PHE F 3 26.46 -40.62 -24.04
CA PHE F 3 27.66 -41.03 -23.33
C PHE F 3 27.81 -42.54 -23.20
N GLY F 4 26.77 -43.28 -23.61
CA GLY F 4 26.90 -44.70 -23.84
C GLY F 4 26.76 -45.59 -22.62
N ALA F 5 26.60 -44.99 -21.46
CA ALA F 5 26.48 -45.73 -20.22
C ALA F 5 25.00 -46.05 -19.91
N ILE F 6 24.25 -45.04 -19.43
CA ILE F 6 22.83 -45.24 -19.12
C ILE F 6 22.04 -45.53 -20.40
N ALA F 7 21.26 -46.62 -20.36
CA ALA F 7 20.60 -47.16 -21.56
C ALA F 7 21.60 -47.47 -22.67
N GLY F 8 22.86 -47.67 -22.28
CA GLY F 8 23.94 -47.99 -23.20
C GLY F 8 24.58 -49.30 -22.83
N PHE F 9 25.85 -49.29 -22.43
CA PHE F 9 26.56 -50.52 -22.12
C PHE F 9 26.19 -51.07 -20.74
N LEU F 10 25.58 -50.21 -19.93
CA LEU F 10 24.90 -50.68 -18.74
C LEU F 10 23.54 -51.16 -19.19
N GLU F 11 23.29 -52.46 -19.06
CA GLU F 11 22.09 -53.05 -19.63
C GLU F 11 20.80 -52.57 -18.96
N ASN F 12 20.87 -52.20 -17.68
CA ASN F 12 19.70 -51.70 -16.97
C ASN F 12 19.97 -51.03 -15.63
N GLY F 13 18.93 -50.43 -15.05
CA GLY F 13 19.04 -49.78 -13.76
C GLY F 13 18.78 -50.71 -12.58
N TRP F 14 19.09 -50.22 -11.38
CA TRP F 14 18.89 -50.99 -10.17
C TRP F 14 17.76 -50.40 -9.33
N GLU F 15 16.59 -51.04 -9.39
CA GLU F 15 15.43 -50.58 -8.62
C GLU F 15 15.67 -50.68 -7.13
N GLY F 16 16.58 -51.58 -6.76
CA GLY F 16 16.91 -51.82 -5.37
C GLY F 16 17.84 -50.77 -4.77
N MET F 17 18.43 -49.94 -5.62
CA MET F 17 19.29 -48.87 -5.11
C MET F 17 18.49 -47.59 -4.89
N VAL F 18 17.87 -47.51 -3.72
CA VAL F 18 17.02 -46.39 -3.33
C VAL F 18 17.86 -45.43 -2.47
N ASP F 19 19.17 -45.61 -2.54
CA ASP F 19 20.10 -44.90 -1.68
C ASP F 19 20.72 -43.68 -2.38
N GLY F 20 20.64 -43.68 -3.72
CA GLY F 20 21.29 -42.66 -4.53
C GLY F 20 21.09 -42.94 -6.01
N TRP F 21 21.71 -42.11 -6.86
CA TRP F 21 21.49 -42.19 -8.30
C TRP F 21 22.43 -43.18 -8.96
N TYR F 22 23.68 -43.15 -8.54
CA TYR F 22 24.70 -44.05 -9.05
C TYR F 22 25.32 -44.77 -7.86
N GLY F 23 25.93 -45.92 -8.13
CA GLY F 23 26.55 -46.69 -7.06
C GLY F 23 27.25 -47.95 -7.52
N PHE F 24 27.65 -48.75 -6.54
CA PHE F 24 28.47 -49.93 -6.78
C PHE F 24 27.75 -51.21 -6.33
N ARG F 25 28.02 -52.29 -7.05
CA ARG F 25 27.76 -53.63 -6.53
C ARG F 25 29.04 -54.43 -6.66
N HIS F 26 29.37 -55.18 -5.61
CA HIS F 26 30.61 -55.93 -5.60
C HIS F 26 30.36 -57.39 -5.24
N GLN F 27 31.39 -58.20 -5.45
CA GLN F 27 31.33 -59.61 -5.12
C GLN F 27 32.73 -60.08 -4.82
N ASN F 28 32.91 -60.63 -3.62
CA ASN F 28 34.19 -61.22 -3.22
C ASN F 28 33.94 -62.52 -2.47
N ALA F 29 34.87 -62.92 -1.60
CA ALA F 29 34.67 -64.13 -0.80
C ALA F 29 33.63 -63.94 0.32
N GLN F 30 33.64 -62.76 0.96
CA GLN F 30 32.65 -62.44 1.98
C GLN F 30 31.23 -62.38 1.45
N GLY F 31 31.07 -62.34 0.13
CA GLY F 31 29.76 -62.27 -0.48
C GLY F 31 29.53 -61.01 -1.31
N THR F 32 28.29 -60.53 -1.33
CA THR F 32 27.94 -59.37 -2.15
C THR F 32 27.70 -58.12 -1.31
N GLY F 33 27.44 -57.01 -2.00
CA GLY F 33 27.21 -55.74 -1.34
C GLY F 33 26.78 -54.65 -2.32
N GLN F 34 26.18 -53.60 -1.78
CA GLN F 34 25.72 -52.47 -2.58
C GLN F 34 25.93 -51.19 -1.80
N ALA F 35 26.41 -50.15 -2.49
CA ALA F 35 26.57 -48.84 -1.88
C ALA F 35 26.40 -47.77 -2.95
N ALA F 36 25.70 -46.69 -2.59
CA ALA F 36 25.48 -45.56 -3.49
C ALA F 36 26.67 -44.61 -3.44
N ASP F 37 27.01 -44.01 -4.58
CA ASP F 37 28.06 -42.98 -4.59
C ASP F 37 27.44 -41.61 -4.39
N TYR F 38 27.92 -40.90 -3.36
CA TYR F 38 27.30 -39.64 -2.94
C TYR F 38 27.66 -38.49 -3.87
N LYS F 39 28.95 -38.39 -4.19
CA LYS F 39 29.47 -37.28 -5.00
C LYS F 39 28.80 -37.20 -6.37
N SER F 40 28.76 -38.33 -7.07
CA SER F 40 28.18 -38.40 -8.40
C SER F 40 26.67 -38.15 -8.39
N THR F 41 26.00 -38.71 -7.39
CA THR F 41 24.56 -38.52 -7.21
C THR F 41 24.24 -37.04 -6.98
N GLN F 42 25.09 -36.38 -6.20
CA GLN F 42 24.87 -34.97 -5.86
C GLN F 42 25.17 -34.03 -7.02
N ALA F 43 26.19 -34.36 -7.80
CA ALA F 43 26.57 -33.54 -8.94
C ALA F 43 25.40 -33.42 -9.91
N ALA F 44 24.68 -34.52 -10.07
CA ALA F 44 23.52 -34.58 -10.97
C ALA F 44 22.32 -33.85 -10.38
N ILE F 45 22.08 -34.07 -9.09
CA ILE F 45 20.94 -33.49 -8.38
C ILE F 45 21.02 -31.96 -8.34
N ASP F 46 22.22 -31.44 -8.11
CA ASP F 46 22.41 -30.00 -8.06
C ASP F 46 22.19 -29.32 -9.41
N GLN F 47 22.47 -30.06 -10.48
CA GLN F 47 22.19 -29.55 -11.83
C GLN F 47 20.70 -29.51 -12.13
N ILE F 48 19.97 -30.57 -11.79
CA ILE F 48 18.50 -30.55 -11.87
C ILE F 48 17.95 -29.38 -11.06
N THR F 49 18.47 -29.22 -9.85
CA THR F 49 18.05 -28.14 -8.96
C THR F 49 18.22 -26.78 -9.63
N GLY F 50 19.32 -26.62 -10.37
CA GLY F 50 19.58 -25.39 -11.08
C GLY F 50 18.52 -25.06 -12.12
N LYS F 51 18.14 -26.06 -12.91
CA LYS F 51 17.14 -25.89 -13.95
C LYS F 51 15.78 -25.52 -13.35
N LEU F 52 15.46 -26.15 -12.23
CA LEU F 52 14.19 -25.88 -11.55
C LEU F 52 14.16 -24.47 -10.99
N ASN F 53 15.32 -23.98 -10.57
CA ASN F 53 15.42 -22.61 -10.09
C ASN F 53 15.25 -21.58 -11.19
N ARG F 54 15.79 -21.89 -12.37
CA ARG F 54 15.64 -21.03 -13.54
C ARG F 54 14.20 -21.03 -14.04
N LEU F 55 13.57 -22.21 -14.00
CA LEU F 55 12.17 -22.36 -14.44
C LEU F 55 11.22 -21.52 -13.60
N VAL F 56 11.59 -21.31 -12.35
CA VAL F 56 10.68 -20.83 -11.33
C VAL F 56 10.98 -19.36 -10.94
N GLU F 57 12.09 -18.83 -11.48
CA GLU F 57 12.34 -17.40 -11.39
C GLU F 57 11.24 -16.66 -12.14
N LYS F 58 10.73 -15.59 -11.56
CA LYS F 58 9.60 -14.88 -12.14
C LYS F 58 10.00 -13.52 -12.70
N THR F 59 9.33 -13.11 -13.78
CA THR F 59 9.48 -11.75 -14.29
C THR F 59 8.53 -10.83 -13.52
N ASN F 60 8.85 -9.54 -13.48
CA ASN F 60 8.14 -8.58 -12.65
C ASN F 60 7.04 -7.83 -13.40
N THR F 61 6.76 -8.26 -14.64
CA THR F 61 5.92 -7.46 -15.53
C THR F 61 4.43 -7.54 -15.22
N GLU F 62 3.88 -6.42 -14.78
CA GLU F 62 2.47 -6.35 -14.48
C GLU F 62 1.71 -5.86 -15.71
N PHE F 63 0.62 -6.55 -16.04
CA PHE F 63 -0.20 -6.16 -17.18
C PHE F 63 -1.58 -5.72 -16.69
N GLU F 64 -2.16 -4.74 -17.39
CA GLU F 64 -3.55 -4.35 -17.14
C GLU F 64 -4.42 -5.00 -18.20
N SER F 65 -5.74 -4.91 -18.01
CA SER F 65 -6.70 -5.42 -18.98
C SER F 65 -6.80 -4.48 -20.19
N ILE F 66 -6.95 -5.07 -21.38
CA ILE F 66 -7.25 -4.29 -22.58
C ILE F 66 -8.50 -4.86 -23.26
N GLU F 67 -9.13 -5.81 -22.60
CA GLU F 67 -10.39 -6.42 -23.04
C GLU F 67 -11.39 -6.41 -21.88
N SER F 68 -12.53 -5.73 -22.06
CA SER F 68 -13.57 -5.73 -21.04
C SER F 68 -14.33 -7.06 -20.99
N GLU F 69 -14.46 -7.63 -19.79
CA GLU F 69 -15.24 -8.86 -19.59
C GLU F 69 -16.75 -8.63 -19.65
N PHE F 70 -17.19 -7.39 -19.39
CA PHE F 70 -18.59 -7.11 -19.08
C PHE F 70 -19.25 -6.11 -20.02
N SER F 71 -18.46 -5.38 -20.80
CA SER F 71 -19.00 -4.45 -21.78
C SER F 71 -18.34 -4.69 -23.13
N GLU F 72 -19.00 -4.29 -24.20
CA GLU F 72 -18.54 -4.59 -25.56
C GLU F 72 -17.21 -3.90 -25.91
N ILE F 73 -16.47 -4.49 -26.84
CA ILE F 73 -15.23 -3.91 -27.35
C ILE F 73 -15.55 -3.47 -28.78
N GLU F 74 -15.06 -2.31 -29.20
CA GLU F 74 -15.26 -1.90 -30.60
C GLU F 74 -14.65 -2.98 -31.51
N HIS F 75 -15.31 -3.23 -32.65
CA HIS F 75 -15.02 -4.42 -33.44
C HIS F 75 -13.61 -4.47 -34.04
N GLN F 76 -13.18 -3.38 -34.69
CA GLN F 76 -11.86 -3.36 -35.28
C GLN F 76 -10.74 -3.52 -34.23
N ILE F 77 -10.79 -2.71 -33.17
CA ILE F 77 -9.78 -2.82 -32.12
C ILE F 77 -9.81 -4.23 -31.49
N GLY F 78 -11.02 -4.78 -31.32
CA GLY F 78 -11.20 -6.12 -30.80
C GLY F 78 -10.49 -7.17 -31.65
N ASN F 79 -10.62 -7.05 -32.97
CA ASN F 79 -9.92 -7.97 -33.88
C ASN F 79 -8.39 -7.83 -33.80
N VAL F 80 -7.90 -6.59 -33.76
CA VAL F 80 -6.46 -6.33 -33.58
C VAL F 80 -5.96 -7.04 -32.32
N ILE F 81 -6.66 -6.84 -31.21
CA ILE F 81 -6.29 -7.43 -29.93
C ILE F 81 -6.27 -8.96 -29.97
N ASN F 82 -7.32 -9.57 -30.51
CA ASN F 82 -7.37 -11.02 -30.65
C ASN F 82 -6.19 -11.53 -31.48
N TRP F 83 -5.88 -10.83 -32.57
CA TRP F 83 -4.78 -11.20 -33.44
C TRP F 83 -3.46 -11.08 -32.68
N THR F 84 -3.34 -10.04 -31.85
CA THR F 84 -2.08 -9.82 -31.17
C THR F 84 -1.88 -10.87 -30.09
N LYS F 85 -2.94 -11.12 -29.34
CA LYS F 85 -2.88 -12.07 -28.24
C LYS F 85 -2.65 -13.50 -28.73
N ASP F 86 -3.35 -13.92 -29.78
CA ASP F 86 -3.12 -15.27 -30.33
C ASP F 86 -1.68 -15.43 -30.84
N SER F 87 -1.20 -14.41 -31.54
CA SER F 87 0.20 -14.39 -31.99
C SER F 87 1.18 -14.50 -30.83
N ILE F 88 0.92 -13.75 -29.76
CA ILE F 88 1.76 -13.88 -28.56
C ILE F 88 1.63 -15.27 -27.93
N THR F 89 0.41 -15.79 -27.84
CA THR F 89 0.20 -17.14 -27.31
C THR F 89 1.01 -18.20 -28.09
N ASP F 90 0.88 -18.20 -29.42
CA ASP F 90 1.64 -19.14 -30.26
C ASP F 90 3.14 -19.09 -29.97
N ILE F 91 3.68 -17.87 -29.85
CA ILE F 91 5.09 -17.71 -29.49
C ILE F 91 5.39 -18.42 -28.18
N TRP F 92 4.60 -18.13 -27.15
CA TRP F 92 4.86 -18.73 -25.85
C TRP F 92 4.65 -20.24 -25.80
N THR F 93 3.64 -20.79 -26.50
CA THR F 93 3.50 -22.24 -26.44
C THR F 93 4.62 -22.91 -27.25
N TYR F 94 5.07 -22.26 -28.31
CA TYR F 94 6.28 -22.71 -29.01
C TYR F 94 7.47 -22.75 -28.06
N GLN F 95 7.69 -21.66 -27.33
CA GLN F 95 8.85 -21.53 -26.46
C GLN F 95 8.83 -22.52 -25.32
N ALA F 96 7.65 -22.73 -24.75
CA ALA F 96 7.47 -23.66 -23.64
C ALA F 96 7.75 -25.08 -24.14
N GLU F 97 7.18 -25.40 -25.29
CA GLU F 97 7.42 -26.68 -25.94
C GLU F 97 8.91 -26.90 -26.18
N LEU F 98 9.59 -25.87 -26.66
CA LEU F 98 11.01 -25.99 -26.98
C LEU F 98 11.86 -26.14 -25.71
N LEU F 99 11.58 -25.31 -24.71
CA LEU F 99 12.31 -25.32 -23.44
C LEU F 99 12.33 -26.73 -22.83
N VAL F 100 11.15 -27.32 -22.71
CA VAL F 100 11.01 -28.65 -22.16
C VAL F 100 11.77 -29.69 -23.00
N ALA F 101 11.53 -29.68 -24.31
CA ALA F 101 12.21 -30.65 -25.18
C ALA F 101 13.73 -30.51 -25.07
N MET F 102 14.22 -29.28 -25.15
CA MET F 102 15.65 -29.05 -25.06
C MET F 102 16.22 -29.45 -23.68
N GLU F 103 15.58 -28.99 -22.61
CA GLU F 103 16.05 -29.26 -21.25
C GLU F 103 16.04 -30.75 -20.93
N ASN F 104 14.97 -31.43 -21.32
CA ASN F 104 14.87 -32.86 -21.12
C ASN F 104 16.03 -33.60 -21.80
N GLN F 105 16.31 -33.22 -23.04
CA GLN F 105 17.45 -33.75 -23.78
C GLN F 105 18.73 -33.60 -22.97
N HIS F 106 18.97 -32.39 -22.47
CA HIS F 106 20.20 -32.12 -21.76
C HIS F 106 20.27 -32.85 -20.41
N THR F 107 19.12 -32.98 -19.75
CA THR F 107 19.04 -33.61 -18.44
C THR F 107 19.42 -35.11 -18.52
N ILE F 108 18.70 -35.82 -19.38
CA ILE F 108 18.99 -37.20 -19.72
C ILE F 108 20.47 -37.45 -20.04
N ASP F 109 21.05 -36.62 -20.91
CA ASP F 109 22.44 -36.80 -21.31
C ASP F 109 23.44 -36.45 -20.21
N MET F 110 23.15 -35.46 -19.37
CA MET F 110 24.11 -35.14 -18.30
C MET F 110 24.11 -36.22 -17.21
N ALA F 111 22.97 -36.88 -17.00
CA ALA F 111 22.91 -37.96 -16.03
C ALA F 111 23.74 -39.16 -16.53
N ASP F 112 23.63 -39.43 -17.83
CA ASP F 112 24.45 -40.44 -18.52
C ASP F 112 25.93 -40.07 -18.30
N SER F 113 26.22 -38.78 -18.49
CA SER F 113 27.56 -38.23 -18.29
C SER F 113 28.13 -38.49 -16.89
N GLU F 114 27.33 -38.23 -15.85
CA GLU F 114 27.80 -38.41 -14.47
C GLU F 114 28.05 -39.89 -14.18
N MET F 115 27.19 -40.74 -14.74
CA MET F 115 27.41 -42.17 -14.65
C MET F 115 28.75 -42.56 -15.28
N LEU F 116 28.98 -42.10 -16.51
CA LEU F 116 30.25 -42.38 -17.19
C LEU F 116 31.45 -41.84 -16.42
N ASN F 117 31.35 -40.60 -15.94
CA ASN F 117 32.45 -40.01 -15.16
C ASN F 117 32.83 -40.81 -13.91
N LEU F 118 31.84 -41.44 -13.27
CA LEU F 118 32.11 -42.24 -12.09
C LEU F 118 32.86 -43.49 -12.53
N TYR F 119 32.31 -44.15 -13.55
CA TYR F 119 32.93 -45.32 -14.18
C TYR F 119 34.40 -45.08 -14.55
N GLU F 120 34.67 -43.92 -15.14
CA GLU F 120 36.03 -43.59 -15.57
C GLU F 120 36.95 -43.39 -14.37
N ARG F 121 36.42 -42.73 -13.34
CA ARG F 121 37.16 -42.52 -12.11
C ARG F 121 37.67 -43.83 -11.50
N VAL F 122 36.78 -44.82 -11.41
CA VAL F 122 37.11 -46.14 -10.88
C VAL F 122 38.12 -46.87 -11.76
N ARG F 123 37.89 -46.83 -13.08
CA ARG F 123 38.78 -47.47 -14.05
C ARG F 123 40.23 -47.05 -13.81
N LYS F 124 40.46 -45.74 -13.70
CA LYS F 124 41.81 -45.22 -13.53
C LYS F 124 42.39 -45.53 -12.13
N GLN F 125 41.51 -45.60 -11.13
CA GLN F 125 41.92 -46.00 -9.78
C GLN F 125 42.58 -47.37 -9.81
N LEU F 126 41.89 -48.32 -10.43
CA LEU F 126 42.30 -49.72 -10.44
C LEU F 126 43.51 -49.96 -11.34
N ARG F 127 43.80 -48.97 -12.19
CA ARG F 127 44.60 -49.13 -13.42
C ARG F 127 44.91 -50.53 -13.92
N GLN F 128 46.10 -51.04 -13.61
CA GLN F 128 46.50 -52.31 -14.19
C GLN F 128 46.09 -53.52 -13.36
N ASN F 129 45.27 -53.28 -12.33
CA ASN F 129 44.87 -54.38 -11.44
C ASN F 129 43.51 -54.98 -11.77
N ALA F 130 42.80 -54.33 -12.70
CA ALA F 130 41.48 -54.81 -13.11
C ALA F 130 41.27 -54.76 -14.63
N GLU F 131 40.29 -55.51 -15.12
CA GLU F 131 39.88 -55.44 -16.52
C GLU F 131 38.37 -55.20 -16.67
N GLU F 132 37.98 -54.56 -17.78
CA GLU F 132 36.58 -54.21 -18.04
C GLU F 132 35.74 -55.36 -18.63
N ASP F 133 34.59 -55.57 -17.98
CA ASP F 133 33.49 -56.44 -18.41
C ASP F 133 32.97 -56.10 -19.80
N GLY F 134 32.72 -54.81 -20.02
CA GLY F 134 31.95 -54.37 -21.18
C GLY F 134 30.54 -54.08 -20.74
N LYS F 135 30.24 -54.45 -19.49
CA LYS F 135 28.91 -54.26 -18.92
C LYS F 135 28.95 -53.34 -17.69
N GLY F 136 30.00 -52.54 -17.57
CA GLY F 136 30.12 -51.64 -16.43
C GLY F 136 30.77 -52.26 -15.20
N CYS F 137 31.26 -53.49 -15.35
CA CYS F 137 31.97 -54.15 -14.26
C CYS F 137 33.48 -54.19 -14.49
N PHE F 138 34.23 -54.24 -13.40
CA PHE F 138 35.66 -54.47 -13.48
C PHE F 138 35.98 -55.78 -12.78
N GLU F 139 36.62 -56.69 -13.49
CA GLU F 139 37.12 -57.93 -12.89
C GLU F 139 38.47 -57.65 -12.25
N ILE F 140 38.52 -57.75 -10.92
CA ILE F 140 39.73 -57.47 -10.15
C ILE F 140 40.57 -58.74 -9.99
N TYR F 141 41.84 -58.64 -10.36
CA TYR F 141 42.72 -59.81 -10.38
C TYR F 141 43.53 -59.96 -9.10
N HIS F 142 42.90 -59.66 -7.96
CA HIS F 142 43.51 -59.89 -6.67
C HIS F 142 42.42 -60.03 -5.60
N ALA F 143 42.82 -60.48 -4.42
CA ALA F 143 41.88 -60.63 -3.32
C ALA F 143 41.41 -59.25 -2.87
N CYS F 144 40.14 -58.96 -3.09
CA CYS F 144 39.56 -57.69 -2.65
C CYS F 144 38.48 -57.91 -1.62
N ASP F 145 38.84 -57.80 -0.34
CA ASP F 145 37.87 -57.94 0.74
C ASP F 145 37.04 -56.69 0.95
N ASP F 146 36.06 -56.75 1.85
CA ASP F 146 35.14 -55.64 2.09
C ASP F 146 35.84 -54.30 2.39
N SER F 147 37.07 -54.33 2.87
CA SER F 147 37.79 -53.09 3.14
C SER F 147 38.42 -52.55 1.87
N CYS F 148 38.89 -53.47 1.03
CA CYS F 148 39.45 -53.13 -0.27
C CYS F 148 38.35 -52.56 -1.19
N MET F 149 37.21 -53.23 -1.24
CA MET F 149 36.03 -52.71 -1.93
C MET F 149 35.68 -51.28 -1.47
N GLU F 150 35.61 -51.10 -0.15
CA GLU F 150 35.29 -49.80 0.43
C GLU F 150 36.30 -48.72 -0.01
N SER F 151 37.58 -49.09 -0.04
CA SER F 151 38.62 -48.14 -0.43
C SER F 151 38.47 -47.72 -1.91
N ILE F 152 37.80 -48.56 -2.69
CA ILE F 152 37.57 -48.26 -4.10
C ILE F 152 36.44 -47.23 -4.22
N ARG F 153 35.32 -47.48 -3.54
CA ARG F 153 34.22 -46.53 -3.50
C ARG F 153 34.62 -45.20 -2.85
N ASN F 154 35.47 -45.29 -1.84
CA ASN F 154 35.93 -44.15 -1.04
C ASN F 154 37.12 -43.44 -1.68
N ASN F 155 37.53 -43.89 -2.86
CA ASN F 155 38.58 -43.20 -3.61
C ASN F 155 39.95 -43.17 -2.90
N THR F 156 40.25 -44.24 -2.15
CA THR F 156 41.53 -44.37 -1.44
C THR F 156 42.33 -45.63 -1.83
N TYR F 157 41.82 -46.37 -2.81
CA TYR F 157 42.49 -47.56 -3.33
C TYR F 157 43.88 -47.24 -3.84
N ASP F 158 44.89 -47.92 -3.31
CA ASP F 158 46.27 -47.79 -3.78
C ASP F 158 46.64 -48.97 -4.66
N HIS F 159 46.79 -48.70 -5.95
CA HIS F 159 46.94 -49.78 -6.92
C HIS F 159 48.28 -50.49 -6.74
N SER F 160 49.32 -49.74 -6.38
CA SER F 160 50.67 -50.28 -6.24
C SER F 160 50.76 -51.35 -5.14
N GLN F 161 49.82 -51.29 -4.20
CA GLN F 161 49.71 -52.26 -3.12
C GLN F 161 49.43 -53.67 -3.66
N TYR F 162 48.73 -53.76 -4.79
CA TYR F 162 48.26 -55.04 -5.31
C TYR F 162 48.79 -55.36 -6.71
N ARG F 163 49.57 -54.45 -7.27
CA ARG F 163 49.95 -54.56 -8.69
C ARG F 163 50.67 -55.87 -9.04
N GLU F 164 51.64 -56.26 -8.22
CA GLU F 164 52.39 -57.52 -8.43
C GLU F 164 51.47 -58.74 -8.52
N GLU F 165 50.66 -58.94 -7.48
CA GLU F 165 49.70 -60.03 -7.46
C GLU F 165 48.76 -59.97 -8.67
N ALA F 166 48.26 -58.76 -8.95
CA ALA F 166 47.31 -58.56 -10.05
C ALA F 166 47.90 -58.88 -11.43
N LEU F 167 49.11 -58.39 -11.70
CA LEU F 167 49.71 -58.59 -13.01
C LEU F 167 49.97 -60.07 -13.30
N LEU F 168 50.51 -60.77 -12.32
CA LEU F 168 50.77 -62.20 -12.44
C LEU F 168 49.47 -62.97 -12.75
N ASN F 169 48.37 -62.55 -12.11
CA ASN F 169 47.10 -63.19 -12.37
C ASN F 169 46.54 -62.87 -13.77
N ARG F 170 46.78 -61.64 -14.23
CA ARG F 170 46.36 -61.23 -15.57
C ARG F 170 47.19 -61.97 -16.62
N LEU F 171 48.46 -62.22 -16.30
CA LEU F 171 49.33 -62.97 -17.19
C LEU F 171 49.10 -64.47 -17.02
N ASN F 172 48.39 -64.83 -15.96
CA ASN F 172 48.14 -66.24 -15.60
C ASN F 172 49.44 -67.02 -15.35
N ILE F 173 50.30 -66.47 -14.48
CA ILE F 173 51.56 -67.11 -14.08
C ILE F 173 51.80 -66.95 -12.57
N ASN F 174 52.80 -67.65 -12.04
CA ASN F 174 53.13 -67.57 -10.62
C ASN F 174 54.43 -66.81 -10.32
N ASP G 1 25.39 -40.82 55.24
CA ASP G 1 25.27 -39.49 55.83
C ASP G 1 24.96 -38.42 54.79
N LYS G 2 23.93 -37.62 55.03
CA LYS G 2 23.60 -36.52 54.12
C LYS G 2 22.91 -35.33 54.78
N ILE G 3 23.01 -34.18 54.14
CA ILE G 3 22.31 -32.97 54.56
C ILE G 3 21.48 -32.44 53.40
N CYS G 4 20.22 -32.08 53.66
CA CYS G 4 19.31 -31.70 52.58
C CYS G 4 18.89 -30.23 52.67
N LEU G 5 18.77 -29.62 51.50
CA LEU G 5 18.31 -28.24 51.42
C LEU G 5 16.83 -28.21 51.08
N GLY G 6 16.14 -27.17 51.53
CA GLY G 6 14.72 -27.06 51.22
C GLY G 6 14.08 -25.73 51.59
N HIS G 7 12.86 -25.56 51.09
CA HIS G 7 12.09 -24.35 51.33
C HIS G 7 10.77 -24.70 51.99
N HIS G 8 10.20 -23.76 52.72
CA HIS G 8 8.92 -24.01 53.38
C HIS G 8 7.79 -24.14 52.37
N ALA G 9 6.63 -24.55 52.87
CA ALA G 9 5.41 -24.64 52.06
C ALA G 9 4.24 -24.53 53.00
N VAL G 10 3.03 -24.37 52.47
CA VAL G 10 1.85 -24.27 53.31
C VAL G 10 0.75 -25.21 52.81
N ALA G 11 -0.24 -25.45 53.65
CA ALA G 11 -1.36 -26.31 53.26
C ALA G 11 -2.23 -25.64 52.21
N ASN G 12 -2.78 -24.47 52.56
CA ASN G 12 -3.55 -23.67 51.61
C ASN G 12 -2.75 -22.50 51.03
N GLY G 13 -2.39 -22.57 49.76
CA GLY G 13 -1.68 -21.48 49.11
C GLY G 13 -2.63 -20.45 48.53
N THR G 14 -2.09 -19.39 47.91
CA THR G 14 -2.93 -18.44 47.16
C THR G 14 -2.58 -18.39 45.69
N ILE G 15 -3.55 -17.99 44.87
CA ILE G 15 -3.36 -17.89 43.44
C ILE G 15 -3.09 -16.45 43.04
N VAL G 16 -2.05 -16.24 42.23
CA VAL G 16 -1.69 -14.93 41.72
C VAL G 16 -1.33 -15.02 40.23
N LYS G 17 -1.37 -13.89 39.54
CA LYS G 17 -1.01 -13.84 38.14
C LYS G 17 0.47 -13.55 38.02
N THR G 18 1.10 -14.11 36.98
CA THR G 18 2.45 -13.73 36.59
C THR G 18 2.41 -13.35 35.12
N LEU G 19 3.57 -12.98 34.57
CA LEU G 19 3.66 -12.66 33.15
C LEU G 19 3.39 -13.90 32.31
N THR G 20 3.70 -15.06 32.88
CA THR G 20 3.68 -16.32 32.14
C THR G 20 2.59 -17.28 32.60
N ASN G 21 1.87 -16.92 33.65
CA ASN G 21 0.94 -17.86 34.27
C ASN G 21 -0.23 -17.15 34.95
N GLU G 22 -1.44 -17.51 34.57
CA GLU G 22 -2.63 -16.88 35.08
C GLU G 22 -2.99 -17.45 36.45
N GLN G 23 -2.58 -18.69 36.68
CA GLN G 23 -2.94 -19.42 37.89
C GLN G 23 -1.70 -19.96 38.57
N GLU G 24 -0.92 -19.06 39.15
CA GLU G 24 0.28 -19.47 39.88
C GLU G 24 -0.05 -19.54 41.36
N GLU G 25 0.30 -20.65 42.00
CA GLU G 25 0.07 -20.79 43.43
C GLU G 25 1.30 -20.42 44.26
N VAL G 26 1.14 -19.44 45.13
CA VAL G 26 2.20 -18.98 46.02
C VAL G 26 1.78 -19.09 47.49
N THR G 27 2.74 -18.97 48.41
CA THR G 27 2.47 -19.17 49.83
C THR G 27 1.62 -18.06 50.47
N ASN G 28 1.83 -16.81 50.05
CA ASN G 28 1.05 -15.70 50.60
C ASN G 28 0.88 -14.56 49.58
N ALA G 29 -0.19 -13.79 49.75
CA ALA G 29 -0.51 -12.72 48.82
C ALA G 29 -1.32 -11.63 49.50
N THR G 30 -1.21 -10.40 49.01
CA THR G 30 -1.98 -9.29 49.56
C THR G 30 -2.67 -8.51 48.44
N GLU G 31 -3.85 -7.99 48.75
CA GLU G 31 -4.64 -7.19 47.82
C GLU G 31 -3.99 -5.84 47.49
N THR G 32 -4.17 -5.36 46.26
CA THR G 32 -3.70 -4.04 45.84
C THR G 32 -4.87 -3.11 45.49
N VAL G 33 -6.05 -3.69 45.30
CA VAL G 33 -7.25 -2.92 44.97
C VAL G 33 -8.20 -2.84 46.15
N GLU G 34 -8.50 -1.62 46.61
CA GLU G 34 -9.41 -1.43 47.74
C GLU G 34 -10.88 -1.54 47.32
N SER G 35 -11.62 -2.41 48.00
CA SER G 35 -13.03 -2.63 47.69
C SER G 35 -13.93 -2.08 48.78
N THR G 36 -13.34 -1.60 49.87
CA THR G 36 -14.12 -1.19 51.03
C THR G 36 -14.12 0.31 51.25
N GLY G 37 -15.32 0.89 51.26
CA GLY G 37 -15.46 2.31 51.52
C GLY G 37 -16.18 2.52 52.84
N ILE G 38 -16.18 3.77 53.31
CA ILE G 38 -16.91 4.13 54.51
C ILE G 38 -18.19 4.88 54.12
N ASN G 39 -19.34 4.38 54.57
CA ASN G 39 -20.63 4.96 54.19
C ASN G 39 -20.96 6.24 54.96
N ARG G 40 -19.93 7.01 55.29
CA ARG G 40 -20.06 8.26 56.02
C ARG G 40 -19.05 9.24 55.44
N LEU G 41 -19.28 10.53 55.68
CA LEU G 41 -18.28 11.56 55.36
C LEU G 41 -17.39 11.79 56.57
N CYS G 42 -16.10 11.50 56.42
CA CYS G 42 -15.15 11.59 57.54
C CYS G 42 -14.54 12.97 57.66
N MET G 43 -15.06 13.75 58.61
CA MET G 43 -14.78 15.18 58.68
C MET G 43 -13.80 15.59 59.78
N LYS G 44 -13.16 14.61 60.43
CA LYS G 44 -12.20 14.91 61.48
C LYS G 44 -11.02 15.70 60.95
N GLY G 45 -10.64 16.76 61.67
CA GLY G 45 -9.55 17.61 61.26
C GLY G 45 -9.95 18.67 60.25
N ARG G 46 -11.21 18.71 59.86
CA ARG G 46 -11.60 19.72 58.88
C ARG G 46 -12.70 20.69 59.30
N LYS G 47 -12.52 21.95 58.93
CA LYS G 47 -13.55 22.96 59.10
C LYS G 47 -14.62 22.79 58.04
N HIS G 48 -15.63 21.97 58.31
CA HIS G 48 -16.66 21.75 57.29
C HIS G 48 -17.92 22.57 57.43
N LYS G 49 -18.62 22.73 56.32
CA LYS G 49 -19.99 23.26 56.35
C LYS G 49 -20.92 22.38 55.50
N ASP G 50 -21.93 21.82 56.17
CA ASP G 50 -22.96 21.00 55.53
C ASP G 50 -24.13 21.89 55.16
N LEU G 51 -24.29 22.13 53.86
CA LEU G 51 -25.29 23.06 53.34
C LEU G 51 -26.73 22.60 53.55
N GLY G 52 -26.93 21.33 53.90
CA GLY G 52 -28.27 20.79 54.04
C GLY G 52 -29.11 21.05 52.80
N ASN G 53 -30.28 21.65 52.98
CA ASN G 53 -31.16 21.90 51.86
C ASN G 53 -30.82 23.19 51.10
N CYS G 54 -29.72 23.82 51.47
CA CYS G 54 -29.25 25.01 50.76
C CYS G 54 -28.36 24.68 49.54
N HIS G 55 -28.74 25.14 48.35
CA HIS G 55 -27.90 24.93 47.17
C HIS G 55 -26.89 26.07 47.07
N PRO G 56 -25.63 25.73 46.70
CA PRO G 56 -24.53 26.71 46.66
C PRO G 56 -24.90 28.03 45.98
N ILE G 57 -25.62 28.00 44.87
CA ILE G 57 -26.10 29.23 44.25
C ILE G 57 -26.97 30.05 45.22
N GLY G 58 -27.77 29.35 46.03
CA GLY G 58 -28.61 30.03 47.02
C GLY G 58 -27.85 30.92 48.00
N MET G 59 -26.64 30.50 48.34
CA MET G 59 -25.77 31.24 49.26
C MET G 59 -25.51 32.66 48.74
N LEU G 60 -25.38 32.78 47.42
CA LEU G 60 -25.01 34.06 46.82
C LEU G 60 -26.17 35.03 46.66
N ILE G 61 -27.37 34.52 46.40
CA ILE G 61 -28.53 35.38 46.20
C ILE G 61 -29.42 35.52 47.45
N GLY G 62 -29.26 34.60 48.40
CA GLY G 62 -29.96 34.70 49.67
C GLY G 62 -31.33 34.06 49.72
N THR G 63 -31.45 32.86 49.16
CA THR G 63 -32.68 32.07 49.25
C THR G 63 -32.93 31.76 50.73
N PRO G 64 -34.20 31.80 51.17
CA PRO G 64 -34.57 31.54 52.57
C PRO G 64 -33.92 30.28 53.13
N ALA G 65 -33.80 29.24 52.32
CA ALA G 65 -33.19 27.99 52.76
C ALA G 65 -31.72 28.15 53.13
N CYS G 66 -31.09 29.19 52.59
CA CYS G 66 -29.65 29.43 52.78
C CYS G 66 -29.34 30.55 53.78
N ASP G 67 -30.34 30.95 54.56
CA ASP G 67 -30.17 32.05 55.53
C ASP G 67 -29.01 31.81 56.52
N LEU G 68 -28.79 30.55 56.91
CA LEU G 68 -27.68 30.21 57.79
C LEU G 68 -26.36 29.95 57.04
N HIS G 69 -26.30 30.34 55.76
CA HIS G 69 -25.13 30.04 54.92
C HIS G 69 -24.77 31.20 53.97
N LEU G 70 -25.04 32.43 54.39
CA LEU G 70 -24.78 33.58 53.54
C LEU G 70 -23.32 34.00 53.63
N THR G 71 -22.72 33.77 54.79
CA THR G 71 -21.29 34.01 54.99
C THR G 71 -20.67 32.81 55.70
N GLY G 72 -19.35 32.79 55.82
CA GLY G 72 -18.69 31.71 56.53
C GLY G 72 -17.28 31.44 56.08
N MET G 73 -16.62 30.51 56.77
CA MET G 73 -15.29 30.04 56.40
C MET G 73 -15.30 28.53 56.54
N TRP G 74 -14.66 27.85 55.61
CA TRP G 74 -14.63 26.39 55.63
C TRP G 74 -13.46 25.89 54.79
N ASP G 75 -12.92 24.71 55.10
CA ASP G 75 -12.00 24.05 54.19
C ASP G 75 -12.67 22.91 53.41
N THR G 76 -13.88 22.53 53.81
CA THR G 76 -14.71 21.66 52.97
C THR G 76 -16.21 22.02 53.00
N LEU G 77 -16.80 22.08 51.80
CA LEU G 77 -18.20 22.47 51.60
C LEU G 77 -19.00 21.24 51.15
N ILE G 78 -20.12 20.96 51.82
CA ILE G 78 -20.89 19.76 51.50
C ILE G 78 -22.26 20.06 50.88
N GLU G 79 -22.44 19.61 49.64
CA GLU G 79 -23.68 19.78 48.89
C GLU G 79 -24.53 18.50 48.89
N ARG G 80 -25.82 18.67 49.19
CA ARG G 80 -26.76 17.54 49.26
C ARG G 80 -27.70 17.52 48.07
N GLU G 81 -28.27 16.35 47.78
CA GLU G 81 -29.20 16.22 46.67
C GLU G 81 -30.50 16.99 46.91
N ASN G 82 -31.09 17.49 45.84
CA ASN G 82 -32.34 18.24 45.88
C ASN G 82 -32.26 19.52 46.72
N ALA G 83 -31.05 20.04 46.88
CA ALA G 83 -30.84 21.32 47.56
C ALA G 83 -31.52 22.46 46.81
N ILE G 84 -32.01 23.47 47.54
CA ILE G 84 -32.78 24.56 46.95
C ILE G 84 -31.93 25.79 46.61
N ALA G 85 -32.16 26.36 45.42
CA ALA G 85 -31.46 27.56 45.00
C ALA G 85 -32.45 28.69 44.75
N TYR G 86 -33.65 28.31 44.33
CA TYR G 86 -34.63 29.28 43.87
C TYR G 86 -35.92 29.14 44.68
N CYS G 87 -36.42 30.25 45.21
CA CYS G 87 -37.75 30.27 45.78
C CYS G 87 -38.68 30.79 44.69
N TYR G 88 -38.43 32.03 44.23
CA TYR G 88 -39.10 32.52 43.03
C TYR G 88 -38.40 31.89 41.84
N PRO G 89 -39.17 31.23 40.97
CA PRO G 89 -38.62 30.43 39.88
C PRO G 89 -37.77 31.24 38.91
N GLY G 90 -36.77 30.57 38.34
CA GLY G 90 -35.90 31.16 37.35
C GLY G 90 -34.73 30.24 37.09
N ALA G 91 -33.67 30.78 36.51
CA ALA G 91 -32.48 29.98 36.21
C ALA G 91 -31.24 30.88 36.19
N THR G 92 -30.07 30.29 36.42
CA THR G 92 -28.82 31.05 36.38
C THR G 92 -28.06 30.79 35.09
N VAL G 93 -27.58 31.86 34.45
CA VAL G 93 -26.72 31.71 33.28
C VAL G 93 -25.31 31.27 33.66
N ASN G 94 -24.78 30.30 32.93
CA ASN G 94 -23.50 29.67 33.28
C ASN G 94 -23.47 29.21 34.74
N VAL G 95 -24.49 28.43 35.12
CA VAL G 95 -24.69 28.05 36.50
C VAL G 95 -23.65 27.04 36.98
N GLU G 96 -23.21 26.13 36.11
CA GLU G 96 -22.31 25.08 36.58
C GLU G 96 -20.93 25.62 36.92
N ALA G 97 -20.45 26.55 36.11
CA ALA G 97 -19.19 27.22 36.38
C ALA G 97 -19.25 27.97 37.71
N LEU G 98 -20.40 28.60 37.99
CA LEU G 98 -20.59 29.33 39.25
C LEU G 98 -20.61 28.35 40.42
N ARG G 99 -21.38 27.27 40.29
CA ARG G 99 -21.45 26.28 41.35
C ARG G 99 -20.05 25.75 41.66
N GLN G 100 -19.26 25.48 40.61
CA GLN G 100 -17.91 24.95 40.77
C GLN G 100 -16.98 25.96 41.47
N LYS G 101 -17.19 27.26 41.23
CA LYS G 101 -16.38 28.28 41.91
C LYS G 101 -16.67 28.28 43.40
N ILE G 102 -17.96 28.25 43.74
CA ILE G 102 -18.39 28.26 45.11
C ILE G 102 -17.92 27.00 45.81
N MET G 103 -17.99 25.88 45.10
CA MET G 103 -17.64 24.60 45.68
C MET G 103 -16.13 24.35 45.80
N GLU G 104 -15.31 25.30 45.37
CA GLU G 104 -13.87 25.20 45.62
C GLU G 104 -13.33 26.42 46.38
N SER G 105 -14.25 27.27 46.86
CA SER G 105 -13.89 28.38 47.72
C SER G 105 -13.68 27.89 49.15
N GLY G 106 -13.09 28.73 49.99
CA GLY G 106 -12.89 28.38 51.38
C GLY G 106 -13.71 29.28 52.29
N GLY G 107 -14.66 30.00 51.68
CA GLY G 107 -15.50 30.91 52.43
C GLY G 107 -16.07 32.02 51.57
N ILE G 108 -17.08 32.71 52.11
CA ILE G 108 -17.77 33.81 51.43
C ILE G 108 -17.93 35.02 52.36
N ASN G 109 -17.55 36.20 51.88
CA ASN G 109 -17.88 37.42 52.58
C ASN G 109 -18.86 38.23 51.76
N LYS G 110 -19.79 38.90 52.44
CA LYS G 110 -20.78 39.70 51.75
C LYS G 110 -20.47 41.17 51.98
N ILE G 111 -20.57 41.96 50.91
CA ILE G 111 -20.32 43.40 51.02
C ILE G 111 -21.43 44.19 50.31
N SER G 112 -21.91 45.22 51.00
CA SER G 112 -23.07 45.98 50.57
C SER G 112 -22.78 46.79 49.31
N THR G 113 -23.73 46.86 48.39
CA THR G 113 -23.59 47.70 47.20
C THR G 113 -23.91 49.16 47.51
N GLY G 114 -24.81 49.38 48.45
CA GLY G 114 -25.18 50.73 48.84
C GLY G 114 -26.11 51.40 47.85
N PHE G 115 -26.68 50.60 46.94
CA PHE G 115 -27.63 51.10 45.97
C PHE G 115 -28.83 51.75 46.67
N THR G 116 -29.16 52.99 46.30
CA THR G 116 -30.34 53.66 46.82
C THR G 116 -31.26 54.05 45.67
N TYR G 117 -32.53 54.27 45.95
CA TYR G 117 -33.52 54.50 44.89
C TYR G 117 -34.49 55.63 45.23
N GLY G 118 -34.80 56.46 44.23
CA GLY G 118 -35.78 57.53 44.40
C GLY G 118 -37.15 57.03 44.83
N SER G 119 -38.01 57.96 45.23
CA SER G 119 -39.29 57.62 45.84
C SER G 119 -40.32 57.05 44.85
N SER G 120 -40.08 57.25 43.55
CA SER G 120 -40.92 56.61 42.53
C SER G 120 -40.72 55.08 42.48
N ILE G 121 -39.64 54.60 43.10
CA ILE G 121 -39.35 53.17 43.14
C ILE G 121 -39.69 52.51 44.48
N ASN G 122 -40.48 51.44 44.43
CA ASN G 122 -40.68 50.55 45.55
C ASN G 122 -39.67 49.39 45.45
N SER G 123 -38.63 49.44 46.28
CA SER G 123 -37.54 48.48 46.24
C SER G 123 -37.76 47.34 47.23
N ALA G 124 -38.93 47.32 47.85
CA ALA G 124 -39.27 46.30 48.83
C ALA G 124 -40.30 45.30 48.29
N GLY G 125 -40.27 45.09 46.98
CA GLY G 125 -41.13 44.09 46.35
C GLY G 125 -40.92 42.73 46.95
N THR G 126 -42.02 42.01 47.13
CA THR G 126 -42.02 40.79 47.92
C THR G 126 -42.91 39.73 47.23
N THR G 127 -42.80 38.47 47.64
CA THR G 127 -43.58 37.41 47.00
C THR G 127 -43.88 36.25 47.96
N ARG G 128 -45.02 35.59 47.76
CA ARG G 128 -45.36 34.42 48.57
C ARG G 128 -44.55 33.20 48.15
N ALA G 129 -43.80 33.35 47.06
CA ALA G 129 -42.90 32.28 46.62
C ALA G 129 -41.71 32.16 47.57
N CYS G 130 -41.33 33.28 48.18
CA CYS G 130 -40.21 33.31 49.13
C CYS G 130 -40.71 33.68 50.54
N MET G 131 -41.09 32.67 51.30
CA MET G 131 -41.58 32.87 52.66
C MET G 131 -40.43 32.93 53.63
N ARG G 132 -40.36 34.00 54.42
CA ARG G 132 -39.39 34.11 55.51
C ARG G 132 -40.09 34.65 56.77
N ASN G 133 -40.09 33.86 57.84
CA ASN G 133 -40.71 34.23 59.11
C ASN G 133 -42.21 34.51 59.02
N GLY G 134 -42.94 33.59 58.40
CA GLY G 134 -44.38 33.71 58.27
C GLY G 134 -44.84 34.76 57.28
N GLY G 135 -43.89 35.50 56.71
CA GLY G 135 -44.23 36.57 55.79
C GLY G 135 -43.70 36.42 54.38
N ASN G 136 -44.28 37.17 53.46
CA ASN G 136 -43.77 37.27 52.10
C ASN G 136 -42.42 37.96 52.11
N SER G 137 -41.44 37.37 51.44
CA SER G 137 -40.08 37.91 51.45
C SER G 137 -39.47 37.86 50.05
N PHE G 138 -38.14 37.93 49.98
CA PHE G 138 -37.45 37.86 48.70
C PHE G 138 -36.04 37.37 48.95
N TYR G 139 -35.28 37.15 47.88
CA TYR G 139 -33.87 36.79 48.01
C TYR G 139 -33.16 37.85 48.85
N ALA G 140 -32.46 37.42 49.90
CA ALA G 140 -31.90 38.35 50.87
C ALA G 140 -30.87 39.33 50.30
N GLU G 141 -30.11 38.91 49.29
CA GLU G 141 -29.05 39.75 48.73
C GLU G 141 -29.53 40.60 47.54
N LEU G 142 -30.79 40.45 47.18
CA LEU G 142 -31.31 41.19 46.03
C LEU G 142 -32.59 41.94 46.38
N LYS G 143 -32.95 42.90 45.54
CA LYS G 143 -34.20 43.62 45.71
C LYS G 143 -35.02 43.63 44.42
N TRP G 144 -36.30 43.32 44.56
CA TRP G 144 -37.21 43.36 43.43
C TRP G 144 -37.71 44.81 43.29
N LEU G 145 -37.14 45.53 42.33
CA LEU G 145 -37.49 46.93 42.07
C LEU G 145 -38.75 47.03 41.22
N VAL G 146 -39.66 47.91 41.63
CA VAL G 146 -40.97 47.98 41.02
C VAL G 146 -41.49 49.41 41.16
N SER G 147 -42.33 49.87 40.25
CA SER G 147 -42.96 51.17 40.38
C SER G 147 -43.79 51.27 41.67
N LYS G 148 -43.53 52.28 42.48
CA LYS G 148 -44.31 52.50 43.71
C LYS G 148 -45.77 52.74 43.35
N SER G 149 -45.99 53.47 42.24
CA SER G 149 -47.34 53.64 41.71
C SER G 149 -47.66 52.57 40.67
N LYS G 150 -48.54 51.63 41.03
CA LYS G 150 -48.97 50.53 40.16
C LYS G 150 -49.38 51.02 38.77
N GLY G 151 -48.87 50.38 37.73
CA GLY G 151 -49.21 50.75 36.37
C GLY G 151 -48.41 51.90 35.79
N GLN G 152 -47.70 52.64 36.62
CA GLN G 152 -46.93 53.80 36.15
C GLN G 152 -45.53 53.46 35.67
N ASN G 153 -44.99 54.29 34.78
CA ASN G 153 -43.66 54.02 34.21
C ASN G 153 -42.51 54.10 35.22
N PHE G 154 -41.84 52.98 35.42
CA PHE G 154 -40.63 52.90 36.23
C PHE G 154 -39.62 53.92 35.71
N PRO G 155 -39.01 54.69 36.62
CA PRO G 155 -38.11 55.78 36.22
C PRO G 155 -36.80 55.26 35.64
N GLN G 156 -36.20 56.01 34.72
CA GLN G 156 -34.86 55.66 34.27
C GLN G 156 -33.89 55.87 35.42
N THR G 157 -33.19 54.81 35.84
CA THR G 157 -32.24 54.96 36.94
C THR G 157 -30.87 54.31 36.68
N THR G 158 -29.89 54.76 37.45
CA THR G 158 -28.51 54.31 37.28
C THR G 158 -27.87 54.02 38.65
N ASN G 159 -27.31 52.82 38.79
CA ASN G 159 -26.65 52.41 40.03
C ASN G 159 -25.26 51.87 39.73
N THR G 160 -24.28 52.27 40.52
CA THR G 160 -22.91 51.87 40.25
C THR G 160 -22.25 51.25 41.48
N TYR G 161 -21.79 50.01 41.35
CA TYR G 161 -21.05 49.38 42.44
C TYR G 161 -19.55 49.61 42.27
N ARG G 162 -18.91 50.11 43.32
CA ARG G 162 -17.49 50.42 43.29
C ARG G 162 -16.75 49.40 44.13
N ASN G 163 -15.84 48.65 43.51
CA ASN G 163 -15.04 47.69 44.27
C ASN G 163 -13.77 48.32 44.83
N THR G 164 -13.83 48.69 46.10
CA THR G 164 -12.75 49.40 46.78
C THR G 164 -11.94 48.43 47.64
N ASP G 165 -11.72 47.23 47.10
CA ASP G 165 -11.02 46.16 47.82
C ASP G 165 -9.79 45.71 47.03
N THR G 166 -9.03 44.78 47.59
CA THR G 166 -7.81 44.28 46.97
C THR G 166 -8.03 42.96 46.22
N ALA G 167 -9.28 42.47 46.24
CA ALA G 167 -9.62 41.22 45.57
C ALA G 167 -10.88 41.35 44.72
N GLU G 168 -11.03 40.46 43.74
CA GLU G 168 -12.21 40.45 42.88
C GLU G 168 -13.50 40.21 43.66
N HIS G 169 -14.58 40.83 43.20
CA HIS G 169 -15.88 40.60 43.80
C HIS G 169 -16.82 39.98 42.78
N LEU G 170 -17.63 39.03 43.24
CA LEU G 170 -18.59 38.37 42.37
C LEU G 170 -19.96 38.99 42.61
N ILE G 171 -20.48 39.66 41.58
CA ILE G 171 -21.78 40.32 41.66
C ILE G 171 -22.85 39.56 40.88
N MET G 172 -24.00 39.35 41.51
CA MET G 172 -25.11 38.69 40.84
C MET G 172 -26.31 39.63 40.75
N TRP G 173 -27.07 39.51 39.67
CA TRP G 173 -28.31 40.23 39.55
C TRP G 173 -29.34 39.38 38.81
N GLY G 174 -30.59 39.85 38.78
CA GLY G 174 -31.65 39.12 38.11
C GLY G 174 -32.42 39.99 37.13
N ILE G 175 -33.08 39.34 36.17
CA ILE G 175 -33.94 40.02 35.23
C ILE G 175 -35.30 39.37 35.34
N HIS G 176 -36.34 40.17 35.61
CA HIS G 176 -37.68 39.63 35.76
C HIS G 176 -38.35 39.46 34.40
N HIS G 177 -38.92 38.29 34.17
CA HIS G 177 -39.68 38.04 32.96
C HIS G 177 -41.12 37.71 33.33
N PRO G 178 -42.01 38.71 33.23
CA PRO G 178 -43.40 38.50 33.65
C PRO G 178 -44.11 37.51 32.74
N SER G 179 -45.19 36.91 33.23
CA SER G 179 -45.96 35.96 32.43
C SER G 179 -47.12 36.62 31.68
N SER G 180 -47.39 37.90 31.97
CA SER G 180 -48.47 38.62 31.31
C SER G 180 -48.16 40.09 31.07
N THR G 181 -48.76 40.65 30.03
CA THR G 181 -48.62 42.06 29.69
C THR G 181 -49.14 42.95 30.81
N GLN G 182 -50.20 42.50 31.47
CA GLN G 182 -50.81 43.27 32.54
C GLN G 182 -49.85 43.40 33.72
N GLU G 183 -49.26 42.27 34.12
CA GLU G 183 -48.28 42.21 35.19
C GLU G 183 -47.09 43.11 34.88
N LYS G 184 -46.56 43.01 33.66
CA LYS G 184 -45.45 43.87 33.25
C LYS G 184 -45.86 45.35 33.33
N ASN G 185 -47.05 45.67 32.83
CA ASN G 185 -47.57 47.04 32.91
C ASN G 185 -47.77 47.51 34.35
N ASP G 186 -48.36 46.66 35.18
CA ASP G 186 -48.51 46.96 36.60
C ASP G 186 -47.18 47.26 37.30
N LEU G 187 -46.14 46.50 36.97
CA LEU G 187 -44.88 46.57 37.70
C LEU G 187 -43.92 47.66 37.20
N TYR G 188 -43.82 47.85 35.89
CA TYR G 188 -42.82 48.77 35.33
C TYR G 188 -43.41 49.81 34.38
N GLY G 189 -44.72 49.71 34.11
CA GLY G 189 -45.37 50.63 33.19
C GLY G 189 -45.52 50.06 31.79
N THR G 190 -45.78 50.92 30.82
CA THR G 190 -46.03 50.48 29.46
C THR G 190 -44.85 50.79 28.52
N GLN G 191 -43.87 51.51 29.03
CA GLN G 191 -42.64 51.82 28.30
C GLN G 191 -41.89 50.56 27.83
N SER G 192 -40.94 50.74 26.91
CA SER G 192 -40.05 49.66 26.53
C SER G 192 -39.01 49.48 27.60
N ILE G 193 -38.72 48.23 27.95
CA ILE G 193 -37.82 47.97 29.05
C ILE G 193 -36.44 47.51 28.58
N SER G 194 -35.40 48.12 29.13
CA SER G 194 -34.03 47.78 28.80
C SER G 194 -33.16 47.85 30.06
N ILE G 195 -32.31 46.84 30.25
CA ILE G 195 -31.32 46.85 31.32
C ILE G 195 -29.91 46.69 30.74
N SER G 196 -29.06 47.68 30.99
CA SER G 196 -27.68 47.62 30.54
C SER G 196 -26.76 47.52 31.75
N VAL G 197 -25.85 46.56 31.72
CA VAL G 197 -24.85 46.41 32.77
C VAL G 197 -23.49 46.63 32.12
N GLY G 198 -22.65 47.45 32.74
CA GLY G 198 -21.36 47.76 32.14
C GLY G 198 -20.24 48.01 33.14
N SER G 199 -19.09 47.39 32.90
CA SER G 199 -17.90 47.67 33.68
C SER G 199 -16.76 48.01 32.73
N SER G 200 -15.52 47.85 33.19
CA SER G 200 -14.36 48.10 32.33
C SER G 200 -14.16 46.98 31.32
N THR G 201 -14.57 45.77 31.69
CA THR G 201 -14.35 44.60 30.84
C THR G 201 -15.66 43.93 30.40
N TYR G 202 -16.66 43.94 31.28
CA TYR G 202 -17.95 43.32 31.01
C TYR G 202 -18.96 44.36 30.52
N ARG G 203 -19.71 44.01 29.49
CA ARG G 203 -20.92 44.73 29.13
C ARG G 203 -21.95 43.78 28.51
N ASN G 204 -23.21 43.97 28.85
CA ASN G 204 -24.28 43.13 28.36
C ASN G 204 -25.58 43.88 28.54
N ASN G 205 -26.63 43.48 27.79
CA ASN G 205 -27.92 44.14 27.87
C ASN G 205 -29.03 43.10 27.97
N PHE G 206 -30.08 43.41 28.73
CA PHE G 206 -31.16 42.47 28.95
C PHE G 206 -32.52 43.13 28.72
N VAL G 207 -33.50 42.35 28.27
CA VAL G 207 -34.83 42.84 28.00
C VAL G 207 -35.86 41.89 28.58
N PRO G 208 -36.67 42.37 29.53
CA PRO G 208 -37.77 41.58 30.09
C PRO G 208 -38.73 41.16 29.00
N VAL G 209 -39.04 39.87 28.95
CA VAL G 209 -39.90 39.33 27.92
C VAL G 209 -41.11 38.63 28.52
N VAL G 210 -42.30 39.14 28.17
CA VAL G 210 -43.54 38.54 28.59
C VAL G 210 -43.76 37.20 27.89
N GLY G 211 -44.22 36.20 28.62
CA GLY G 211 -44.57 34.92 28.01
C GLY G 211 -45.34 34.03 28.96
N ALA G 212 -46.40 33.42 28.46
CA ALA G 212 -47.16 32.50 29.29
C ALA G 212 -46.36 31.22 29.53
N ARG G 213 -46.32 30.75 30.77
CA ARG G 213 -45.60 29.52 31.09
C ARG G 213 -46.17 28.86 32.36
N PRO G 214 -45.88 27.58 32.57
CA PRO G 214 -46.42 26.91 33.76
C PRO G 214 -45.97 27.53 35.08
N GLN G 215 -46.68 27.18 36.15
CA GLN G 215 -46.37 27.74 37.45
C GLN G 215 -45.36 26.88 38.22
N VAL G 216 -44.30 27.53 38.67
CA VAL G 216 -43.33 26.90 39.54
C VAL G 216 -43.45 27.64 40.87
N ASN G 217 -43.70 26.88 41.94
CA ASN G 217 -43.96 27.47 43.26
C ASN G 217 -45.02 28.57 43.20
N GLY G 218 -46.09 28.31 42.44
CA GLY G 218 -47.21 29.23 42.32
C GLY G 218 -46.97 30.45 41.45
N GLN G 219 -45.87 30.46 40.71
CA GLN G 219 -45.52 31.61 39.90
C GLN G 219 -45.25 31.21 38.44
N SER G 220 -45.84 31.97 37.52
CA SER G 220 -45.59 31.75 36.09
C SER G 220 -44.55 32.75 35.56
N GLY G 221 -44.26 33.79 36.34
CA GLY G 221 -43.15 34.67 36.02
C GLY G 221 -41.83 33.95 36.27
N ARG G 222 -40.72 34.55 35.84
CA ARG G 222 -39.39 33.97 36.05
C ARG G 222 -38.35 35.03 36.36
N ILE G 223 -37.27 34.64 37.03
CA ILE G 223 -36.10 35.51 37.14
C ILE G 223 -34.85 34.83 36.56
N ASP G 224 -34.30 35.41 35.49
CA ASP G 224 -33.00 34.98 34.98
C ASP G 224 -31.91 35.65 35.82
N PHE G 225 -31.06 34.87 36.47
CA PHE G 225 -29.93 35.43 37.19
C PHE G 225 -28.69 35.46 36.31
N HIS G 226 -27.88 36.51 36.51
CA HIS G 226 -26.63 36.68 35.75
C HIS G 226 -25.55 37.05 36.75
N TRP G 227 -24.29 36.83 36.39
CA TRP G 227 -23.19 37.15 37.29
C TRP G 227 -21.91 37.53 36.55
N THR G 228 -21.00 38.19 37.26
CA THR G 228 -19.64 38.42 36.77
C THR G 228 -18.71 38.73 37.93
N LEU G 229 -17.42 38.78 37.63
CA LEU G 229 -16.42 39.19 38.60
C LEU G 229 -16.06 40.66 38.34
N VAL G 230 -16.15 41.48 39.38
CA VAL G 230 -15.68 42.86 39.30
C VAL G 230 -14.29 42.95 39.93
N GLN G 231 -13.32 43.35 39.13
CA GLN G 231 -11.92 43.43 39.60
C GLN G 231 -11.73 44.58 40.59
N PRO G 232 -10.69 44.49 41.44
CA PRO G 232 -10.39 45.55 42.40
C PRO G 232 -10.18 46.90 41.72
N GLY G 233 -10.80 47.95 42.27
CA GLY G 233 -10.66 49.28 41.69
C GLY G 233 -11.57 49.55 40.50
N ASP G 234 -12.29 48.53 40.05
CA ASP G 234 -13.21 48.70 38.91
C ASP G 234 -14.62 49.04 39.39
N ASN G 235 -15.43 49.61 38.52
CA ASN G 235 -16.82 49.89 38.83
C ASN G 235 -17.74 49.16 37.86
N ILE G 236 -18.96 48.88 38.30
CA ILE G 236 -19.95 48.24 37.43
C ILE G 236 -21.30 48.99 37.48
N THR G 237 -21.74 49.47 36.32
CA THR G 237 -22.92 50.33 36.26
C THR G 237 -24.18 49.63 35.75
N PHE G 238 -25.27 49.80 36.48
CA PHE G 238 -26.57 49.29 36.08
C PHE G 238 -27.45 50.44 35.57
N SER G 239 -27.80 50.39 34.29
CA SER G 239 -28.70 51.38 33.71
C SER G 239 -30.01 50.69 33.32
N HIS G 240 -31.12 51.09 33.95
CA HIS G 240 -32.36 50.32 33.89
C HIS G 240 -33.65 51.14 34.09
N ASN G 241 -34.75 50.63 33.55
CA ASN G 241 -36.07 51.26 33.71
C ASN G 241 -37.20 50.24 33.96
N GLY G 242 -36.89 49.19 34.70
CA GLY G 242 -37.84 48.12 35.01
C GLY G 242 -37.20 46.77 34.75
N GLY G 243 -37.57 45.74 35.50
CA GLY G 243 -37.06 44.40 35.22
C GLY G 243 -35.79 43.97 35.97
N LEU G 244 -34.97 44.94 36.36
CA LEU G 244 -33.74 44.67 37.10
C LEU G 244 -34.08 44.18 38.50
N ILE G 245 -33.59 43.00 38.85
CA ILE G 245 -33.62 42.53 40.23
C ILE G 245 -32.25 42.87 40.80
N ALA G 246 -32.17 43.99 41.54
CA ALA G 246 -30.88 44.60 41.87
C ALA G 246 -30.16 43.97 43.05
N PRO G 247 -28.83 43.87 42.95
CA PRO G 247 -28.05 43.37 44.08
C PRO G 247 -28.02 44.37 45.24
N SER G 248 -28.34 43.91 46.44
CA SER G 248 -28.13 44.76 47.61
C SER G 248 -26.79 44.43 48.28
N ARG G 249 -26.25 43.26 47.97
CA ARG G 249 -24.90 42.88 48.40
C ARG G 249 -24.20 42.08 47.31
N VAL G 250 -22.89 42.19 47.25
CA VAL G 250 -22.10 41.31 46.39
C VAL G 250 -21.31 40.33 47.24
N SER G 251 -20.64 39.38 46.60
CA SER G 251 -19.94 38.33 47.32
C SER G 251 -18.45 38.38 47.05
N LYS G 252 -17.67 37.95 48.03
CA LYS G 252 -16.26 37.70 47.82
C LYS G 252 -15.99 36.26 48.22
N LEU G 253 -15.36 35.50 47.33
CA LEU G 253 -15.00 34.12 47.62
C LEU G 253 -13.58 34.07 48.20
N ILE G 254 -13.43 33.42 49.34
CA ILE G 254 -12.17 33.46 50.09
C ILE G 254 -11.43 32.13 50.04
N GLY G 255 -10.16 32.15 49.65
CA GLY G 255 -9.33 30.95 49.65
C GLY G 255 -9.87 29.73 48.94
N ARG G 256 -9.42 28.55 49.36
CA ARG G 256 -9.78 27.29 48.72
C ARG G 256 -10.43 26.34 49.70
N GLY G 257 -11.25 25.42 49.18
CA GLY G 257 -11.85 24.38 49.97
C GLY G 257 -12.25 23.23 49.07
N LEU G 258 -12.45 22.06 49.65
CA LEU G 258 -12.83 20.87 48.90
C LEU G 258 -14.35 20.75 48.81
N GLY G 259 -14.89 20.81 47.60
CA GLY G 259 -16.31 20.56 47.41
C GLY G 259 -16.70 19.09 47.32
N ILE G 260 -17.66 18.69 48.13
CA ILE G 260 -18.16 17.32 48.13
C ILE G 260 -19.66 17.27 47.83
N GLN G 261 -20.05 16.39 46.91
CA GLN G 261 -21.46 16.09 46.67
C GLN G 261 -21.77 14.68 47.14
N SER G 262 -22.55 14.58 48.21
CA SER G 262 -22.82 13.29 48.86
C SER G 262 -23.96 13.45 49.86
N ASP G 263 -24.78 12.42 50.03
CA ASP G 263 -25.77 12.44 51.08
C ASP G 263 -25.38 11.50 52.23
N ALA G 264 -24.11 11.12 52.26
CA ALA G 264 -23.59 10.31 53.35
C ALA G 264 -23.54 11.14 54.63
N PRO G 265 -23.95 10.56 55.76
CA PRO G 265 -23.99 11.31 57.02
C PRO G 265 -22.59 11.68 57.49
N ILE G 266 -22.46 12.72 58.30
CA ILE G 266 -21.14 13.18 58.75
C ILE G 266 -20.63 12.41 59.99
N ASP G 267 -19.36 12.02 59.96
CA ASP G 267 -18.69 11.33 61.07
C ASP G 267 -17.49 12.19 61.49
N ASN G 268 -17.59 12.82 62.66
CA ASN G 268 -16.52 13.71 63.11
C ASN G 268 -15.35 12.97 63.74
N ASN G 269 -15.51 11.65 63.91
CA ASN G 269 -14.49 10.84 64.57
C ASN G 269 -13.47 10.18 63.65
N CYS G 270 -13.74 10.16 62.35
CA CYS G 270 -12.77 9.58 61.40
C CYS G 270 -12.22 10.61 60.42
N GLU G 271 -10.99 10.38 60.00
CA GLU G 271 -10.27 11.28 59.11
C GLU G 271 -10.24 10.68 57.70
N SER G 272 -10.25 11.55 56.69
CA SER G 272 -10.14 11.07 55.31
C SER G 272 -9.69 12.16 54.34
N LYS G 273 -9.18 11.74 53.19
CA LYS G 273 -8.71 12.68 52.19
C LYS G 273 -9.37 12.37 50.86
N CYS G 274 -10.23 11.35 50.86
CA CYS G 274 -10.85 10.89 49.62
C CYS G 274 -12.33 10.68 49.81
N PHE G 275 -13.14 11.37 48.99
CA PHE G 275 -14.58 11.28 49.14
C PHE G 275 -15.24 10.98 47.82
N TRP G 276 -16.42 10.41 47.89
CA TRP G 276 -17.23 10.17 46.70
C TRP G 276 -18.69 10.22 47.13
N ARG G 277 -19.61 10.18 46.18
CA ARG G 277 -21.03 10.33 46.49
C ARG G 277 -21.53 9.36 47.58
N GLY G 278 -20.84 8.23 47.75
CA GLY G 278 -21.25 7.23 48.72
C GLY G 278 -20.57 7.29 50.09
N GLY G 279 -19.58 8.17 50.23
CA GLY G 279 -18.91 8.31 51.51
C GLY G 279 -17.42 8.61 51.39
N SER G 280 -16.62 7.91 52.18
CA SER G 280 -15.18 8.18 52.24
C SER G 280 -14.38 6.93 51.89
N ILE G 281 -13.14 7.14 51.47
CA ILE G 281 -12.22 6.04 51.21
C ILE G 281 -10.90 6.26 51.95
N ASN G 282 -10.58 5.35 52.87
CA ASN G 282 -9.32 5.37 53.62
C ASN G 282 -8.53 4.11 53.31
N THR G 283 -7.43 4.27 52.58
CA THR G 283 -6.62 3.12 52.23
C THR G 283 -5.19 3.57 52.01
N ARG G 284 -4.30 2.60 52.06
CA ARG G 284 -2.93 2.81 51.67
C ARG G 284 -2.74 2.20 50.28
N LEU G 285 -3.70 1.37 49.89
CA LEU G 285 -3.66 0.72 48.58
C LEU G 285 -3.70 1.76 47.45
N PRO G 286 -2.98 1.48 46.35
CA PRO G 286 -2.86 2.45 45.25
C PRO G 286 -4.09 2.48 44.34
N PHE G 287 -4.89 1.41 44.34
CA PHE G 287 -6.06 1.32 43.46
C PHE G 287 -7.35 1.05 44.24
N GLN G 288 -8.49 1.40 43.65
CA GLN G 288 -9.81 1.18 44.27
C GLN G 288 -10.85 0.92 43.19
N ASN G 289 -11.82 0.07 43.49
CA ASN G 289 -12.89 -0.21 42.53
C ASN G 289 -14.25 0.26 43.02
N LEU G 290 -14.25 1.26 43.90
CA LEU G 290 -15.49 1.79 44.47
C LEU G 290 -16.21 2.77 43.52
N SER G 291 -15.49 3.77 43.05
CA SER G 291 -16.12 4.79 42.24
C SER G 291 -15.16 5.50 41.30
N PRO G 292 -15.60 5.70 40.05
CA PRO G 292 -14.78 6.43 39.10
C PRO G 292 -14.88 7.94 39.32
N ARG G 293 -15.82 8.36 40.17
CA ARG G 293 -15.96 9.78 40.51
C ARG G 293 -15.58 10.04 41.95
N THR G 294 -14.35 10.50 42.17
CA THR G 294 -13.89 10.82 43.52
C THR G 294 -13.37 12.25 43.57
N VAL G 295 -13.25 12.79 44.79
CA VAL G 295 -12.61 14.09 44.98
C VAL G 295 -11.59 13.96 46.10
N GLY G 296 -10.57 14.80 46.07
CA GLY G 296 -9.54 14.75 47.10
C GLY G 296 -8.29 14.03 46.63
N GLN G 297 -7.56 13.46 47.57
CA GLN G 297 -6.41 12.64 47.24
C GLN G 297 -6.87 11.20 47.34
N CYS G 298 -6.97 10.53 46.19
CA CYS G 298 -7.59 9.21 46.13
C CYS G 298 -6.72 8.17 45.43
N PRO G 299 -6.93 6.89 45.76
CA PRO G 299 -6.37 5.82 44.92
C PRO G 299 -7.00 5.92 43.54
N LYS G 300 -6.30 5.44 42.51
CA LYS G 300 -6.83 5.45 41.15
C LYS G 300 -7.89 4.37 40.97
N TYR G 301 -9.00 4.73 40.34
CA TYR G 301 -10.07 3.80 40.04
C TYR G 301 -9.63 2.78 38.97
N VAL G 302 -9.88 1.50 39.21
CA VAL G 302 -9.63 0.48 38.20
C VAL G 302 -10.81 -0.50 38.08
N ASN G 303 -11.06 -0.98 36.86
CA ASN G 303 -12.12 -1.96 36.61
C ASN G 303 -11.77 -3.39 37.01
N ARG G 304 -11.37 -3.61 38.25
CA ARG G 304 -11.02 -4.97 38.71
C ARG G 304 -11.53 -5.23 40.13
N ARG G 305 -12.05 -6.42 40.37
CA ARG G 305 -12.45 -6.80 41.72
C ARG G 305 -11.22 -6.95 42.60
N SER G 306 -10.19 -7.57 42.06
CA SER G 306 -9.06 -7.99 42.87
C SER G 306 -7.78 -8.13 42.05
N LEU G 307 -6.66 -7.66 42.61
CA LEU G 307 -5.34 -7.86 42.02
C LEU G 307 -4.36 -8.24 43.12
N MET G 308 -4.09 -9.53 43.24
CA MET G 308 -3.26 -10.04 44.32
C MET G 308 -1.76 -9.91 44.02
N LEU G 309 -1.04 -9.24 44.92
CA LEU G 309 0.41 -9.12 44.83
C LEU G 309 1.05 -10.23 45.66
N ALA G 310 1.84 -11.10 45.03
CA ALA G 310 2.47 -12.19 45.78
C ALA G 310 3.40 -11.66 46.86
N THR G 311 3.39 -12.32 48.02
CA THR G 311 4.27 -11.95 49.12
C THR G 311 5.01 -13.19 49.64
N GLY G 312 5.21 -14.16 48.76
CA GLY G 312 5.89 -15.39 49.10
C GLY G 312 6.23 -16.16 47.85
N MET G 313 6.93 -17.28 48.04
CA MET G 313 7.46 -18.08 46.93
C MET G 313 6.38 -18.97 46.37
N ARG G 314 6.67 -19.63 45.24
CA ARG G 314 5.81 -20.69 44.71
C ARG G 314 5.47 -21.69 45.81
N ASN G 315 4.20 -22.07 45.90
CA ASN G 315 3.80 -23.12 46.82
C ASN G 315 3.82 -24.48 46.12
N VAL G 316 4.74 -25.33 46.55
CA VAL G 316 4.82 -26.70 46.03
C VAL G 316 4.57 -27.67 47.19
N PRO G 317 3.29 -27.95 47.47
CA PRO G 317 2.86 -28.77 48.61
C PRO G 317 2.97 -30.25 48.30
N GLU G 318 3.12 -31.08 49.34
CA GLU G 318 3.12 -32.54 49.22
C GLU G 318 3.40 -33.16 50.58
N GLY H 1 11.36 -23.08 37.17
CA GLY H 1 11.68 -21.71 37.54
C GLY H 1 12.96 -21.23 36.91
N LEU H 2 13.22 -19.92 37.00
CA LEU H 2 14.41 -19.31 36.41
C LEU H 2 15.70 -19.93 36.96
N PHE H 3 15.70 -20.24 38.25
CA PHE H 3 16.91 -20.71 38.90
C PHE H 3 16.82 -22.20 39.23
N GLY H 4 15.68 -22.79 38.90
CA GLY H 4 15.54 -24.23 38.82
C GLY H 4 15.69 -25.03 40.09
N ALA H 5 15.64 -24.34 41.24
CA ALA H 5 15.62 -25.03 42.52
C ALA H 5 14.18 -25.24 43.00
N ILE H 6 13.54 -24.18 43.48
CA ILE H 6 12.15 -24.24 43.91
C ILE H 6 11.25 -24.58 42.73
N ALA H 7 10.45 -25.64 42.89
CA ALA H 7 9.67 -26.24 41.78
C ALA H 7 10.57 -26.73 40.64
N GLY H 8 11.86 -26.83 40.92
CA GLY H 8 12.84 -27.39 40.00
C GLY H 8 13.38 -28.72 40.51
N PHE H 9 14.68 -28.83 40.70
CA PHE H 9 15.28 -30.09 41.16
C PHE H 9 14.91 -30.45 42.61
N LEU H 10 14.56 -29.46 43.41
CA LEU H 10 13.91 -29.73 44.69
C LEU H 10 12.50 -30.22 44.39
N GLU H 11 12.17 -31.42 44.87
CA GLU H 11 10.92 -32.06 44.46
C GLU H 11 9.68 -31.41 45.06
N ASN H 12 9.75 -31.02 46.32
CA ASN H 12 8.65 -30.30 46.96
C ASN H 12 9.08 -29.48 48.17
N GLY H 13 8.13 -28.79 48.77
CA GLY H 13 8.42 -27.98 49.95
C GLY H 13 8.15 -28.74 51.23
N TRP H 14 8.60 -28.15 52.34
CA TRP H 14 8.36 -28.73 53.66
C TRP H 14 7.35 -27.88 54.41
N GLU H 15 6.10 -28.35 54.50
CA GLU H 15 5.10 -27.67 55.29
C GLU H 15 5.49 -27.64 56.77
N GLY H 16 6.33 -28.59 57.16
CA GLY H 16 6.78 -28.71 58.54
C GLY H 16 7.69 -27.60 59.04
N MET H 17 8.34 -26.88 58.13
CA MET H 17 9.22 -25.79 58.53
C MET H 17 8.47 -24.45 58.64
N VAL H 18 8.06 -24.14 59.87
CA VAL H 18 7.34 -22.91 60.20
C VAL H 18 8.37 -21.97 60.80
N ASP H 19 9.64 -22.36 60.68
CA ASP H 19 10.76 -21.69 61.34
C ASP H 19 11.35 -20.59 60.46
N GLY H 20 11.10 -20.69 59.16
CA GLY H 20 11.65 -19.79 58.18
C GLY H 20 11.38 -20.29 56.78
N TRP H 21 11.88 -19.57 55.78
CA TRP H 21 11.58 -19.88 54.39
C TRP H 21 12.49 -20.96 53.85
N TYR H 22 13.75 -20.92 54.26
CA TYR H 22 14.77 -21.85 53.79
C TYR H 22 15.40 -22.56 54.97
N GLY H 23 15.79 -23.82 54.77
CA GLY H 23 16.37 -24.57 55.86
C GLY H 23 17.10 -25.85 55.50
N PHE H 24 17.55 -26.54 56.53
CA PHE H 24 18.31 -27.77 56.35
C PHE H 24 17.57 -28.96 56.96
N ARG H 25 17.81 -30.13 56.38
CA ARG H 25 17.41 -31.40 56.99
C ARG H 25 18.57 -32.36 56.87
N HIS H 26 18.93 -33.01 57.97
CA HIS H 26 20.09 -33.88 57.96
C HIS H 26 19.80 -35.29 58.47
N GLN H 27 20.75 -36.20 58.21
CA GLN H 27 20.61 -37.59 58.62
C GLN H 27 21.98 -38.21 58.88
N ASN H 28 22.22 -38.60 60.12
CA ASN H 28 23.49 -39.24 60.50
C ASN H 28 23.27 -40.40 61.47
N ALA H 29 24.23 -40.61 62.36
CA ALA H 29 24.12 -41.66 63.37
C ALA H 29 23.10 -41.30 64.45
N GLN H 30 23.18 -40.07 64.98
CA GLN H 30 22.23 -39.60 65.97
C GLN H 30 20.80 -39.56 65.43
N GLY H 31 20.67 -39.50 64.11
CA GLY H 31 19.36 -39.49 63.47
C GLY H 31 19.08 -38.27 62.63
N THR H 32 17.82 -37.84 62.61
CA THR H 32 17.39 -36.73 61.76
C THR H 32 17.28 -35.41 62.51
N GLY H 33 17.03 -34.33 61.77
CA GLY H 33 16.92 -33.00 62.36
C GLY H 33 16.53 -31.95 61.32
N GLN H 34 15.98 -30.84 61.79
CA GLN H 34 15.54 -29.76 60.90
C GLN H 34 15.81 -28.38 61.48
N ALA H 35 16.51 -27.55 60.73
CA ALA H 35 16.82 -26.18 61.15
C ALA H 35 16.64 -25.18 60.01
N ALA H 36 16.23 -23.96 60.34
CA ALA H 36 15.98 -22.93 59.33
C ALA H 36 17.14 -21.96 59.18
N ASP H 37 17.43 -21.55 57.94
CA ASP H 37 18.49 -20.59 57.69
C ASP H 37 17.97 -19.16 57.78
N TYR H 38 18.34 -18.47 58.85
CA TYR H 38 17.82 -17.13 59.13
C TYR H 38 18.19 -16.13 58.04
N LYS H 39 19.43 -16.17 57.59
CA LYS H 39 19.95 -15.17 56.66
C LYS H 39 19.24 -15.15 55.31
N SER H 40 19.19 -16.31 54.66
CA SER H 40 18.54 -16.40 53.36
C SER H 40 17.03 -16.11 53.46
N THR H 41 16.45 -16.46 54.61
CA THR H 41 15.04 -16.18 54.87
C THR H 41 14.79 -14.67 55.04
N GLN H 42 15.74 -13.97 55.63
CA GLN H 42 15.59 -12.53 55.83
C GLN H 42 15.89 -11.74 54.56
N ALA H 43 16.80 -12.26 53.74
CA ALA H 43 17.12 -11.63 52.47
C ALA H 43 15.91 -11.62 51.53
N ALA H 44 15.11 -12.68 51.60
CA ALA H 44 13.92 -12.79 50.77
C ALA H 44 12.79 -11.93 51.33
N ILE H 45 12.54 -12.06 52.62
CA ILE H 45 11.53 -11.25 53.31
C ILE H 45 11.75 -9.73 53.17
N ASP H 46 12.97 -9.28 53.46
CA ASP H 46 13.30 -7.85 53.34
C ASP H 46 12.97 -7.31 51.94
N GLN H 47 13.21 -8.13 50.92
CA GLN H 47 12.95 -7.74 49.53
C GLN H 47 11.45 -7.60 49.21
N ILE H 48 10.64 -8.53 49.70
CA ILE H 48 9.19 -8.40 49.59
C ILE H 48 8.66 -7.17 50.36
N THR H 49 9.29 -6.89 51.50
CA THR H 49 8.95 -5.70 52.27
C THR H 49 9.21 -4.45 51.43
N GLY H 50 10.28 -4.50 50.64
CA GLY H 50 10.60 -3.41 49.72
C GLY H 50 9.49 -3.15 48.72
N LYS H 51 8.99 -4.21 48.11
CA LYS H 51 7.89 -4.12 47.16
C LYS H 51 6.62 -3.58 47.82
N LEU H 52 6.33 -4.08 49.02
CA LEU H 52 5.19 -3.61 49.78
C LEU H 52 5.30 -2.12 50.10
N ASN H 53 6.50 -1.68 50.43
CA ASN H 53 6.72 -0.25 50.72
C ASN H 53 6.48 0.67 49.52
N ARG H 54 6.86 0.20 48.33
CA ARG H 54 6.63 0.97 47.11
C ARG H 54 5.15 1.02 46.72
N LEU H 55 4.46 -0.11 46.89
CA LEU H 55 3.04 -0.21 46.58
C LEU H 55 2.22 0.83 47.33
N VAL H 56 2.61 1.03 48.58
CA VAL H 56 1.83 1.74 49.57
C VAL H 56 2.12 3.25 49.61
N GLU H 57 3.25 3.64 49.02
CA GLU H 57 3.62 5.06 48.98
C GLU H 57 2.60 5.83 48.13
N LYS H 58 1.99 6.83 48.74
CA LYS H 58 0.84 7.52 48.15
C LYS H 58 1.22 8.89 47.60
N THR H 59 0.66 9.24 46.44
CA THR H 59 0.87 10.55 45.84
C THR H 59 0.08 11.62 46.59
N ASN H 60 0.38 12.88 46.26
CA ASN H 60 -0.21 14.01 46.96
C ASN H 60 -1.14 14.82 46.06
N THR H 61 -1.73 14.17 45.05
CA THR H 61 -2.54 14.91 44.07
C THR H 61 -4.03 15.00 44.40
N GLU H 62 -4.48 16.23 44.64
CA GLU H 62 -5.88 16.53 44.91
C GLU H 62 -6.65 16.81 43.63
N PHE H 63 -7.82 16.20 43.50
CA PHE H 63 -8.70 16.48 42.38
C PHE H 63 -10.02 17.10 42.86
N GLU H 64 -10.49 18.09 42.11
CA GLU H 64 -11.82 18.64 42.32
C GLU H 64 -12.78 17.86 41.43
N SER H 65 -14.07 18.02 41.65
CA SER H 65 -15.08 17.39 40.80
C SER H 65 -15.18 18.13 39.48
N ILE H 66 -15.35 17.38 38.38
CA ILE H 66 -15.69 17.99 37.09
C ILE H 66 -17.02 17.44 36.56
N GLU H 67 -17.66 16.60 37.36
CA GLU H 67 -18.98 16.04 37.08
C GLU H 67 -19.90 16.27 38.27
N SER H 68 -20.97 17.05 38.06
CA SER H 68 -21.98 17.25 39.10
C SER H 68 -22.85 16.01 39.28
N GLU H 69 -22.96 15.54 40.52
CA GLU H 69 -23.80 14.38 40.84
C GLU H 69 -25.29 14.74 40.89
N PHE H 70 -25.59 16.01 41.11
CA PHE H 70 -26.95 16.46 41.45
C PHE H 70 -27.58 17.38 40.43
N SER H 71 -26.84 17.73 39.38
CA SER H 71 -27.39 18.54 38.28
C SER H 71 -26.91 18.06 36.92
N GLU H 72 -27.47 18.63 35.85
CA GLU H 72 -27.15 18.15 34.50
C GLU H 72 -25.84 18.76 33.99
N ILE H 73 -25.10 17.95 33.23
CA ILE H 73 -23.90 18.44 32.56
C ILE H 73 -24.34 18.71 31.13
N GLU H 74 -23.84 19.78 30.51
CA GLU H 74 -24.13 20.03 29.11
C GLU H 74 -23.60 18.85 28.30
N HIS H 75 -24.37 18.41 27.30
CA HIS H 75 -24.17 17.10 26.69
C HIS H 75 -22.81 16.89 26.00
N GLN H 76 -22.30 17.89 25.30
CA GLN H 76 -21.02 17.75 24.63
C GLN H 76 -19.85 17.65 25.62
N ILE H 77 -19.81 18.55 26.60
CA ILE H 77 -18.72 18.53 27.57
C ILE H 77 -18.75 17.22 28.39
N GLY H 78 -19.95 16.78 28.75
CA GLY H 78 -20.09 15.55 29.51
C GLY H 78 -19.54 14.35 28.76
N ASN H 79 -19.73 14.35 27.44
CA ASN H 79 -19.22 13.28 26.61
C ASN H 79 -17.70 13.30 26.51
N VAL H 80 -17.13 14.50 26.37
CA VAL H 80 -15.67 14.62 26.39
C VAL H 80 -15.14 14.12 27.73
N ILE H 81 -15.75 14.56 28.82
CA ILE H 81 -15.34 14.16 30.16
C ILE H 81 -15.42 12.65 30.34
N ASN H 82 -16.50 12.06 29.85
CA ASN H 82 -16.67 10.61 29.90
C ASN H 82 -15.55 9.91 29.16
N TRP H 83 -15.21 10.43 27.99
CA TRP H 83 -14.19 9.82 27.14
C TRP H 83 -12.83 9.85 27.82
N THR H 84 -12.49 11.00 28.40
CA THR H 84 -11.22 11.17 29.08
C THR H 84 -11.09 10.24 30.29
N LYS H 85 -12.10 10.25 31.16
CA LYS H 85 -12.09 9.46 32.38
C LYS H 85 -12.04 7.97 32.11
N ASP H 86 -12.79 7.52 31.11
CA ASP H 86 -12.72 6.12 30.70
C ASP H 86 -11.34 5.78 30.15
N SER H 87 -10.77 6.69 29.37
CA SER H 87 -9.46 6.45 28.79
C SER H 87 -8.38 6.37 29.87
N ILE H 88 -8.51 7.23 30.88
CA ILE H 88 -7.60 7.23 32.02
C ILE H 88 -7.81 5.99 32.90
N THR H 89 -9.05 5.56 33.08
CA THR H 89 -9.28 4.30 33.78
C THR H 89 -8.63 3.12 33.04
N ASP H 90 -8.87 3.00 31.73
CA ASP H 90 -8.23 1.91 30.96
C ASP H 90 -6.71 1.89 31.17
N ILE H 91 -6.10 3.07 31.17
CA ILE H 91 -4.67 3.18 31.41
C ILE H 91 -4.30 2.63 32.79
N TRP H 92 -4.99 3.10 33.83
CA TRP H 92 -4.71 2.63 35.17
C TRP H 92 -4.93 1.13 35.39
N THR H 93 -6.00 0.56 34.84
CA THR H 93 -6.21 -0.87 35.07
C THR H 93 -5.22 -1.69 34.26
N TYR H 94 -4.81 -1.18 33.11
CA TYR H 94 -3.72 -1.83 32.39
C TYR H 94 -2.48 -1.85 33.28
N GLN H 95 -2.20 -0.71 33.90
CA GLN H 95 -0.97 -0.53 34.64
C GLN H 95 -0.97 -1.36 35.91
N ALA H 96 -2.10 -1.35 36.61
CA ALA H 96 -2.28 -2.17 37.79
C ALA H 96 -2.08 -3.64 37.44
N GLU H 97 -2.75 -4.08 36.39
CA GLU H 97 -2.64 -5.46 35.93
C GLU H 97 -1.19 -5.84 35.60
N LEU H 98 -0.49 -4.91 34.94
CA LEU H 98 0.90 -5.12 34.57
C LEU H 98 1.84 -5.17 35.79
N LEU H 99 1.60 -4.25 36.72
CA LEU H 99 2.41 -4.13 37.93
C LEU H 99 2.47 -5.45 38.67
N VAL H 100 1.29 -6.01 38.92
CA VAL H 100 1.18 -7.25 39.67
C VAL H 100 1.76 -8.45 38.92
N ALA H 101 1.47 -8.58 37.62
CA ALA H 101 2.02 -9.70 36.87
C ALA H 101 3.55 -9.67 36.90
N MET H 102 4.12 -8.51 36.60
CA MET H 102 5.57 -8.34 36.62
C MET H 102 6.20 -8.55 38.01
N GLU H 103 5.62 -7.89 39.03
CA GLU H 103 6.16 -8.02 40.38
C GLU H 103 6.15 -9.47 40.84
N ASN H 104 5.04 -10.15 40.62
CA ASN H 104 4.90 -11.54 41.03
C ASN H 104 5.89 -12.49 40.34
N GLN H 105 6.14 -12.26 39.05
CA GLN H 105 7.14 -13.05 38.32
C GLN H 105 8.50 -12.89 38.98
N HIS H 106 8.81 -11.65 39.34
CA HIS H 106 10.09 -11.34 39.98
C HIS H 106 10.20 -11.93 41.39
N THR H 107 9.15 -11.76 42.18
CA THR H 107 9.16 -12.23 43.56
C THR H 107 9.40 -13.73 43.64
N ILE H 108 8.67 -14.49 42.83
CA ILE H 108 8.85 -15.93 42.75
C ILE H 108 10.27 -16.31 42.35
N ASP H 109 10.75 -15.75 41.25
CA ASP H 109 12.07 -16.06 40.74
C ASP H 109 13.20 -15.67 41.72
N MET H 110 13.01 -14.60 42.48
CA MET H 110 14.05 -14.20 43.43
C MET H 110 14.03 -15.09 44.68
N ALA H 111 12.89 -15.69 44.97
CA ALA H 111 12.81 -16.66 46.05
C ALA H 111 13.50 -17.96 45.61
N ASP H 112 13.37 -18.29 44.34
CA ASP H 112 14.10 -19.40 43.73
C ASP H 112 15.61 -19.14 43.85
N SER H 113 16.03 -17.93 43.48
CA SER H 113 17.46 -17.58 43.51
C SER H 113 18.08 -17.65 44.92
N GLU H 114 17.38 -17.16 45.93
CA GLU H 114 17.91 -17.20 47.31
C GLU H 114 18.13 -18.64 47.80
N MET H 115 17.20 -19.53 47.45
CA MET H 115 17.33 -20.96 47.78
C MET H 115 18.53 -21.58 47.08
N LEU H 116 18.69 -21.25 45.81
CA LEU H 116 19.81 -21.75 45.02
C LEU H 116 21.14 -21.21 45.57
N ASN H 117 21.15 -19.97 46.03
CA ASN H 117 22.36 -19.38 46.58
C ASN H 117 22.80 -20.01 47.89
N LEU H 118 21.83 -20.49 48.67
CA LEU H 118 22.12 -21.20 49.92
C LEU H 118 22.70 -22.57 49.58
N TYR H 119 22.06 -23.24 48.63
CA TYR H 119 22.49 -24.52 48.12
C TYR H 119 23.90 -24.45 47.51
N GLU H 120 24.19 -23.36 46.81
CA GLU H 120 25.50 -23.15 46.22
C GLU H 120 26.57 -22.91 47.28
N ARG H 121 26.19 -22.22 48.35
CA ARG H 121 27.10 -21.89 49.44
C ARG H 121 27.49 -23.16 50.21
N VAL H 122 26.51 -24.03 50.42
CA VAL H 122 26.73 -25.31 51.09
C VAL H 122 27.57 -26.26 50.23
N ARG H 123 27.30 -26.28 48.92
CA ARG H 123 28.06 -27.11 47.99
C ARG H 123 29.55 -26.74 48.01
N LYS H 124 29.83 -25.45 48.06
CA LYS H 124 31.21 -24.97 48.06
C LYS H 124 31.88 -25.18 49.42
N GLN H 125 31.08 -25.15 50.47
CA GLN H 125 31.57 -25.37 51.83
C GLN H 125 32.17 -26.76 52.01
N LEU H 126 31.54 -27.77 51.42
CA LEU H 126 31.95 -29.16 51.59
C LEU H 126 33.00 -29.58 50.58
N ARG H 127 33.16 -28.75 49.54
CA ARG H 127 33.88 -29.06 48.31
C ARG H 127 34.04 -30.54 47.89
N GLN H 128 35.14 -31.18 48.29
CA GLN H 128 35.41 -32.54 47.84
C GLN H 128 35.00 -33.62 48.87
N ASN H 129 34.45 -33.19 50.00
CA ASN H 129 34.01 -34.11 51.04
C ASN H 129 32.58 -34.63 50.81
N ALA H 130 31.92 -34.12 49.77
CA ALA H 130 30.52 -34.51 49.49
C ALA H 130 30.20 -34.57 47.99
N GLU H 131 29.07 -35.19 47.65
CA GLU H 131 28.59 -35.25 46.27
C GLU H 131 27.08 -34.97 46.20
N GLU H 132 26.64 -34.22 45.18
CA GLU H 132 25.25 -33.81 45.09
C GLU H 132 24.28 -34.94 44.74
N ASP H 133 23.15 -34.97 45.46
CA ASP H 133 22.07 -35.91 45.20
C ASP H 133 21.50 -35.70 43.80
N GLY H 134 21.03 -34.49 43.56
CA GLY H 134 20.20 -34.20 42.40
C GLY H 134 18.84 -33.79 42.93
N LYS H 135 18.70 -33.89 44.25
CA LYS H 135 17.48 -33.53 44.94
C LYS H 135 17.73 -32.43 45.97
N GLY H 136 18.83 -31.70 45.80
CA GLY H 136 19.18 -30.67 46.76
C GLY H 136 19.83 -31.22 48.01
N CYS H 137 20.17 -32.51 47.97
CA CYS H 137 20.85 -33.15 49.11
C CYS H 137 22.32 -33.41 48.82
N PHE H 138 23.13 -33.40 49.86
CA PHE H 138 24.54 -33.71 49.71
C PHE H 138 24.90 -34.98 50.48
N GLU H 139 25.13 -36.07 49.76
CA GLU H 139 25.68 -37.29 50.37
C GLU H 139 27.06 -36.96 50.91
N ILE H 140 27.18 -36.86 52.22
CA ILE H 140 28.45 -36.57 52.87
C ILE H 140 29.24 -37.87 53.07
N TYR H 141 30.54 -37.82 52.75
CA TYR H 141 31.36 -39.02 52.69
C TYR H 141 32.27 -39.18 53.91
N HIS H 142 31.67 -39.01 55.09
CA HIS H 142 32.34 -39.22 56.36
C HIS H 142 31.31 -39.02 57.48
N ALA H 143 31.69 -39.36 58.70
CA ALA H 143 30.80 -39.18 59.84
C ALA H 143 30.62 -37.70 60.16
N CYS H 144 29.42 -37.19 59.91
CA CYS H 144 29.07 -35.84 60.34
C CYS H 144 28.10 -35.86 61.53
N ASP H 145 28.63 -35.69 62.73
CA ASP H 145 27.81 -35.67 63.94
C ASP H 145 27.03 -34.37 64.07
N ASP H 146 26.19 -34.28 65.10
CA ASP H 146 25.26 -33.14 65.24
C ASP H 146 25.95 -31.78 65.37
N SER H 147 27.18 -31.77 65.90
CA SER H 147 27.94 -30.53 66.01
C SER H 147 28.63 -30.16 64.69
N CYS H 148 28.90 -31.18 63.87
CA CYS H 148 29.44 -31.01 62.53
C CYS H 148 28.40 -30.37 61.61
N MET H 149 27.21 -30.96 61.57
CA MET H 149 26.06 -30.44 60.83
C MET H 149 25.82 -28.96 61.13
N GLU H 150 25.82 -28.63 62.42
CA GLU H 150 25.63 -27.24 62.86
C GLU H 150 26.64 -26.30 62.22
N SER H 151 27.91 -26.73 62.19
CA SER H 151 28.97 -25.94 61.59
C SER H 151 28.79 -25.77 60.07
N ILE H 152 28.02 -26.67 59.46
CA ILE H 152 27.68 -26.54 58.05
C ILE H 152 26.64 -25.43 57.88
N ARG H 153 25.56 -25.54 58.64
CA ARG H 153 24.52 -24.52 58.70
C ARG H 153 25.07 -23.18 59.15
N ASN H 154 26.03 -23.22 60.07
CA ASN H 154 26.57 -22.01 60.69
C ASN H 154 27.80 -21.48 59.95
N ASN H 155 28.18 -22.14 58.86
CA ASN H 155 29.23 -21.63 57.97
C ASN H 155 30.63 -21.56 58.63
N THR H 156 30.93 -22.52 59.48
CA THR H 156 32.24 -22.62 60.13
C THR H 156 32.97 -23.91 59.74
N TYR H 157 32.20 -24.89 59.27
CA TYR H 157 32.70 -26.17 58.75
C TYR H 157 34.02 -26.03 58.02
N ASP H 158 35.06 -26.69 58.55
CA ASP H 158 36.37 -26.75 57.91
C ASP H 158 36.48 -28.05 57.11
N HIS H 159 36.53 -27.93 55.79
CA HIS H 159 36.54 -29.11 54.92
C HIS H 159 37.84 -29.89 55.06
N SER H 160 38.94 -29.18 55.32
CA SER H 160 40.26 -29.78 55.38
C SER H 160 40.34 -30.87 56.46
N GLN H 161 39.57 -30.65 57.51
CA GLN H 161 39.47 -31.56 58.65
C GLN H 161 39.07 -32.99 58.26
N TYR H 162 38.09 -33.12 57.37
CA TYR H 162 37.52 -34.41 57.03
C TYR H 162 37.93 -34.88 55.64
N ARG H 163 38.75 -34.05 54.98
CA ARG H 163 39.08 -34.25 53.56
C ARG H 163 39.71 -35.61 53.28
N GLU H 164 40.69 -35.97 54.09
CA GLU H 164 41.42 -37.23 53.91
C GLU H 164 40.48 -38.44 54.02
N GLU H 165 39.70 -38.48 55.10
CA GLU H 165 38.71 -39.53 55.31
C GLU H 165 37.67 -39.57 54.19
N ALA H 166 37.27 -38.38 53.74
CA ALA H 166 36.27 -38.27 52.67
C ALA H 166 36.77 -38.82 51.35
N LEU H 167 37.97 -38.41 50.95
CA LEU H 167 38.54 -38.81 49.66
C LEU H 167 38.62 -40.33 49.50
N LEU H 168 39.03 -41.02 50.58
CA LEU H 168 39.12 -42.47 50.58
C LEU H 168 37.73 -43.09 50.39
N ASN H 169 36.74 -42.55 51.10
CA ASN H 169 35.37 -43.06 51.01
C ASN H 169 34.72 -42.81 49.63
N ARG H 170 35.17 -41.77 48.93
CA ARG H 170 34.68 -41.46 47.59
C ARG H 170 35.37 -42.30 46.51
N LEU H 171 36.65 -42.61 46.73
CA LEU H 171 37.41 -43.43 45.78
C LEU H 171 37.20 -44.91 46.07
N ASN H 172 36.45 -45.20 47.13
CA ASN H 172 36.14 -46.55 47.56
C ASN H 172 37.41 -47.37 47.84
N ILE H 173 38.41 -46.68 48.38
CA ILE H 173 39.66 -47.30 48.82
C ILE H 173 40.25 -46.54 50.02
N ASN H 174 40.39 -47.22 51.15
CA ASN H 174 40.99 -46.61 52.34
C ASN H 174 42.29 -47.31 52.79
N ASP I 1 34.15 -40.87 24.30
CA ASP I 1 32.71 -41.00 24.49
C ASP I 1 32.14 -39.77 25.19
N LYS I 2 31.05 -39.21 24.63
CA LYS I 2 30.47 -37.97 25.19
C LYS I 2 29.03 -37.65 24.80
N ILE I 3 28.45 -36.68 25.51
CA ILE I 3 27.11 -36.17 25.18
C ILE I 3 27.06 -34.63 25.25
N CYS I 4 26.37 -34.03 24.29
CA CYS I 4 26.35 -32.57 24.17
C CYS I 4 24.95 -31.99 24.31
N LEU I 5 24.84 -30.86 25.01
CA LEU I 5 23.56 -30.16 25.16
C LEU I 5 23.49 -29.00 24.19
N GLY I 6 22.30 -28.75 23.66
CA GLY I 6 22.12 -27.68 22.70
C GLY I 6 20.69 -27.21 22.56
N HIS I 7 20.52 -26.11 21.83
CA HIS I 7 19.23 -25.52 21.58
C HIS I 7 19.04 -25.36 20.08
N HIS I 8 17.79 -25.29 19.65
CA HIS I 8 17.52 -25.16 18.22
C HIS I 8 17.90 -23.78 17.68
N ALA I 9 17.79 -23.63 16.37
CA ALA I 9 18.11 -22.38 15.71
C ALA I 9 17.51 -22.41 14.32
N VAL I 10 17.52 -21.26 13.64
CA VAL I 10 17.04 -21.19 12.28
C VAL I 10 18.01 -20.36 11.45
N ALA I 11 17.93 -20.50 10.13
CA ALA I 11 18.79 -19.73 9.25
C ALA I 11 18.27 -18.29 9.13
N ASN I 12 16.96 -18.14 9.22
CA ASN I 12 16.32 -16.83 9.08
C ASN I 12 15.56 -16.38 10.33
N GLY I 13 16.17 -15.50 11.13
CA GLY I 13 15.57 -15.03 12.36
C GLY I 13 14.79 -13.73 12.25
N THR I 14 14.19 -13.30 13.35
CA THR I 14 13.47 -12.01 13.41
C THR I 14 14.10 -11.08 14.44
N ILE I 15 14.15 -9.80 14.11
CA ILE I 15 14.73 -8.81 15.00
C ILE I 15 13.66 -8.19 15.91
N VAL I 16 13.96 -8.11 17.20
CA VAL I 16 13.11 -7.47 18.19
C VAL I 16 13.93 -6.51 19.04
N LYS I 17 13.22 -5.74 19.87
CA LYS I 17 13.84 -4.82 20.83
C LYS I 17 13.82 -5.46 22.19
N THR I 18 14.84 -5.17 22.99
CA THR I 18 14.82 -5.49 24.41
C THR I 18 15.17 -4.23 25.19
N LEU I 19 15.12 -4.34 26.52
CA LEU I 19 15.55 -3.25 27.39
C LEU I 19 16.97 -2.79 27.05
N THR I 20 17.80 -3.75 26.64
CA THR I 20 19.23 -3.48 26.47
C THR I 20 19.70 -3.51 25.01
N ASN I 21 18.88 -4.04 24.11
CA ASN I 21 19.30 -4.21 22.72
C ASN I 21 18.20 -3.89 21.68
N GLU I 22 18.46 -2.88 20.84
CA GLU I 22 17.49 -2.45 19.83
C GLU I 22 17.38 -3.43 18.65
N GLN I 23 18.43 -4.23 18.46
CA GLN I 23 18.49 -5.18 17.35
C GLN I 23 18.84 -6.58 17.84
N GLU I 24 17.88 -7.25 18.47
CA GLU I 24 18.12 -8.61 18.96
C GLU I 24 17.48 -9.65 18.04
N GLU I 25 18.24 -10.66 17.65
CA GLU I 25 17.70 -11.69 16.78
C GLU I 25 17.17 -12.88 17.57
N VAL I 26 15.95 -13.28 17.27
CA VAL I 26 15.32 -14.42 17.93
C VAL I 26 14.77 -15.43 16.90
N THR I 27 14.43 -16.62 17.35
CA THR I 27 13.93 -17.66 16.45
C THR I 27 12.58 -17.31 15.83
N ASN I 28 11.65 -16.86 16.67
CA ASN I 28 10.31 -16.49 16.24
C ASN I 28 9.83 -15.24 16.97
N ALA I 29 8.91 -14.51 16.36
CA ALA I 29 8.37 -13.28 16.94
C ALA I 29 6.96 -13.07 16.41
N THR I 30 6.12 -12.35 17.16
CA THR I 30 4.79 -12.02 16.68
C THR I 30 4.43 -10.56 16.90
N GLU I 31 3.59 -10.02 16.02
CA GLU I 31 3.23 -8.62 16.04
C GLU I 31 2.19 -8.28 17.11
N THR I 32 2.38 -7.15 17.79
CA THR I 32 1.43 -6.70 18.81
C THR I 32 0.56 -5.54 18.33
N VAL I 33 0.95 -4.89 17.24
CA VAL I 33 0.22 -3.76 16.70
C VAL I 33 -0.56 -4.13 15.42
N GLU I 34 -1.89 -3.97 15.46
CA GLU I 34 -2.71 -4.25 14.27
C GLU I 34 -2.64 -3.14 13.22
N SER I 35 -2.38 -3.54 11.98
CA SER I 35 -2.15 -2.60 10.88
C SER I 35 -3.20 -2.78 9.79
N THR I 36 -4.04 -3.81 9.94
CA THR I 36 -5.00 -4.19 8.89
C THR I 36 -6.45 -3.92 9.27
N GLY I 37 -7.03 -2.88 8.66
CA GLY I 37 -8.44 -2.61 8.86
C GLY I 37 -9.31 -3.47 7.95
N ILE I 38 -10.62 -3.37 8.16
CA ILE I 38 -11.57 -4.03 7.28
C ILE I 38 -12.37 -2.99 6.52
N ASN I 39 -12.38 -3.12 5.20
CA ASN I 39 -12.88 -2.12 4.26
C ASN I 39 -14.40 -1.89 4.31
N ARG I 40 -15.07 -2.59 5.23
CA ARG I 40 -16.52 -2.60 5.31
C ARG I 40 -17.02 -2.33 6.73
N LEU I 41 -18.28 -1.93 6.85
CA LEU I 41 -18.93 -1.84 8.14
C LEU I 41 -19.51 -3.21 8.47
N CYS I 42 -18.87 -3.96 9.36
CA CYS I 42 -19.34 -5.30 9.70
C CYS I 42 -20.53 -5.26 10.65
N MET I 43 -21.73 -5.47 10.11
CA MET I 43 -22.94 -5.26 10.90
C MET I 43 -23.69 -6.52 11.32
N LYS I 44 -23.07 -7.68 11.13
CA LYS I 44 -23.68 -8.94 11.54
C LYS I 44 -23.94 -8.99 13.04
N GLY I 45 -25.16 -9.35 13.40
CA GLY I 45 -25.52 -9.47 14.79
C GLY I 45 -25.98 -8.15 15.35
N ARG I 46 -25.94 -7.11 14.53
CA ARG I 46 -26.34 -5.78 14.98
C ARG I 46 -27.58 -5.31 14.24
N LYS I 47 -28.55 -4.81 14.99
CA LYS I 47 -29.70 -4.13 14.40
C LYS I 47 -29.32 -2.69 14.08
N HIS I 48 -28.88 -2.45 12.84
CA HIS I 48 -28.37 -1.13 12.47
C HIS I 48 -29.29 -0.40 11.53
N LYS I 49 -29.19 0.93 11.56
CA LYS I 49 -29.85 1.78 10.57
C LYS I 49 -28.79 2.58 9.81
N ASP I 50 -28.69 2.32 8.51
CA ASP I 50 -27.85 3.11 7.62
C ASP I 50 -28.72 4.31 7.22
N LEU I 51 -28.26 5.51 7.54
CA LEU I 51 -29.06 6.71 7.30
C LEU I 51 -29.03 7.18 5.84
N GLY I 52 -28.07 6.69 5.06
CA GLY I 52 -27.92 7.15 3.68
C GLY I 52 -27.70 8.65 3.67
N ASN I 53 -28.40 9.36 2.79
CA ASN I 53 -28.28 10.82 2.71
C ASN I 53 -29.09 11.60 3.77
N CYS I 54 -29.56 10.89 4.80
CA CYS I 54 -30.33 11.54 5.88
C CYS I 54 -29.45 11.89 7.10
N HIS I 55 -29.32 13.18 7.39
CA HIS I 55 -28.60 13.60 8.60
C HIS I 55 -29.46 13.33 9.83
N PRO I 56 -28.83 12.87 10.92
CA PRO I 56 -29.53 12.60 12.18
C PRO I 56 -30.50 13.71 12.59
N ILE I 57 -30.06 14.97 12.57
CA ILE I 57 -30.96 16.10 12.87
C ILE I 57 -32.22 16.08 12.01
N GLY I 58 -32.07 15.66 10.75
CA GLY I 58 -33.19 15.64 9.83
C GLY I 58 -34.23 14.57 10.13
N MET I 59 -33.89 13.66 11.05
CA MET I 59 -34.85 12.66 11.51
C MET I 59 -35.88 13.32 12.42
N LEU I 60 -35.45 14.33 13.17
CA LEU I 60 -36.30 14.96 14.19
C LEU I 60 -37.28 15.95 13.58
N ILE I 61 -36.83 16.71 12.58
CA ILE I 61 -37.69 17.70 11.94
C ILE I 61 -38.41 17.16 10.70
N GLY I 62 -37.92 16.05 10.15
CA GLY I 62 -38.57 15.42 9.02
C GLY I 62 -38.27 15.98 7.64
N THR I 63 -36.99 16.18 7.34
CA THR I 63 -36.56 16.52 5.99
C THR I 63 -36.89 15.36 5.08
N PRO I 64 -37.37 15.64 3.86
CA PRO I 64 -37.77 14.58 2.91
C PRO I 64 -36.74 13.48 2.79
N ALA I 65 -35.47 13.84 2.73
CA ALA I 65 -34.37 12.86 2.74
C ALA I 65 -34.45 11.84 3.88
N CYS I 66 -35.22 12.18 4.91
CA CYS I 66 -35.28 11.35 6.11
C CYS I 66 -36.62 10.66 6.29
N ASP I 67 -37.50 10.80 5.29
CA ASP I 67 -38.84 10.21 5.34
C ASP I 67 -38.83 8.72 5.75
N LEU I 68 -37.83 7.96 5.30
CA LEU I 68 -37.70 6.58 5.73
C LEU I 68 -37.10 6.41 7.14
N HIS I 69 -36.79 7.51 7.83
CA HIS I 69 -36.11 7.42 9.13
C HIS I 69 -36.70 8.32 10.23
N LEU I 70 -38.01 8.53 10.19
CA LEU I 70 -38.71 9.39 11.13
C LEU I 70 -38.90 8.69 12.48
N THR I 71 -39.01 7.37 12.44
CA THR I 71 -39.12 6.53 13.64
C THR I 71 -38.39 5.22 13.39
N GLY I 72 -38.06 4.51 14.47
CA GLY I 72 -37.44 3.20 14.33
C GLY I 72 -36.71 2.74 15.57
N MET I 73 -36.00 1.61 15.44
CA MET I 73 -35.25 1.02 16.55
C MET I 73 -33.95 0.47 16.00
N TRP I 74 -32.88 0.57 16.77
CA TRP I 74 -31.55 0.18 16.29
C TRP I 74 -30.57 0.11 17.46
N ASP I 75 -29.52 -0.71 17.34
CA ASP I 75 -28.45 -0.66 18.34
C ASP I 75 -27.23 0.06 17.78
N THR I 76 -27.26 0.38 16.49
CA THR I 76 -26.19 1.16 15.88
C THR I 76 -26.72 2.00 14.72
N LEU I 77 -26.28 3.25 14.68
CA LEU I 77 -26.82 4.24 13.76
C LEU I 77 -25.66 4.73 12.91
N ILE I 78 -25.82 4.67 11.59
CA ILE I 78 -24.73 5.00 10.69
C ILE I 78 -24.97 6.29 9.91
N GLU I 79 -24.12 7.28 10.18
CA GLU I 79 -24.19 8.56 9.52
C GLU I 79 -23.20 8.65 8.35
N ARG I 80 -23.67 9.17 7.22
CA ARG I 80 -22.84 9.28 6.02
C ARG I 80 -22.42 10.75 5.80
N GLU I 81 -21.37 10.97 5.01
CA GLU I 81 -20.91 12.33 4.69
C GLU I 81 -21.90 13.06 3.80
N ASN I 82 -21.93 14.39 3.92
CA ASN I 82 -22.86 15.23 3.16
C ASN I 82 -24.34 14.82 3.27
N ALA I 83 -24.67 14.02 4.28
CA ALA I 83 -26.06 13.79 4.66
C ALA I 83 -26.81 15.12 4.79
N ILE I 84 -28.11 15.09 4.52
CA ILE I 84 -28.91 16.32 4.47
C ILE I 84 -29.75 16.54 5.73
N ALA I 85 -29.66 17.73 6.33
CA ALA I 85 -30.50 18.05 7.48
C ALA I 85 -31.59 19.03 7.11
N TYR I 86 -31.23 19.99 6.27
CA TYR I 86 -32.09 21.13 5.98
C TYR I 86 -32.43 21.15 4.49
N CYS I 87 -33.71 21.21 4.16
CA CYS I 87 -34.13 21.44 2.78
C CYS I 87 -34.29 22.96 2.62
N TYR I 88 -35.17 23.57 3.41
CA TYR I 88 -35.15 25.01 3.56
C TYR I 88 -33.95 25.35 4.43
N PRO I 89 -33.06 26.22 3.92
CA PRO I 89 -31.78 26.48 4.60
C PRO I 89 -31.94 27.07 6.00
N GLY I 90 -30.96 26.82 6.85
CA GLY I 90 -31.00 27.28 8.22
C GLY I 90 -29.92 26.60 9.02
N ALA I 91 -30.09 26.60 10.34
CA ALA I 91 -29.07 26.10 11.25
C ALA I 91 -29.70 25.72 12.58
N THR I 92 -29.08 24.79 13.30
CA THR I 92 -29.57 24.36 14.60
C THR I 92 -28.69 24.88 15.72
N VAL I 93 -29.30 25.51 16.72
CA VAL I 93 -28.58 25.96 17.90
C VAL I 93 -28.19 24.74 18.75
N ASN I 94 -26.94 24.70 19.20
CA ASN I 94 -26.40 23.53 19.90
C ASN I 94 -26.44 22.24 19.07
N VAL I 95 -26.06 22.34 17.80
CA VAL I 95 -26.20 21.21 16.88
C VAL I 95 -25.38 19.96 17.25
N GLU I 96 -24.14 20.14 17.70
CA GLU I 96 -23.30 18.96 17.91
C GLU I 96 -23.83 18.13 19.08
N ALA I 97 -24.30 18.82 20.12
CA ALA I 97 -24.85 18.11 21.27
C ALA I 97 -26.11 17.35 20.88
N LEU I 98 -26.95 17.95 20.05
CA LEU I 98 -28.15 17.26 19.54
C LEU I 98 -27.78 16.05 18.66
N ARG I 99 -26.87 16.26 17.70
CA ARG I 99 -26.40 15.16 16.87
C ARG I 99 -25.89 14.00 17.74
N GLN I 100 -25.07 14.32 18.74
CA GLN I 100 -24.48 13.29 19.59
C GLN I 100 -25.53 12.54 20.42
N LYS I 101 -26.59 13.23 20.80
CA LYS I 101 -27.65 12.63 21.60
C LYS I 101 -28.41 11.63 20.73
N ILE I 102 -28.73 12.06 19.50
CA ILE I 102 -29.38 11.18 18.52
C ILE I 102 -28.50 9.98 18.19
N MET I 103 -27.21 10.24 17.98
CA MET I 103 -26.27 9.19 17.62
C MET I 103 -25.95 8.21 18.74
N GLU I 104 -26.45 8.46 19.95
CA GLU I 104 -26.24 7.47 21.00
C GLU I 104 -27.55 6.86 21.47
N SER I 105 -28.63 7.21 20.77
CA SER I 105 -29.94 6.64 21.05
C SER I 105 -30.05 5.24 20.44
N GLY I 106 -31.07 4.51 20.85
CA GLY I 106 -31.34 3.21 20.27
C GLY I 106 -32.68 3.19 19.58
N GLY I 107 -33.16 4.37 19.19
CA GLY I 107 -34.44 4.46 18.52
C GLY I 107 -35.11 5.81 18.70
N ILE I 108 -36.15 6.04 17.91
CA ILE I 108 -36.91 7.29 17.94
C ILE I 108 -38.40 7.02 17.78
N ASN I 109 -39.20 7.52 18.72
CA ASN I 109 -40.65 7.53 18.54
C ASN I 109 -41.13 8.94 18.33
N LYS I 110 -42.27 9.09 17.67
CA LYS I 110 -42.84 10.40 17.42
C LYS I 110 -44.22 10.52 18.06
N ILE I 111 -44.47 11.66 18.71
CA ILE I 111 -45.79 11.90 19.28
C ILE I 111 -46.36 13.27 18.86
N SER I 112 -47.60 13.27 18.40
CA SER I 112 -48.25 14.50 17.96
C SER I 112 -48.29 15.57 19.06
N THR I 113 -48.28 16.84 18.67
CA THR I 113 -48.39 17.91 19.64
C THR I 113 -49.85 18.27 19.86
N GLY I 114 -50.67 18.01 18.85
CA GLY I 114 -52.08 18.31 18.93
C GLY I 114 -52.39 19.78 18.70
N PHE I 115 -51.38 20.53 18.29
CA PHE I 115 -51.55 21.96 18.07
C PHE I 115 -52.58 22.25 16.98
N THR I 116 -53.56 23.07 17.30
CA THR I 116 -54.55 23.53 16.34
C THR I 116 -54.43 25.04 16.19
N TYR I 117 -54.87 25.57 15.05
CA TYR I 117 -54.76 27.00 14.78
C TYR I 117 -56.06 27.56 14.22
N GLY I 118 -56.36 28.81 14.57
CA GLY I 118 -57.55 29.49 14.07
C GLY I 118 -57.49 29.79 12.59
N SER I 119 -58.67 30.04 12.01
CA SER I 119 -58.82 30.14 10.56
C SER I 119 -58.10 31.35 9.95
N SER I 120 -57.62 32.25 10.79
CA SER I 120 -56.79 33.34 10.31
C SER I 120 -55.38 32.85 9.99
N ILE I 121 -55.03 31.66 10.49
CA ILE I 121 -53.71 31.05 10.25
C ILE I 121 -53.72 29.98 9.16
N ASN I 122 -52.84 30.13 8.17
CA ASN I 122 -52.52 29.03 7.26
C ASN I 122 -51.35 28.22 7.83
N SER I 123 -51.63 27.01 8.30
CA SER I 123 -50.59 26.18 8.91
C SER I 123 -49.99 25.22 7.91
N ALA I 124 -50.31 25.39 6.63
CA ALA I 124 -49.76 24.52 5.59
C ALA I 124 -48.81 25.29 4.67
N GLY I 125 -48.09 26.24 5.26
CA GLY I 125 -47.03 26.93 4.56
C GLY I 125 -46.07 25.93 3.97
N THR I 126 -45.79 26.10 2.69
CA THR I 126 -45.16 25.09 1.86
C THR I 126 -44.08 25.77 1.01
N THR I 127 -43.06 25.03 0.61
CA THR I 127 -41.91 25.63 -0.09
C THR I 127 -41.27 24.79 -1.18
N ARG I 128 -40.79 25.48 -2.21
CA ARG I 128 -40.01 24.89 -3.29
C ARG I 128 -38.75 24.17 -2.81
N ALA I 129 -38.22 24.63 -1.67
CA ALA I 129 -36.94 24.14 -1.19
C ALA I 129 -37.04 22.73 -0.62
N CYS I 130 -38.25 22.32 -0.29
CA CYS I 130 -38.48 21.01 0.31
C CYS I 130 -39.50 20.27 -0.54
N MET I 131 -39.02 19.61 -1.59
CA MET I 131 -39.91 18.88 -2.48
C MET I 131 -40.30 17.52 -1.90
N ARG I 132 -41.55 17.13 -2.09
CA ARG I 132 -41.99 15.77 -1.78
C ARG I 132 -42.84 15.20 -2.92
N ASN I 133 -42.21 14.35 -3.73
CA ASN I 133 -42.79 13.83 -4.97
C ASN I 133 -43.51 14.90 -5.81
N GLY I 134 -42.72 15.73 -6.49
CA GLY I 134 -43.26 16.73 -7.40
C GLY I 134 -43.99 17.89 -6.75
N GLY I 135 -44.29 17.75 -5.46
CA GLY I 135 -45.03 18.77 -4.75
C GLY I 135 -44.21 19.55 -3.75
N ASN I 136 -44.42 20.86 -3.73
CA ASN I 136 -43.87 21.71 -2.70
C ASN I 136 -44.31 21.20 -1.34
N SER I 137 -43.40 21.23 -0.38
CA SER I 137 -43.70 20.66 0.93
C SER I 137 -42.96 21.46 2.00
N PHE I 138 -42.61 20.77 3.08
CA PHE I 138 -41.95 21.40 4.23
C PHE I 138 -41.57 20.24 5.13
N TYR I 139 -40.80 20.53 6.18
CA TYR I 139 -40.43 19.54 7.18
C TYR I 139 -41.65 18.80 7.74
N ALA I 140 -41.61 17.47 7.72
CA ALA I 140 -42.76 16.65 8.13
C ALA I 140 -43.23 16.83 9.58
N GLU I 141 -42.30 17.15 10.49
CA GLU I 141 -42.64 17.22 11.91
C GLU I 141 -42.90 18.65 12.36
N LEU I 142 -42.89 19.59 11.42
CA LEU I 142 -43.02 21.00 11.75
C LEU I 142 -44.07 21.65 10.85
N LYS I 143 -44.54 22.83 11.23
CA LYS I 143 -45.48 23.54 10.38
C LYS I 143 -45.13 25.02 10.21
N TRP I 144 -45.07 25.46 8.95
CA TRP I 144 -44.84 26.86 8.63
C TRP I 144 -46.14 27.64 8.78
N LEU I 145 -46.39 28.18 9.97
CA LEU I 145 -47.56 29.03 10.19
C LEU I 145 -47.44 30.35 9.45
N VAL I 146 -48.49 30.69 8.71
CA VAL I 146 -48.51 31.88 7.85
C VAL I 146 -49.90 32.55 7.91
N SER I 147 -49.94 33.87 7.76
CA SER I 147 -51.22 34.58 7.67
C SER I 147 -51.95 34.15 6.41
N LYS I 148 -53.14 33.58 6.58
CA LYS I 148 -53.94 33.12 5.46
C LYS I 148 -54.19 34.27 4.50
N SER I 149 -54.58 35.41 5.08
CA SER I 149 -54.69 36.65 4.34
C SER I 149 -53.31 37.31 4.21
N LYS I 150 -52.80 37.36 3.00
CA LYS I 150 -51.49 37.95 2.71
C LYS I 150 -51.39 39.39 3.20
N GLY I 151 -50.30 39.68 3.90
CA GLY I 151 -50.01 41.03 4.35
C GLY I 151 -50.70 41.42 5.64
N GLN I 152 -51.67 40.62 6.08
CA GLN I 152 -52.38 40.94 7.32
C GLN I 152 -51.71 40.36 8.57
N ASN I 153 -51.86 41.08 9.67
CA ASN I 153 -51.20 40.73 10.92
C ASN I 153 -51.54 39.34 11.44
N PHE I 154 -50.51 38.49 11.50
CA PHE I 154 -50.63 37.16 12.09
C PHE I 154 -51.17 37.31 13.51
N PRO I 155 -52.26 36.59 13.81
CA PRO I 155 -52.88 36.69 15.13
C PRO I 155 -51.95 36.28 16.28
N GLN I 156 -52.10 36.91 17.43
CA GLN I 156 -51.42 36.47 18.64
C GLN I 156 -52.00 35.12 19.05
N THR I 157 -51.15 34.08 19.14
CA THR I 157 -51.63 32.77 19.53
C THR I 157 -50.80 32.03 20.59
N THR I 158 -51.40 31.01 21.18
CA THR I 158 -50.77 30.25 22.27
C THR I 158 -51.00 28.74 22.06
N ASN I 159 -49.90 28.00 22.07
CA ASN I 159 -49.95 26.55 21.89
C ASN I 159 -49.14 25.91 23.00
N THR I 160 -49.70 24.89 23.62
CA THR I 160 -49.03 24.25 24.74
C THR I 160 -48.96 22.76 24.49
N TYR I 161 -47.74 22.22 24.58
CA TYR I 161 -47.54 20.80 24.50
C TYR I 161 -47.41 20.25 25.90
N ARG I 162 -48.18 19.21 26.19
CA ARG I 162 -48.11 18.59 27.51
C ARG I 162 -47.55 17.18 27.39
N ASN I 163 -46.47 16.93 28.12
CA ASN I 163 -45.88 15.61 28.16
C ASN I 163 -46.58 14.76 29.21
N THR I 164 -47.52 13.94 28.75
CA THR I 164 -48.29 13.05 29.59
C THR I 164 -47.64 11.67 29.65
N ASP I 165 -46.37 11.58 29.25
CA ASP I 165 -45.63 10.31 29.21
C ASP I 165 -44.69 10.19 30.43
N THR I 166 -44.08 9.03 30.60
CA THR I 166 -43.24 8.77 31.75
C THR I 166 -41.75 8.95 31.43
N ALA I 167 -41.48 9.51 30.27
CA ALA I 167 -40.11 9.77 29.81
C ALA I 167 -40.00 11.18 29.22
N GLU I 168 -38.80 11.76 29.27
CA GLU I 168 -38.59 13.08 28.69
C GLU I 168 -38.80 13.05 27.18
N HIS I 169 -39.22 14.19 26.63
CA HIS I 169 -39.45 14.31 25.19
C HIS I 169 -38.59 15.42 24.61
N LEU I 170 -38.06 15.20 23.41
CA LEU I 170 -37.24 16.18 22.71
C LEU I 170 -38.18 16.99 21.85
N ILE I 171 -38.33 18.28 22.14
CA ILE I 171 -39.15 19.17 21.30
C ILE I 171 -38.29 20.07 20.42
N MET I 172 -38.61 20.12 19.12
CA MET I 172 -37.92 21.04 18.21
C MET I 172 -38.86 22.04 17.59
N TRP I 173 -38.35 23.23 17.35
CA TRP I 173 -39.12 24.26 16.66
C TRP I 173 -38.18 25.16 15.89
N GLY I 174 -38.73 25.98 15.01
CA GLY I 174 -37.90 26.91 14.28
C GLY I 174 -38.40 28.33 14.35
N ILE I 175 -37.49 29.25 14.04
CA ILE I 175 -37.82 30.66 13.92
C ILE I 175 -37.43 31.09 12.52
N HIS I 176 -38.39 31.61 11.75
CA HIS I 176 -38.10 32.08 10.40
C HIS I 176 -37.50 33.49 10.33
N HIS I 177 -36.38 33.61 9.62
CA HIS I 177 -35.76 34.91 9.42
C HIS I 177 -35.82 35.28 7.93
N PRO I 178 -36.81 36.11 7.56
CA PRO I 178 -37.03 36.52 6.17
C PRO I 178 -35.83 37.29 5.62
N SER I 179 -35.70 37.31 4.29
CA SER I 179 -34.58 38.03 3.68
C SER I 179 -34.98 39.45 3.24
N SER I 180 -36.28 39.77 3.32
CA SER I 180 -36.75 41.11 2.95
C SER I 180 -37.94 41.57 3.78
N THR I 181 -38.06 42.89 3.96
CA THR I 181 -39.21 43.51 4.61
C THR I 181 -40.53 43.08 3.95
N GLN I 182 -40.53 43.02 2.64
CA GLN I 182 -41.73 42.64 1.89
C GLN I 182 -42.12 41.20 2.22
N GLU I 183 -41.13 40.30 2.18
CA GLU I 183 -41.33 38.90 2.51
C GLU I 183 -41.91 38.74 3.93
N LYS I 184 -41.38 39.54 4.86
CA LYS I 184 -41.88 39.53 6.23
C LYS I 184 -43.36 39.99 6.32
N ASN I 185 -43.68 41.14 5.74
CA ASN I 185 -45.05 41.64 5.76
C ASN I 185 -46.05 40.66 5.14
N ASP I 186 -45.66 40.10 3.99
CA ASP I 186 -46.52 39.16 3.27
C ASP I 186 -46.93 37.95 4.10
N LEU I 187 -46.05 37.49 5.00
CA LEU I 187 -46.30 36.26 5.76
C LEU I 187 -46.92 36.50 7.14
N TYR I 188 -46.55 37.60 7.79
CA TYR I 188 -46.90 37.80 9.20
C TYR I 188 -47.56 39.15 9.51
N GLY I 189 -47.55 40.06 8.55
CA GLY I 189 -48.07 41.40 8.76
C GLY I 189 -46.97 42.41 9.08
N THR I 190 -47.37 43.64 9.39
CA THR I 190 -46.41 44.72 9.61
C THR I 190 -46.05 44.85 11.08
N GLN I 191 -46.81 44.20 11.94
CA GLN I 191 -46.64 44.31 13.39
C GLN I 191 -45.26 43.88 13.88
N SER I 192 -44.93 44.28 15.10
CA SER I 192 -43.71 43.80 15.75
C SER I 192 -43.89 42.32 16.05
N ILE I 193 -42.79 41.56 16.02
CA ILE I 193 -42.89 40.11 16.09
C ILE I 193 -42.06 39.50 17.22
N SER I 194 -42.68 38.62 18.00
CA SER I 194 -42.02 37.98 19.13
C SER I 194 -42.49 36.51 19.26
N ILE I 195 -41.57 35.63 19.66
CA ILE I 195 -41.94 34.26 20.01
C ILE I 195 -41.34 33.91 21.37
N SER I 196 -42.22 33.64 22.34
CA SER I 196 -41.77 33.24 23.67
C SER I 196 -42.04 31.76 23.87
N VAL I 197 -41.07 31.08 24.45
CA VAL I 197 -41.18 29.64 24.71
C VAL I 197 -40.86 29.44 26.18
N GLY I 198 -41.75 28.74 26.89
CA GLY I 198 -41.57 28.54 28.32
C GLY I 198 -42.17 27.26 28.88
N SER I 199 -41.39 26.60 29.72
CA SER I 199 -41.81 25.41 30.46
C SER I 199 -41.40 25.64 31.91
N SER I 200 -41.42 24.59 32.72
CA SER I 200 -40.99 24.77 34.11
C SER I 200 -39.48 25.05 34.21
N THR I 201 -38.72 24.55 33.25
CA THR I 201 -37.26 24.59 33.34
C THR I 201 -36.60 25.45 32.25
N TYR I 202 -37.24 25.52 31.09
CA TYR I 202 -36.73 26.32 29.97
C TYR I 202 -37.57 27.56 29.77
N ARG I 203 -36.92 28.70 29.50
CA ARG I 203 -37.59 29.86 28.91
C ARG I 203 -36.63 30.61 27.99
N ASN I 204 -37.15 31.18 26.91
CA ASN I 204 -36.32 31.82 25.88
C ASN I 204 -37.23 32.67 25.02
N ASN I 205 -36.68 33.70 24.36
CA ASN I 205 -37.49 34.51 23.43
C ASN I 205 -36.78 34.65 22.11
N PHE I 206 -37.54 34.74 21.03
CA PHE I 206 -36.96 34.81 19.70
C PHE I 206 -37.59 35.94 18.91
N VAL I 207 -36.78 36.60 18.08
CA VAL I 207 -37.29 37.65 17.22
C VAL I 207 -36.76 37.49 15.79
N PRO I 208 -37.67 37.27 14.83
CA PRO I 208 -37.32 37.20 13.42
C PRO I 208 -36.62 38.47 13.00
N VAL I 209 -35.54 38.34 12.23
CA VAL I 209 -34.80 39.51 11.78
C VAL I 209 -34.53 39.43 10.29
N VAL I 210 -34.99 40.45 9.57
CA VAL I 210 -34.81 40.60 8.14
C VAL I 210 -33.37 40.98 7.84
N GLY I 211 -32.74 40.26 6.92
CA GLY I 211 -31.39 40.58 6.47
C GLY I 211 -31.16 39.98 5.10
N ALA I 212 -30.50 40.70 4.21
CA ALA I 212 -30.23 40.15 2.88
C ALA I 212 -29.12 39.09 2.97
N ARG I 213 -29.24 38.00 2.22
CA ARG I 213 -28.33 36.85 2.33
C ARG I 213 -28.17 36.11 1.00
N PRO I 214 -27.03 35.41 0.80
CA PRO I 214 -26.87 34.56 -0.38
C PRO I 214 -27.88 33.41 -0.41
N GLN I 215 -28.35 33.06 -1.60
CA GLN I 215 -29.32 31.96 -1.74
C GLN I 215 -28.71 30.58 -1.49
N VAL I 216 -29.36 29.81 -0.64
CA VAL I 216 -29.07 28.38 -0.50
C VAL I 216 -30.34 27.61 -0.81
N ASN I 217 -30.25 26.67 -1.76
CA ASN I 217 -31.42 26.00 -2.31
C ASN I 217 -32.49 27.00 -2.76
N GLY I 218 -32.05 28.05 -3.42
CA GLY I 218 -32.95 29.06 -3.97
C GLY I 218 -33.58 29.96 -2.92
N GLN I 219 -33.07 29.91 -1.68
CA GLN I 219 -33.70 30.69 -0.62
C GLN I 219 -32.72 31.57 0.12
N SER I 220 -32.98 32.87 0.16
CA SER I 220 -32.15 33.77 0.96
C SER I 220 -32.72 33.90 2.37
N GLY I 221 -33.91 33.34 2.58
CA GLY I 221 -34.48 33.27 3.92
C GLY I 221 -33.79 32.18 4.71
N ARG I 222 -34.06 32.13 6.00
CA ARG I 222 -33.44 31.13 6.88
C ARG I 222 -34.42 30.67 7.95
N ILE I 223 -34.21 29.45 8.45
CA ILE I 223 -34.88 28.98 9.65
C ILE I 223 -33.85 28.57 10.71
N ASP I 224 -33.89 29.23 11.87
CA ASP I 224 -33.08 28.82 13.01
C ASP I 224 -33.85 27.75 13.76
N PHE I 225 -33.23 26.60 14.02
CA PHE I 225 -33.90 25.57 14.80
C PHE I 225 -33.44 25.58 16.25
N HIS I 226 -34.35 25.21 17.14
CA HIS I 226 -34.08 25.20 18.58
C HIS I 226 -34.71 23.97 19.19
N TRP I 227 -34.24 23.58 20.37
CA TRP I 227 -34.74 22.38 21.03
C TRP I 227 -34.58 22.41 22.55
N THR I 228 -35.42 21.65 23.25
CA THR I 228 -35.10 21.21 24.61
C THR I 228 -35.79 19.90 24.91
N LEU I 229 -35.52 19.42 26.12
CA LEU I 229 -36.16 18.23 26.66
C LEU I 229 -37.31 18.64 27.58
N VAL I 230 -38.53 18.22 27.24
CA VAL I 230 -39.68 18.44 28.12
C VAL I 230 -39.80 17.25 29.07
N GLN I 231 -39.56 17.49 30.36
CA GLN I 231 -39.61 16.43 31.38
C GLN I 231 -41.01 15.83 31.51
N PRO I 232 -41.10 14.59 32.02
CA PRO I 232 -42.41 13.95 32.16
C PRO I 232 -43.34 14.77 33.06
N GLY I 233 -44.58 14.98 32.62
CA GLY I 233 -45.56 15.71 33.41
C GLY I 233 -45.45 17.22 33.30
N ASP I 234 -44.42 17.70 32.61
CA ASP I 234 -44.28 19.14 32.40
C ASP I 234 -44.98 19.56 31.12
N ASN I 235 -45.32 20.84 31.05
CA ASN I 235 -45.94 21.43 29.87
C ASN I 235 -45.00 22.46 29.30
N ILE I 236 -45.07 22.68 28.00
CA ILE I 236 -44.28 23.73 27.35
C ILE I 236 -45.18 24.59 26.48
N THR I 237 -45.04 25.91 26.59
CA THR I 237 -45.98 26.84 25.99
C THR I 237 -45.33 27.80 25.01
N PHE I 238 -45.90 27.87 23.81
CA PHE I 238 -45.42 28.73 22.76
C PHE I 238 -46.35 29.92 22.63
N SER I 239 -45.83 31.11 22.88
CA SER I 239 -46.60 32.34 22.69
C SER I 239 -45.95 33.10 21.55
N HIS I 240 -46.70 33.36 20.49
CA HIS I 240 -46.12 33.82 19.23
C HIS I 240 -47.12 34.59 18.33
N ASN I 241 -46.59 35.44 17.45
CA ASN I 241 -47.41 36.22 16.52
C ASN I 241 -46.87 36.27 15.08
N GLY I 242 -46.24 35.18 14.64
CA GLY I 242 -45.65 35.09 13.30
C GLY I 242 -44.17 34.82 13.36
N GLY I 243 -43.69 33.81 12.66
CA GLY I 243 -42.27 33.49 12.70
C GLY I 243 -41.93 32.17 13.39
N LEU I 244 -42.83 31.70 14.25
CA LEU I 244 -42.69 30.36 14.81
C LEU I 244 -42.84 29.34 13.69
N ILE I 245 -41.87 28.45 13.58
CA ILE I 245 -42.06 27.23 12.79
C ILE I 245 -42.46 26.18 13.82
N ALA I 246 -43.76 25.92 13.93
CA ALA I 246 -44.28 25.15 15.07
C ALA I 246 -44.14 23.65 14.87
N PRO I 247 -43.86 22.93 15.96
CA PRO I 247 -43.79 21.46 15.90
C PRO I 247 -45.19 20.86 15.81
N SER I 248 -45.37 19.92 14.89
CA SER I 248 -46.61 19.15 14.85
C SER I 248 -46.41 17.78 15.53
N ARG I 249 -45.17 17.29 15.51
CA ARG I 249 -44.81 16.09 16.26
C ARG I 249 -43.54 16.33 17.07
N VAL I 250 -43.43 15.58 18.16
CA VAL I 250 -42.32 15.70 19.08
C VAL I 250 -41.58 14.36 19.09
N SER I 251 -40.32 14.34 19.52
CA SER I 251 -39.50 13.14 19.46
C SER I 251 -39.27 12.50 20.82
N LYS I 252 -38.95 11.21 20.80
CA LYS I 252 -38.60 10.51 22.03
C LYS I 252 -37.47 9.52 21.73
N LEU I 253 -36.29 9.81 22.24
CA LEU I 253 -35.14 8.96 22.02
C LEU I 253 -35.21 7.74 22.94
N ILE I 254 -35.18 6.55 22.35
CA ILE I 254 -35.34 5.30 23.10
C ILE I 254 -34.02 4.57 23.21
N GLY I 255 -33.64 4.18 24.43
CA GLY I 255 -32.50 3.31 24.62
C GLY I 255 -31.15 3.91 24.25
N ARG I 256 -30.15 3.05 24.13
CA ARG I 256 -28.83 3.47 23.66
C ARG I 256 -28.44 2.74 22.39
N GLY I 257 -27.46 3.26 21.68
CA GLY I 257 -26.95 2.65 20.47
C GLY I 257 -25.57 3.21 20.18
N LEU I 258 -24.83 2.56 19.28
CA LEU I 258 -23.49 2.99 18.91
C LEU I 258 -23.56 3.83 17.65
N GLY I 259 -23.11 5.08 17.73
CA GLY I 259 -23.13 5.95 16.57
C GLY I 259 -21.87 5.83 15.74
N ILE I 260 -22.03 5.54 14.44
CA ILE I 260 -20.88 5.45 13.54
C ILE I 260 -20.94 6.47 12.41
N GLN I 261 -19.86 7.22 12.24
CA GLN I 261 -19.69 8.05 11.05
C GLN I 261 -18.69 7.38 10.13
N SER I 262 -19.15 6.91 8.98
CA SER I 262 -18.30 6.17 8.05
C SER I 262 -18.89 6.18 6.65
N ASP I 263 -18.03 6.09 5.64
CA ASP I 263 -18.52 5.98 4.28
C ASP I 263 -18.21 4.61 3.68
N ALA I 264 -17.88 3.65 4.54
CA ALA I 264 -17.67 2.27 4.11
C ALA I 264 -18.98 1.50 3.95
N PRO I 265 -19.01 0.57 2.98
CA PRO I 265 -20.24 -0.18 2.71
C PRO I 265 -20.52 -1.19 3.81
N ILE I 266 -21.80 -1.52 3.98
CA ILE I 266 -22.23 -2.50 4.97
C ILE I 266 -21.94 -3.92 4.49
N ASP I 267 -21.45 -4.73 5.40
CA ASP I 267 -21.28 -6.15 5.18
C ASP I 267 -22.02 -6.82 6.34
N ASN I 268 -23.16 -7.46 6.04
CA ASN I 268 -23.94 -8.11 7.08
C ASN I 268 -23.43 -9.51 7.38
N ASN I 269 -22.28 -9.85 6.81
CA ASN I 269 -21.70 -11.18 6.96
C ASN I 269 -20.60 -11.26 8.01
N CYS I 270 -19.90 -10.16 8.26
CA CYS I 270 -18.84 -10.18 9.26
C CYS I 270 -19.24 -9.42 10.54
N GLU I 271 -18.64 -9.81 11.66
CA GLU I 271 -18.94 -9.24 12.96
C GLU I 271 -17.80 -8.34 13.37
N SER I 272 -18.11 -7.29 14.13
CA SER I 272 -17.08 -6.43 14.70
C SER I 272 -17.60 -5.69 15.92
N LYS I 273 -16.71 -5.02 16.62
CA LYS I 273 -17.04 -4.28 17.82
C LYS I 273 -16.33 -2.94 17.78
N CYS I 274 -15.50 -2.79 16.74
CA CYS I 274 -14.65 -1.62 16.62
C CYS I 274 -14.80 -0.98 15.27
N PHE I 275 -15.13 0.29 15.27
CA PHE I 275 -15.39 0.98 14.01
C PHE I 275 -14.65 2.29 13.93
N TRP I 276 -14.46 2.75 12.70
CA TRP I 276 -13.86 4.05 12.45
C TRP I 276 -14.31 4.47 11.07
N ARG I 277 -13.98 5.68 10.65
CA ARG I 277 -14.51 6.22 9.40
C ARG I 277 -14.19 5.32 8.19
N GLY I 278 -13.10 4.56 8.30
CA GLY I 278 -12.65 3.73 7.19
C GLY I 278 -13.27 2.34 7.22
N GLY I 279 -14.05 2.07 8.27
CA GLY I 279 -14.74 0.79 8.36
C GLY I 279 -14.59 0.12 9.70
N SER I 280 -14.08 -1.11 9.69
CA SER I 280 -14.02 -1.91 10.90
C SER I 280 -12.62 -2.39 11.22
N ILE I 281 -12.41 -2.76 12.49
CA ILE I 281 -11.19 -3.39 12.93
C ILE I 281 -11.56 -4.62 13.75
N ASN I 282 -11.08 -5.78 13.34
CA ASN I 282 -11.20 -6.99 14.14
C ASN I 282 -9.82 -7.54 14.50
N THR I 283 -9.50 -7.56 15.79
CA THR I 283 -8.21 -8.06 16.27
C THR I 283 -8.26 -8.54 17.70
N ARG I 284 -7.33 -9.43 18.01
CA ARG I 284 -7.07 -9.83 19.38
C ARG I 284 -5.96 -8.93 19.94
N LEU I 285 -5.21 -8.30 19.05
CA LEU I 285 -4.07 -7.47 19.40
C LEU I 285 -4.45 -6.25 20.27
N PRO I 286 -3.59 -5.89 21.24
CA PRO I 286 -3.94 -4.81 22.17
C PRO I 286 -3.77 -3.43 21.54
N PHE I 287 -3.02 -3.35 20.44
CA PHE I 287 -2.78 -2.06 19.77
C PHE I 287 -3.11 -2.07 18.28
N GLN I 288 -3.41 -0.88 17.76
CA GLN I 288 -3.67 -0.70 16.33
C GLN I 288 -3.07 0.63 15.93
N ASN I 289 -2.69 0.77 14.66
CA ASN I 289 -2.24 2.06 14.16
C ASN I 289 -3.04 2.57 12.97
N LEU I 290 -4.28 2.08 12.85
CA LEU I 290 -5.16 2.50 11.76
C LEU I 290 -5.71 3.92 11.95
N SER I 291 -6.30 4.19 13.11
CA SER I 291 -6.85 5.53 13.36
C SER I 291 -6.99 5.82 14.84
N PRO I 292 -6.72 7.07 15.24
CA PRO I 292 -6.90 7.57 16.61
C PRO I 292 -8.35 7.95 16.84
N ARG I 293 -9.19 7.77 15.82
CA ARG I 293 -10.62 8.05 15.93
C ARG I 293 -11.44 6.79 15.70
N THR I 294 -11.60 6.00 16.76
CA THR I 294 -12.36 4.77 16.68
C THR I 294 -13.54 4.88 17.64
N VAL I 295 -14.56 4.07 17.43
CA VAL I 295 -15.68 4.01 18.36
C VAL I 295 -15.94 2.53 18.59
N GLY I 296 -16.57 2.20 19.72
CA GLY I 296 -16.80 0.80 20.05
C GLY I 296 -15.77 0.24 21.01
N GLN I 297 -15.51 -1.06 20.90
CA GLN I 297 -14.54 -1.74 21.77
C GLN I 297 -13.24 -2.01 21.01
N CYS I 298 -12.27 -1.11 21.15
CA CYS I 298 -11.16 -1.03 20.22
C CYS I 298 -9.80 -1.18 20.88
N PRO I 299 -8.83 -1.71 20.12
CA PRO I 299 -7.45 -1.72 20.62
C PRO I 299 -7.01 -0.28 20.76
N LYS I 300 -5.92 -0.03 21.49
CA LYS I 300 -5.48 1.33 21.73
C LYS I 300 -4.63 1.83 20.58
N TYR I 301 -4.94 3.01 20.07
CA TYR I 301 -4.15 3.57 18.97
C TYR I 301 -2.73 3.88 19.43
N VAL I 302 -1.74 3.43 18.67
CA VAL I 302 -0.35 3.77 18.95
C VAL I 302 0.35 4.30 17.70
N ASN I 303 1.31 5.19 17.91
CA ASN I 303 2.11 5.80 16.83
C ASN I 303 3.30 4.93 16.37
N ARG I 304 3.06 3.67 16.04
CA ARG I 304 4.13 2.77 15.57
C ARG I 304 3.63 1.81 14.50
N ARG I 305 4.44 1.61 13.46
CA ARG I 305 4.13 0.63 12.42
C ARG I 305 4.11 -0.78 12.97
N SER I 306 5.07 -1.08 13.84
CA SER I 306 5.23 -2.44 14.32
C SER I 306 5.96 -2.50 15.65
N LEU I 307 5.49 -3.39 16.51
CA LEU I 307 6.16 -3.71 17.76
C LEU I 307 6.17 -5.23 17.88
N MET I 308 7.33 -5.84 17.61
CA MET I 308 7.42 -7.30 17.58
C MET I 308 7.70 -7.90 18.95
N LEU I 309 6.86 -8.86 19.33
CA LEU I 309 6.98 -9.56 20.60
C LEU I 309 7.64 -10.91 20.40
N ALA I 310 8.76 -11.14 21.10
CA ALA I 310 9.51 -12.38 20.96
C ALA I 310 8.70 -13.60 21.41
N THR I 311 8.73 -14.65 20.60
CA THR I 311 8.08 -15.91 20.96
C THR I 311 9.07 -17.07 20.95
N GLY I 312 10.36 -16.73 20.88
CA GLY I 312 11.41 -17.72 20.92
C GLY I 312 12.71 -17.17 21.48
N MET I 313 13.68 -18.06 21.67
CA MET I 313 14.98 -17.72 22.22
C MET I 313 15.83 -16.91 21.26
N ARG I 314 16.97 -16.43 21.75
CA ARG I 314 18.00 -15.86 20.90
C ARG I 314 18.31 -16.82 19.75
N ASN I 315 18.39 -16.30 18.54
CA ASN I 315 18.81 -17.12 17.42
C ASN I 315 20.32 -17.03 17.21
N VAL I 316 21.01 -18.14 17.46
CA VAL I 316 22.46 -18.21 17.30
C VAL I 316 22.81 -19.24 16.22
N PRO I 317 22.98 -18.79 14.96
CA PRO I 317 23.25 -19.66 13.81
C PRO I 317 24.72 -20.02 13.60
N GLU I 318 24.95 -21.04 12.76
CA GLU I 318 26.24 -21.45 12.18
C GLU I 318 26.15 -22.92 11.79
N GLY J 1 24.71 -13.88 27.87
CA GLY J 1 23.34 -13.83 28.34
C GLY J 1 23.24 -14.04 29.84
N LEU J 2 22.06 -13.74 30.39
CA LEU J 2 21.81 -13.81 31.84
C LEU J 2 22.27 -15.12 32.50
N PHE J 3 22.11 -16.23 31.78
CA PHE J 3 22.36 -17.54 32.37
C PHE J 3 23.55 -18.27 31.75
N GLY J 4 24.27 -17.57 30.87
CA GLY J 4 25.54 -18.06 30.36
C GLY J 4 25.48 -19.17 29.32
N ALA J 5 24.33 -19.79 29.15
CA ALA J 5 24.16 -20.88 28.18
C ALA J 5 23.91 -20.41 26.73
N ILE J 6 22.65 -20.10 26.40
CA ILE J 6 22.29 -19.69 25.03
C ILE J 6 23.04 -18.43 24.59
N ALA J 7 23.79 -18.53 23.50
CA ALA J 7 24.70 -17.48 23.03
C ALA J 7 25.74 -17.15 24.09
N GLY J 8 26.02 -18.13 24.96
CA GLY J 8 27.02 -18.00 25.99
C GLY J 8 28.13 -19.03 25.83
N PHE J 9 28.10 -20.08 26.65
CA PHE J 9 29.10 -21.14 26.54
C PHE J 9 28.70 -22.23 25.54
N LEU J 10 27.48 -22.12 25.04
CA LEU J 10 27.10 -22.86 23.85
C LEU J 10 27.42 -21.96 22.67
N GLU J 11 28.21 -22.46 21.74
CA GLU J 11 28.75 -21.63 20.67
C GLU J 11 27.70 -21.20 19.65
N ASN J 12 26.79 -22.11 19.32
CA ASN J 12 25.70 -21.80 18.40
C ASN J 12 24.55 -22.77 18.57
N GLY J 13 23.44 -22.51 17.88
CA GLY J 13 22.31 -23.40 17.93
C GLY J 13 22.39 -24.48 16.88
N TRP J 14 21.45 -25.40 16.90
CA TRP J 14 21.39 -26.46 15.90
C TRP J 14 20.18 -26.26 14.98
N GLU J 15 20.43 -25.86 13.73
CA GLU J 15 19.38 -25.69 12.75
C GLU J 15 18.79 -27.05 12.37
N GLY J 16 19.55 -28.10 12.66
CA GLY J 16 19.12 -29.46 12.37
C GLY J 16 18.06 -29.98 13.32
N MET J 17 18.04 -29.45 14.54
CA MET J 17 16.99 -29.87 15.48
C MET J 17 15.68 -29.13 15.24
N VAL J 18 14.84 -29.72 14.40
CA VAL J 18 13.48 -29.26 14.19
C VAL J 18 12.60 -30.09 15.12
N ASP J 19 13.25 -30.92 15.94
CA ASP J 19 12.58 -31.85 16.84
C ASP J 19 11.96 -31.12 18.04
N GLY J 20 12.65 -30.09 18.51
CA GLY J 20 12.23 -29.35 19.69
C GLY J 20 13.11 -28.15 19.98
N TRP J 21 12.96 -27.56 21.16
CA TRP J 21 13.70 -26.34 21.51
C TRP J 21 15.08 -26.63 22.07
N TYR J 22 15.16 -27.65 22.93
CA TYR J 22 16.42 -28.07 23.51
C TYR J 22 16.67 -29.54 23.18
N GLY J 23 17.94 -29.94 23.12
CA GLY J 23 18.24 -31.33 22.76
C GLY J 23 19.64 -31.85 23.05
N PHE J 24 19.81 -33.14 22.79
CA PHE J 24 21.07 -33.81 23.02
C PHE J 24 21.73 -34.22 21.70
N ARG J 25 23.05 -34.21 21.68
CA ARG J 25 23.80 -34.84 20.59
C ARG J 25 24.87 -35.74 21.19
N HIS J 26 24.81 -37.02 20.88
CA HIS J 26 25.71 -38.00 21.50
C HIS J 26 26.77 -38.53 20.54
N GLN J 27 27.76 -39.22 21.11
CA GLN J 27 28.86 -39.79 20.34
C GLN J 27 29.45 -40.98 21.08
N ASN J 28 29.30 -42.17 20.51
CA ASN J 28 29.91 -43.38 21.08
C ASN J 28 30.37 -44.35 20.00
N ALA J 29 30.58 -45.61 20.38
CA ALA J 29 31.07 -46.63 19.47
C ALA J 29 30.12 -46.86 18.28
N GLN J 30 28.81 -46.77 18.55
CA GLN J 30 27.81 -47.01 17.51
C GLN J 30 27.65 -45.82 16.55
N GLY J 31 28.26 -44.69 16.90
CA GLY J 31 28.16 -43.49 16.07
C GLY J 31 27.48 -42.32 16.75
N THR J 32 27.03 -41.35 15.96
CA THR J 32 26.40 -40.14 16.50
C THR J 32 24.87 -40.23 16.57
N GLY J 33 24.27 -39.27 17.26
CA GLY J 33 22.82 -39.21 17.38
C GLY J 33 22.30 -37.84 17.76
N GLN J 34 20.97 -37.69 17.71
CA GLN J 34 20.31 -36.44 18.09
C GLN J 34 18.88 -36.70 18.50
N ALA J 35 18.54 -36.33 19.73
CA ALA J 35 17.16 -36.36 20.20
C ALA J 35 16.88 -35.06 20.96
N ALA J 36 15.63 -34.62 20.93
CA ALA J 36 15.24 -33.41 21.65
C ALA J 36 14.59 -33.73 22.99
N ASP J 37 14.75 -32.82 23.95
CA ASP J 37 14.13 -33.00 25.25
C ASP J 37 12.75 -32.33 25.31
N TYR J 38 11.72 -33.15 25.41
CA TYR J 38 10.33 -32.69 25.34
C TYR J 38 9.91 -31.83 26.55
N LYS J 39 10.37 -32.22 27.74
CA LYS J 39 9.96 -31.57 28.99
C LYS J 39 10.39 -30.10 29.11
N SER J 40 11.69 -29.86 28.94
CA SER J 40 12.21 -28.50 29.00
C SER J 40 11.61 -27.65 27.88
N THR J 41 11.50 -28.26 26.69
CA THR J 41 10.89 -27.61 25.54
C THR J 41 9.47 -27.15 25.86
N GLN J 42 8.74 -27.95 26.64
CA GLN J 42 7.38 -27.60 27.00
C GLN J 42 7.32 -26.45 27.99
N ALA J 43 8.14 -26.52 29.03
CA ALA J 43 8.19 -25.46 30.04
C ALA J 43 8.48 -24.07 29.44
N ALA J 44 9.23 -24.06 28.34
CA ALA J 44 9.56 -22.81 27.67
C ALA J 44 8.43 -22.33 26.75
N ILE J 45 7.92 -23.23 25.93
CA ILE J 45 6.74 -22.96 25.08
C ILE J 45 5.49 -22.55 25.89
N ASP J 46 5.22 -23.29 26.97
CA ASP J 46 4.07 -23.01 27.83
C ASP J 46 4.13 -21.59 28.41
N GLN J 47 5.34 -21.09 28.63
CA GLN J 47 5.51 -19.74 29.18
C GLN J 47 5.31 -18.67 28.11
N ILE J 48 5.76 -18.95 26.88
CA ILE J 48 5.48 -18.08 25.75
C ILE J 48 3.97 -18.00 25.55
N THR J 49 3.31 -19.13 25.73
CA THR J 49 1.85 -19.21 25.67
C THR J 49 1.21 -18.28 26.70
N GLY J 50 1.74 -18.31 27.92
CA GLY J 50 1.27 -17.45 28.98
C GLY J 50 1.31 -15.96 28.63
N LYS J 51 2.40 -15.52 27.99
CA LYS J 51 2.54 -14.12 27.62
C LYS J 51 1.61 -13.76 26.46
N LEU J 52 1.34 -14.73 25.59
CA LEU J 52 0.42 -14.51 24.46
C LEU J 52 -1.03 -14.40 24.93
N ASN J 53 -1.38 -15.14 25.98
CA ASN J 53 -2.71 -15.09 26.58
C ASN J 53 -2.96 -13.78 27.31
N ARG J 54 -1.92 -13.23 27.94
CA ARG J 54 -2.01 -11.94 28.61
C ARG J 54 -2.04 -10.78 27.60
N LEU J 55 -1.40 -10.99 26.45
CA LEU J 55 -1.35 -9.97 25.40
C LEU J 55 -2.72 -9.76 24.78
N VAL J 56 -3.45 -10.86 24.68
CA VAL J 56 -4.65 -10.94 23.85
C VAL J 56 -5.94 -10.73 24.64
N GLU J 57 -5.88 -10.93 25.96
CA GLU J 57 -7.04 -10.69 26.84
C GLU J 57 -7.60 -9.26 26.69
N LYS J 58 -8.83 -9.20 26.18
CA LYS J 58 -9.44 -7.94 25.75
C LYS J 58 -10.22 -7.29 26.89
N THR J 59 -9.93 -6.02 27.15
CA THR J 59 -10.58 -5.29 28.21
C THR J 59 -11.20 -4.00 27.68
N ASN J 60 -12.39 -4.11 27.11
CA ASN J 60 -13.11 -2.94 26.64
C ASN J 60 -14.50 -2.98 27.28
N THR J 61 -15.11 -1.86 27.68
CA THR J 61 -14.79 -0.44 27.41
C THR J 61 -15.20 0.06 26.04
N GLU J 62 -16.49 0.26 25.87
CA GLU J 62 -17.03 0.87 24.66
C GLU J 62 -16.74 2.36 24.72
N PHE J 63 -16.18 2.91 23.65
CA PHE J 63 -16.02 4.35 23.53
C PHE J 63 -16.96 4.87 22.44
N GLU J 64 -17.45 6.09 22.63
CA GLU J 64 -18.24 6.79 21.62
C GLU J 64 -17.38 7.87 21.00
N SER J 65 -17.82 8.40 19.86
CA SER J 65 -17.13 9.51 19.22
C SER J 65 -17.29 10.82 20.00
N ILE J 66 -16.21 11.58 20.11
CA ILE J 66 -16.28 12.93 20.65
C ILE J 66 -15.83 13.94 19.59
N GLU J 67 -15.47 13.41 18.41
CA GLU J 67 -15.06 14.22 17.26
C GLU J 67 -15.93 13.91 16.05
N SER J 68 -16.55 14.92 15.47
CA SER J 68 -17.33 14.70 14.24
C SER J 68 -16.43 14.62 13.02
N GLU J 69 -16.56 13.54 12.28
CA GLU J 69 -15.87 13.37 11.01
C GLU J 69 -16.42 14.28 9.91
N PHE J 70 -17.71 14.61 9.99
CA PHE J 70 -18.42 15.19 8.85
C PHE J 70 -18.94 16.62 9.09
N SER J 71 -18.65 17.17 10.25
CA SER J 71 -19.05 18.55 10.55
C SER J 71 -17.95 19.18 11.38
N GLU J 72 -18.04 20.50 11.55
CA GLU J 72 -16.98 21.25 12.20
C GLU J 72 -17.03 21.13 13.71
N ILE J 73 -15.87 21.12 14.35
CA ILE J 73 -15.82 21.15 15.80
C ILE J 73 -15.43 22.55 16.22
N GLU J 74 -16.14 23.13 17.18
CA GLU J 74 -15.75 24.41 17.75
C GLU J 74 -14.26 24.37 18.14
N HIS J 75 -13.55 25.48 17.93
CA HIS J 75 -12.09 25.45 17.92
C HIS J 75 -11.47 25.13 19.29
N GLN J 76 -11.97 25.79 20.33
CA GLN J 76 -11.41 25.61 21.66
C GLN J 76 -11.55 24.16 22.15
N ILE J 77 -12.78 23.62 22.10
CA ILE J 77 -13.05 22.27 22.59
C ILE J 77 -12.26 21.25 21.76
N GLY J 78 -12.09 21.56 20.47
CA GLY J 78 -11.37 20.69 19.56
C GLY J 78 -9.89 20.62 19.92
N ASN J 79 -9.33 21.77 20.30
CA ASN J 79 -7.95 21.80 20.78
C ASN J 79 -7.75 21.02 22.07
N VAL J 80 -8.66 21.17 23.02
CA VAL J 80 -8.62 20.37 24.25
C VAL J 80 -8.70 18.87 23.94
N ILE J 81 -9.60 18.51 23.03
CA ILE J 81 -9.75 17.12 22.61
C ILE J 81 -8.49 16.56 21.95
N ASN J 82 -7.88 17.33 21.05
CA ASN J 82 -6.64 16.93 20.40
C ASN J 82 -5.52 16.72 21.42
N TRP J 83 -5.41 17.67 22.35
CA TRP J 83 -4.39 17.61 23.41
C TRP J 83 -4.56 16.35 24.22
N THR J 84 -5.79 16.07 24.62
CA THR J 84 -6.07 14.91 25.46
C THR J 84 -5.72 13.65 24.70
N LYS J 85 -6.21 13.57 23.46
CA LYS J 85 -6.01 12.37 22.64
C LYS J 85 -4.55 12.07 22.36
N ASP J 86 -3.78 13.08 21.97
CA ASP J 86 -2.34 12.92 21.73
C ASP J 86 -1.62 12.53 23.03
N SER J 87 -2.03 13.13 24.15
CA SER J 87 -1.42 12.82 25.45
C SER J 87 -1.66 11.36 25.81
N ILE J 88 -2.88 10.90 25.58
CA ILE J 88 -3.25 9.51 25.82
C ILE J 88 -2.54 8.55 24.86
N THR J 89 -2.44 8.90 23.59
CA THR J 89 -1.74 8.08 22.62
C THR J 89 -0.25 7.97 22.97
N ASP J 90 0.38 9.09 23.33
CA ASP J 90 1.78 9.09 23.76
C ASP J 90 2.01 8.09 24.92
N ILE J 91 1.07 8.05 25.86
CA ILE J 91 1.13 7.12 26.98
C ILE J 91 1.08 5.66 26.52
N TRP J 92 0.09 5.31 25.70
CA TRP J 92 -0.07 3.93 25.22
C TRP J 92 1.12 3.45 24.41
N THR J 93 1.62 4.30 23.52
CA THR J 93 2.78 3.96 22.72
C THR J 93 3.96 3.69 23.65
N TYR J 94 4.20 4.60 24.59
CA TYR J 94 5.24 4.40 25.61
C TYR J 94 5.04 3.07 26.34
N GLN J 95 3.79 2.74 26.69
CA GLN J 95 3.54 1.49 27.39
C GLN J 95 3.73 0.28 26.48
N ALA J 96 3.33 0.42 25.23
CA ALA J 96 3.46 -0.66 24.26
C ALA J 96 4.93 -0.94 23.92
N GLU J 97 5.69 0.13 23.75
CA GLU J 97 7.14 0.05 23.56
C GLU J 97 7.81 -0.68 24.73
N LEU J 98 7.46 -0.27 25.95
CA LEU J 98 8.03 -0.85 27.16
C LEU J 98 7.58 -2.30 27.37
N LEU J 99 6.30 -2.58 27.11
CA LEU J 99 5.79 -3.95 27.24
C LEU J 99 6.64 -4.90 26.41
N VAL J 100 6.84 -4.57 25.15
CA VAL J 100 7.57 -5.44 24.25
C VAL J 100 9.07 -5.55 24.63
N ALA J 101 9.71 -4.41 24.88
CA ALA J 101 11.11 -4.39 25.30
C ALA J 101 11.34 -5.24 26.55
N MET J 102 10.47 -5.07 27.54
CA MET J 102 10.58 -5.76 28.82
C MET J 102 10.22 -7.25 28.71
N GLU J 103 9.16 -7.56 27.98
CA GLU J 103 8.75 -8.96 27.80
C GLU J 103 9.80 -9.73 27.01
N ASN J 104 10.39 -9.04 26.04
CA ASN J 104 11.38 -9.69 25.18
C ASN J 104 12.64 -10.01 25.95
N GLN J 105 13.01 -9.11 26.87
CA GLN J 105 14.18 -9.34 27.71
C GLN J 105 13.95 -10.60 28.55
N HIS J 106 12.76 -10.69 29.15
CA HIS J 106 12.41 -11.83 30.00
C HIS J 106 12.26 -13.14 29.23
N THR J 107 11.76 -13.06 28.00
CA THR J 107 11.55 -14.23 27.18
C THR J 107 12.85 -14.92 26.78
N ILE J 108 13.81 -14.14 26.29
CA ILE J 108 15.08 -14.71 25.85
C ILE J 108 15.94 -15.19 27.03
N ASP J 109 15.87 -14.46 28.14
CA ASP J 109 16.60 -14.85 29.36
C ASP J 109 16.01 -16.11 30.00
N MET J 110 14.69 -16.27 29.91
CA MET J 110 14.09 -17.48 30.47
C MET J 110 14.30 -18.69 29.57
N ALA J 111 14.52 -18.45 28.28
CA ALA J 111 14.89 -19.52 27.37
C ALA J 111 16.31 -20.01 27.69
N ASP J 112 17.19 -19.04 27.92
CA ASP J 112 18.55 -19.29 28.39
C ASP J 112 18.49 -20.11 29.69
N SER J 113 17.65 -19.67 30.61
CA SER J 113 17.42 -20.38 31.87
C SER J 113 17.06 -21.85 31.73
N GLU J 114 16.04 -22.15 30.92
CA GLU J 114 15.55 -23.51 30.75
C GLU J 114 16.61 -24.46 30.21
N MET J 115 17.44 -23.95 29.30
CA MET J 115 18.55 -24.72 28.74
C MET J 115 19.58 -25.03 29.82
N LEU J 116 19.77 -24.08 30.74
CA LEU J 116 20.72 -24.26 31.84
C LEU J 116 20.21 -25.29 32.84
N ASN J 117 18.89 -25.27 33.11
CA ASN J 117 18.33 -26.22 34.06
C ASN J 117 18.41 -27.66 33.54
N LEU J 118 18.38 -27.81 32.22
CA LEU J 118 18.57 -29.10 31.55
C LEU J 118 20.03 -29.58 31.66
N TYR J 119 20.96 -28.67 31.38
CA TYR J 119 22.39 -28.92 31.49
C TYR J 119 22.79 -29.29 32.91
N GLU J 120 22.23 -28.57 33.88
CA GLU J 120 22.43 -28.85 35.30
C GLU J 120 21.82 -30.19 35.70
N ARG J 121 20.65 -30.49 35.15
CA ARG J 121 19.96 -31.74 35.44
C ARG J 121 20.81 -32.93 34.97
N VAL J 122 21.28 -32.86 33.73
CA VAL J 122 22.18 -33.88 33.16
C VAL J 122 23.48 -34.01 33.96
N ARG J 123 24.06 -32.86 34.35
CA ARG J 123 25.30 -32.84 35.12
C ARG J 123 25.21 -33.63 36.43
N LYS J 124 24.20 -33.33 37.25
CA LYS J 124 24.02 -34.00 38.53
C LYS J 124 23.70 -35.49 38.40
N GLN J 125 23.07 -35.85 37.29
CA GLN J 125 22.73 -37.24 36.99
C GLN J 125 23.99 -38.08 36.81
N LEU J 126 24.99 -37.50 36.13
CA LEU J 126 26.20 -38.20 35.77
C LEU J 126 27.24 -38.18 36.89
N ARG J 127 26.91 -37.49 37.99
CA ARG J 127 27.89 -37.00 38.97
C ARG J 127 29.38 -37.21 38.68
N GLN J 128 29.95 -38.33 39.10
CA GLN J 128 31.39 -38.51 39.00
C GLN J 128 31.86 -39.28 37.76
N ASN J 129 30.90 -39.76 36.97
CA ASN J 129 31.21 -40.57 35.80
C ASN J 129 31.55 -39.76 34.54
N ALA J 130 31.27 -38.46 34.56
CA ALA J 130 31.55 -37.60 33.41
C ALA J 130 32.25 -36.30 33.82
N GLU J 131 32.71 -35.53 32.85
CA GLU J 131 33.31 -34.22 33.11
C GLU J 131 32.88 -33.17 32.09
N GLU J 132 32.80 -31.91 32.53
CA GLU J 132 32.40 -30.81 31.65
C GLU J 132 33.54 -30.32 30.76
N ASP J 133 33.27 -30.15 29.48
CA ASP J 133 34.25 -29.59 28.55
C ASP J 133 34.16 -28.07 28.51
N GLY J 134 32.98 -27.53 28.77
CA GLY J 134 32.78 -26.09 28.78
C GLY J 134 32.09 -25.56 27.53
N LYS J 135 31.80 -26.46 26.61
CA LYS J 135 31.11 -26.10 25.37
C LYS J 135 29.71 -26.70 25.40
N GLY J 136 29.32 -27.21 26.56
CA GLY J 136 27.99 -27.78 26.74
C GLY J 136 27.98 -29.28 26.53
N CYS J 137 29.17 -29.88 26.49
CA CYS J 137 29.31 -31.33 26.33
C CYS J 137 29.84 -31.97 27.61
N PHE J 138 29.41 -33.21 27.86
CA PHE J 138 29.98 -34.01 28.94
C PHE J 138 30.82 -35.16 28.38
N GLU J 139 32.11 -35.18 28.67
CA GLU J 139 32.96 -36.31 28.31
C GLU J 139 32.76 -37.44 29.31
N ILE J 140 32.17 -38.54 28.84
CA ILE J 140 31.84 -39.68 29.70
C ILE J 140 32.97 -40.73 29.67
N TYR J 141 33.54 -41.00 30.84
CA TYR J 141 34.72 -41.86 30.98
C TYR J 141 34.35 -43.34 31.15
N HIS J 142 33.41 -43.79 30.34
CA HIS J 142 33.08 -45.20 30.25
C HIS J 142 32.32 -45.45 28.96
N ALA J 143 32.20 -46.70 28.55
CA ALA J 143 31.43 -47.03 27.36
C ALA J 143 29.98 -46.68 27.61
N CYS J 144 29.42 -45.84 26.75
CA CYS J 144 27.99 -45.54 26.82
C CYS J 144 27.29 -45.89 25.51
N ASP J 145 26.68 -47.08 25.47
CA ASP J 145 25.96 -47.56 24.29
C ASP J 145 24.70 -46.74 24.03
N ASP J 146 23.98 -47.09 22.96
CA ASP J 146 22.79 -46.33 22.56
C ASP J 146 21.66 -46.41 23.59
N SER J 147 21.71 -47.39 24.48
CA SER J 147 20.70 -47.50 25.54
C SER J 147 21.14 -46.83 26.84
N CYS J 148 22.45 -46.62 26.99
CA CYS J 148 22.97 -45.83 28.10
C CYS J 148 22.71 -44.34 27.85
N MET J 149 22.92 -43.91 26.61
CA MET J 149 22.64 -42.54 26.18
C MET J 149 21.16 -42.22 26.39
N GLU J 150 20.31 -43.18 26.05
CA GLU J 150 18.87 -43.03 26.21
C GLU J 150 18.50 -42.87 27.68
N SER J 151 19.16 -43.62 28.56
CA SER J 151 18.93 -43.52 30.01
C SER J 151 19.38 -42.17 30.59
N ILE J 152 20.33 -41.53 29.91
CA ILE J 152 20.79 -40.18 30.27
C ILE J 152 19.69 -39.16 29.91
N ARG J 153 19.13 -39.34 28.73
CA ARG J 153 18.04 -38.51 28.23
C ARG J 153 16.70 -38.83 28.89
N ASN J 154 16.46 -40.12 29.14
CA ASN J 154 15.22 -40.58 29.77
C ASN J 154 15.19 -40.26 31.26
N ASN J 155 16.31 -39.74 31.78
CA ASN J 155 16.45 -39.44 33.21
C ASN J 155 16.34 -40.69 34.09
N THR J 156 16.93 -41.80 33.63
CA THR J 156 16.94 -43.06 34.37
C THR J 156 18.37 -43.56 34.67
N TYR J 157 19.35 -42.97 33.98
CA TYR J 157 20.77 -43.28 34.15
C TYR J 157 21.21 -43.40 35.62
N ASP J 158 21.53 -44.63 36.03
CA ASP J 158 22.09 -44.85 37.37
C ASP J 158 23.61 -44.74 37.31
N HIS J 159 24.14 -43.75 38.04
CA HIS J 159 25.56 -43.44 38.02
C HIS J 159 26.42 -44.50 38.70
N SER J 160 25.85 -45.15 39.72
CA SER J 160 26.61 -46.11 40.51
C SER J 160 27.08 -47.28 39.64
N GLN J 161 26.21 -47.68 38.71
CA GLN J 161 26.47 -48.76 37.76
C GLN J 161 27.79 -48.62 37.00
N TYR J 162 28.21 -47.38 36.75
CA TYR J 162 29.40 -47.12 35.94
C TYR J 162 30.54 -46.48 36.74
N ARG J 163 30.27 -46.17 38.00
CA ARG J 163 31.19 -45.39 38.83
C ARG J 163 32.64 -45.93 38.89
N GLU J 164 32.77 -47.21 39.19
CA GLU J 164 34.08 -47.86 39.29
C GLU J 164 34.87 -47.70 38.01
N GLU J 165 34.30 -48.21 36.91
CA GLU J 165 34.91 -48.09 35.58
C GLU J 165 35.22 -46.64 35.21
N ALA J 166 34.32 -45.74 35.59
CA ALA J 166 34.44 -44.32 35.25
C ALA J 166 35.48 -43.61 36.11
N LEU J 167 35.48 -43.86 37.42
CA LEU J 167 36.51 -43.30 38.31
C LEU J 167 37.90 -43.77 37.89
N LEU J 168 37.97 -45.00 37.39
CA LEU J 168 39.23 -45.59 36.95
C LEU J 168 39.82 -44.80 35.79
N ASN J 169 39.03 -44.60 34.74
CA ASN J 169 39.51 -43.95 33.52
C ASN J 169 39.80 -42.46 33.71
N ARG J 170 39.20 -41.86 34.75
CA ARG J 170 39.43 -40.46 35.09
C ARG J 170 40.72 -40.32 35.88
N LEU J 171 40.82 -41.11 36.95
CA LEU J 171 41.99 -41.11 37.82
C LEU J 171 43.22 -41.66 37.11
N ASN J 172 43.00 -42.57 36.15
CA ASN J 172 44.07 -43.19 35.37
C ASN J 172 44.99 -44.06 36.25
N ILE J 173 44.57 -44.26 37.51
CA ILE J 173 45.33 -45.03 38.50
C ILE J 173 44.41 -46.00 39.23
N ASN J 174 44.96 -46.74 40.19
CA ASN J 174 44.23 -47.71 41.02
C ASN J 174 43.29 -48.63 40.23
N ASP K 1 49.30 -21.37 45.52
CA ASP K 1 49.14 -20.92 44.13
C ASP K 1 47.66 -20.85 43.71
N LYS K 2 47.14 -19.62 43.56
CA LYS K 2 45.71 -19.45 43.26
C LYS K 2 45.34 -18.20 42.44
N ILE K 3 44.18 -18.26 41.79
CA ILE K 3 43.65 -17.14 41.01
C ILE K 3 42.29 -16.69 41.56
N CYS K 4 42.09 -15.38 41.65
CA CYS K 4 40.87 -14.85 42.25
C CYS K 4 40.07 -13.97 41.28
N LEU K 5 38.77 -14.19 41.23
CA LEU K 5 37.87 -13.37 40.42
C LEU K 5 37.31 -12.26 41.28
N GLY K 6 36.94 -11.15 40.67
CA GLY K 6 36.36 -10.05 41.42
C GLY K 6 35.83 -8.95 40.53
N HIS K 7 35.29 -7.92 41.16
CA HIS K 7 34.71 -6.79 40.45
C HIS K 7 35.20 -5.48 41.07
N HIS K 8 34.86 -4.35 40.46
CA HIS K 8 35.35 -3.07 40.97
C HIS K 8 34.42 -2.42 41.99
N ALA K 9 34.91 -1.38 42.66
CA ALA K 9 34.08 -0.55 43.52
C ALA K 9 34.64 0.85 43.46
N VAL K 10 33.99 1.78 44.16
CA VAL K 10 34.42 3.17 44.14
C VAL K 10 34.28 3.80 45.54
N ALA K 11 35.01 4.89 45.77
CA ALA K 11 34.90 5.61 47.03
C ALA K 11 33.48 6.11 47.27
N ASN K 12 33.03 7.03 46.43
CA ASN K 12 31.68 7.58 46.55
C ASN K 12 30.69 6.95 45.58
N GLY K 13 29.78 6.13 46.10
CA GLY K 13 28.72 5.56 45.29
C GLY K 13 27.50 6.46 45.23
N THR K 14 26.56 6.13 44.35
CA THR K 14 25.31 6.86 44.24
C THR K 14 24.14 6.01 44.73
N ILE K 15 23.17 6.61 45.39
CA ILE K 15 21.97 5.90 45.83
C ILE K 15 20.86 5.92 44.77
N VAL K 16 20.31 4.75 44.46
CA VAL K 16 19.19 4.63 43.51
C VAL K 16 18.08 3.78 44.11
N LYS K 17 16.89 3.85 43.51
CA LYS K 17 15.77 3.04 43.97
C LYS K 17 15.63 1.82 43.07
N THR K 18 15.23 0.69 43.64
CA THR K 18 14.93 -0.52 42.88
C THR K 18 13.54 -0.98 43.28
N LEU K 19 13.06 -2.06 42.66
CA LEU K 19 11.75 -2.59 42.99
C LEU K 19 11.66 -3.01 44.46
N THR K 20 12.80 -3.41 45.03
CA THR K 20 12.85 -3.98 46.38
C THR K 20 13.59 -3.13 47.41
N ASN K 21 14.15 -2.00 46.99
CA ASN K 21 15.06 -1.27 47.86
C ASN K 21 15.12 0.22 47.52
N GLU K 22 14.75 1.06 48.47
CA GLU K 22 14.72 2.51 48.25
C GLU K 22 16.10 3.15 48.34
N GLN K 23 17.04 2.43 48.95
CA GLN K 23 18.41 2.91 49.09
C GLN K 23 19.39 1.82 48.68
N GLU K 24 19.57 1.63 47.37
CA GLU K 24 20.58 0.73 46.87
C GLU K 24 21.76 1.54 46.36
N GLU K 25 22.97 1.22 46.82
CA GLU K 25 24.15 1.95 46.39
C GLU K 25 24.81 1.25 45.20
N VAL K 26 25.06 2.03 44.16
CA VAL K 26 25.64 1.51 42.91
C VAL K 26 26.88 2.31 42.53
N THR K 27 27.64 1.82 41.56
CA THR K 27 28.88 2.47 41.18
C THR K 27 28.63 3.84 40.56
N ASN K 28 27.70 3.91 39.63
CA ASN K 28 27.36 5.17 38.99
C ASN K 28 25.87 5.21 38.66
N ALA K 29 25.36 6.43 38.45
CA ALA K 29 23.96 6.62 38.13
C ALA K 29 23.80 7.93 37.37
N THR K 30 22.75 8.04 36.56
CA THR K 30 22.50 9.26 35.80
C THR K 30 21.05 9.75 35.98
N GLU K 31 20.86 11.06 35.92
CA GLU K 31 19.53 11.66 36.10
C GLU K 31 18.63 11.37 34.89
N THR K 32 17.35 11.16 35.13
CA THR K 32 16.37 10.98 34.04
C THR K 32 15.35 12.11 34.00
N VAL K 33 15.42 13.01 34.97
CA VAL K 33 14.49 14.14 35.04
C VAL K 33 15.23 15.47 34.91
N GLU K 34 15.01 16.16 33.79
CA GLU K 34 15.62 17.48 33.59
C GLU K 34 15.03 18.50 34.56
N SER K 35 15.91 19.23 35.23
CA SER K 35 15.50 20.26 36.19
C SER K 35 15.99 21.64 35.77
N THR K 36 16.81 21.68 34.73
CA THR K 36 17.39 22.93 34.25
C THR K 36 16.75 23.39 32.95
N GLY K 37 16.18 24.59 32.96
CA GLY K 37 15.69 25.20 31.73
C GLY K 37 16.55 26.37 31.31
N ILE K 38 16.19 27.00 30.21
CA ILE K 38 16.88 28.19 29.75
C ILE K 38 15.94 29.40 29.86
N ASN K 39 16.39 30.47 30.51
CA ASN K 39 15.60 31.68 30.69
C ASN K 39 15.45 32.49 29.40
N ARG K 40 15.60 31.85 28.25
CA ARG K 40 15.52 32.56 26.99
C ARG K 40 14.66 31.80 25.99
N LEU K 41 14.21 32.51 24.96
CA LEU K 41 13.46 31.92 23.87
C LEU K 41 14.42 31.56 22.76
N CYS K 42 14.83 30.29 22.72
CA CYS K 42 15.82 29.85 21.76
C CYS K 42 15.24 29.74 20.35
N MET K 43 15.43 30.80 19.57
CA MET K 43 14.79 30.92 18.25
C MET K 43 15.69 30.61 17.06
N LYS K 44 16.80 29.93 17.29
CA LYS K 44 17.71 29.56 16.20
C LYS K 44 17.06 28.53 15.30
N GLY K 45 17.24 28.68 13.98
CA GLY K 45 16.66 27.76 13.04
C GLY K 45 15.26 28.14 12.61
N ARG K 46 14.56 28.90 13.44
CA ARG K 46 13.16 29.20 13.17
C ARG K 46 12.86 30.66 12.84
N LYS K 47 12.10 30.87 11.77
CA LYS K 47 11.61 32.20 11.41
C LYS K 47 10.49 32.60 12.36
N HIS K 48 10.73 33.66 13.12
CA HIS K 48 9.77 34.03 14.17
C HIS K 48 9.35 35.49 14.17
N LYS K 49 8.19 35.74 14.77
CA LYS K 49 7.69 37.10 14.94
C LYS K 49 7.44 37.36 16.43
N ASP K 50 8.18 38.31 16.98
CA ASP K 50 7.93 38.77 18.35
C ASP K 50 6.86 39.86 18.25
N LEU K 51 5.70 39.60 18.85
CA LEU K 51 4.57 40.52 18.72
C LEU K 51 4.78 41.82 19.49
N GLY K 52 5.74 41.81 20.42
CA GLY K 52 5.96 42.97 21.26
C GLY K 52 4.74 43.22 22.11
N ASN K 53 4.18 44.42 22.02
CA ASN K 53 2.94 44.70 22.75
C ASN K 53 1.69 44.62 21.86
N CYS K 54 1.82 43.93 20.74
CA CYS K 54 0.68 43.66 19.86
C CYS K 54 0.02 42.35 20.26
N HIS K 55 -1.23 42.40 20.72
CA HIS K 55 -1.98 41.17 21.01
C HIS K 55 -2.48 40.59 19.69
N PRO K 56 -2.44 39.26 19.56
CA PRO K 56 -2.87 38.59 18.33
C PRO K 56 -4.20 39.07 17.77
N ILE K 57 -5.21 39.30 18.61
CA ILE K 57 -6.48 39.85 18.14
C ILE K 57 -6.32 41.17 17.37
N GLY K 58 -5.41 42.02 17.84
CA GLY K 58 -5.16 43.30 17.20
C GLY K 58 -4.49 43.20 15.84
N MET K 59 -3.94 42.02 15.51
CA MET K 59 -3.34 41.81 14.19
C MET K 59 -4.42 41.83 13.11
N LEU K 60 -5.61 41.38 13.46
CA LEU K 60 -6.70 41.22 12.51
C LEU K 60 -7.52 42.49 12.32
N ILE K 61 -7.67 43.25 13.40
CA ILE K 61 -8.44 44.49 13.36
C ILE K 61 -7.57 45.72 13.08
N GLY K 62 -6.28 45.63 13.40
CA GLY K 62 -5.33 46.67 13.05
C GLY K 62 -5.20 47.76 14.09
N THR K 63 -5.02 47.35 15.34
CA THR K 63 -4.67 48.25 16.43
C THR K 63 -3.31 48.87 16.09
N PRO K 64 -3.11 50.15 16.46
CA PRO K 64 -1.86 50.85 16.16
C PRO K 64 -0.62 50.09 16.65
N ALA K 65 -0.71 49.52 17.84
CA ALA K 65 0.37 48.70 18.37
C ALA K 65 0.77 47.57 17.41
N CYS K 66 -0.15 47.18 16.55
CA CYS K 66 0.06 46.05 15.66
C CYS K 66 0.33 46.43 14.20
N ASP K 67 0.59 47.72 13.95
CA ASP K 67 0.82 48.22 12.59
C ASP K 67 1.94 47.45 11.87
N LEU K 68 2.92 46.99 12.64
CA LEU K 68 4.05 46.23 12.09
C LEU K 68 3.73 44.75 11.96
N HIS K 69 2.56 44.34 12.47
CA HIS K 69 2.20 42.92 12.47
C HIS K 69 0.83 42.64 11.83
N LEU K 70 0.56 43.30 10.71
CA LEU K 70 -0.73 43.17 10.01
C LEU K 70 -0.67 42.07 8.95
N THR K 71 0.54 41.78 8.49
CA THR K 71 0.78 40.70 7.54
C THR K 71 2.08 40.06 7.93
N GLY K 72 2.36 38.87 7.41
CA GLY K 72 3.65 38.23 7.68
C GLY K 72 3.68 36.72 7.48
N MET K 73 4.88 36.16 7.55
CA MET K 73 5.06 34.71 7.54
C MET K 73 5.94 34.37 8.74
N TRP K 74 5.67 33.24 9.37
CA TRP K 74 6.41 32.81 10.54
C TRP K 74 6.13 31.34 10.80
N ASP K 75 7.07 30.65 11.43
CA ASP K 75 6.79 29.29 11.89
C ASP K 75 6.62 29.25 13.41
N THR K 76 6.91 30.37 14.05
CA THR K 76 6.63 30.54 15.48
C THR K 76 6.24 31.97 15.81
N LEU K 77 5.27 32.12 16.70
CA LEU K 77 4.66 33.40 16.98
C LEU K 77 4.73 33.65 18.48
N ILE K 78 5.37 34.74 18.89
CA ILE K 78 5.58 34.99 20.31
C ILE K 78 4.67 36.09 20.86
N GLU K 79 3.81 35.73 21.81
CA GLU K 79 2.89 36.67 22.45
C GLU K 79 3.41 37.07 23.81
N ARG K 80 3.32 38.36 24.13
CA ARG K 80 3.83 38.88 25.40
C ARG K 80 2.71 39.24 26.35
N GLU K 81 3.04 39.45 27.61
CA GLU K 81 2.02 39.78 28.61
C GLU K 81 1.58 41.25 28.50
N ASN K 82 0.32 41.51 28.83
CA ASN K 82 -0.26 42.85 28.74
C ASN K 82 -0.19 43.44 27.33
N ALA K 83 -0.15 42.55 26.33
CA ALA K 83 -0.19 42.97 24.94
C ALA K 83 -1.51 43.70 24.67
N ILE K 84 -1.51 44.58 23.66
CA ILE K 84 -2.69 45.42 23.39
C ILE K 84 -3.49 44.93 22.20
N ALA K 85 -4.79 44.71 22.42
CA ALA K 85 -5.70 44.30 21.36
C ALA K 85 -6.62 45.44 20.97
N TYR K 86 -6.99 46.24 21.97
CA TYR K 86 -8.00 47.26 21.77
C TYR K 86 -7.46 48.67 22.01
N CYS K 87 -7.69 49.58 21.08
CA CYS K 87 -7.44 50.99 21.35
C CYS K 87 -8.74 51.61 21.85
N TYR K 88 -9.74 51.72 20.98
CA TYR K 88 -11.09 52.02 21.44
C TYR K 88 -11.61 50.79 22.21
N PRO K 89 -12.07 51.00 23.46
CA PRO K 89 -12.48 49.92 24.35
C PRO K 89 -13.53 49.00 23.74
N GLY K 90 -13.45 47.71 24.08
CA GLY K 90 -14.35 46.70 23.55
C GLY K 90 -13.99 45.27 23.93
N ALA K 91 -14.65 44.31 23.29
CA ALA K 91 -14.47 42.90 23.60
C ALA K 91 -14.81 42.04 22.39
N THR K 92 -14.20 40.86 22.32
CA THR K 92 -14.42 39.95 21.19
C THR K 92 -15.18 38.71 21.64
N VAL K 93 -16.29 38.40 20.98
CA VAL K 93 -17.05 37.18 21.25
C VAL K 93 -16.20 35.98 20.82
N ASN K 94 -16.18 34.92 21.63
CA ASN K 94 -15.30 33.76 21.43
C ASN K 94 -13.84 34.14 21.17
N VAL K 95 -13.29 34.98 22.03
CA VAL K 95 -11.96 35.55 21.82
C VAL K 95 -10.84 34.51 21.94
N GLU K 96 -10.95 33.60 22.91
CA GLU K 96 -9.91 32.62 23.12
C GLU K 96 -9.79 31.64 21.94
N ALA K 97 -10.94 31.24 21.40
CA ALA K 97 -10.94 30.40 20.20
C ALA K 97 -10.19 31.09 19.07
N LEU K 98 -10.51 32.35 18.83
CA LEU K 98 -9.82 33.14 17.80
C LEU K 98 -8.32 33.30 18.09
N ARG K 99 -7.97 33.62 19.33
CA ARG K 99 -6.56 33.79 19.69
C ARG K 99 -5.76 32.52 19.37
N GLN K 100 -6.31 31.36 19.75
CA GLN K 100 -5.66 30.08 19.48
C GLN K 100 -5.52 29.80 17.99
N LYS K 101 -6.44 30.32 17.18
CA LYS K 101 -6.41 30.09 15.73
C LYS K 101 -5.23 30.82 15.11
N ILE K 102 -5.01 32.04 15.59
CA ILE K 102 -3.93 32.89 15.10
C ILE K 102 -2.61 32.33 15.60
N MET K 103 -2.64 31.86 16.83
CA MET K 103 -1.44 31.37 17.49
C MET K 103 -1.00 29.99 17.01
N GLU K 104 -1.77 29.35 16.13
CA GLU K 104 -1.31 28.11 15.49
C GLU K 104 -1.21 28.25 13.98
N SER K 105 -1.32 29.50 13.50
CA SER K 105 -1.13 29.79 12.08
C SER K 105 0.34 30.07 11.78
N GLY K 106 0.70 30.08 10.50
CA GLY K 106 2.06 30.35 10.09
C GLY K 106 2.20 31.60 9.24
N GLY K 107 1.28 32.54 9.41
CA GLY K 107 1.31 33.78 8.66
C GLY K 107 -0.09 34.34 8.47
N ILE K 108 -0.15 35.62 8.09
CA ILE K 108 -1.41 36.30 7.84
C ILE K 108 -1.35 37.11 6.55
N ASN K 109 -2.31 36.89 5.68
CA ASN K 109 -2.49 37.75 4.52
C ASN K 109 -3.72 38.62 4.74
N LYS K 110 -3.71 39.81 4.17
CA LYS K 110 -4.87 40.69 4.25
C LYS K 110 -5.41 40.86 2.85
N ILE K 111 -6.74 40.83 2.71
CA ILE K 111 -7.34 41.14 1.43
C ILE K 111 -8.49 42.14 1.59
N SER K 112 -8.52 43.12 0.69
CA SER K 112 -9.48 44.20 0.78
C SER K 112 -10.90 43.72 0.52
N THR K 113 -11.86 44.33 1.20
CA THR K 113 -13.27 43.99 1.02
C THR K 113 -13.89 44.76 -0.14
N GLY K 114 -13.33 45.93 -0.44
CA GLY K 114 -13.87 46.77 -1.49
C GLY K 114 -15.26 47.31 -1.19
N PHE K 115 -15.63 47.32 0.09
CA PHE K 115 -16.88 47.97 0.52
C PHE K 115 -16.82 49.46 0.20
N THR K 116 -17.86 49.96 -0.47
CA THR K 116 -17.97 51.39 -0.77
C THR K 116 -19.27 51.93 -0.19
N TYR K 117 -19.30 53.22 0.11
CA TYR K 117 -20.44 53.77 0.84
C TYR K 117 -20.98 55.06 0.20
N GLY K 118 -22.30 55.20 0.21
CA GLY K 118 -22.96 56.39 -0.30
C GLY K 118 -22.51 57.70 0.33
N SER K 119 -22.96 58.80 -0.24
CA SER K 119 -22.53 60.14 0.17
C SER K 119 -23.08 60.54 1.53
N SER K 120 -24.22 59.98 1.92
CA SER K 120 -24.81 60.33 3.21
C SER K 120 -24.12 59.61 4.38
N ILE K 121 -23.17 58.72 4.07
CA ILE K 121 -22.36 58.05 5.11
C ILE K 121 -20.95 58.64 5.21
N ASN K 122 -20.53 58.95 6.44
CA ASN K 122 -19.13 59.25 6.71
C ASN K 122 -18.35 58.01 7.18
N SER K 123 -17.36 57.58 6.40
CA SER K 123 -16.65 56.34 6.70
C SER K 123 -15.24 56.56 7.24
N ALA K 124 -14.85 57.83 7.41
CA ALA K 124 -13.54 58.14 7.96
C ALA K 124 -13.62 58.55 9.41
N GLY K 125 -14.64 58.06 10.12
CA GLY K 125 -14.78 58.29 11.54
C GLY K 125 -13.52 57.94 12.30
N THR K 126 -13.17 58.78 13.27
CA THR K 126 -11.88 58.65 13.93
C THR K 126 -12.03 58.94 15.43
N THR K 127 -11.02 58.55 16.21
CA THR K 127 -11.10 58.68 17.67
C THR K 127 -9.73 58.91 18.31
N ARG K 128 -9.74 59.58 19.47
CA ARG K 128 -8.51 59.85 20.20
C ARG K 128 -8.08 58.66 21.05
N ALA K 129 -8.82 57.56 20.95
CA ALA K 129 -8.44 56.34 21.64
C ALA K 129 -7.47 55.53 20.79
N CYS K 130 -7.42 55.85 19.50
CA CYS K 130 -6.54 55.16 18.57
C CYS K 130 -5.55 56.14 17.95
N MET K 131 -4.48 56.42 18.68
CA MET K 131 -3.51 57.40 18.21
C MET K 131 -2.52 56.77 17.26
N ARG K 132 -2.47 57.28 16.04
CA ARG K 132 -1.48 56.83 15.06
C ARG K 132 -0.75 58.04 14.48
N ASN K 133 0.58 57.99 14.54
CA ASN K 133 1.43 59.05 13.98
C ASN K 133 1.09 60.42 14.55
N GLY K 134 0.78 60.47 15.84
CA GLY K 134 0.44 61.71 16.51
C GLY K 134 -1.00 62.17 16.33
N GLY K 135 -1.73 61.48 15.45
CA GLY K 135 -3.09 61.89 15.14
C GLY K 135 -4.18 60.89 15.46
N ASN K 136 -5.40 61.39 15.62
CA ASN K 136 -6.58 60.56 15.80
C ASN K 136 -6.74 59.57 14.66
N SER K 137 -6.85 58.28 14.97
CA SER K 137 -7.02 57.27 13.94
C SER K 137 -8.12 56.28 14.30
N PHE K 138 -8.07 55.10 13.67
CA PHE K 138 -8.98 54.01 13.98
C PHE K 138 -8.29 52.70 13.65
N TYR K 139 -8.94 51.59 13.97
CA TYR K 139 -8.46 50.28 13.57
C TYR K 139 -8.21 50.25 12.05
N ALA K 140 -7.00 49.87 11.65
CA ALA K 140 -6.61 49.92 10.23
C ALA K 140 -7.50 49.09 9.31
N GLU K 141 -8.04 47.99 9.83
CA GLU K 141 -8.81 47.08 8.98
C GLU K 141 -10.31 47.29 9.09
N LEU K 142 -10.70 48.26 9.91
CA LEU K 142 -12.11 48.56 10.08
C LEU K 142 -12.45 50.02 9.75
N LYS K 143 -13.75 50.28 9.59
CA LYS K 143 -14.22 51.64 9.35
C LYS K 143 -15.41 51.97 10.25
N TRP K 144 -15.34 53.11 10.92
CA TRP K 144 -16.44 53.58 11.74
C TRP K 144 -17.39 54.34 10.81
N LEU K 145 -18.46 53.67 10.38
CA LEU K 145 -19.46 54.30 9.54
C LEU K 145 -20.38 55.15 10.41
N VAL K 146 -20.63 56.39 9.97
CA VAL K 146 -21.36 57.37 10.75
C VAL K 146 -22.15 58.25 9.78
N SER K 147 -23.32 58.75 10.20
CA SER K 147 -24.07 59.71 9.38
C SER K 147 -23.21 60.93 9.06
N LYS K 148 -23.11 61.28 7.78
CA LYS K 148 -22.39 62.49 7.38
C LYS K 148 -23.02 63.73 8.03
N SER K 149 -24.35 63.79 8.02
CA SER K 149 -25.07 64.88 8.70
C SER K 149 -25.46 64.47 10.12
N LYS K 150 -24.88 65.14 11.11
CA LYS K 150 -25.11 64.84 12.51
C LYS K 150 -26.59 64.80 12.84
N GLY K 151 -27.06 63.66 13.32
CA GLY K 151 -28.44 63.51 13.72
C GLY K 151 -29.32 62.87 12.66
N GLN K 152 -28.91 62.87 11.40
CA GLN K 152 -29.75 62.28 10.36
C GLN K 152 -29.70 60.76 10.40
N ASN K 153 -30.81 60.13 10.04
CA ASN K 153 -30.88 58.67 10.02
C ASN K 153 -29.82 58.04 9.10
N PHE K 154 -29.03 57.12 9.65
CA PHE K 154 -28.11 56.33 8.85
C PHE K 154 -28.96 55.53 7.87
N PRO K 155 -28.62 55.60 6.58
CA PRO K 155 -29.40 54.92 5.54
C PRO K 155 -29.31 53.40 5.62
N GLN K 156 -30.34 52.70 5.14
CA GLN K 156 -30.27 51.25 5.03
C GLN K 156 -29.25 50.89 3.95
N THR K 157 -28.14 50.28 4.35
CA THR K 157 -27.13 49.89 3.36
C THR K 157 -26.78 48.40 3.40
N THR K 158 -26.36 47.89 2.25
CA THR K 158 -25.98 46.50 2.09
C THR K 158 -24.57 46.39 1.50
N ASN K 159 -23.73 45.59 2.16
CA ASN K 159 -22.38 45.34 1.70
C ASN K 159 -22.12 43.84 1.68
N THR K 160 -21.61 43.33 0.57
CA THR K 160 -21.31 41.91 0.44
C THR K 160 -19.83 41.69 0.17
N TYR K 161 -19.21 40.79 0.94
CA TYR K 161 -17.84 40.36 0.64
C TYR K 161 -17.86 39.02 -0.08
N ARG K 162 -17.23 38.99 -1.24
CA ARG K 162 -17.12 37.76 -2.02
C ARG K 162 -15.70 37.21 -1.88
N ASN K 163 -15.58 36.00 -1.32
CA ASN K 163 -14.31 35.29 -1.28
C ASN K 163 -14.04 34.58 -2.61
N THR K 164 -13.11 35.11 -3.38
CA THR K 164 -12.77 34.58 -4.69
C THR K 164 -11.48 33.77 -4.63
N ASP K 165 -11.04 33.49 -3.42
CA ASP K 165 -9.78 32.78 -3.20
C ASP K 165 -9.99 31.26 -3.11
N THR K 166 -8.92 30.50 -2.89
CA THR K 166 -9.00 29.05 -2.85
C THR K 166 -8.99 28.51 -1.42
N ALA K 167 -8.84 29.42 -0.46
CA ALA K 167 -8.87 29.08 0.96
C ALA K 167 -9.84 29.97 1.75
N GLU K 168 -10.10 29.62 3.01
CA GLU K 168 -11.07 30.34 3.83
C GLU K 168 -10.53 31.66 4.39
N HIS K 169 -11.40 32.66 4.52
CA HIS K 169 -11.01 33.96 5.05
C HIS K 169 -11.64 34.23 6.42
N LEU K 170 -10.86 34.84 7.31
CA LEU K 170 -11.36 35.25 8.61
C LEU K 170 -11.87 36.68 8.46
N ILE K 171 -13.18 36.88 8.58
CA ILE K 171 -13.76 38.22 8.51
C ILE K 171 -14.15 38.68 9.90
N MET K 172 -13.77 39.91 10.24
CA MET K 172 -14.13 40.48 11.52
C MET K 172 -14.91 41.78 11.35
N TRP K 173 -15.80 42.05 12.29
CA TRP K 173 -16.53 43.29 12.27
C TRP K 173 -16.82 43.72 13.71
N GLY K 174 -17.34 44.94 13.88
CA GLY K 174 -17.67 45.42 15.19
C GLY K 174 -19.07 45.98 15.22
N ILE K 175 -19.66 45.98 16.41
CA ILE K 175 -20.94 46.65 16.64
C ILE K 175 -20.66 47.70 17.70
N HIS K 176 -21.12 48.92 17.46
CA HIS K 176 -20.86 50.00 18.40
C HIS K 176 -21.98 50.12 19.43
N HIS K 177 -21.60 50.26 20.69
CA HIS K 177 -22.58 50.49 21.74
C HIS K 177 -22.25 51.81 22.42
N PRO K 178 -22.90 52.90 21.98
CA PRO K 178 -22.70 54.24 22.53
C PRO K 178 -22.94 54.29 24.04
N SER K 179 -22.38 55.31 24.69
CA SER K 179 -22.58 55.50 26.12
C SER K 179 -23.80 56.37 26.41
N SER K 180 -24.25 57.13 25.41
CA SER K 180 -25.40 58.02 25.60
C SER K 180 -26.39 58.00 24.43
N THR K 181 -27.65 58.27 24.74
CA THR K 181 -28.69 58.44 23.73
C THR K 181 -28.31 59.53 22.75
N GLN K 182 -27.78 60.63 23.31
CA GLN K 182 -27.34 61.76 22.52
C GLN K 182 -26.31 61.36 21.46
N GLU K 183 -25.32 60.56 21.87
CA GLU K 183 -24.30 60.07 20.94
C GLU K 183 -24.92 59.20 19.85
N LYS K 184 -25.80 58.28 20.26
CA LYS K 184 -26.44 57.36 19.32
C LYS K 184 -27.17 58.16 18.23
N ASN K 185 -28.01 59.10 18.66
CA ASN K 185 -28.76 59.94 17.73
C ASN K 185 -27.86 60.77 16.82
N ASP K 186 -26.82 61.38 17.42
CA ASP K 186 -25.81 62.14 16.68
C ASP K 186 -25.18 61.31 15.56
N LEU K 187 -24.78 60.08 15.89
CA LEU K 187 -24.06 59.23 14.94
C LEU K 187 -24.97 58.50 13.94
N TYR K 188 -26.14 58.06 14.37
CA TYR K 188 -26.93 57.15 13.55
C TYR K 188 -28.41 57.57 13.36
N GLY K 189 -28.85 58.61 14.07
CA GLY K 189 -30.23 59.05 13.99
C GLY K 189 -31.06 58.43 15.10
N THR K 190 -32.34 58.79 15.16
CA THR K 190 -33.22 58.32 16.23
C THR K 190 -33.95 57.00 15.90
N GLN K 191 -33.87 56.59 14.63
CA GLN K 191 -34.51 55.35 14.15
C GLN K 191 -34.05 54.10 14.90
N SER K 192 -34.84 53.02 14.80
CA SER K 192 -34.41 51.75 15.38
C SER K 192 -33.24 51.22 14.61
N ILE K 193 -32.29 50.64 15.31
CA ILE K 193 -31.05 50.23 14.69
C ILE K 193 -30.91 48.71 14.64
N SER K 194 -30.48 48.18 13.50
CA SER K 194 -30.22 46.74 13.38
C SER K 194 -29.07 46.45 12.42
N ILE K 195 -28.29 45.43 12.72
CA ILE K 195 -27.24 44.97 11.82
C ILE K 195 -27.38 43.47 11.62
N SER K 196 -27.60 43.04 10.38
CA SER K 196 -27.70 41.61 10.08
C SER K 196 -26.52 41.16 9.22
N VAL K 197 -25.92 40.05 9.61
CA VAL K 197 -24.80 39.47 8.87
C VAL K 197 -25.22 38.09 8.39
N GLY K 198 -25.01 37.80 7.10
CA GLY K 198 -25.44 36.55 6.52
C GLY K 198 -24.58 36.01 5.40
N SER K 199 -24.12 34.77 5.58
CA SER K 199 -23.45 34.02 4.52
C SER K 199 -24.32 32.81 4.18
N SER K 200 -23.72 31.80 3.55
CA SER K 200 -24.47 30.58 3.23
C SER K 200 -24.76 29.73 4.45
N THR K 201 -23.89 29.83 5.46
CA THR K 201 -24.02 29.03 6.67
C THR K 201 -24.21 29.88 7.93
N TYR K 202 -23.64 31.08 7.91
CA TYR K 202 -23.69 31.97 9.08
C TYR K 202 -24.80 32.99 8.94
N ARG K 203 -25.58 33.16 10.00
CA ARG K 203 -26.44 34.33 10.13
C ARG K 203 -26.57 34.73 11.60
N ASN K 204 -26.64 36.04 11.81
CA ASN K 204 -26.66 36.61 13.14
C ASN K 204 -27.12 38.05 12.99
N ASN K 205 -27.78 38.57 14.02
CA ASN K 205 -28.21 39.97 14.03
C ASN K 205 -27.69 40.65 15.29
N PHE K 206 -27.43 41.95 15.21
CA PHE K 206 -26.95 42.70 16.35
C PHE K 206 -27.74 43.99 16.54
N VAL K 207 -27.87 44.42 17.80
CA VAL K 207 -28.53 45.68 18.13
C VAL K 207 -27.64 46.47 19.08
N PRO K 208 -27.09 47.61 18.60
CA PRO K 208 -26.31 48.54 19.40
C PRO K 208 -27.12 48.93 20.61
N VAL K 209 -26.50 48.92 21.78
CA VAL K 209 -27.23 49.24 22.99
C VAL K 209 -26.55 50.35 23.79
N VAL K 210 -27.31 51.43 24.05
CA VAL K 210 -26.83 52.55 24.84
C VAL K 210 -26.75 52.18 26.32
N GLY K 211 -25.64 52.50 26.96
CA GLY K 211 -25.49 52.19 28.38
C GLY K 211 -24.37 52.95 29.06
N ALA K 212 -24.67 53.48 30.24
CA ALA K 212 -23.67 54.16 31.05
C ALA K 212 -22.65 53.16 31.57
N ARG K 213 -21.37 53.46 31.39
CA ARG K 213 -20.30 52.57 31.85
C ARG K 213 -18.99 53.35 32.09
N PRO K 214 -18.06 52.79 32.88
CA PRO K 214 -16.82 53.52 33.17
C PRO K 214 -15.93 53.74 31.96
N GLN K 215 -15.06 54.74 32.05
CA GLN K 215 -14.20 55.10 30.93
C GLN K 215 -12.98 54.19 30.83
N VAL K 216 -12.69 53.76 29.60
CA VAL K 216 -11.47 53.02 29.28
C VAL K 216 -10.84 53.76 28.10
N ASN K 217 -9.57 54.14 28.25
CA ASN K 217 -8.91 55.02 27.27
C ASN K 217 -9.74 56.29 27.00
N GLY K 218 -10.37 56.80 28.05
CA GLY K 218 -11.17 58.01 27.94
C GLY K 218 -12.47 57.81 27.19
N GLN K 219 -12.86 56.55 27.01
CA GLN K 219 -14.12 56.23 26.31
C GLN K 219 -15.04 55.37 27.15
N SER K 220 -16.30 55.75 27.23
CA SER K 220 -17.30 54.95 27.92
C SER K 220 -18.12 54.13 26.90
N GLY K 221 -17.97 54.46 25.62
CA GLY K 221 -18.56 53.64 24.58
C GLY K 221 -17.82 52.33 24.45
N ARG K 222 -18.41 51.38 23.72
CA ARG K 222 -17.77 50.09 23.49
C ARG K 222 -17.93 49.61 22.05
N ILE K 223 -16.98 48.82 21.58
CA ILE K 223 -17.15 48.07 20.35
C ILE K 223 -17.08 46.57 20.66
N ASP K 224 -18.17 45.85 20.43
CA ASP K 224 -18.14 44.40 20.47
C ASP K 224 -17.66 43.88 19.11
N PHE K 225 -16.63 43.04 19.11
CA PHE K 225 -16.13 42.45 17.87
C PHE K 225 -16.70 41.05 17.66
N HIS K 226 -16.92 40.69 16.40
CA HIS K 226 -17.42 39.38 16.01
C HIS K 226 -16.67 38.90 14.78
N TRP K 227 -16.69 37.59 14.53
CA TRP K 227 -15.92 37.01 13.43
C TRP K 227 -16.50 35.68 12.94
N THR K 228 -16.25 35.36 11.67
CA THR K 228 -16.43 34.01 11.16
C THR K 228 -15.47 33.72 10.05
N LEU K 229 -15.53 32.50 9.57
CA LEU K 229 -14.80 32.08 8.40
C LEU K 229 -15.74 32.11 7.21
N VAL K 230 -15.26 32.66 6.10
CA VAL K 230 -16.01 32.64 4.84
C VAL K 230 -15.33 31.64 3.91
N GLN K 231 -16.06 30.61 3.50
CA GLN K 231 -15.50 29.57 2.64
C GLN K 231 -15.27 30.08 1.21
N PRO K 232 -14.37 29.44 0.46
CA PRO K 232 -14.09 29.79 -0.94
C PRO K 232 -15.35 29.76 -1.79
N GLY K 233 -15.52 30.77 -2.64
CA GLY K 233 -16.72 30.89 -3.45
C GLY K 233 -17.95 31.40 -2.73
N ASP K 234 -17.92 31.42 -1.39
CA ASP K 234 -19.06 31.90 -0.63
C ASP K 234 -19.00 33.41 -0.39
N ASN K 235 -20.18 34.02 -0.35
CA ASN K 235 -20.31 35.45 -0.07
C ASN K 235 -20.90 35.64 1.32
N ILE K 236 -20.65 36.80 1.92
CA ILE K 236 -21.23 37.13 3.21
C ILE K 236 -21.71 38.58 3.17
N THR K 237 -22.91 38.82 3.69
CA THR K 237 -23.61 40.07 3.46
C THR K 237 -23.92 40.83 4.75
N PHE K 238 -23.48 42.08 4.80
CA PHE K 238 -23.77 42.98 5.90
C PHE K 238 -24.96 43.86 5.54
N SER K 239 -25.99 43.80 6.36
CA SER K 239 -27.21 44.55 6.15
C SER K 239 -27.42 45.39 7.41
N HIS K 240 -27.34 46.71 7.26
CA HIS K 240 -27.22 47.58 8.43
C HIS K 240 -27.73 49.00 8.20
N ASN K 241 -28.06 49.69 9.30
CA ASN K 241 -28.54 51.05 9.24
C ASN K 241 -28.02 51.91 10.39
N GLY K 242 -26.79 51.64 10.82
CA GLY K 242 -26.12 52.43 11.85
C GLY K 242 -25.61 51.58 12.99
N GLY K 243 -24.34 51.71 13.35
CA GLY K 243 -23.78 50.92 14.45
C GLY K 243 -22.80 49.83 14.02
N LEU K 244 -22.66 49.61 12.71
CA LEU K 244 -21.71 48.64 12.21
C LEU K 244 -20.31 49.24 12.12
N ILE K 245 -19.33 48.56 12.70
CA ILE K 245 -17.95 48.89 12.47
C ILE K 245 -17.47 47.94 11.37
N ALA K 246 -17.50 48.45 10.14
CA ALA K 246 -17.31 47.60 8.96
C ALA K 246 -15.86 47.24 8.65
N PRO K 247 -15.65 46.03 8.11
CA PRO K 247 -14.33 45.58 7.63
C PRO K 247 -13.95 46.20 6.30
N SER K 248 -12.75 46.77 6.22
CA SER K 248 -12.23 47.22 4.93
C SER K 248 -11.25 46.18 4.41
N ARG K 249 -10.70 45.40 5.33
CA ARG K 249 -9.86 44.29 4.95
C ARG K 249 -10.24 43.04 5.72
N VAL K 250 -9.92 41.89 5.13
CA VAL K 250 -10.27 40.60 5.66
C VAL K 250 -8.97 39.83 5.83
N SER K 251 -8.93 38.91 6.80
CA SER K 251 -7.71 38.14 7.07
C SER K 251 -7.72 36.76 6.43
N LYS K 252 -6.53 36.28 6.05
CA LYS K 252 -6.35 34.90 5.64
C LYS K 252 -5.19 34.31 6.43
N LEU K 253 -5.47 33.30 7.24
CA LEU K 253 -4.44 32.65 8.03
C LEU K 253 -3.74 31.56 7.20
N ILE K 254 -2.41 31.63 7.13
CA ILE K 254 -1.65 30.75 6.25
C ILE K 254 -0.87 29.68 7.02
N GLY K 255 -1.05 28.42 6.63
CA GLY K 255 -0.22 27.34 7.15
C GLY K 255 -0.28 27.11 8.65
N ARG K 256 0.81 26.58 9.20
CA ARG K 256 0.88 26.18 10.61
C ARG K 256 2.08 26.80 11.32
N GLY K 257 1.89 27.18 12.57
CA GLY K 257 2.99 27.73 13.35
C GLY K 257 2.91 27.31 14.80
N LEU K 258 3.98 27.59 15.56
CA LEU K 258 4.01 27.26 16.97
C LEU K 258 3.81 28.52 17.78
N GLY K 259 2.74 28.57 18.56
CA GLY K 259 2.46 29.74 19.37
C GLY K 259 3.05 29.66 20.77
N ILE K 260 3.85 30.67 21.12
CA ILE K 260 4.45 30.75 22.45
C ILE K 260 3.99 31.98 23.21
N GLN K 261 3.50 31.78 24.44
CA GLN K 261 3.28 32.87 25.38
C GLN K 261 4.39 32.84 26.43
N SER K 262 5.20 33.90 26.44
CA SER K 262 6.33 34.03 27.37
C SER K 262 6.85 35.46 27.37
N ASP K 263 7.49 35.88 28.45
CA ASP K 263 8.15 37.18 28.44
C ASP K 263 9.67 37.04 28.40
N ALA K 264 10.14 35.81 28.20
CA ALA K 264 11.57 35.55 28.11
C ALA K 264 12.17 36.17 26.85
N PRO K 265 13.35 36.80 27.01
CA PRO K 265 14.07 37.44 25.90
C PRO K 265 14.50 36.42 24.85
N ILE K 266 14.72 36.89 23.62
CA ILE K 266 15.05 36.02 22.48
C ILE K 266 16.57 35.77 22.36
N ASP K 267 16.94 34.57 21.93
CA ASP K 267 18.33 34.22 21.67
C ASP K 267 18.36 33.50 20.33
N ASN K 268 18.97 34.13 19.34
CA ASN K 268 19.03 33.54 18.00
C ASN K 268 20.20 32.58 17.80
N ASN K 269 21.00 32.36 18.86
CA ASN K 269 22.13 31.46 18.76
C ASN K 269 21.92 30.08 19.40
N CYS K 270 20.97 29.97 20.32
CA CYS K 270 20.60 28.65 20.84
C CYS K 270 19.28 28.17 20.24
N GLU K 271 19.15 26.86 20.08
CA GLU K 271 18.02 26.26 19.37
C GLU K 271 17.18 25.46 20.35
N SER K 272 15.90 25.27 20.03
CA SER K 272 15.02 24.48 20.90
C SER K 272 13.77 23.95 20.20
N LYS K 273 13.01 23.12 20.92
CA LYS K 273 11.76 22.55 20.40
C LYS K 273 10.70 22.50 21.49
N CYS K 274 11.06 22.97 22.68
CA CYS K 274 10.16 22.93 23.83
C CYS K 274 10.18 24.27 24.56
N PHE K 275 8.99 24.83 24.76
CA PHE K 275 8.90 26.16 25.34
C PHE K 275 7.87 26.22 26.44
N TRP K 276 7.97 27.26 27.25
CA TRP K 276 7.09 27.45 28.38
C TRP K 276 7.24 28.91 28.76
N ARG K 277 6.38 29.41 29.64
CA ARG K 277 6.38 30.83 29.99
C ARG K 277 7.76 31.33 30.46
N GLY K 278 8.55 30.41 31.01
CA GLY K 278 9.86 30.76 31.52
C GLY K 278 10.99 30.64 30.51
N GLY K 279 10.74 30.02 29.37
CA GLY K 279 11.74 29.95 28.33
C GLY K 279 11.75 28.66 27.54
N SER K 280 12.95 28.15 27.24
CA SER K 280 13.11 26.93 26.47
C SER K 280 13.58 25.78 27.35
N ILE K 281 13.41 24.55 26.86
CA ILE K 281 13.91 23.36 27.55
C ILE K 281 14.65 22.47 26.55
N ASN K 282 15.96 22.34 26.72
CA ASN K 282 16.78 21.57 25.80
C ASN K 282 17.42 20.38 26.47
N THR K 283 16.83 19.20 26.28
CA THR K 283 17.29 18.00 26.94
C THR K 283 16.99 16.76 26.14
N ARG K 284 17.79 15.73 26.35
CA ARG K 284 17.53 14.41 25.80
C ARG K 284 16.74 13.58 26.81
N LEU K 285 16.60 14.11 28.03
CA LEU K 285 15.88 13.41 29.10
C LEU K 285 14.37 13.28 28.85
N PRO K 286 13.82 12.10 29.13
CA PRO K 286 12.40 11.84 28.81
C PRO K 286 11.43 12.55 29.74
N PHE K 287 11.91 13.04 30.88
CA PHE K 287 11.06 13.72 31.86
C PHE K 287 11.64 15.08 32.26
N GLN K 288 10.77 15.97 32.75
CA GLN K 288 11.20 17.28 33.24
C GLN K 288 10.31 17.71 34.42
N ASN K 289 10.82 18.57 35.29
CA ASN K 289 10.03 19.05 36.42
C ASN K 289 9.90 20.58 36.45
N LEU K 290 10.15 21.21 35.31
CA LEU K 290 10.05 22.67 35.21
C LEU K 290 8.60 23.16 35.17
N SER K 291 7.81 22.66 34.23
CA SER K 291 6.45 23.17 34.04
C SER K 291 5.47 22.17 33.47
N PRO K 292 4.25 22.13 34.03
CA PRO K 292 3.14 21.33 33.50
C PRO K 292 2.53 21.98 32.26
N ARG K 293 3.02 23.17 31.90
CA ARG K 293 2.54 23.89 30.72
C ARG K 293 3.64 24.13 29.71
N THR K 294 3.84 23.20 28.80
CA THR K 294 4.86 23.32 27.78
C THR K 294 4.20 23.35 26.41
N VAL K 295 4.90 23.86 25.41
CA VAL K 295 4.43 23.78 24.03
C VAL K 295 5.57 23.25 23.20
N GLY K 296 5.24 22.56 22.10
CA GLY K 296 6.24 22.00 21.22
C GLY K 296 6.48 20.53 21.52
N GLN K 297 7.67 20.04 21.17
CA GLN K 297 8.06 18.66 21.45
C GLN K 297 8.83 18.61 22.74
N CYS K 298 8.17 18.16 23.81
CA CYS K 298 8.70 18.32 25.15
C CYS K 298 8.81 17.00 25.91
N PRO K 299 9.72 16.95 26.90
CA PRO K 299 9.72 15.80 27.82
C PRO K 299 8.47 15.85 28.67
N LYS K 300 8.04 14.71 29.18
CA LYS K 300 6.82 14.68 29.99
C LYS K 300 7.10 15.32 31.35
N TYR K 301 6.17 16.16 31.80
CA TYR K 301 6.31 16.76 33.11
C TYR K 301 6.05 15.72 34.19
N VAL K 302 6.96 15.63 35.16
CA VAL K 302 6.76 14.75 36.31
C VAL K 302 6.84 15.53 37.64
N ASN K 303 6.39 14.91 38.71
CA ASN K 303 6.33 15.53 40.03
C ASN K 303 7.45 15.04 40.94
N ARG K 304 8.64 14.87 40.38
CA ARG K 304 9.81 14.47 41.16
C ARG K 304 11.00 15.36 40.85
N ARG K 305 11.81 15.61 41.89
CA ARG K 305 13.06 16.35 41.72
C ARG K 305 14.08 15.51 40.96
N SER K 306 14.12 14.22 41.29
CA SER K 306 15.17 13.35 40.77
C SER K 306 14.73 11.90 40.67
N LEU K 307 15.09 11.27 39.56
CA LEU K 307 14.93 9.82 39.38
C LEU K 307 16.21 9.27 38.75
N MET K 308 17.09 8.73 39.60
CA MET K 308 18.38 8.27 39.15
C MET K 308 18.28 6.89 38.51
N LEU K 309 18.79 6.77 37.29
CA LEU K 309 18.91 5.47 36.64
C LEU K 309 20.29 4.92 36.95
N ALA K 310 20.35 3.70 37.45
CA ALA K 310 21.63 3.06 37.72
C ALA K 310 22.37 2.82 36.43
N THR K 311 23.65 3.21 36.38
CA THR K 311 24.49 2.92 35.24
C THR K 311 25.65 1.98 35.58
N GLY K 312 25.57 1.32 36.75
CA GLY K 312 26.62 0.43 37.19
C GLY K 312 26.17 -0.56 38.26
N MET K 313 27.05 -1.50 38.60
CA MET K 313 26.73 -2.57 39.54
C MET K 313 26.54 -2.06 40.97
N ARG K 314 26.07 -2.92 41.86
CA ARG K 314 26.05 -2.63 43.30
C ARG K 314 27.44 -2.21 43.75
N ASN K 315 27.56 -1.12 44.50
CA ASN K 315 28.85 -0.74 45.04
C ASN K 315 29.14 -1.41 46.38
N VAL K 316 30.03 -2.40 46.37
CA VAL K 316 30.42 -3.14 47.58
C VAL K 316 31.85 -2.80 47.99
N PRO K 317 32.02 -1.83 48.91
CA PRO K 317 33.35 -1.39 49.32
C PRO K 317 33.86 -2.04 50.62
N GLU K 318 35.17 -1.94 50.86
CA GLU K 318 35.85 -2.30 52.12
C GLU K 318 37.35 -2.21 51.92
N GLY L 1 22.63 -11.07 45.85
CA GLY L 1 21.59 -10.78 44.87
C GLY L 1 21.17 -12.00 44.09
N LEU L 2 20.55 -11.76 42.93
CA LEU L 2 19.99 -12.85 42.11
C LEU L 2 21.01 -13.93 41.71
N PHE L 3 22.25 -13.53 41.43
CA PHE L 3 23.21 -14.50 40.91
C PHE L 3 24.33 -14.92 41.87
N GLY L 4 24.26 -14.42 43.12
CA GLY L 4 25.11 -14.91 44.19
C GLY L 4 26.53 -14.38 44.28
N ALA L 5 27.02 -13.78 43.19
CA ALA L 5 28.38 -13.23 43.18
C ALA L 5 28.53 -11.86 43.87
N ILE L 6 28.18 -10.79 43.17
CA ILE L 6 28.32 -9.43 43.70
C ILE L 6 27.42 -9.20 44.91
N ALA L 7 27.99 -8.68 46.00
CA ALA L 7 27.35 -8.64 47.32
C ALA L 7 26.87 -10.02 47.78
N GLY L 8 27.49 -11.07 47.23
CA GLY L 8 27.18 -12.44 47.59
C GLY L 8 28.41 -13.19 48.06
N PHE L 9 28.85 -14.19 47.30
CA PHE L 9 30.00 -15.01 47.71
C PHE L 9 31.33 -14.31 47.47
N LEU L 10 31.29 -13.19 46.76
CA LEU L 10 32.42 -12.29 46.72
C LEU L 10 32.20 -11.29 47.85
N GLU L 11 33.17 -11.18 48.75
CA GLU L 11 33.00 -10.35 49.95
C GLU L 11 32.87 -8.87 49.64
N ASN L 12 33.60 -8.42 48.61
CA ASN L 12 33.56 -7.01 48.23
C ASN L 12 34.18 -6.74 46.86
N GLY L 13 34.16 -5.46 46.46
CA GLY L 13 34.77 -5.07 45.21
C GLY L 13 36.20 -4.58 45.37
N TRP L 14 36.86 -4.34 44.24
CA TRP L 14 38.23 -3.88 44.22
C TRP L 14 38.30 -2.42 43.75
N GLU L 15 38.40 -1.49 44.70
CA GLU L 15 38.55 -0.06 44.39
C GLU L 15 39.80 0.17 43.56
N GLY L 16 40.78 -0.70 43.72
CA GLY L 16 42.01 -0.61 42.96
C GLY L 16 41.88 -0.96 41.49
N MET L 17 40.88 -1.77 41.14
CA MET L 17 40.64 -2.09 39.74
C MET L 17 39.90 -0.94 39.06
N VAL L 18 40.66 -0.14 38.33
CA VAL L 18 40.16 1.03 37.61
C VAL L 18 40.32 0.74 36.12
N ASP L 19 40.51 -0.54 35.82
CA ASP L 19 40.93 -1.02 34.51
C ASP L 19 39.71 -1.60 33.78
N GLY L 20 38.66 -1.89 34.53
CA GLY L 20 37.49 -2.57 34.01
C GLY L 20 36.48 -2.87 35.09
N TRP L 21 35.46 -3.66 34.76
CA TRP L 21 34.36 -3.96 35.69
C TRP L 21 34.60 -5.26 36.44
N TYR L 22 35.10 -6.26 35.72
CA TYR L 22 35.42 -7.54 36.32
C TYR L 22 36.88 -7.88 36.02
N GLY L 23 37.50 -8.70 36.86
CA GLY L 23 38.91 -9.00 36.66
C GLY L 23 39.50 -10.09 37.52
N PHE L 24 40.82 -10.23 37.42
CA PHE L 24 41.57 -11.32 38.06
C PHE L 24 42.60 -10.76 39.03
N ARG L 25 42.74 -11.41 40.18
CA ARG L 25 43.88 -11.18 41.08
C ARG L 25 44.55 -12.52 41.37
N HIS L 26 45.84 -12.63 41.04
CA HIS L 26 46.53 -13.90 41.22
C HIS L 26 47.60 -13.88 42.30
N GLN L 27 48.14 -15.06 42.58
CA GLN L 27 49.07 -15.26 43.68
C GLN L 27 49.94 -16.45 43.35
N ASN L 28 51.21 -16.20 43.02
CA ASN L 28 52.15 -17.28 42.75
C ASN L 28 53.56 -17.00 43.27
N ALA L 29 54.54 -17.68 42.70
CA ALA L 29 55.94 -17.48 43.08
C ALA L 29 56.44 -16.07 42.76
N GLN L 30 56.21 -15.63 41.51
CA GLN L 30 56.65 -14.31 41.08
C GLN L 30 55.94 -13.18 41.81
N GLY L 31 54.89 -13.51 42.55
CA GLY L 31 54.17 -12.53 43.34
C GLY L 31 52.70 -12.38 42.99
N THR L 32 52.17 -11.19 43.18
CA THR L 32 50.76 -10.93 42.90
C THR L 32 50.56 -10.21 41.56
N GLY L 33 49.32 -10.21 41.08
CA GLY L 33 49.01 -9.59 39.81
C GLY L 33 47.54 -9.23 39.69
N GLN L 34 47.25 -8.15 38.97
CA GLN L 34 45.87 -7.75 38.73
C GLN L 34 45.68 -7.44 37.25
N ALA L 35 44.55 -7.90 36.71
CA ALA L 35 44.20 -7.68 35.30
C ALA L 35 42.69 -7.69 35.14
N ALA L 36 42.17 -6.70 34.40
CA ALA L 36 40.75 -6.66 34.08
C ALA L 36 40.38 -7.65 32.98
N ASP L 37 39.15 -8.17 33.00
CA ASP L 37 38.65 -8.95 31.88
C ASP L 37 37.85 -8.03 30.94
N TYR L 38 38.30 -7.90 29.70
CA TYR L 38 37.72 -6.97 28.74
C TYR L 38 36.34 -7.42 28.29
N LYS L 39 36.27 -8.64 27.77
CA LYS L 39 35.06 -9.20 27.19
C LYS L 39 33.84 -9.09 28.11
N SER L 40 33.99 -9.52 29.37
CA SER L 40 32.89 -9.46 30.33
C SER L 40 32.52 -8.02 30.70
N THR L 41 33.53 -7.16 30.83
CA THR L 41 33.32 -5.75 31.14
C THR L 41 32.52 -5.07 30.03
N GLN L 42 32.85 -5.40 28.79
CA GLN L 42 32.15 -4.85 27.64
C GLN L 42 30.70 -5.34 27.55
N ALA L 43 30.47 -6.58 27.95
CA ALA L 43 29.13 -7.16 27.92
C ALA L 43 28.15 -6.42 28.85
N ALA L 44 28.66 -5.97 29.99
CA ALA L 44 27.84 -5.21 30.93
C ALA L 44 27.63 -3.77 30.45
N ILE L 45 28.72 -3.11 30.07
CA ILE L 45 28.68 -1.73 29.60
C ILE L 45 27.78 -1.56 28.36
N ASP L 46 27.88 -2.50 27.42
CA ASP L 46 27.06 -2.43 26.23
C ASP L 46 25.57 -2.52 26.57
N GLN L 47 25.24 -3.31 27.58
CA GLN L 47 23.86 -3.43 28.04
C GLN L 47 23.35 -2.17 28.76
N ILE L 48 24.24 -1.46 29.46
CA ILE L 48 23.90 -0.19 30.08
C ILE L 48 23.68 0.85 28.97
N THR L 49 24.60 0.86 28.03
CA THR L 49 24.52 1.71 26.85
C THR L 49 23.16 1.57 26.17
N GLY L 50 22.75 0.32 25.96
CA GLY L 50 21.46 0.00 25.39
C GLY L 50 20.29 0.63 26.14
N LYS L 51 20.33 0.56 27.48
CA LYS L 51 19.29 1.16 28.30
C LYS L 51 19.26 2.68 28.16
N LEU L 52 20.43 3.29 28.07
CA LEU L 52 20.54 4.73 28.00
C LEU L 52 20.05 5.27 26.66
N ASN L 53 20.29 4.49 25.60
CA ASN L 53 19.78 4.81 24.28
C ASN L 53 18.25 4.81 24.24
N ARG L 54 17.65 3.77 24.81
CA ARG L 54 16.18 3.66 24.89
C ARG L 54 15.58 4.81 25.70
N LEU L 55 16.28 5.19 26.75
CA LEU L 55 15.84 6.26 27.65
C LEU L 55 15.83 7.61 26.93
N VAL L 56 16.67 7.72 25.90
CA VAL L 56 17.00 9.00 25.29
C VAL L 56 16.38 9.23 23.90
N GLU L 57 15.92 8.13 23.27
CA GLU L 57 15.13 8.24 22.03
C GLU L 57 13.91 9.12 22.31
N LYS L 58 13.61 10.04 21.40
CA LYS L 58 12.60 11.06 21.70
C LYS L 58 11.29 10.93 20.91
N THR L 59 10.18 11.29 21.56
CA THR L 59 8.88 11.33 20.91
C THR L 59 8.78 12.52 19.96
N ASN L 60 8.07 12.31 18.85
CA ASN L 60 7.91 13.34 17.82
C ASN L 60 6.67 14.21 18.07
N THR L 61 6.00 14.04 19.20
CA THR L 61 4.71 14.71 19.39
C THR L 61 4.81 16.18 19.80
N GLU L 62 4.34 17.05 18.91
CA GLU L 62 4.26 18.47 19.22
C GLU L 62 2.91 18.76 19.85
N PHE L 63 2.89 19.55 20.92
CA PHE L 63 1.63 19.96 21.54
C PHE L 63 1.46 21.46 21.44
N GLU L 64 0.23 21.89 21.22
CA GLU L 64 -0.12 23.31 21.29
C GLU L 64 -0.59 23.64 22.68
N SER L 65 -0.56 24.92 23.03
CA SER L 65 -1.16 25.39 24.27
C SER L 65 -2.68 25.21 24.22
N ILE L 66 -3.27 24.83 25.35
CA ILE L 66 -4.72 24.88 25.55
C ILE L 66 -5.03 25.65 26.83
N GLU L 67 -4.04 26.40 27.30
CA GLU L 67 -4.15 27.19 28.51
C GLU L 67 -3.47 28.54 28.34
N SER L 68 -4.25 29.60 28.27
CA SER L 68 -3.69 30.94 28.16
C SER L 68 -3.00 31.39 29.44
N GLU L 69 -1.74 31.78 29.30
CA GLU L 69 -0.97 32.32 30.42
C GLU L 69 -1.40 33.73 30.76
N PHE L 70 -1.91 34.46 29.77
CA PHE L 70 -2.09 35.90 29.86
C PHE L 70 -3.55 36.37 29.84
N SER L 71 -4.47 35.48 29.52
CA SER L 71 -5.89 35.81 29.54
C SER L 71 -6.67 34.77 30.34
N GLU L 72 -7.87 35.14 30.78
CA GLU L 72 -8.68 34.27 31.65
C GLU L 72 -9.17 33.04 30.90
N ILE L 73 -9.23 31.92 31.60
CA ILE L 73 -9.83 30.71 31.06
C ILE L 73 -11.28 30.67 31.56
N GLU L 74 -12.21 30.25 30.72
CA GLU L 74 -13.59 30.02 31.18
C GLU L 74 -13.54 28.93 32.26
N HIS L 75 -14.30 29.12 33.35
CA HIS L 75 -14.09 28.32 34.56
C HIS L 75 -14.33 26.82 34.41
N GLN L 76 -15.37 26.42 33.69
CA GLN L 76 -15.69 25.00 33.56
C GLN L 76 -14.69 24.24 32.67
N ILE L 77 -14.35 24.81 31.52
CA ILE L 77 -13.35 24.19 30.64
C ILE L 77 -11.99 24.14 31.36
N GLY L 78 -11.72 25.20 32.14
CA GLY L 78 -10.48 25.32 32.87
C GLY L 78 -10.32 24.21 33.89
N ASN L 79 -11.43 23.86 34.54
CA ASN L 79 -11.39 22.78 35.51
C ASN L 79 -11.25 21.41 34.84
N VAL L 80 -11.91 21.23 33.71
CA VAL L 80 -11.78 19.98 32.97
C VAL L 80 -10.33 19.79 32.51
N ILE L 81 -9.77 20.85 31.94
CA ILE L 81 -8.35 20.88 31.56
C ILE L 81 -7.41 20.57 32.75
N ASN L 82 -7.61 21.25 33.88
CA ASN L 82 -6.80 20.97 35.07
C ASN L 82 -6.89 19.52 35.49
N TRP L 83 -8.11 19.00 35.49
CA TRP L 83 -8.34 17.62 35.89
C TRP L 83 -7.55 16.68 34.98
N THR L 84 -7.62 16.94 33.68
CA THR L 84 -6.98 16.07 32.69
C THR L 84 -5.46 16.09 32.82
N LYS L 85 -4.89 17.29 32.86
CA LYS L 85 -3.45 17.45 32.99
C LYS L 85 -2.87 16.79 34.24
N ASP L 86 -3.49 17.04 35.39
CA ASP L 86 -3.02 16.44 36.63
C ASP L 86 -3.13 14.92 36.54
N SER L 87 -4.19 14.44 35.89
CA SER L 87 -4.37 13.01 35.72
C SER L 87 -3.26 12.38 34.87
N ILE L 88 -2.90 13.08 33.79
CA ILE L 88 -1.81 12.64 32.93
C ILE L 88 -0.47 12.75 33.67
N THR L 89 -0.32 13.78 34.49
CA THR L 89 0.89 13.98 35.27
C THR L 89 1.06 12.83 36.26
N ASP L 90 -0.01 12.44 36.93
CA ASP L 90 0.06 11.29 37.83
C ASP L 90 0.51 10.04 37.09
N ILE L 91 -0.06 9.83 35.90
CA ILE L 91 0.32 8.68 35.07
C ILE L 91 1.82 8.69 34.76
N TRP L 92 2.33 9.80 34.23
CA TRP L 92 3.73 9.84 33.86
C TRP L 92 4.69 9.69 35.04
N THR L 93 4.44 10.39 36.14
CA THR L 93 5.33 10.30 37.30
C THR L 93 5.37 8.87 37.79
N TYR L 94 4.20 8.26 37.90
CA TYR L 94 4.11 6.85 38.25
C TYR L 94 4.97 6.00 37.31
N GLN L 95 4.94 6.30 36.02
CA GLN L 95 5.67 5.49 35.06
C GLN L 95 7.15 5.75 35.11
N ALA L 96 7.52 7.01 35.32
CA ALA L 96 8.92 7.36 35.47
C ALA L 96 9.49 6.63 36.70
N GLU L 97 8.67 6.57 37.75
CA GLU L 97 9.05 5.89 38.97
C GLU L 97 9.20 4.39 38.73
N LEU L 98 8.22 3.81 38.05
CA LEU L 98 8.27 2.37 37.78
C LEU L 98 9.43 2.04 36.84
N LEU L 99 9.61 2.86 35.81
CA LEU L 99 10.71 2.65 34.86
C LEU L 99 12.05 2.50 35.59
N VAL L 100 12.36 3.49 36.42
CA VAL L 100 13.66 3.56 37.07
C VAL L 100 13.86 2.42 38.09
N ALA L 101 12.86 2.16 38.92
CA ALA L 101 12.92 1.06 39.86
C ALA L 101 13.10 -0.26 39.15
N MET L 102 12.34 -0.46 38.07
CA MET L 102 12.42 -1.71 37.32
C MET L 102 13.78 -1.84 36.63
N GLU L 103 14.18 -0.81 35.90
CA GLU L 103 15.46 -0.82 35.21
C GLU L 103 16.64 -1.04 36.18
N ASN L 104 16.64 -0.33 37.29
CA ASN L 104 17.72 -0.45 38.27
C ASN L 104 17.88 -1.86 38.84
N GLN L 105 16.75 -2.49 39.19
CA GLN L 105 16.76 -3.88 39.63
C GLN L 105 17.44 -4.77 38.60
N HIS L 106 17.05 -4.62 37.34
CA HIS L 106 17.62 -5.40 36.26
C HIS L 106 19.10 -5.11 36.04
N THR L 107 19.44 -3.82 36.01
CA THR L 107 20.83 -3.39 35.82
C THR L 107 21.76 -4.09 36.80
N ILE L 108 21.36 -4.06 38.07
CA ILE L 108 22.12 -4.66 39.15
C ILE L 108 22.32 -6.17 38.95
N ASP L 109 21.24 -6.88 38.67
CA ASP L 109 21.31 -8.33 38.52
C ASP L 109 22.08 -8.81 37.29
N MET L 110 22.02 -8.07 36.19
CA MET L 110 22.77 -8.45 35.00
C MET L 110 24.27 -8.25 35.24
N ALA L 111 24.61 -7.24 36.03
CA ALA L 111 25.98 -7.03 36.44
C ALA L 111 26.45 -8.25 37.24
N ASP L 112 25.67 -8.62 38.24
CA ASP L 112 25.92 -9.83 39.03
C ASP L 112 26.02 -11.04 38.12
N SER L 113 25.20 -11.05 37.07
CA SER L 113 25.15 -12.16 36.13
C SER L 113 26.44 -12.33 35.33
N GLU L 114 27.02 -11.24 34.85
CA GLU L 114 28.24 -11.33 34.04
C GLU L 114 29.46 -11.73 34.88
N MET L 115 29.47 -11.31 36.14
CA MET L 115 30.48 -11.78 37.08
C MET L 115 30.42 -13.31 37.21
N LEU L 116 29.24 -13.85 37.49
CA LEU L 116 29.05 -15.29 37.61
C LEU L 116 29.42 -16.03 36.33
N ASN L 117 29.12 -15.41 35.19
CA ASN L 117 29.47 -15.97 33.89
C ASN L 117 30.99 -16.05 33.66
N LEU L 118 31.71 -15.01 34.09
CA LEU L 118 33.16 -15.01 34.05
C LEU L 118 33.68 -16.15 34.93
N TYR L 119 33.25 -16.14 36.19
CA TYR L 119 33.60 -17.16 37.18
C TYR L 119 33.39 -18.58 36.67
N GLU L 120 32.20 -18.86 36.12
CA GLU L 120 31.89 -20.18 35.56
C GLU L 120 32.80 -20.55 34.39
N ARG L 121 33.10 -19.57 33.56
CA ARG L 121 33.98 -19.77 32.41
C ARG L 121 35.36 -20.25 32.87
N VAL L 122 35.93 -19.58 33.87
CA VAL L 122 37.22 -19.98 34.44
C VAL L 122 37.16 -21.39 35.05
N ARG L 123 36.25 -21.56 36.01
CA ARG L 123 35.98 -22.83 36.66
C ARG L 123 36.02 -24.04 35.73
N LYS L 124 35.45 -23.87 34.54
CA LYS L 124 35.36 -24.96 33.57
C LYS L 124 36.65 -25.11 32.76
N GLN L 125 37.40 -24.03 32.60
CA GLN L 125 38.68 -24.08 31.91
C GLN L 125 39.67 -24.92 32.70
N LEU L 126 39.57 -24.85 34.02
CA LEU L 126 40.51 -25.53 34.90
C LEU L 126 40.14 -26.99 35.17
N ARG L 127 38.90 -27.36 34.85
CA ARG L 127 38.21 -28.53 35.42
C ARG L 127 38.85 -29.16 36.67
N GLN L 128 39.51 -30.30 36.50
CA GLN L 128 40.01 -31.07 37.65
C GLN L 128 41.38 -30.62 38.20
N ASN L 129 41.89 -29.49 37.72
CA ASN L 129 43.20 -28.99 38.12
C ASN L 129 43.16 -27.97 39.26
N ALA L 130 41.95 -27.55 39.65
CA ALA L 130 41.79 -26.58 40.73
C ALA L 130 40.53 -26.84 41.53
N GLU L 131 40.44 -26.22 42.70
CA GLU L 131 39.25 -26.34 43.53
C GLU L 131 38.73 -24.99 44.02
N GLU L 132 37.44 -24.91 44.34
CA GLU L 132 36.82 -23.64 44.67
C GLU L 132 36.96 -23.22 46.14
N ASP L 133 37.43 -21.99 46.31
CA ASP L 133 37.53 -21.33 47.61
C ASP L 133 36.17 -21.27 48.29
N GLY L 134 35.19 -20.71 47.60
CA GLY L 134 33.92 -20.38 48.20
C GLY L 134 33.87 -18.87 48.31
N LYS L 135 34.98 -18.24 47.94
CA LYS L 135 35.11 -16.79 48.02
C LYS L 135 35.48 -16.19 46.66
N GLY L 136 35.39 -17.00 45.62
CA GLY L 136 35.68 -16.53 44.27
C GLY L 136 37.08 -16.88 43.81
N CYS L 137 37.82 -17.59 44.67
CA CYS L 137 39.20 -17.96 44.34
C CYS L 137 39.30 -19.40 43.87
N PHE L 138 40.18 -19.62 42.90
CA PHE L 138 40.49 -20.98 42.47
C PHE L 138 41.89 -21.38 42.95
N GLU L 139 41.94 -22.28 43.93
CA GLU L 139 43.22 -22.82 44.40
C GLU L 139 43.71 -23.84 43.38
N ILE L 140 44.82 -23.51 42.72
CA ILE L 140 45.37 -24.34 41.65
C ILE L 140 46.33 -25.41 42.18
N TYR L 141 46.15 -26.63 41.69
CA TYR L 141 46.93 -27.76 42.19
C TYR L 141 48.11 -28.09 41.30
N HIS L 142 48.67 -27.05 40.69
CA HIS L 142 49.94 -27.18 39.97
C HIS L 142 50.71 -25.87 39.97
N ALA L 143 51.89 -25.89 39.37
CA ALA L 143 52.71 -24.69 39.26
C ALA L 143 52.13 -23.76 38.21
N CYS L 144 51.58 -22.63 38.67
CA CYS L 144 51.04 -21.64 37.76
C CYS L 144 51.82 -20.34 37.85
N ASP L 145 52.71 -20.11 36.89
CA ASP L 145 53.50 -18.89 36.84
C ASP L 145 52.73 -17.71 36.23
N ASP L 146 53.45 -16.66 35.85
CA ASP L 146 52.84 -15.51 35.21
C ASP L 146 52.27 -15.88 33.83
N SER L 147 52.93 -16.81 33.14
CA SER L 147 52.47 -17.27 31.84
C SER L 147 51.29 -18.23 31.93
N CYS L 148 51.16 -18.91 33.06
CA CYS L 148 50.04 -19.81 33.28
C CYS L 148 48.81 -18.98 33.68
N MET L 149 49.04 -17.94 34.46
CA MET L 149 47.98 -17.02 34.86
C MET L 149 47.34 -16.34 33.64
N GLU L 150 48.17 -15.81 32.75
CA GLU L 150 47.68 -15.17 31.54
C GLU L 150 46.92 -16.15 30.66
N SER L 151 47.40 -17.38 30.58
CA SER L 151 46.74 -18.44 29.81
C SER L 151 45.30 -18.64 30.29
N ILE L 152 45.07 -18.46 31.59
CA ILE L 152 43.76 -18.60 32.19
C ILE L 152 42.87 -17.38 31.87
N ARG L 153 43.46 -16.19 31.99
CA ARG L 153 42.75 -14.94 31.73
C ARG L 153 42.44 -14.73 30.25
N ASN L 154 43.22 -15.36 29.38
CA ASN L 154 43.07 -15.21 27.93
C ASN L 154 42.31 -16.38 27.30
N ASN L 155 41.84 -17.29 28.15
CA ASN L 155 41.05 -18.44 27.69
C ASN L 155 41.82 -19.34 26.72
N THR L 156 43.09 -19.58 27.04
CA THR L 156 43.95 -20.48 26.27
C THR L 156 44.48 -21.61 27.15
N TYR L 157 44.21 -21.51 28.45
CA TYR L 157 44.65 -22.52 29.43
C TYR L 157 44.26 -23.93 29.02
N ASP L 158 45.26 -24.74 28.69
CA ASP L 158 45.06 -26.15 28.35
C ASP L 158 45.15 -26.99 29.62
N HIS L 159 44.08 -27.74 29.93
CA HIS L 159 44.00 -28.46 31.19
C HIS L 159 44.68 -29.83 31.11
N SER L 160 44.65 -30.45 29.93
CA SER L 160 45.29 -31.76 29.75
C SER L 160 46.81 -31.67 30.00
N GLN L 161 47.35 -30.47 29.80
CA GLN L 161 48.76 -30.18 30.01
C GLN L 161 49.17 -30.31 31.48
N TYR L 162 48.24 -30.03 32.39
CA TYR L 162 48.56 -30.08 33.82
C TYR L 162 47.76 -31.14 34.58
N ARG L 163 46.95 -31.94 33.88
CA ARG L 163 46.03 -32.87 34.53
C ARG L 163 46.71 -33.91 35.43
N GLU L 164 47.77 -34.55 34.92
CA GLU L 164 48.49 -35.57 35.65
C GLU L 164 49.06 -34.99 36.94
N GLU L 165 49.84 -33.92 36.81
CA GLU L 165 50.47 -33.26 37.94
C GLU L 165 49.46 -32.78 38.98
N ALA L 166 48.33 -32.23 38.53
CA ALA L 166 47.33 -31.66 39.43
C ALA L 166 46.51 -32.71 40.17
N LEU L 167 46.16 -33.78 39.46
CA LEU L 167 45.43 -34.89 40.07
C LEU L 167 46.21 -35.51 41.23
N LEU L 168 47.51 -35.64 41.06
CA LEU L 168 48.39 -36.21 42.09
C LEU L 168 48.34 -35.38 43.38
N ASN L 169 48.34 -34.06 43.20
CA ASN L 169 48.37 -33.13 44.34
C ASN L 169 47.02 -32.99 45.05
N ARG L 170 45.93 -33.08 44.28
CA ARG L 170 44.59 -33.00 44.84
C ARG L 170 44.27 -34.21 45.74
N LEU L 171 44.76 -35.38 45.35
CA LEU L 171 44.51 -36.60 46.10
C LEU L 171 45.51 -36.81 47.24
N ASN L 172 46.48 -35.90 47.35
CA ASN L 172 47.48 -35.91 48.42
C ASN L 172 48.26 -37.22 48.46
N ILE L 173 48.48 -37.79 47.27
CA ILE L 173 49.14 -39.09 47.15
C ILE L 173 50.40 -39.04 46.26
N ASN L 174 51.13 -40.15 46.25
CA ASN L 174 52.29 -40.32 45.39
C ASN L 174 52.11 -41.44 44.37
#